data_1HR9
#
_entry.id   1HR9
#
_cell.length_a   134.370
_cell.length_b   178.520
_cell.length_c   201.950
_cell.angle_alpha   90.00
_cell.angle_beta   90.00
_cell.angle_gamma   90.00
#
_symmetry.space_group_name_H-M   'P 21 21 21'
#
loop_
_entity.id
_entity.type
_entity.pdbx_description
1 polymer 'MITOCHONDRIAL PROCESSING PEPTIDASE ALPHA SUBUNIT'
2 polymer 'MITOCHONDRIAL PROCESSING PEPTIDASE BETA SUBUNIT'
3 polymer 'MALATE DEHYDROGENASE'
4 non-polymer 'ZINC ION'
5 non-polymer '4-(2-HYDROXYETHYL)-1-PIPERAZINE ETHANESULFONIC ACID'
#
loop_
_entity_poly.entity_id
_entity_poly.type
_entity_poly.pdbx_seq_one_letter_code
_entity_poly.pdbx_strand_id
1 'polypeptide(L)'
;ARTDNFKLSSLANGLKVATSNTPGHFSALGLYIDAGSRFEGRNLKGCTHILDRLAFKSTEHVEGRAMAETLELLGGNYQC
TSSRENLMYQASVFNQDVGKMLQLMSETVRFPKITEQELQEQKLSAEYEIDEVWMKPELVLPELLHTAAYSGETLGSPLI
CPRGLIPSISKYYLLDYRNKFYTPENTVAAFVGVPHEKALELTGKYLGDWQSTHPPITKKVAQYTGGESCIPPAPVFGNL
PELFHIQIGFEGLPIDHPDIYALATLQTLLGGGGSFSAGGPGKGMYSRLYTHVLNQYYFVENCVAFNHSYSDSGIFGISL
SCIPQAAPQAVEVIAQQMYNTFANKDLRLTEDEVSRAKNQLKSSLLMNLESKLVELEDMGRQVLMHGRKIPVNEMISKIE
DLKPDDISRVAEMIFTGNVNNAGNGKGRATVVMQGDRGSFGDVENVLKAYGLGNSSSSKNDSPKKKGWFHHHHHH
;
A,C,E,G
2 'polypeptide(L)'
;ASQIPGTRTSKLPNGLTIATEYIPNTSSATVGIFVDAGSRAENVKNNGTAHFLQHLAFKGTQNRPQQGIELEIENIGSHL
NAYTSRENTVYYAKSLQEDIPKAVDILSDILTKSVLDNSAIERERDVIIRESEEVDKMYDEVVFDHLHEITYKDQPLGRT
ILGPIKNIKSITRTDLKDYITKNYKGDRMVLAGAGAVDHEKLVQYAQKYFGHVPKSESPVPLGSPRGPLPVFCRGERFIK
ENTLPTTHIAIALEGVSWSAPDYFVALATQAIVGNWDRAIGTGTNSPSPLAVAASQNGSLANSYMSFSTSYADSGLWGMY
IVTDSNEHNVRLIVNEILKEWKRIKSGKISDAEVNRAKAQLKAALLLSLDGSTAIVEDIGRQVVTTGKRLSPEEVFEQVD
KITKDDIIMWANYRLQNKPVSMVALGNTSTVPNVSYIEEKLNQ
;
B,D,F,H
3 'polypeptide(L)' LSRVAKRA O,P,Q,R
#
# COMPACT_ATOMS: atom_id res chain seq x y z
N ALA A 1 14.40 47.09 -19.79
CA ALA A 1 13.89 47.50 -21.12
C ALA A 1 14.44 48.90 -21.52
N ARG A 2 14.98 49.63 -20.53
CA ARG A 2 15.63 50.97 -20.66
C ARG A 2 16.61 51.29 -19.48
N THR A 3 16.17 51.62 -18.26
CA THR A 3 17.22 51.74 -17.22
C THR A 3 17.11 50.57 -16.19
N ASP A 4 16.38 49.52 -16.62
CA ASP A 4 16.20 48.21 -15.97
C ASP A 4 17.55 47.53 -16.13
N ASN A 5 18.18 47.76 -17.29
CA ASN A 5 19.44 47.14 -17.69
C ASN A 5 19.02 45.74 -18.17
N PHE A 6 17.82 45.74 -18.73
CA PHE A 6 17.18 44.56 -19.25
C PHE A 6 17.68 44.16 -20.62
N LYS A 7 18.27 42.98 -20.74
CA LYS A 7 18.75 42.53 -22.03
C LYS A 7 18.07 41.20 -22.32
N LEU A 8 17.75 40.97 -23.58
CA LEU A 8 17.07 39.75 -24.00
C LEU A 8 17.61 39.17 -25.30
N SER A 9 18.07 37.93 -25.29
CA SER A 9 18.51 37.31 -26.53
C SER A 9 17.98 35.86 -26.64
N SER A 10 18.41 35.12 -27.65
CA SER A 10 17.96 33.73 -27.85
C SER A 10 19.07 32.80 -28.28
N LEU A 11 18.95 31.55 -27.91
CA LEU A 11 19.92 30.56 -28.31
C LEU A 11 19.34 30.04 -29.62
N ALA A 12 20.16 29.36 -30.42
CA ALA A 12 19.66 28.83 -31.68
C ALA A 12 18.46 27.92 -31.48
N ASN A 13 18.36 27.22 -30.34
CA ASN A 13 17.20 26.36 -30.18
C ASN A 13 15.92 27.03 -29.72
N GLY A 14 15.90 28.35 -29.59
CA GLY A 14 14.67 29.01 -29.22
C GLY A 14 14.50 29.47 -27.80
N LEU A 15 15.43 29.06 -26.94
CA LEU A 15 15.37 29.44 -25.57
C LEU A 15 15.64 30.95 -25.46
N LYS A 16 14.71 31.72 -24.91
CA LYS A 16 14.97 33.14 -24.75
C LYS A 16 15.71 33.30 -23.43
N VAL A 17 16.77 34.09 -23.41
CA VAL A 17 17.56 34.33 -22.18
C VAL A 17 17.43 35.80 -21.78
N ALA A 18 16.93 36.06 -20.57
CA ALA A 18 16.72 37.46 -20.13
C ALA A 18 17.37 37.80 -18.81
N THR A 19 18.01 38.96 -18.77
CA THR A 19 18.68 39.47 -17.56
C THR A 19 18.23 40.90 -17.31
N SER A 20 18.21 41.26 -16.03
CA SER A 20 17.94 42.66 -15.73
C SER A 20 18.75 43.02 -14.47
N ASN A 21 18.72 44.30 -14.16
CA ASN A 21 19.33 44.95 -13.04
C ASN A 21 20.80 44.64 -12.91
N THR A 22 21.48 45.21 -11.94
CA THR A 22 22.94 45.16 -11.84
C THR A 22 23.39 44.37 -10.66
N PRO A 23 24.66 44.02 -10.54
CA PRO A 23 25.18 43.24 -9.41
C PRO A 23 24.74 43.75 -8.07
N GLY A 24 24.38 42.81 -7.20
CA GLY A 24 23.92 43.17 -5.87
C GLY A 24 24.47 42.21 -4.84
N HIS A 25 23.86 42.16 -3.66
CA HIS A 25 24.40 41.29 -2.64
C HIS A 25 24.25 39.81 -2.92
N PHE A 26 23.26 39.49 -3.76
CA PHE A 26 23.02 38.11 -4.18
C PHE A 26 22.27 38.10 -5.51
N SER A 27 22.08 36.94 -6.14
CA SER A 27 21.37 36.93 -7.42
C SER A 27 20.14 36.06 -7.39
N ALA A 28 19.33 36.17 -8.43
CA ALA A 28 18.13 35.40 -8.55
C ALA A 28 18.04 34.82 -9.97
N LEU A 29 17.52 33.62 -10.13
CA LEU A 29 17.44 33.07 -11.47
C LEU A 29 16.35 32.06 -11.52
N GLY A 30 15.90 31.74 -12.72
CA GLY A 30 14.86 30.73 -12.86
C GLY A 30 14.45 30.37 -14.28
N LEU A 31 13.94 29.16 -14.46
CA LEU A 31 13.45 28.69 -15.75
C LEU A 31 11.93 28.79 -15.70
N TYR A 32 11.36 29.42 -16.74
CA TYR A 32 9.93 29.59 -16.86
C TYR A 32 9.40 28.86 -18.10
N ILE A 33 8.50 27.90 -17.90
CA ILE A 33 7.93 27.14 -18.97
C ILE A 33 6.51 27.58 -19.21
N ASP A 34 6.09 27.66 -20.46
CA ASP A 34 4.74 28.07 -20.73
C ASP A 34 3.77 26.86 -20.69
N ALA A 35 3.44 26.42 -19.48
CA ALA A 35 2.55 25.28 -19.28
C ALA A 35 1.61 25.62 -18.10
N GLY A 36 0.94 24.62 -17.54
CA GLY A 36 0.00 24.92 -16.47
C GLY A 36 -1.30 24.16 -16.67
N SER A 37 -2.21 24.23 -15.72
CA SER A 37 -3.43 23.48 -15.84
C SER A 37 -4.32 23.90 -17.01
N ARG A 38 -4.18 25.12 -17.50
CA ARG A 38 -5.06 25.51 -18.59
C ARG A 38 -4.79 24.73 -19.87
N PHE A 39 -3.73 23.93 -19.90
CA PHE A 39 -3.37 23.15 -21.07
C PHE A 39 -3.49 21.66 -20.79
N GLU A 40 -4.02 21.29 -19.64
CA GLU A 40 -4.04 19.88 -19.40
C GLU A 40 -5.11 19.13 -20.17
N GLY A 41 -6.15 19.84 -20.62
CA GLY A 41 -7.22 19.16 -21.34
C GLY A 41 -7.85 18.15 -20.37
N ARG A 42 -8.41 17.06 -20.85
CA ARG A 42 -9.00 16.10 -19.92
C ARG A 42 -7.99 14.94 -19.72
N ASN A 43 -7.08 14.79 -20.69
CA ASN A 43 -6.10 13.72 -20.67
C ASN A 43 -5.00 13.81 -19.66
N LEU A 44 -4.50 15.01 -19.47
CA LEU A 44 -3.39 15.26 -18.62
C LEU A 44 -3.75 15.89 -17.32
N LYS A 45 -5.05 15.88 -17.03
CA LYS A 45 -5.51 16.47 -15.80
C LYS A 45 -4.66 16.02 -14.61
N GLY A 46 -4.11 16.98 -13.88
CA GLY A 46 -3.33 16.69 -12.70
C GLY A 46 -1.84 16.62 -12.90
N CYS A 47 -1.42 16.57 -14.16
CA CYS A 47 0.00 16.47 -14.49
C CYS A 47 0.87 17.65 -14.09
N THR A 48 0.38 18.87 -14.36
CA THR A 48 1.17 20.04 -13.99
C THR A 48 1.53 20.03 -12.52
N HIS A 49 0.59 19.67 -11.65
CA HIS A 49 0.90 19.66 -10.23
C HIS A 49 1.93 18.58 -9.87
N ILE A 50 1.68 17.35 -10.26
CA ILE A 50 2.60 16.28 -9.91
C ILE A 50 4.01 16.53 -10.41
N LEU A 51 4.12 17.13 -11.59
CA LEU A 51 5.45 17.40 -12.12
C LEU A 51 6.12 18.44 -11.25
N ASP A 52 5.38 19.43 -10.80
CA ASP A 52 6.05 20.44 -10.00
C ASP A 52 6.43 19.94 -8.60
N ARG A 53 5.70 18.95 -8.10
CA ARG A 53 5.97 18.40 -6.78
C ARG A 53 7.13 17.43 -6.94
N LEU A 54 7.44 17.16 -8.19
CA LEU A 54 8.46 16.19 -8.55
C LEU A 54 9.78 16.85 -8.89
N ALA A 55 9.80 18.16 -8.82
CA ALA A 55 11.00 18.90 -9.13
C ALA A 55 12.14 18.65 -8.16
N PHE A 56 13.33 18.77 -8.71
CA PHE A 56 14.54 18.60 -7.96
C PHE A 56 14.67 17.27 -7.27
N LYS A 57 14.09 16.22 -7.83
CA LYS A 57 14.31 14.87 -7.28
C LYS A 57 15.44 14.29 -8.16
N SER A 58 15.64 12.98 -8.20
CA SER A 58 16.75 12.41 -9.00
C SER A 58 16.70 12.66 -10.52
N THR A 59 17.89 12.78 -11.13
CA THR A 59 17.97 13.02 -12.54
C THR A 59 19.01 12.14 -13.18
N GLU A 60 19.09 12.17 -14.49
CA GLU A 60 20.05 11.32 -15.17
C GLU A 60 21.46 11.50 -14.68
N HIS A 61 21.86 12.72 -14.32
CA HIS A 61 23.23 12.94 -13.89
C HIS A 61 23.46 13.23 -12.42
N VAL A 62 22.39 13.35 -11.65
CA VAL A 62 22.56 13.66 -10.25
C VAL A 62 21.65 12.77 -9.41
N GLU A 63 22.25 12.12 -8.42
CA GLU A 63 21.53 11.20 -7.54
C GLU A 63 20.53 11.97 -6.71
N GLY A 64 19.39 11.36 -6.40
CA GLY A 64 18.40 12.03 -5.58
C GLY A 64 19.00 12.71 -4.32
N ARG A 65 19.77 11.95 -3.56
CA ARG A 65 20.35 12.48 -2.35
C ARG A 65 21.30 13.64 -2.67
N ALA A 66 22.17 13.43 -3.63
CA ALA A 66 23.12 14.47 -4.01
C ALA A 66 22.43 15.78 -4.43
N MET A 67 21.29 15.66 -5.11
CA MET A 67 20.55 16.82 -5.57
C MET A 67 20.12 17.61 -4.33
N ALA A 68 19.55 16.90 -3.39
CA ALA A 68 19.07 17.51 -2.17
C ALA A 68 20.18 18.19 -1.38
N GLU A 69 21.20 17.44 -0.99
CA GLU A 69 22.29 18.02 -0.23
C GLU A 69 22.99 19.20 -0.93
N THR A 70 23.03 19.22 -2.25
CA THR A 70 23.70 20.34 -2.92
C THR A 70 22.79 21.54 -2.91
N LEU A 71 21.50 21.31 -3.02
CA LEU A 71 20.62 22.44 -2.96
C LEU A 71 20.70 22.99 -1.54
N GLU A 72 20.84 22.13 -0.51
CA GLU A 72 20.94 22.59 0.88
C GLU A 72 22.16 23.49 0.98
N LEU A 73 23.29 23.05 0.43
CA LEU A 73 24.50 23.83 0.48
C LEU A 73 24.48 25.10 -0.32
N LEU A 74 23.42 25.38 -1.06
CA LEU A 74 23.35 26.66 -1.81
C LEU A 74 22.38 27.60 -1.11
N GLY A 75 22.05 27.25 0.12
CA GLY A 75 21.15 28.06 0.89
C GLY A 75 19.77 27.48 0.84
N GLY A 76 19.54 26.54 -0.05
CA GLY A 76 18.24 25.92 -0.16
C GLY A 76 17.06 26.86 -0.36
N ASN A 77 17.32 28.02 -0.95
CA ASN A 77 16.25 28.97 -1.21
C ASN A 77 15.74 28.85 -2.66
N TYR A 78 15.03 27.77 -2.95
CA TYR A 78 14.53 27.50 -4.30
C TYR A 78 13.14 26.86 -4.26
N GLN A 79 12.41 26.90 -5.36
CA GLN A 79 11.12 26.24 -5.40
C GLN A 79 10.58 26.10 -6.82
N CYS A 80 9.65 25.17 -6.99
CA CYS A 80 9.01 24.96 -8.26
C CYS A 80 7.54 25.05 -7.96
N THR A 81 6.81 25.88 -8.69
CA THR A 81 5.40 25.98 -8.44
C THR A 81 4.76 26.15 -9.79
N SER A 82 3.44 25.97 -9.88
CA SER A 82 2.72 26.11 -11.14
C SER A 82 1.33 26.64 -10.84
N SER A 83 0.66 27.21 -11.85
CA SER A 83 -0.66 27.81 -11.71
C SER A 83 -1.46 27.38 -12.91
N ARG A 84 -2.52 28.10 -13.23
CA ARG A 84 -3.35 27.80 -14.37
C ARG A 84 -2.55 28.12 -15.62
N GLU A 85 -1.69 29.13 -15.57
CA GLU A 85 -0.90 29.50 -16.73
C GLU A 85 0.58 29.47 -16.62
N ASN A 86 1.19 28.85 -15.62
CA ASN A 86 2.65 28.84 -15.59
C ASN A 86 3.24 27.71 -14.79
N LEU A 87 4.51 27.45 -15.03
CA LEU A 87 5.22 26.39 -14.34
C LEU A 87 6.58 27.05 -14.20
N MET A 88 7.07 27.24 -12.99
CA MET A 88 8.34 27.91 -12.87
C MET A 88 9.27 27.33 -11.83
N TYR A 89 10.57 27.42 -12.09
CA TYR A 89 11.57 26.97 -11.15
C TYR A 89 12.41 28.21 -10.82
N GLN A 90 12.37 28.70 -9.58
CA GLN A 90 13.14 29.89 -9.26
C GLN A 90 13.93 29.68 -8.00
N ALA A 91 14.85 30.59 -7.75
CA ALA A 91 15.65 30.54 -6.55
C ALA A 91 16.55 31.77 -6.53
N SER A 92 16.99 32.15 -5.34
CA SER A 92 17.92 33.26 -5.17
C SER A 92 19.10 32.62 -4.46
N VAL A 93 20.31 32.94 -4.94
CA VAL A 93 21.51 32.35 -4.42
C VAL A 93 22.62 33.37 -4.34
N PHE A 94 23.68 33.02 -3.63
CA PHE A 94 24.80 33.92 -3.57
C PHE A 94 25.41 34.04 -4.98
N ASN A 95 25.81 35.25 -5.37
CA ASN A 95 26.37 35.50 -6.71
C ASN A 95 27.27 34.45 -7.35
N GLN A 96 28.21 33.90 -6.59
CA GLN A 96 29.11 32.92 -7.16
C GLN A 96 28.45 31.58 -7.43
N ASP A 97 27.25 31.34 -6.93
CA ASP A 97 26.58 30.04 -7.16
C ASP A 97 25.55 30.01 -8.28
N VAL A 98 25.43 31.09 -9.04
CA VAL A 98 24.48 31.12 -10.13
C VAL A 98 24.65 29.91 -11.06
N GLY A 99 25.88 29.66 -11.49
CA GLY A 99 26.10 28.57 -12.39
C GLY A 99 25.70 27.21 -11.86
N LYS A 100 26.06 26.90 -10.62
CA LYS A 100 25.72 25.62 -10.06
C LYS A 100 24.21 25.42 -9.92
N MET A 101 23.52 26.47 -9.49
CA MET A 101 22.08 26.40 -9.35
C MET A 101 21.49 26.18 -10.75
N LEU A 102 21.93 26.95 -11.74
CA LEU A 102 21.39 26.79 -13.09
C LEU A 102 21.58 25.39 -13.63
N GLN A 103 22.75 24.83 -13.37
CA GLN A 103 23.02 23.49 -13.83
C GLN A 103 21.97 22.56 -13.21
N LEU A 104 21.74 22.69 -11.92
CA LEU A 104 20.75 21.83 -11.27
C LEU A 104 19.32 22.01 -11.82
N MET A 105 18.89 23.25 -12.03
CA MET A 105 17.59 23.47 -12.58
C MET A 105 17.51 22.79 -13.98
N SER A 106 18.63 22.79 -14.69
CA SER A 106 18.68 22.18 -15.99
C SER A 106 18.44 20.71 -15.88
N GLU A 107 19.19 20.05 -15.01
CA GLU A 107 19.03 18.63 -14.77
C GLU A 107 17.58 18.23 -14.47
N THR A 108 16.90 18.99 -13.61
CA THR A 108 15.54 18.63 -13.27
C THR A 108 14.56 18.92 -14.42
N VAL A 109 14.82 19.96 -15.19
CA VAL A 109 13.96 20.29 -16.30
C VAL A 109 14.23 19.40 -17.50
N ARG A 110 15.46 18.98 -17.72
CA ARG A 110 15.74 18.16 -18.88
C ARG A 110 15.90 16.70 -18.65
N PHE A 111 16.42 16.29 -17.50
CA PHE A 111 16.67 14.85 -17.27
C PHE A 111 16.07 14.23 -16.01
N PRO A 112 14.83 14.59 -15.70
CA PRO A 112 14.27 13.97 -14.50
C PRO A 112 14.15 12.49 -14.61
N LYS A 113 14.49 11.76 -13.57
CA LYS A 113 14.32 10.31 -13.62
C LYS A 113 12.86 9.85 -13.39
N ILE A 114 12.10 10.56 -12.55
CA ILE A 114 10.71 10.18 -12.24
C ILE A 114 10.64 8.67 -12.10
N THR A 115 11.20 8.16 -11.01
CA THR A 115 11.25 6.73 -10.74
C THR A 115 9.92 6.26 -10.20
N GLU A 116 9.66 4.96 -10.25
CA GLU A 116 8.39 4.49 -9.74
C GLU A 116 8.18 4.98 -8.32
N GLN A 117 9.22 4.89 -7.49
CA GLN A 117 9.07 5.31 -6.11
C GLN A 117 8.84 6.83 -5.92
N GLU A 118 9.54 7.66 -6.70
CA GLU A 118 9.39 9.09 -6.54
C GLU A 118 7.93 9.49 -6.84
N LEU A 119 7.40 8.83 -7.85
CA LEU A 119 6.06 9.13 -8.30
C LEU A 119 5.01 8.62 -7.33
N GLN A 120 5.21 7.42 -6.79
CA GLN A 120 4.26 6.91 -5.85
C GLN A 120 4.14 7.87 -4.68
N GLU A 121 5.27 8.30 -4.12
CA GLU A 121 5.29 9.24 -3.01
C GLU A 121 4.45 10.48 -3.33
N GLN A 122 4.78 11.15 -4.42
CA GLN A 122 4.08 12.35 -4.74
C GLN A 122 2.59 12.20 -4.93
N LYS A 123 2.18 11.10 -5.53
CA LYS A 123 0.75 10.90 -5.71
C LYS A 123 0.05 10.77 -4.37
N LEU A 124 0.60 9.88 -3.53
CA LEU A 124 0.07 9.64 -2.20
C LEU A 124 -0.04 10.94 -1.42
N SER A 125 1.04 11.68 -1.45
CA SER A 125 1.10 12.96 -0.79
C SER A 125 0.09 13.91 -1.43
N ALA A 126 -0.08 13.81 -2.74
CA ALA A 126 -1.02 14.68 -3.44
C ALA A 126 -2.46 14.51 -2.95
N GLU A 127 -2.85 13.27 -2.60
CA GLU A 127 -4.20 13.00 -2.11
C GLU A 127 -4.44 13.78 -0.82
N TYR A 128 -3.49 13.69 0.11
CA TYR A 128 -3.61 14.40 1.38
C TYR A 128 -3.72 15.91 1.15
N GLU A 129 -2.89 16.44 0.26
CA GLU A 129 -2.94 17.86 -0.06
C GLU A 129 -4.32 18.26 -0.60
N ILE A 130 -4.92 17.44 -1.44
CA ILE A 130 -6.24 17.75 -1.99
C ILE A 130 -7.27 17.76 -0.89
N ASP A 131 -7.15 16.80 0.03
CA ASP A 131 -8.11 16.71 1.12
C ASP A 131 -8.07 17.96 1.97
N GLU A 132 -6.89 18.50 2.26
CA GLU A 132 -6.78 19.71 3.07
C GLU A 132 -7.32 20.93 2.32
N VAL A 133 -6.94 21.06 1.06
CA VAL A 133 -7.36 22.20 0.28
C VAL A 133 -8.86 22.38 0.25
N TRP A 134 -9.62 21.29 0.18
CA TRP A 134 -11.07 21.43 0.09
C TRP A 134 -11.73 21.95 1.36
N MET A 135 -10.93 22.24 2.36
CA MET A 135 -11.45 22.74 3.62
C MET A 135 -11.20 24.23 3.80
N LYS A 136 -10.37 24.82 2.97
CA LYS A 136 -10.06 26.24 3.07
C LYS A 136 -10.87 27.07 2.05
N PRO A 137 -11.93 27.79 2.50
CA PRO A 137 -12.72 28.56 1.53
C PRO A 137 -11.93 29.50 0.68
N GLU A 138 -10.88 30.10 1.27
CA GLU A 138 -9.99 31.03 0.57
C GLU A 138 -9.51 30.40 -0.74
N LEU A 139 -9.39 29.09 -0.75
CA LEU A 139 -8.99 28.38 -1.93
C LEU A 139 -10.16 27.84 -2.76
N VAL A 140 -11.08 27.16 -2.12
CA VAL A 140 -12.21 26.61 -2.86
C VAL A 140 -13.09 27.56 -3.63
N LEU A 141 -13.41 28.72 -3.07
CA LEU A 141 -14.29 29.60 -3.81
C LEU A 141 -13.72 30.08 -5.14
N PRO A 142 -12.47 30.54 -5.17
CA PRO A 142 -11.99 30.98 -6.48
C PRO A 142 -11.95 29.82 -7.44
N GLU A 143 -11.63 28.64 -6.94
CA GLU A 143 -11.60 27.46 -7.77
C GLU A 143 -12.97 27.31 -8.42
N LEU A 144 -14.02 27.33 -7.61
CA LEU A 144 -15.37 27.20 -8.14
C LEU A 144 -15.68 28.29 -9.14
N LEU A 145 -15.22 29.51 -8.85
CA LEU A 145 -15.42 30.70 -9.73
C LEU A 145 -14.84 30.49 -11.14
N HIS A 146 -13.59 30.03 -11.23
CA HIS A 146 -13.00 29.77 -12.55
C HIS A 146 -13.73 28.66 -13.28
N THR A 147 -13.97 27.54 -12.60
CA THR A 147 -14.64 26.43 -13.27
C THR A 147 -15.98 26.87 -13.85
N ALA A 148 -16.70 27.69 -13.09
CA ALA A 148 -17.99 28.17 -13.54
C ALA A 148 -17.85 29.17 -14.65
N ALA A 149 -16.88 30.09 -14.52
CA ALA A 149 -16.65 31.15 -15.50
C ALA A 149 -16.35 30.64 -16.92
N TYR A 150 -15.68 29.50 -17.00
CA TYR A 150 -15.30 28.95 -18.29
C TYR A 150 -15.82 27.53 -18.55
N SER A 151 -16.93 27.19 -17.93
CA SER A 151 -17.51 25.86 -18.09
C SER A 151 -16.52 24.70 -18.06
N GLY A 152 -15.55 24.78 -17.15
CA GLY A 152 -14.59 23.72 -17.01
C GLY A 152 -13.55 23.61 -18.10
N GLU A 153 -13.46 24.60 -18.98
CA GLU A 153 -12.47 24.59 -20.05
C GLU A 153 -11.34 25.60 -19.79
N THR A 154 -10.15 25.32 -20.34
CA THR A 154 -8.94 26.16 -20.22
C THR A 154 -8.71 26.81 -18.86
N LEU A 155 -8.97 28.12 -18.74
CA LEU A 155 -8.80 28.80 -17.46
C LEU A 155 -9.74 28.19 -16.41
N GLY A 156 -10.78 27.48 -16.88
CA GLY A 156 -11.73 26.83 -15.99
C GLY A 156 -11.39 25.38 -15.70
N SER A 157 -10.42 24.81 -16.43
CA SER A 157 -10.01 23.44 -16.18
C SER A 157 -9.49 23.40 -14.76
N PRO A 158 -9.99 22.47 -13.95
CA PRO A 158 -9.63 22.27 -12.54
C PRO A 158 -8.17 22.51 -12.18
N LEU A 159 -7.96 23.44 -11.26
CA LEU A 159 -6.61 23.76 -10.77
C LEU A 159 -6.31 22.84 -9.58
N ILE A 160 -7.36 22.35 -8.94
CA ILE A 160 -7.23 21.43 -7.81
C ILE A 160 -7.61 20.12 -8.42
N CYS A 161 -6.64 19.25 -8.62
CA CYS A 161 -6.99 17.99 -9.25
C CYS A 161 -8.07 17.16 -8.55
N PRO A 162 -8.98 16.59 -9.33
CA PRO A 162 -10.04 15.77 -8.78
C PRO A 162 -9.37 14.59 -8.05
N ARG A 163 -9.65 14.46 -6.76
CA ARG A 163 -9.04 13.42 -5.95
C ARG A 163 -8.93 12.05 -6.61
N GLY A 164 -10.02 11.62 -7.23
CA GLY A 164 -10.03 10.30 -7.89
C GLY A 164 -9.29 10.13 -9.21
N LEU A 165 -8.65 11.20 -9.69
CA LEU A 165 -7.92 11.12 -10.94
C LEU A 165 -6.41 11.06 -10.71
N ILE A 166 -6.00 11.25 -9.47
CA ILE A 166 -4.60 11.22 -9.12
C ILE A 166 -3.97 9.86 -9.28
N PRO A 167 -4.65 8.80 -8.88
CA PRO A 167 -4.07 7.46 -9.02
C PRO A 167 -3.76 7.03 -10.47
N SER A 168 -4.54 7.53 -11.43
CA SER A 168 -4.33 7.13 -12.81
C SER A 168 -3.25 7.94 -13.53
N ILE A 169 -2.60 8.87 -12.83
CA ILE A 169 -1.50 9.65 -13.40
C ILE A 169 -0.29 8.72 -13.44
N SER A 170 0.12 8.36 -14.64
CA SER A 170 1.21 7.42 -14.86
C SER A 170 2.42 8.11 -15.37
N LYS A 171 3.55 7.41 -15.31
CA LYS A 171 4.76 8.03 -15.83
C LYS A 171 4.54 8.38 -17.33
N TYR A 172 3.76 7.55 -18.02
CA TYR A 172 3.46 7.76 -19.40
C TYR A 172 2.81 9.12 -19.66
N TYR A 173 1.82 9.47 -18.86
CA TYR A 173 1.17 10.76 -19.06
C TYR A 173 2.11 11.92 -18.72
N LEU A 174 2.92 11.74 -17.69
CA LEU A 174 3.86 12.77 -17.29
C LEU A 174 4.82 12.97 -18.46
N LEU A 175 5.36 11.89 -18.97
CA LEU A 175 6.25 12.00 -20.11
C LEU A 175 5.52 12.63 -21.30
N ASP A 176 4.26 12.28 -21.53
CA ASP A 176 3.52 12.89 -22.63
C ASP A 176 3.47 14.38 -22.48
N TYR A 177 3.22 14.83 -21.26
CA TYR A 177 3.15 16.23 -20.97
C TYR A 177 4.52 16.92 -21.12
N ARG A 178 5.57 16.27 -20.64
CA ARG A 178 6.86 16.93 -20.80
C ARG A 178 7.20 17.09 -22.26
N ASN A 179 6.85 16.08 -23.06
CA ASN A 179 7.14 16.12 -24.49
C ASN A 179 6.35 17.14 -25.24
N LYS A 180 5.25 17.62 -24.67
CA LYS A 180 4.49 18.67 -25.33
C LYS A 180 4.95 20.05 -24.86
N PHE A 181 5.26 20.20 -23.57
CA PHE A 181 5.64 21.54 -23.11
C PHE A 181 7.07 21.84 -22.67
N TYR A 182 7.86 20.83 -22.37
CA TYR A 182 9.20 21.14 -21.94
C TYR A 182 10.11 21.21 -23.15
N THR A 183 10.01 22.27 -23.93
CA THR A 183 10.86 22.43 -25.10
C THR A 183 11.54 23.77 -24.98
N PRO A 184 12.75 23.93 -25.53
CA PRO A 184 13.42 25.21 -25.43
C PRO A 184 12.63 26.38 -25.94
N GLU A 185 11.89 26.19 -27.02
CA GLU A 185 11.11 27.29 -27.57
C GLU A 185 9.94 27.70 -26.68
N ASN A 186 9.61 26.88 -25.69
CA ASN A 186 8.50 27.14 -24.76
C ASN A 186 9.06 27.57 -23.39
N THR A 187 10.35 27.84 -23.33
CA THR A 187 11.02 28.20 -22.09
C THR A 187 11.76 29.53 -22.12
N VAL A 188 11.94 30.08 -20.92
CA VAL A 188 12.66 31.32 -20.73
C VAL A 188 13.56 31.14 -19.54
N ALA A 189 14.81 31.53 -19.67
CA ALA A 189 15.76 31.45 -18.58
C ALA A 189 15.96 32.91 -18.25
N ALA A 190 15.76 33.27 -16.99
CA ALA A 190 15.90 34.66 -16.60
C ALA A 190 16.76 34.80 -15.39
N PHE A 191 17.54 35.89 -15.35
CA PHE A 191 18.41 36.17 -14.23
C PHE A 191 18.26 37.61 -13.78
N VAL A 192 18.63 37.88 -12.53
CA VAL A 192 18.61 39.23 -11.98
C VAL A 192 19.89 39.39 -11.20
N GLY A 193 20.67 40.39 -11.60
CA GLY A 193 21.93 40.65 -10.93
C GLY A 193 23.06 39.87 -11.56
N VAL A 194 22.76 39.34 -12.74
CA VAL A 194 23.74 38.60 -13.49
C VAL A 194 23.91 39.24 -14.87
N PRO A 195 25.17 39.44 -15.28
CA PRO A 195 25.59 40.03 -16.55
C PRO A 195 25.06 39.21 -17.71
N HIS A 196 24.45 39.87 -18.67
CA HIS A 196 23.90 39.17 -19.82
C HIS A 196 24.92 38.23 -20.46
N GLU A 197 26.16 38.68 -20.59
CA GLU A 197 27.18 37.85 -21.19
C GLU A 197 27.41 36.56 -20.39
N LYS A 198 27.38 36.66 -19.07
CA LYS A 198 27.58 35.49 -18.24
C LYS A 198 26.40 34.54 -18.38
N ALA A 199 25.19 35.09 -18.39
CA ALA A 199 23.98 34.29 -18.51
C ALA A 199 23.98 33.50 -19.81
N LEU A 200 24.36 34.16 -20.89
CA LEU A 200 24.41 33.48 -22.17
C LEU A 200 25.39 32.34 -22.10
N GLU A 201 26.49 32.55 -21.41
CA GLU A 201 27.50 31.50 -21.32
C GLU A 201 26.93 30.28 -20.64
N LEU A 202 26.42 30.49 -19.44
CA LEU A 202 25.87 29.41 -18.63
C LEU A 202 24.68 28.77 -19.28
N THR A 203 23.75 29.56 -19.81
CA THR A 203 22.57 29.01 -20.45
C THR A 203 22.93 28.07 -21.59
N GLY A 204 23.84 28.51 -22.44
CA GLY A 204 24.25 27.69 -23.57
C GLY A 204 24.92 26.41 -23.08
N LYS A 205 25.75 26.54 -22.05
CA LYS A 205 26.43 25.38 -21.52
C LYS A 205 25.44 24.31 -21.09
N TYR A 206 24.48 24.68 -20.23
CA TYR A 206 23.52 23.70 -19.75
C TYR A 206 22.21 23.48 -20.52
N LEU A 207 21.77 24.47 -21.29
CA LEU A 207 20.53 24.39 -22.04
C LEU A 207 20.71 24.49 -23.55
N GLY A 208 21.94 24.70 -24.01
CA GLY A 208 22.23 24.88 -25.43
C GLY A 208 21.84 23.75 -26.35
N ASP A 209 22.38 22.58 -26.08
CA ASP A 209 22.13 21.40 -26.89
C ASP A 209 20.75 20.79 -26.68
N TRP A 210 19.89 21.48 -25.96
CA TRP A 210 18.55 20.98 -25.77
C TRP A 210 17.82 21.10 -27.14
N GLN A 211 17.07 20.08 -27.54
CA GLN A 211 16.34 20.13 -28.81
C GLN A 211 14.85 19.89 -28.64
N SER A 212 14.03 20.56 -29.45
CA SER A 212 12.60 20.39 -29.38
C SER A 212 12.15 19.01 -29.82
N THR A 213 10.98 18.60 -29.33
CA THR A 213 10.43 17.30 -29.69
C THR A 213 9.40 17.53 -30.79
N HIS A 214 9.12 18.79 -31.12
CA HIS A 214 8.19 19.18 -32.22
C HIS A 214 6.81 18.55 -32.09
N PRO A 215 6.19 18.80 -30.95
CA PRO A 215 4.87 18.29 -30.60
C PRO A 215 3.76 19.09 -31.27
N PRO A 216 2.54 18.54 -31.26
CA PRO A 216 1.32 19.14 -31.83
C PRO A 216 0.86 20.37 -31.01
N ILE A 217 0.80 21.53 -31.64
CA ILE A 217 0.35 22.74 -30.93
C ILE A 217 -1.07 22.52 -30.44
N THR A 218 -1.29 22.60 -29.14
CA THR A 218 -2.65 22.37 -28.65
C THR A 218 -3.14 23.39 -27.63
N LYS A 219 -2.76 24.66 -27.83
CA LYS A 219 -3.18 25.69 -26.88
C LYS A 219 -4.43 26.44 -27.32
N LYS A 220 -5.56 26.06 -26.72
CA LYS A 220 -6.87 26.61 -27.01
C LYS A 220 -7.11 27.99 -26.37
N VAL A 221 -7.74 28.91 -27.08
CA VAL A 221 -7.98 30.21 -26.48
C VAL A 221 -9.15 30.01 -25.53
N ALA A 222 -9.08 30.73 -24.41
CA ALA A 222 -10.08 30.67 -23.37
C ALA A 222 -11.40 31.31 -23.80
N GLN A 223 -12.50 30.58 -23.66
CA GLN A 223 -13.82 31.12 -24.00
C GLN A 223 -14.70 31.33 -22.78
N TYR A 224 -14.83 32.58 -22.34
CA TYR A 224 -15.65 32.86 -21.16
C TYR A 224 -17.13 32.57 -21.38
N THR A 225 -17.74 31.83 -20.47
CA THR A 225 -19.17 31.50 -20.58
C THR A 225 -20.10 32.02 -19.50
N GLY A 226 -19.55 32.26 -18.31
CA GLY A 226 -20.37 32.70 -17.19
C GLY A 226 -21.06 31.47 -16.67
N GLY A 227 -21.80 31.59 -15.58
CA GLY A 227 -22.50 30.47 -15.00
C GLY A 227 -22.71 30.57 -13.49
N GLU A 228 -23.41 29.58 -12.93
CA GLU A 228 -23.73 29.49 -11.50
C GLU A 228 -23.39 28.15 -10.86
N SER A 229 -22.83 28.19 -9.67
CA SER A 229 -22.58 26.96 -8.94
C SER A 229 -22.67 27.21 -7.43
N CYS A 230 -23.11 26.19 -6.70
CA CYS A 230 -23.26 26.31 -5.25
C CYS A 230 -22.94 25.03 -4.54
N ILE A 231 -22.03 25.10 -3.57
CA ILE A 231 -21.67 23.91 -2.81
C ILE A 231 -22.21 24.08 -1.40
N PRO A 232 -22.46 22.97 -0.67
CA PRO A 232 -22.99 22.97 0.69
C PRO A 232 -22.25 23.80 1.75
N PRO A 233 -23.00 24.24 2.82
CA PRO A 233 -22.43 25.03 3.92
C PRO A 233 -21.34 24.25 4.58
N ALA A 234 -20.26 24.93 4.91
CA ALA A 234 -19.12 24.31 5.56
C ALA A 234 -19.53 23.77 6.95
N PRO A 235 -18.82 22.76 7.43
CA PRO A 235 -19.16 22.21 8.76
C PRO A 235 -18.92 23.22 9.92
N VAL A 236 -19.86 23.26 10.87
CA VAL A 236 -19.75 24.16 12.02
C VAL A 236 -18.72 23.61 13.00
N PHE A 237 -17.50 24.13 12.94
CA PHE A 237 -16.40 23.70 13.82
C PHE A 237 -16.63 24.08 15.27
N GLY A 238 -15.63 24.73 15.88
CA GLY A 238 -15.74 25.13 17.27
C GLY A 238 -16.51 26.42 17.46
N ASN A 239 -15.88 27.38 18.15
CA ASN A 239 -16.50 28.68 18.43
C ASN A 239 -16.59 29.55 17.18
N LEU A 240 -15.90 29.15 16.10
CA LEU A 240 -15.91 29.90 14.84
C LEU A 240 -17.35 30.20 14.35
N PRO A 241 -17.57 31.43 13.85
CA PRO A 241 -18.89 31.83 13.35
C PRO A 241 -19.23 31.22 12.00
N GLU A 242 -20.43 30.68 11.87
CA GLU A 242 -20.81 30.10 10.60
C GLU A 242 -20.97 31.21 9.56
N LEU A 243 -20.38 31.00 8.39
CA LEU A 243 -20.46 31.98 7.32
C LEU A 243 -20.89 31.35 6.00
N PHE A 244 -21.45 32.19 5.14
CA PHE A 244 -21.84 31.79 3.81
C PHE A 244 -20.94 32.65 2.93
N HIS A 245 -20.63 32.16 1.73
CA HIS A 245 -19.77 32.93 0.85
C HIS A 245 -20.36 33.08 -0.52
N ILE A 246 -19.98 34.14 -1.20
CA ILE A 246 -20.46 34.35 -2.55
C ILE A 246 -19.47 35.20 -3.32
N GLN A 247 -19.29 34.84 -4.59
CA GLN A 247 -18.41 35.59 -5.48
C GLN A 247 -19.15 35.86 -6.76
N ILE A 248 -19.17 37.13 -7.17
CA ILE A 248 -19.83 37.53 -8.41
C ILE A 248 -18.83 38.28 -9.29
N GLY A 249 -18.71 37.85 -10.54
CA GLY A 249 -17.80 38.53 -11.43
C GLY A 249 -18.22 38.46 -12.89
N PHE A 250 -17.51 39.21 -13.72
CA PHE A 250 -17.76 39.21 -15.14
C PHE A 250 -16.43 39.01 -15.85
N GLU A 251 -16.45 38.75 -17.18
CA GLU A 251 -15.19 38.59 -17.90
C GLU A 251 -14.37 39.91 -17.75
N GLY A 252 -13.10 39.77 -17.45
CA GLY A 252 -12.24 40.92 -17.29
C GLY A 252 -11.32 41.12 -18.47
N LEU A 253 -10.14 41.64 -18.24
CA LEU A 253 -9.24 41.88 -19.33
C LEU A 253 -7.94 41.13 -19.23
N PRO A 254 -7.32 40.83 -20.37
CA PRO A 254 -6.04 40.12 -20.50
C PRO A 254 -4.94 41.01 -19.90
N ILE A 255 -3.97 40.45 -19.22
CA ILE A 255 -2.96 41.31 -18.61
C ILE A 255 -2.24 42.33 -19.48
N ASP A 256 -2.17 42.13 -20.79
CA ASP A 256 -1.48 43.14 -21.56
C ASP A 256 -2.49 43.95 -22.36
N HIS A 257 -3.75 43.92 -21.95
CA HIS A 257 -4.79 44.69 -22.63
C HIS A 257 -4.54 46.13 -22.27
N PRO A 258 -4.84 47.08 -23.16
CA PRO A 258 -4.66 48.53 -22.94
C PRO A 258 -5.33 49.15 -21.71
N ASP A 259 -6.57 48.76 -21.42
CA ASP A 259 -7.26 49.33 -20.27
C ASP A 259 -6.96 48.59 -18.95
N ILE A 260 -5.97 47.70 -18.98
CA ILE A 260 -5.62 46.92 -17.79
C ILE A 260 -5.29 47.80 -16.60
N TYR A 261 -4.49 48.85 -16.83
CA TYR A 261 -4.14 49.74 -15.75
C TYR A 261 -5.35 50.42 -15.13
N ALA A 262 -6.31 50.80 -15.96
CA ALA A 262 -7.54 51.42 -15.47
C ALA A 262 -8.29 50.42 -14.63
N LEU A 263 -8.45 49.18 -15.12
CA LEU A 263 -9.16 48.15 -14.39
C LEU A 263 -8.54 47.82 -13.03
N ALA A 264 -7.23 47.92 -12.93
CA ALA A 264 -6.52 47.67 -11.67
C ALA A 264 -6.79 48.82 -10.69
N THR A 265 -6.97 50.01 -11.23
CA THR A 265 -7.27 51.19 -10.46
C THR A 265 -8.68 50.99 -9.92
N LEU A 266 -9.57 50.50 -10.77
CA LEU A 266 -10.97 50.26 -10.36
C LEU A 266 -11.00 49.27 -9.22
N GLN A 267 -10.12 48.28 -9.30
CA GLN A 267 -10.00 47.23 -8.29
C GLN A 267 -9.51 47.85 -6.97
N THR A 268 -8.48 48.67 -7.05
CA THR A 268 -7.96 49.32 -5.87
C THR A 268 -8.98 50.27 -5.26
N LEU A 269 -9.73 50.96 -6.14
CA LEU A 269 -10.74 51.90 -5.70
C LEU A 269 -11.83 51.17 -4.93
N LEU A 270 -12.32 50.03 -5.42
CA LEU A 270 -13.32 49.28 -4.66
C LEU A 270 -12.67 48.74 -3.38
N GLY A 271 -11.43 48.26 -3.50
CA GLY A 271 -10.71 47.74 -2.34
C GLY A 271 -11.43 46.68 -1.51
N GLY A 272 -11.59 46.95 -0.22
CA GLY A 272 -12.30 45.97 0.59
C GLY A 272 -11.34 45.30 1.53
N GLY A 273 -11.76 44.16 2.07
CA GLY A 273 -10.94 43.42 3.03
C GLY A 273 -11.87 42.73 4.03
N GLY A 274 -11.44 42.61 5.28
CA GLY A 274 -12.26 41.94 6.28
C GLY A 274 -12.41 42.68 7.60
N GLY A 280 -1.62 49.18 10.18
CA GLY A 280 -1.57 50.62 10.30
C GLY A 280 -2.16 51.30 9.07
N PRO A 281 -2.18 52.65 9.03
CA PRO A 281 -2.76 53.30 7.85
C PRO A 281 -2.05 52.84 6.58
N GLY A 282 -2.68 53.12 5.44
CA GLY A 282 -2.13 52.74 4.15
C GLY A 282 -2.74 51.42 3.77
N LYS A 283 -3.39 50.79 4.75
CA LYS A 283 -4.04 49.49 4.56
C LYS A 283 -5.32 49.59 3.72
N GLY A 284 -5.58 50.75 3.11
CA GLY A 284 -6.77 50.94 2.26
C GLY A 284 -8.16 50.92 2.88
N MET A 285 -8.28 51.48 4.08
CA MET A 285 -9.55 51.52 4.79
C MET A 285 -10.52 52.55 4.21
N TYR A 286 -10.03 53.43 3.32
CA TYR A 286 -10.83 54.48 2.64
C TYR A 286 -11.28 54.11 1.22
N SER A 287 -11.45 52.81 0.98
CA SER A 287 -11.89 52.29 -0.30
C SER A 287 -13.39 52.06 -0.23
N ARG A 288 -14.05 52.27 -1.35
CA ARG A 288 -15.48 52.10 -1.35
C ARG A 288 -15.98 50.87 -0.63
N LEU A 289 -15.49 49.69 -0.91
CA LEU A 289 -16.03 48.55 -0.22
C LEU A 289 -15.95 48.66 1.30
N TYR A 290 -14.92 49.32 1.83
CA TYR A 290 -14.81 49.48 3.30
C TYR A 290 -15.96 50.35 3.74
N THR A 291 -15.93 51.56 3.20
CA THR A 291 -16.91 52.61 3.44
C THR A 291 -18.36 52.20 3.27
N HIS A 292 -18.73 51.83 2.06
CA HIS A 292 -20.12 51.46 1.75
C HIS A 292 -20.58 50.07 2.16
N VAL A 293 -19.67 49.19 2.60
CA VAL A 293 -20.12 47.86 2.98
C VAL A 293 -19.59 47.40 4.31
N LEU A 294 -18.28 47.34 4.44
CA LEU A 294 -17.69 46.86 5.67
C LEU A 294 -18.07 47.64 6.90
N ASN A 295 -18.22 48.95 6.73
CA ASN A 295 -18.58 49.85 7.83
C ASN A 295 -20.07 50.10 7.97
N GLN A 296 -20.88 49.54 7.08
CA GLN A 296 -22.31 49.74 7.13
C GLN A 296 -23.08 48.48 7.50
N TYR A 297 -22.41 47.34 7.42
CA TYR A 297 -23.04 46.08 7.73
C TYR A 297 -22.05 45.26 8.49
N TYR A 298 -22.48 44.61 9.57
CA TYR A 298 -21.55 43.80 10.31
C TYR A 298 -21.99 42.38 10.27
N PHE A 299 -22.97 42.14 9.42
CA PHE A 299 -23.39 40.77 9.22
C PHE A 299 -22.48 40.32 8.05
N VAL A 300 -21.64 41.25 7.59
CA VAL A 300 -20.68 41.03 6.54
C VAL A 300 -19.32 41.02 7.21
N GLU A 301 -18.63 39.87 7.17
CA GLU A 301 -17.33 39.78 7.82
C GLU A 301 -16.16 40.00 6.89
N ASN A 302 -16.45 39.93 5.60
CA ASN A 302 -15.42 40.14 4.59
C ASN A 302 -16.05 40.57 3.28
N CYS A 303 -15.39 41.49 2.58
CA CYS A 303 -15.88 41.94 1.29
C CYS A 303 -14.73 42.57 0.54
N VAL A 304 -14.37 41.95 -0.57
CA VAL A 304 -13.25 42.47 -1.31
C VAL A 304 -13.42 42.31 -2.82
N ALA A 305 -12.71 43.15 -3.56
CA ALA A 305 -12.80 43.15 -5.00
C ALA A 305 -11.63 42.40 -5.57
N PHE A 306 -11.92 41.52 -6.52
CA PHE A 306 -10.90 40.72 -7.16
C PHE A 306 -10.77 40.96 -8.65
N ASN A 307 -9.57 40.68 -9.16
CA ASN A 307 -9.27 40.85 -10.57
C ASN A 307 -8.30 39.81 -11.09
N HIS A 308 -8.83 38.69 -11.53
CA HIS A 308 -8.03 37.62 -12.09
C HIS A 308 -7.80 37.97 -13.54
N SER A 309 -6.54 38.11 -13.90
CA SER A 309 -6.18 38.48 -15.26
C SER A 309 -5.16 37.54 -15.90
N TYR A 310 -5.53 36.95 -17.01
CA TYR A 310 -4.62 36.04 -17.70
C TYR A 310 -4.23 36.55 -19.09
N SER A 311 -3.52 35.71 -19.82
CA SER A 311 -3.08 36.03 -21.17
C SER A 311 -4.18 36.40 -22.19
N ASP A 312 -5.32 35.71 -22.18
CA ASP A 312 -6.37 36.00 -23.16
C ASP A 312 -7.78 36.27 -22.62
N SER A 313 -7.90 36.37 -21.32
CA SER A 313 -9.17 36.64 -20.67
C SER A 313 -8.97 36.91 -19.17
N GLY A 314 -10.05 37.06 -18.42
CA GLY A 314 -9.94 37.32 -16.99
C GLY A 314 -11.30 37.35 -16.35
N ILE A 315 -11.33 37.48 -15.02
CA ILE A 315 -12.59 37.54 -14.30
C ILE A 315 -12.49 38.73 -13.34
N PHE A 316 -13.49 39.60 -13.31
CA PHE A 316 -13.45 40.79 -12.44
C PHE A 316 -14.67 40.79 -11.60
N GLY A 317 -14.51 41.04 -10.30
CA GLY A 317 -15.68 41.02 -9.45
C GLY A 317 -15.50 41.28 -7.98
N ILE A 318 -16.56 40.99 -7.23
CA ILE A 318 -16.53 41.20 -5.80
C ILE A 318 -16.84 39.91 -5.05
N SER A 319 -16.11 39.71 -3.95
CA SER A 319 -16.28 38.55 -3.08
C SER A 319 -16.91 39.05 -1.77
N LEU A 320 -17.82 38.28 -1.20
CA LEU A 320 -18.51 38.69 0.01
C LEU A 320 -18.79 37.53 0.98
N SER A 321 -18.28 37.62 2.20
CA SER A 321 -18.55 36.58 3.19
C SER A 321 -19.45 37.18 4.26
N CYS A 322 -20.48 36.45 4.66
CA CYS A 322 -21.39 36.98 5.68
C CYS A 322 -22.08 35.92 6.54
N ILE A 323 -22.87 36.40 7.50
CA ILE A 323 -23.68 35.59 8.41
C ILE A 323 -24.79 34.96 7.60
N PRO A 324 -25.08 33.68 7.86
CA PRO A 324 -26.12 32.93 7.15
C PRO A 324 -27.41 33.71 7.03
N GLN A 325 -27.70 34.49 8.07
CA GLN A 325 -28.92 35.28 8.12
C GLN A 325 -28.98 36.32 7.00
N ALA A 326 -27.83 36.91 6.70
CA ALA A 326 -27.75 37.96 5.69
C ALA A 326 -27.73 37.48 4.23
N ALA A 327 -27.45 36.19 4.04
CA ALA A 327 -27.40 35.60 2.73
C ALA A 327 -28.35 36.24 1.73
N PRO A 328 -29.60 36.43 2.13
CA PRO A 328 -30.58 37.04 1.21
C PRO A 328 -30.26 38.43 0.67
N GLN A 329 -29.43 39.17 1.40
CA GLN A 329 -29.08 40.51 0.97
C GLN A 329 -27.79 40.56 0.16
N ALA A 330 -27.00 39.50 0.27
CA ALA A 330 -25.71 39.41 -0.40
C ALA A 330 -25.70 39.90 -1.83
N VAL A 331 -26.48 39.24 -2.70
CA VAL A 331 -26.46 39.66 -4.10
C VAL A 331 -26.69 41.12 -4.28
N GLU A 332 -27.79 41.62 -3.73
CA GLU A 332 -28.10 43.05 -3.85
C GLU A 332 -26.98 44.00 -3.38
N VAL A 333 -26.41 43.73 -2.22
CA VAL A 333 -25.35 44.58 -1.74
C VAL A 333 -24.24 44.72 -2.77
N ILE A 334 -23.86 43.60 -3.37
CA ILE A 334 -22.80 43.61 -4.36
C ILE A 334 -23.27 44.32 -5.62
N ALA A 335 -24.44 43.92 -6.12
CA ALA A 335 -24.97 44.53 -7.32
C ALA A 335 -24.94 46.05 -7.21
N GLN A 336 -25.39 46.56 -6.07
CA GLN A 336 -25.39 48.00 -5.84
C GLN A 336 -24.00 48.57 -6.00
N GLN A 337 -23.04 48.08 -5.21
CA GLN A 337 -21.66 48.58 -5.33
C GLN A 337 -21.17 48.63 -6.77
N MET A 338 -21.42 47.56 -7.54
CA MET A 338 -21.02 47.53 -8.93
C MET A 338 -21.68 48.68 -9.66
N TYR A 339 -23.01 48.79 -9.52
CA TYR A 339 -23.80 49.84 -10.14
C TYR A 339 -23.25 51.25 -9.80
N ASN A 340 -22.92 51.48 -8.53
CA ASN A 340 -22.39 52.76 -8.08
C ASN A 340 -21.07 53.19 -8.66
N THR A 341 -20.43 52.36 -9.47
CA THR A 341 -19.13 52.76 -10.03
C THR A 341 -19.30 53.50 -11.37
N PHE A 342 -20.50 53.44 -11.94
CA PHE A 342 -20.72 54.10 -13.22
C PHE A 342 -22.16 54.53 -13.50
N ALA A 343 -23.12 53.67 -13.16
CA ALA A 343 -24.55 53.89 -13.39
C ALA A 343 -25.29 54.88 -12.50
N ASN A 344 -24.76 55.14 -11.32
CA ASN A 344 -25.41 56.06 -10.38
C ASN A 344 -24.79 57.43 -10.55
N LYS A 345 -25.63 58.37 -11.00
CA LYS A 345 -25.19 59.74 -11.27
C LYS A 345 -24.81 60.57 -10.03
N ASP A 346 -25.24 60.12 -8.86
CA ASP A 346 -24.95 60.85 -7.63
C ASP A 346 -23.80 60.25 -6.82
N LEU A 347 -23.12 59.28 -7.42
CA LEU A 347 -22.00 58.61 -6.80
C LEU A 347 -20.89 58.36 -7.82
N ARG A 348 -20.84 59.22 -8.83
CA ARG A 348 -19.85 59.14 -9.89
C ARG A 348 -18.48 59.00 -9.21
N LEU A 349 -17.50 58.40 -9.88
CA LEU A 349 -16.21 58.26 -9.19
C LEU A 349 -15.55 59.63 -9.06
N THR A 350 -15.17 59.99 -7.84
CA THR A 350 -14.56 61.28 -7.57
C THR A 350 -13.08 61.43 -7.92
N GLU A 351 -12.63 62.68 -8.01
CA GLU A 351 -11.23 62.96 -8.31
C GLU A 351 -10.36 62.38 -7.20
N ASP A 352 -10.81 62.52 -5.97
CA ASP A 352 -10.05 62.04 -4.82
C ASP A 352 -9.95 60.55 -4.79
N GLU A 353 -11.08 59.88 -5.00
CA GLU A 353 -11.09 58.42 -5.01
C GLU A 353 -10.10 57.89 -6.03
N VAL A 354 -10.27 58.36 -7.27
CA VAL A 354 -9.42 57.95 -8.37
C VAL A 354 -7.93 58.26 -8.13
N SER A 355 -7.63 59.42 -7.58
CA SER A 355 -6.25 59.75 -7.35
C SER A 355 -5.61 58.90 -6.27
N ARG A 356 -6.32 58.66 -5.18
CA ARG A 356 -5.76 57.83 -4.11
C ARG A 356 -5.53 56.43 -4.65
N ALA A 357 -6.52 55.92 -5.38
CA ALA A 357 -6.43 54.61 -5.97
C ALA A 357 -5.16 54.50 -6.80
N LYS A 358 -4.99 55.41 -7.75
CA LYS A 358 -3.83 55.43 -8.61
C LYS A 358 -2.55 55.37 -7.83
N ASN A 359 -2.46 56.18 -6.77
CA ASN A 359 -1.24 56.17 -5.98
C ASN A 359 -1.04 54.85 -5.24
N GLN A 360 -2.14 54.21 -4.84
CA GLN A 360 -2.00 52.96 -4.11
C GLN A 360 -1.58 51.85 -5.06
N LEU A 361 -2.13 51.91 -6.26
CA LEU A 361 -1.78 50.93 -7.27
C LEU A 361 -0.29 51.05 -7.50
N LYS A 362 0.15 52.23 -7.90
CA LYS A 362 1.57 52.48 -8.13
C LYS A 362 2.44 52.00 -6.99
N SER A 363 2.00 52.31 -5.78
CA SER A 363 2.72 51.95 -4.60
C SER A 363 2.86 50.43 -4.45
N SER A 364 1.75 49.70 -4.47
CA SER A 364 1.82 48.27 -4.32
C SER A 364 2.71 47.63 -5.37
N LEU A 365 2.62 48.06 -6.62
CA LEU A 365 3.47 47.49 -7.64
C LEU A 365 4.95 47.80 -7.32
N LEU A 366 5.33 49.05 -7.41
CA LEU A 366 6.68 49.42 -7.15
C LEU A 366 7.23 48.80 -5.89
N MET A 367 6.48 48.85 -4.80
CA MET A 367 6.98 48.28 -3.56
C MET A 367 7.23 46.78 -3.65
N ASN A 368 6.43 46.08 -4.44
CA ASN A 368 6.61 44.66 -4.54
C ASN A 368 7.85 44.38 -5.40
N LEU A 369 8.02 45.13 -6.48
CA LEU A 369 9.19 44.98 -7.35
C LEU A 369 10.51 45.25 -6.60
N GLU A 370 10.44 45.65 -5.34
CA GLU A 370 11.64 45.89 -4.55
C GLU A 370 12.32 44.52 -4.28
N SER A 371 11.62 43.42 -4.52
CA SER A 371 12.18 42.07 -4.30
C SER A 371 12.81 41.44 -5.53
N LYS A 372 14.09 41.05 -5.42
CA LYS A 372 14.78 40.45 -6.55
C LYS A 372 13.94 39.30 -7.08
N LEU A 373 13.42 38.47 -6.17
CA LEU A 373 12.62 37.36 -6.63
C LEU A 373 11.36 37.83 -7.33
N VAL A 374 10.74 38.89 -6.87
CA VAL A 374 9.55 39.32 -7.58
C VAL A 374 9.96 39.91 -8.93
N GLU A 375 11.04 40.71 -8.97
CA GLU A 375 11.49 41.28 -10.24
C GLU A 375 11.69 40.10 -11.20
N LEU A 376 12.37 39.07 -10.73
CA LEU A 376 12.66 37.89 -11.51
C LEU A 376 11.44 37.30 -12.10
N GLU A 377 10.53 36.81 -11.26
CA GLU A 377 9.31 36.22 -11.77
C GLU A 377 8.59 37.14 -12.75
N ASP A 378 8.37 38.40 -12.41
CA ASP A 378 7.68 39.26 -13.34
C ASP A 378 8.36 39.31 -14.75
N MET A 379 9.69 39.38 -14.77
CA MET A 379 10.39 39.47 -16.02
C MET A 379 10.30 38.17 -16.76
N GLY A 380 10.49 37.07 -16.05
CA GLY A 380 10.39 35.78 -16.70
C GLY A 380 9.05 35.66 -17.38
N ARG A 381 7.97 35.90 -16.65
CA ARG A 381 6.64 35.75 -17.20
C ARG A 381 6.32 36.69 -18.29
N GLN A 382 6.80 37.92 -18.20
CA GLN A 382 6.47 38.86 -19.25
C GLN A 382 7.11 38.40 -20.56
N VAL A 383 8.40 38.06 -20.49
CA VAL A 383 9.14 37.57 -21.66
C VAL A 383 8.40 36.32 -22.19
N LEU A 384 8.11 35.41 -21.30
CA LEU A 384 7.41 34.23 -21.70
C LEU A 384 6.11 34.58 -22.45
N MET A 385 5.45 35.68 -22.11
CA MET A 385 4.19 35.99 -22.77
C MET A 385 4.21 36.88 -24.02
N HIS A 386 4.79 38.07 -23.95
CA HIS A 386 4.83 38.90 -25.14
C HIS A 386 6.28 39.23 -25.53
N GLY A 387 7.21 38.39 -25.07
CA GLY A 387 8.62 38.57 -25.38
C GLY A 387 9.35 39.90 -25.19
N ARG A 388 8.95 40.68 -24.20
CA ARG A 388 9.59 41.95 -23.94
C ARG A 388 9.24 42.25 -22.50
N LYS A 389 10.07 43.00 -21.81
CA LYS A 389 9.75 43.37 -20.44
C LYS A 389 9.39 44.85 -20.45
N ILE A 390 8.14 45.19 -20.16
CA ILE A 390 7.72 46.60 -20.12
C ILE A 390 8.47 47.33 -19.01
N PRO A 391 9.18 48.42 -19.38
CA PRO A 391 9.95 49.18 -18.40
C PRO A 391 9.06 49.85 -17.38
N VAL A 392 9.57 49.99 -16.17
CA VAL A 392 8.80 50.59 -15.09
C VAL A 392 8.29 51.99 -15.45
N ASN A 393 9.15 52.79 -16.07
CA ASN A 393 8.77 54.14 -16.50
C ASN A 393 7.44 54.13 -17.20
N GLU A 394 7.35 53.28 -18.22
CA GLU A 394 6.16 53.15 -19.04
C GLU A 394 4.95 52.80 -18.19
N MET A 395 5.13 51.85 -17.30
CA MET A 395 4.05 51.41 -16.45
C MET A 395 3.53 52.55 -15.58
N ILE A 396 4.42 53.13 -14.79
CA ILE A 396 4.04 54.22 -13.91
C ILE A 396 3.31 55.27 -14.70
N SER A 397 3.84 55.65 -15.86
CA SER A 397 3.21 56.66 -16.72
C SER A 397 1.75 56.37 -17.03
N LYS A 398 1.50 55.23 -17.65
CA LYS A 398 0.14 54.88 -18.00
C LYS A 398 -0.83 54.97 -16.83
N ILE A 399 -0.35 54.70 -15.61
CA ILE A 399 -1.24 54.79 -14.46
C ILE A 399 -1.57 56.24 -14.11
N GLU A 400 -0.53 57.09 -14.11
CA GLU A 400 -0.68 58.52 -13.78
C GLU A 400 -1.57 59.26 -14.77
N ASP A 401 -1.54 58.88 -16.04
CA ASP A 401 -2.36 59.53 -17.05
C ASP A 401 -3.82 59.16 -16.90
N LEU A 402 -4.12 58.21 -16.01
CA LEU A 402 -5.50 57.79 -15.82
C LEU A 402 -6.31 58.91 -15.23
N LYS A 403 -7.50 59.13 -15.79
CA LYS A 403 -8.44 60.17 -15.31
C LYS A 403 -9.76 59.49 -14.93
N PRO A 404 -10.50 60.04 -13.96
CA PRO A 404 -11.77 59.45 -13.52
C PRO A 404 -12.69 58.85 -14.57
N ASP A 405 -12.88 59.54 -15.69
CA ASP A 405 -13.75 59.04 -16.74
C ASP A 405 -13.28 57.70 -17.26
N ASP A 406 -11.97 57.50 -17.24
CA ASP A 406 -11.35 56.27 -17.71
C ASP A 406 -11.82 55.13 -16.83
N ILE A 407 -11.60 55.29 -15.53
CA ILE A 407 -12.01 54.28 -14.58
C ILE A 407 -13.48 54.02 -14.77
N SER A 408 -14.26 55.07 -14.99
CA SER A 408 -15.71 54.92 -15.19
C SER A 408 -16.04 54.15 -16.45
N ARG A 409 -15.34 54.45 -17.55
CA ARG A 409 -15.61 53.75 -18.80
C ARG A 409 -15.35 52.26 -18.66
N VAL A 410 -14.19 51.93 -18.11
CA VAL A 410 -13.79 50.54 -17.91
C VAL A 410 -14.82 49.85 -17.03
N ALA A 411 -15.12 50.45 -15.90
CA ALA A 411 -16.10 49.86 -14.96
C ALA A 411 -17.37 49.51 -15.71
N GLU A 412 -17.91 50.48 -16.46
CA GLU A 412 -19.12 50.25 -17.21
C GLU A 412 -18.97 49.11 -18.22
N MET A 413 -17.85 49.11 -18.94
CA MET A 413 -17.59 48.07 -19.92
C MET A 413 -17.67 46.67 -19.31
N ILE A 414 -16.93 46.46 -18.23
CA ILE A 414 -16.89 45.18 -17.56
C ILE A 414 -18.26 44.71 -17.06
N PHE A 415 -18.86 45.51 -16.19
CA PHE A 415 -20.15 45.20 -15.55
C PHE A 415 -21.38 45.12 -16.45
N THR A 416 -21.19 45.36 -17.74
CA THR A 416 -22.27 45.32 -18.71
C THR A 416 -22.12 44.13 -19.63
N GLY A 417 -21.06 43.37 -19.42
CA GLY A 417 -20.79 42.22 -20.25
C GLY A 417 -20.41 42.68 -21.63
N ASN A 418 -19.73 43.81 -21.70
CA ASN A 418 -19.32 44.38 -22.97
C ASN A 418 -17.82 44.29 -23.23
N VAL A 419 -17.23 43.18 -22.84
CA VAL A 419 -15.83 42.98 -23.04
C VAL A 419 -15.67 42.10 -24.26
N ASN A 420 -14.72 42.42 -25.13
CA ASN A 420 -14.53 41.58 -26.31
C ASN A 420 -13.14 41.06 -26.44
N ASN A 421 -12.96 39.81 -26.00
CA ASN A 421 -11.67 39.16 -26.04
C ASN A 421 -11.62 38.13 -27.15
N ALA A 422 -10.41 37.62 -27.37
CA ALA A 422 -10.15 36.61 -28.40
C ALA A 422 -11.18 35.51 -28.41
N GLY A 423 -11.51 35.00 -27.23
CA GLY A 423 -12.47 33.91 -27.12
C GLY A 423 -13.89 34.31 -27.43
N ASN A 424 -14.11 35.61 -27.64
CA ASN A 424 -15.44 36.10 -27.93
C ASN A 424 -16.37 35.51 -26.85
N GLY A 425 -16.16 35.96 -25.61
CA GLY A 425 -16.94 35.43 -24.51
C GLY A 425 -18.31 36.04 -24.37
N LYS A 426 -19.19 35.33 -23.65
CA LYS A 426 -20.57 35.75 -23.38
C LYS A 426 -20.57 36.95 -22.44
N GLY A 427 -21.74 37.49 -22.15
CA GLY A 427 -21.80 38.63 -21.24
C GLY A 427 -22.55 38.26 -19.98
N ARG A 428 -22.67 36.95 -19.73
CA ARG A 428 -23.35 36.42 -18.58
C ARG A 428 -22.45 36.63 -17.37
N ALA A 429 -23.00 36.65 -16.17
CA ALA A 429 -22.17 36.82 -14.98
C ALA A 429 -21.80 35.47 -14.39
N THR A 430 -20.76 35.43 -13.59
CA THR A 430 -20.40 34.18 -12.96
C THR A 430 -20.73 34.44 -11.52
N VAL A 431 -21.57 33.57 -10.95
CA VAL A 431 -22.00 33.67 -9.54
C VAL A 431 -21.81 32.30 -8.90
N VAL A 432 -20.86 32.22 -8.01
CA VAL A 432 -20.55 30.96 -7.39
C VAL A 432 -20.70 31.20 -5.88
N MET A 433 -21.32 30.26 -5.18
CA MET A 433 -21.54 30.48 -3.76
C MET A 433 -21.53 29.25 -2.85
N GLN A 434 -21.19 29.47 -1.59
CA GLN A 434 -21.19 28.40 -0.59
C GLN A 434 -22.24 28.77 0.49
N GLY A 435 -23.04 27.79 0.87
CA GLY A 435 -24.09 27.99 1.86
C GLY A 435 -25.31 27.35 1.25
N ASP A 436 -26.50 27.57 1.80
CA ASP A 436 -27.68 26.98 1.19
C ASP A 436 -28.11 27.76 -0.07
N ARG A 437 -28.36 27.06 -1.17
CA ARG A 437 -28.69 27.77 -2.39
C ARG A 437 -29.86 28.74 -2.27
N GLY A 438 -30.99 28.25 -1.75
CA GLY A 438 -32.17 29.10 -1.61
C GLY A 438 -31.84 30.42 -0.92
N SER A 439 -31.03 30.36 0.12
CA SER A 439 -30.63 31.54 0.91
C SER A 439 -30.21 32.77 0.13
N PHE A 440 -29.75 32.60 -1.09
CA PHE A 440 -29.26 33.72 -1.88
C PHE A 440 -30.32 34.38 -2.76
N GLY A 441 -31.44 33.72 -2.88
CA GLY A 441 -32.52 34.29 -3.65
C GLY A 441 -32.39 34.17 -5.14
N ASP A 442 -33.16 34.95 -5.87
CA ASP A 442 -33.12 34.92 -7.33
C ASP A 442 -31.95 35.78 -7.77
N VAL A 443 -30.76 35.19 -7.86
CA VAL A 443 -29.58 35.97 -8.23
C VAL A 443 -29.68 36.67 -9.56
N GLU A 444 -30.12 35.97 -10.60
CA GLU A 444 -30.21 36.61 -11.90
C GLU A 444 -31.14 37.82 -11.94
N ASN A 445 -32.27 37.72 -11.26
CA ASN A 445 -33.24 38.82 -11.20
C ASN A 445 -32.60 40.10 -10.66
N VAL A 446 -32.03 39.99 -9.46
CA VAL A 446 -31.37 41.12 -8.83
C VAL A 446 -30.28 41.72 -9.72
N LEU A 447 -29.57 40.87 -10.45
CA LEU A 447 -28.53 41.36 -11.31
C LEU A 447 -29.16 42.09 -12.49
N LYS A 448 -30.19 41.51 -13.09
CA LYS A 448 -30.84 42.18 -14.21
C LYS A 448 -31.46 43.47 -13.73
N ALA A 449 -32.05 43.43 -12.54
CA ALA A 449 -32.64 44.62 -11.99
C ALA A 449 -31.68 45.77 -12.11
N TYR A 450 -30.42 45.56 -11.72
CA TYR A 450 -29.44 46.64 -11.78
C TYR A 450 -28.76 46.89 -13.13
N GLY A 451 -29.29 46.27 -14.17
CA GLY A 451 -28.72 46.50 -15.49
C GLY A 451 -27.35 45.94 -15.64
N LEU A 452 -27.00 44.97 -14.79
CA LEU A 452 -25.69 44.35 -14.83
C LEU A 452 -25.71 43.19 -15.79
N GLY A 453 -24.58 42.95 -16.44
CA GLY A 453 -24.53 41.86 -17.37
C GLY A 453 -25.06 42.24 -18.74
N ASN A 454 -25.30 41.25 -19.58
CA ASN A 454 -25.79 41.50 -20.92
C ASN A 454 -26.64 40.29 -21.34
N SER A 455 -27.79 40.54 -21.97
CA SER A 455 -28.69 39.43 -22.36
C SER A 455 -28.75 39.10 -23.87
N SER A 456 -28.45 40.09 -24.71
CA SER A 456 -28.45 39.91 -26.18
C SER A 456 -27.00 39.90 -26.75
N SER A 457 -26.87 39.72 -28.08
CA SER A 457 -25.56 39.66 -28.75
C SER A 457 -25.19 40.95 -29.53
N PRO B 5 27.02 52.65 -2.53
CA PRO B 5 27.82 51.39 -2.34
C PRO B 5 28.10 51.17 -0.84
N GLY B 6 27.13 50.62 -0.11
CA GLY B 6 27.32 50.45 1.32
C GLY B 6 26.36 51.28 2.18
N THR B 7 26.58 51.23 3.48
CA THR B 7 25.72 51.98 4.39
C THR B 7 26.39 53.30 4.82
N ARG B 8 25.82 54.43 4.39
CA ARG B 8 26.35 55.77 4.72
C ARG B 8 25.90 56.16 6.11
N THR B 9 26.74 56.86 6.86
CA THR B 9 26.34 57.27 8.19
C THR B 9 26.64 58.74 8.49
N SER B 10 25.75 59.38 9.26
CA SER B 10 25.87 60.77 9.64
C SER B 10 25.22 60.95 10.99
N LYS B 11 25.74 61.88 11.79
CA LYS B 11 25.19 62.17 13.11
C LYS B 11 24.68 63.61 13.13
N LEU B 12 23.59 63.83 13.85
CA LEU B 12 23.03 65.17 13.98
C LEU B 12 23.59 65.79 15.26
N PRO B 13 23.57 67.13 15.37
CA PRO B 13 24.09 67.74 16.60
C PRO B 13 23.45 67.22 17.90
N ASN B 14 22.22 66.71 17.86
CA ASN B 14 21.63 66.19 19.09
C ASN B 14 21.88 64.71 19.35
N GLY B 15 22.70 64.08 18.51
CA GLY B 15 23.04 62.68 18.67
C GLY B 15 22.36 61.73 17.71
N LEU B 16 21.23 62.16 17.14
CA LEU B 16 20.47 61.34 16.22
C LEU B 16 21.35 60.82 15.11
N THR B 17 21.29 59.52 14.85
CA THR B 17 22.10 58.91 13.79
C THR B 17 21.30 58.64 12.54
N ILE B 18 21.82 59.04 11.39
CA ILE B 18 21.14 58.83 10.10
C ILE B 18 21.91 57.76 9.29
N ALA B 19 21.37 56.54 9.25
CA ALA B 19 21.99 55.41 8.53
C ALA B 19 21.19 54.97 7.27
N THR B 20 21.84 55.14 6.12
CA THR B 20 21.26 54.87 4.82
C THR B 20 21.92 53.81 3.93
N GLU B 21 21.14 53.17 3.06
CA GLU B 21 21.67 52.21 2.08
C GLU B 21 20.87 52.39 0.80
N TYR B 22 21.50 52.96 -0.23
CA TYR B 22 20.83 53.19 -1.50
C TYR B 22 20.63 51.86 -2.22
N ILE B 23 19.54 51.74 -2.98
CA ILE B 23 19.27 50.51 -3.74
C ILE B 23 19.05 50.97 -5.17
N PRO B 24 19.94 50.58 -6.09
CA PRO B 24 19.79 50.99 -7.50
C PRO B 24 18.51 50.44 -8.13
N ASN B 25 17.94 51.19 -9.07
CA ASN B 25 16.72 50.75 -9.77
C ASN B 25 15.55 50.55 -8.84
N THR B 26 15.18 51.62 -8.13
CA THR B 26 14.05 51.56 -7.20
C THR B 26 13.39 52.91 -7.23
N SER B 27 12.12 52.95 -6.83
CA SER B 27 11.38 54.20 -6.86
C SER B 27 10.58 54.35 -5.61
N SER B 28 10.89 53.53 -4.64
CA SER B 28 10.19 53.57 -3.37
C SER B 28 11.21 53.31 -2.34
N ALA B 29 10.86 53.47 -1.08
CA ALA B 29 11.84 53.23 -0.04
C ALA B 29 11.14 53.08 1.26
N THR B 30 11.92 52.78 2.30
CA THR B 30 11.41 52.61 3.63
C THR B 30 12.28 53.44 4.54
N VAL B 31 11.65 54.19 5.44
CA VAL B 31 12.36 55.02 6.41
C VAL B 31 11.80 54.69 7.76
N GLY B 32 12.70 54.50 8.72
CA GLY B 32 12.27 54.19 10.05
C GLY B 32 13.06 54.83 11.17
N ILE B 33 12.35 55.15 12.24
CA ILE B 33 12.96 55.76 13.39
C ILE B 33 13.03 54.68 14.46
N PHE B 34 14.24 54.38 14.90
CA PHE B 34 14.46 53.35 15.92
C PHE B 34 14.93 53.98 17.20
N VAL B 35 14.25 53.66 18.30
CA VAL B 35 14.62 54.21 19.61
C VAL B 35 15.06 53.12 20.58
N ASP B 36 16.11 53.42 21.32
CA ASP B 36 16.63 52.54 22.36
C ASP B 36 15.76 52.76 23.63
N ALA B 37 14.54 52.24 23.58
CA ALA B 37 13.58 52.38 24.66
C ALA B 37 13.07 51.02 25.03
N GLY B 38 11.87 50.71 24.53
CA GLY B 38 11.26 49.42 24.80
C GLY B 38 10.75 49.24 26.23
N SER B 39 10.41 48.02 26.58
CA SER B 39 9.94 47.77 27.91
C SER B 39 11.11 47.56 28.87
N ARG B 40 12.33 47.40 28.38
CA ARG B 40 13.41 47.21 29.34
C ARG B 40 13.76 48.57 29.97
N ALA B 41 13.09 49.63 29.49
CA ALA B 41 13.32 50.98 29.99
C ALA B 41 12.17 51.46 30.90
N GLU B 42 11.36 50.49 31.35
CA GLU B 42 10.24 50.74 32.25
C GLU B 42 10.65 50.19 33.64
N ASN B 43 9.74 50.25 34.60
CA ASN B 43 10.01 49.73 35.95
C ASN B 43 8.83 48.87 36.31
N VAL B 44 8.71 48.43 37.54
CA VAL B 44 7.61 47.54 37.88
C VAL B 44 6.20 48.11 37.71
N LYS B 45 5.95 49.32 38.19
CA LYS B 45 4.59 49.88 38.05
C LYS B 45 4.40 50.51 36.68
N ASN B 46 5.52 50.81 36.03
CA ASN B 46 5.56 51.42 34.69
C ASN B 46 5.21 50.42 33.56
N ASN B 47 5.77 49.21 33.70
CA ASN B 47 5.62 48.09 32.78
C ASN B 47 4.36 48.10 31.93
N GLY B 48 4.55 48.31 30.64
CA GLY B 48 3.43 48.33 29.71
C GLY B 48 3.25 49.65 28.95
N THR B 49 3.94 50.67 29.44
CA THR B 49 3.87 52.01 28.89
C THR B 49 4.30 52.14 27.43
N ALA B 50 5.55 51.84 27.15
CA ALA B 50 6.10 51.96 25.80
C ALA B 50 5.18 51.41 24.72
N HIS B 51 4.56 50.27 25.00
CA HIS B 51 3.61 49.67 24.08
C HIS B 51 2.33 50.53 23.98
N PHE B 52 1.76 50.88 25.14
CA PHE B 52 0.56 51.73 25.19
C PHE B 52 0.81 52.98 24.34
N LEU B 53 1.90 53.66 24.66
CA LEU B 53 2.32 54.87 23.99
C LEU B 53 2.18 54.68 22.48
N GLN B 54 2.80 53.60 22.03
CA GLN B 54 2.83 53.17 20.58
C GLN B 54 1.43 53.16 19.91
N HIS B 55 0.44 52.68 20.66
CA HIS B 55 -0.93 52.61 20.17
C HIS B 55 -1.45 53.99 20.05
N LEU B 56 -1.15 54.81 21.05
CA LEU B 56 -1.62 56.19 21.08
C LEU B 56 -0.99 57.11 20.05
N ALA B 57 0.25 56.89 19.69
CA ALA B 57 0.87 57.77 18.72
C ALA B 57 0.07 57.84 17.42
N PHE B 58 -0.84 56.88 17.23
CA PHE B 58 -1.67 56.84 16.03
C PHE B 58 -3.03 57.51 16.21
N LYS B 59 -3.25 58.09 17.38
CA LYS B 59 -4.52 58.73 17.66
C LYS B 59 -4.59 60.25 17.43
N GLY B 60 -3.47 60.87 17.05
CA GLY B 60 -3.50 62.29 16.76
C GLY B 60 -2.32 63.04 17.32
N THR B 61 -1.92 64.10 16.63
CA THR B 61 -0.80 64.94 17.05
C THR B 61 -1.15 66.43 17.06
N GLN B 62 -0.23 67.21 17.60
CA GLN B 62 -0.37 68.66 17.68
C GLN B 62 -0.55 69.34 16.35
N ASN B 63 -0.46 68.57 15.28
CA ASN B 63 -0.59 69.17 13.95
C ASN B 63 -1.58 68.38 13.10
N ARG B 64 -1.72 67.08 13.38
CA ARG B 64 -2.62 66.22 12.62
C ARG B 64 -3.55 65.36 13.49
N PRO B 65 -4.86 65.38 13.19
CA PRO B 65 -5.86 64.58 13.94
C PRO B 65 -5.71 63.11 13.50
N GLN B 66 -6.12 62.16 14.35
CA GLN B 66 -5.98 60.75 13.98
C GLN B 66 -6.33 60.47 12.54
N GLN B 67 -7.58 60.72 12.18
CA GLN B 67 -8.02 60.42 10.84
C GLN B 67 -7.33 61.28 9.78
N GLY B 68 -6.57 62.27 10.20
CA GLY B 68 -5.89 63.11 9.24
C GLY B 68 -4.61 62.45 8.76
N ILE B 69 -3.98 61.69 9.67
CA ILE B 69 -2.76 60.94 9.37
C ILE B 69 -3.14 59.83 8.39
N GLU B 70 -4.15 59.05 8.76
CA GLU B 70 -4.63 57.97 7.91
C GLU B 70 -4.83 58.42 6.48
N LEU B 71 -5.75 59.35 6.29
CA LEU B 71 -6.05 59.84 4.96
C LEU B 71 -4.82 60.46 4.26
N GLU B 72 -3.92 61.08 4.99
CA GLU B 72 -2.76 61.66 4.33
C GLU B 72 -1.87 60.57 3.72
N ILE B 73 -1.53 59.56 4.54
CA ILE B 73 -0.72 58.40 4.12
C ILE B 73 -1.40 57.62 2.95
N GLU B 74 -2.68 57.31 3.10
CA GLU B 74 -3.39 56.59 2.06
C GLU B 74 -3.51 57.29 0.73
N ASN B 75 -3.47 58.62 0.70
CA ASN B 75 -3.62 59.34 -0.56
C ASN B 75 -2.37 59.31 -1.39
N ILE B 76 -1.22 59.17 -0.74
CA ILE B 76 0.02 59.08 -1.49
C ILE B 76 0.45 57.62 -1.62
N GLY B 77 -0.35 56.72 -1.02
CA GLY B 77 -0.08 55.30 -1.07
C GLY B 77 1.16 54.89 -0.29
N SER B 78 1.21 55.25 0.97
CA SER B 78 2.33 54.88 1.80
C SER B 78 1.75 53.99 2.89
N HIS B 79 2.60 53.56 3.81
CA HIS B 79 2.15 52.69 4.87
C HIS B 79 2.87 53.09 6.14
N LEU B 80 2.13 53.05 7.25
CA LEU B 80 2.65 53.40 8.55
C LEU B 80 2.56 52.24 9.50
N ASN B 81 3.65 51.91 10.19
CA ASN B 81 3.59 50.82 11.12
C ASN B 81 4.55 50.95 12.26
N ALA B 82 4.34 50.15 13.29
CA ALA B 82 5.19 50.26 14.46
C ALA B 82 5.03 49.06 15.34
N TYR B 83 6.07 48.80 16.13
CA TYR B 83 6.09 47.68 17.04
C TYR B 83 6.91 48.07 18.25
N THR B 84 6.84 47.26 19.29
CA THR B 84 7.59 47.49 20.50
C THR B 84 8.20 46.17 20.91
N SER B 85 9.50 46.18 21.13
CA SER B 85 10.21 44.99 21.58
C SER B 85 10.75 45.32 22.95
N ARG B 86 11.38 44.35 23.61
CA ARG B 86 11.95 44.63 24.92
C ARG B 86 13.05 45.69 24.82
N GLU B 87 13.83 45.67 23.74
CA GLU B 87 14.89 46.62 23.53
C GLU B 87 14.58 47.93 22.83
N ASN B 88 13.57 47.99 21.95
CA ASN B 88 13.29 49.24 21.22
C ASN B 88 11.83 49.52 20.83
N THR B 89 11.61 50.74 20.38
CA THR B 89 10.30 51.14 19.92
C THR B 89 10.64 51.57 18.50
N VAL B 90 9.81 51.14 17.56
CA VAL B 90 10.06 51.42 16.17
C VAL B 90 8.83 51.93 15.42
N TYR B 91 9.00 53.03 14.72
CA TYR B 91 7.93 53.55 13.88
C TYR B 91 8.59 53.68 12.51
N TYR B 92 7.92 53.22 11.46
CA TYR B 92 8.49 53.27 10.11
C TYR B 92 7.47 53.39 8.98
N ALA B 93 7.92 53.85 7.84
CA ALA B 93 7.01 54.00 6.76
C ALA B 93 7.55 53.52 5.41
N LYS B 94 6.63 53.13 4.54
CA LYS B 94 7.00 52.71 3.21
C LYS B 94 6.30 53.72 2.30
N SER B 95 6.98 54.22 1.27
CA SER B 95 6.34 55.16 0.36
C SER B 95 7.16 55.36 -0.89
N LEU B 96 6.56 55.96 -1.90
CA LEU B 96 7.30 56.23 -3.14
C LEU B 96 8.35 57.27 -2.78
N GLN B 97 9.43 57.35 -3.57
CA GLN B 97 10.52 58.28 -3.26
C GLN B 97 10.12 59.73 -3.16
N GLU B 98 9.18 60.18 -3.99
CA GLU B 98 8.73 61.56 -3.94
C GLU B 98 8.29 61.87 -2.54
N ASP B 99 7.65 60.92 -1.86
CA ASP B 99 7.17 61.15 -0.48
C ASP B 99 8.13 60.86 0.70
N ILE B 100 9.42 60.65 0.44
CA ILE B 100 10.35 60.38 1.53
C ILE B 100 10.34 61.40 2.66
N PRO B 101 10.44 62.70 2.33
CA PRO B 101 10.41 63.70 3.42
C PRO B 101 9.04 63.71 4.11
N LYS B 102 7.95 63.83 3.32
CA LYS B 102 6.61 63.81 3.88
C LYS B 102 6.44 62.68 4.91
N ALA B 103 7.20 61.59 4.74
CA ALA B 103 7.16 60.44 5.64
C ALA B 103 8.03 60.69 6.86
N VAL B 104 9.21 61.25 6.64
CA VAL B 104 10.08 61.56 7.76
C VAL B 104 9.38 62.60 8.65
N ASP B 105 8.58 63.46 8.02
CA ASP B 105 7.82 64.49 8.68
C ASP B 105 6.84 63.82 9.63
N ILE B 106 5.91 63.05 9.06
CA ILE B 106 4.90 62.35 9.85
C ILE B 106 5.48 61.41 10.94
N LEU B 107 6.62 60.81 10.65
CA LEU B 107 7.21 59.93 11.62
C LEU B 107 7.58 60.72 12.85
N SER B 108 8.35 61.78 12.70
CA SER B 108 8.73 62.62 13.86
C SER B 108 7.48 63.18 14.55
N ASP B 109 6.51 63.62 13.76
CA ASP B 109 5.30 64.18 14.31
C ASP B 109 4.61 63.24 15.29
N ILE B 110 4.41 62.01 14.83
CA ILE B 110 3.74 61.02 15.64
C ILE B 110 4.52 60.56 16.84
N LEU B 111 5.84 60.49 16.67
CA LEU B 111 6.71 60.05 17.74
C LEU B 111 6.84 61.04 18.91
N THR B 112 6.92 62.32 18.60
CA THR B 112 7.07 63.33 19.64
C THR B 112 5.80 64.15 19.95
N LYS B 113 5.34 64.97 19.00
CA LYS B 113 4.16 65.82 19.15
C LYS B 113 2.79 65.13 19.16
N SER B 114 2.68 64.04 19.90
CA SER B 114 1.42 63.29 19.98
C SER B 114 0.49 63.81 21.08
N VAL B 115 -0.79 64.01 20.74
CA VAL B 115 -1.79 64.52 21.70
C VAL B 115 -1.99 63.76 23.02
N LEU B 116 -2.11 62.44 22.92
CA LEU B 116 -2.32 61.65 24.12
C LEU B 116 -3.56 62.15 24.84
N ASP B 117 -4.66 62.25 24.09
CA ASP B 117 -5.93 62.66 24.68
C ASP B 117 -6.36 61.67 25.76
N ASN B 118 -6.83 62.17 26.91
CA ASN B 118 -7.27 61.31 28.01
C ASN B 118 -8.44 60.44 27.63
N SER B 119 -9.28 60.94 26.73
CA SER B 119 -10.42 60.17 26.27
C SER B 119 -9.89 58.91 25.54
N ALA B 120 -8.90 59.12 24.69
CA ALA B 120 -8.27 58.06 23.93
C ALA B 120 -7.59 57.12 24.88
N ILE B 121 -6.74 57.67 25.72
CA ILE B 121 -6.01 56.90 26.71
C ILE B 121 -6.94 56.01 27.54
N GLU B 122 -8.25 56.13 27.37
CA GLU B 122 -9.17 55.31 28.16
C GLU B 122 -9.82 54.26 27.30
N ARG B 123 -10.24 54.64 26.09
CA ARG B 123 -10.85 53.68 25.19
C ARG B 123 -9.81 52.62 24.85
N GLU B 124 -8.53 53.03 24.83
CA GLU B 124 -7.43 52.13 24.47
C GLU B 124 -7.22 50.97 25.44
N ARG B 125 -7.31 51.25 26.73
CA ARG B 125 -7.12 50.24 27.79
C ARG B 125 -7.89 48.95 27.48
N ASP B 126 -8.96 49.05 26.72
CA ASP B 126 -9.71 47.85 26.41
C ASP B 126 -9.08 47.14 25.23
N VAL B 127 -8.64 47.91 24.24
CA VAL B 127 -8.02 47.32 23.07
C VAL B 127 -6.79 46.54 23.53
N ILE B 128 -5.97 47.15 24.40
CA ILE B 128 -4.76 46.51 24.93
C ILE B 128 -5.09 45.23 25.71
N ILE B 129 -6.27 45.15 26.32
CA ILE B 129 -6.63 43.93 27.07
C ILE B 129 -6.98 42.83 26.08
N ARG B 130 -7.79 43.19 25.08
CA ARG B 130 -8.20 42.23 24.06
C ARG B 130 -6.88 41.67 23.49
N GLU B 131 -5.94 42.56 23.19
CA GLU B 131 -4.65 42.20 22.62
C GLU B 131 -4.02 41.18 23.54
N SER B 132 -3.92 41.55 24.80
CA SER B 132 -3.31 40.68 25.79
C SER B 132 -3.95 39.30 25.75
N GLU B 133 -5.28 39.24 25.77
CA GLU B 133 -5.99 37.96 25.76
C GLU B 133 -5.70 37.05 24.55
N GLU B 134 -5.26 37.65 23.46
CA GLU B 134 -4.95 36.87 22.28
C GLU B 134 -3.60 36.21 22.48
N VAL B 135 -2.64 37.00 22.96
CA VAL B 135 -1.31 36.47 23.19
C VAL B 135 -1.38 35.26 24.11
N ASP B 136 -2.30 35.26 25.07
CA ASP B 136 -2.40 34.14 26.01
C ASP B 136 -2.88 32.87 25.31
N LYS B 137 -3.27 32.97 24.05
CA LYS B 137 -3.75 31.82 23.30
C LYS B 137 -2.58 31.26 22.44
N MET B 138 -1.48 32.01 22.41
CA MET B 138 -0.28 31.63 21.68
C MET B 138 0.71 31.11 22.72
N TYR B 139 0.57 29.85 23.06
CA TYR B 139 1.41 29.23 24.07
C TYR B 139 2.89 29.48 23.97
N ASP B 140 3.44 29.44 22.76
CA ASP B 140 4.88 29.69 22.63
C ASP B 140 5.19 31.09 23.19
N GLU B 141 4.35 32.07 22.82
CA GLU B 141 4.53 33.43 23.31
C GLU B 141 4.43 33.44 24.85
N VAL B 142 3.44 32.71 25.35
CA VAL B 142 3.27 32.61 26.82
C VAL B 142 4.50 32.02 27.49
N VAL B 143 4.85 30.80 27.09
CA VAL B 143 5.98 30.12 27.67
C VAL B 143 7.23 30.99 27.66
N PHE B 144 7.47 31.68 26.56
CA PHE B 144 8.65 32.54 26.52
C PHE B 144 8.56 33.76 27.43
N ASP B 145 7.36 34.31 27.66
CA ASP B 145 7.23 35.47 28.58
C ASP B 145 7.69 35.04 29.99
N HIS B 146 7.17 33.89 30.45
CA HIS B 146 7.53 33.32 31.74
C HIS B 146 9.03 33.05 31.81
N LEU B 147 9.55 32.40 30.79
CA LEU B 147 10.97 32.13 30.80
C LEU B 147 11.77 33.42 31.08
N HIS B 148 11.40 34.52 30.43
CA HIS B 148 12.10 35.78 30.62
C HIS B 148 11.95 36.27 32.05
N GLU B 149 10.81 35.97 32.64
CA GLU B 149 10.53 36.41 34.00
C GLU B 149 11.41 35.72 35.04
N ILE B 150 11.58 34.40 34.91
CA ILE B 150 12.39 33.75 35.92
C ILE B 150 13.87 33.74 35.57
N THR B 151 14.19 33.97 34.32
CA THR B 151 15.60 33.98 33.92
C THR B 151 16.25 35.30 34.21
N TYR B 152 15.46 36.36 34.09
CA TYR B 152 15.93 37.70 34.39
C TYR B 152 15.11 38.16 35.59
N LYS B 153 15.20 37.37 36.67
CA LYS B 153 14.48 37.59 37.91
C LYS B 153 14.56 39.01 38.40
N ASP B 154 13.39 39.64 38.48
CA ASP B 154 13.26 41.01 38.94
C ASP B 154 14.22 41.94 38.26
N GLN B 155 14.31 41.86 36.95
CA GLN B 155 15.15 42.77 36.19
C GLN B 155 14.27 43.29 35.03
N PRO B 156 14.71 44.36 34.35
CA PRO B 156 13.99 44.98 33.23
C PRO B 156 13.65 43.98 32.11
N LEU B 157 14.66 43.26 31.63
CA LEU B 157 14.45 42.27 30.58
C LEU B 157 13.41 41.24 31.00
N GLY B 158 13.29 40.97 32.29
CA GLY B 158 12.33 39.98 32.74
C GLY B 158 10.85 40.30 32.55
N ARG B 159 10.50 41.58 32.49
CA ARG B 159 9.08 41.98 32.33
C ARG B 159 8.63 41.90 30.85
N THR B 160 7.37 41.58 30.67
CA THR B 160 6.80 41.45 29.31
C THR B 160 6.60 42.81 28.64
N ILE B 161 6.32 42.83 27.35
CA ILE B 161 6.13 44.08 26.61
C ILE B 161 4.76 44.67 26.83
N LEU B 162 3.73 43.85 26.72
CA LEU B 162 2.36 44.32 26.91
C LEU B 162 2.08 44.84 28.32
N GLY B 163 2.78 44.27 29.31
CA GLY B 163 2.63 44.65 30.70
C GLY B 163 1.50 43.89 31.36
N PRO B 164 1.38 43.91 32.71
CA PRO B 164 0.31 43.21 33.45
C PRO B 164 -1.07 43.87 33.25
N ILE B 165 -2.16 43.10 33.25
CA ILE B 165 -3.49 43.72 33.08
C ILE B 165 -3.57 44.93 34.03
N LYS B 166 -3.07 44.70 35.25
CA LYS B 166 -3.01 45.69 36.32
C LYS B 166 -2.58 47.05 35.77
N ASN B 167 -1.34 47.14 35.30
CA ASN B 167 -0.78 48.37 34.73
C ASN B 167 -1.54 48.89 33.51
N ILE B 168 -2.17 47.99 32.77
CA ILE B 168 -2.89 48.41 31.58
C ILE B 168 -4.12 49.19 31.98
N LYS B 169 -4.62 48.88 33.17
CA LYS B 169 -5.81 49.56 33.68
C LYS B 169 -5.40 50.76 34.49
N SER B 170 -4.12 50.86 34.89
CA SER B 170 -3.63 51.98 35.68
C SER B 170 -2.58 52.94 35.05
N ILE B 171 -2.36 52.86 33.73
CA ILE B 171 -1.37 53.76 33.12
C ILE B 171 -2.01 55.16 33.00
N THR B 172 -1.31 56.17 33.48
CA THR B 172 -1.80 57.54 33.45
C THR B 172 -1.09 58.33 32.37
N ARG B 173 -1.80 59.31 31.83
CA ARG B 173 -1.25 60.16 30.79
C ARG B 173 0.09 60.74 31.23
N THR B 174 0.33 60.76 32.54
CA THR B 174 1.61 61.32 32.99
C THR B 174 2.71 60.28 32.77
N ASP B 175 2.40 59.01 33.07
CA ASP B 175 3.36 57.93 32.84
C ASP B 175 3.90 58.06 31.41
N LEU B 176 2.96 58.13 30.45
CA LEU B 176 3.29 58.29 29.05
C LEU B 176 4.24 59.44 28.81
N LYS B 177 3.81 60.66 29.14
CA LYS B 177 4.63 61.85 28.91
C LYS B 177 6.00 61.76 29.54
N ASP B 178 6.11 61.00 30.63
CA ASP B 178 7.39 60.87 31.31
C ASP B 178 8.33 59.92 30.59
N TYR B 179 7.75 58.79 30.15
CA TYR B 179 8.50 57.79 29.41
C TYR B 179 9.08 58.53 28.21
N ILE B 180 8.26 59.37 27.56
CA ILE B 180 8.71 60.14 26.39
C ILE B 180 9.87 61.05 26.75
N THR B 181 9.68 61.87 27.77
CA THR B 181 10.67 62.81 28.25
C THR B 181 11.94 62.08 28.65
N LYS B 182 11.80 61.06 29.47
CA LYS B 182 12.94 60.30 29.93
C LYS B 182 13.78 59.63 28.84
N ASN B 183 13.10 58.90 27.95
CA ASN B 183 13.74 58.11 26.90
C ASN B 183 14.04 58.71 25.54
N TYR B 184 13.11 59.44 24.96
CA TYR B 184 13.32 59.98 23.61
C TYR B 184 14.39 61.05 23.43
N LYS B 185 15.65 60.62 23.44
CA LYS B 185 16.79 61.50 23.26
C LYS B 185 17.53 61.19 21.95
N GLY B 186 17.99 62.22 21.26
CA GLY B 186 18.70 62.02 20.00
C GLY B 186 19.79 60.95 19.95
N ASP B 187 20.64 60.92 20.97
CA ASP B 187 21.75 59.96 21.06
C ASP B 187 21.25 58.54 21.36
N ARG B 188 19.92 58.39 21.41
CA ARG B 188 19.32 57.11 21.69
C ARG B 188 18.41 56.64 20.53
N MET B 189 18.51 57.32 19.41
CA MET B 189 17.72 56.93 18.26
C MET B 189 18.48 56.97 16.93
N VAL B 190 18.02 56.11 16.02
CA VAL B 190 18.57 55.96 14.68
C VAL B 190 17.44 56.12 13.68
N LEU B 191 17.69 56.90 12.66
CA LEU B 191 16.70 57.07 11.61
C LEU B 191 17.34 56.30 10.47
N ALA B 192 16.70 55.19 10.05
CA ALA B 192 17.25 54.37 8.99
C ALA B 192 16.44 54.38 7.69
N GLY B 193 17.15 54.40 6.57
CA GLY B 193 16.51 54.37 5.27
C GLY B 193 17.23 53.50 4.24
N ALA B 194 16.46 52.94 3.31
CA ALA B 194 17.01 52.09 2.25
C ALA B 194 16.06 52.15 1.09
N GLY B 195 16.60 52.07 -0.13
CA GLY B 195 15.77 52.11 -1.31
C GLY B 195 16.17 53.32 -2.11
N ALA B 196 15.19 54.01 -2.70
CA ALA B 196 15.47 55.20 -3.48
C ALA B 196 15.70 56.29 -2.46
N VAL B 197 16.90 56.39 -1.94
CA VAL B 197 17.12 57.40 -0.94
C VAL B 197 18.46 58.11 -1.06
N ASP B 198 18.39 59.46 -1.08
CA ASP B 198 19.59 60.30 -1.15
C ASP B 198 20.05 60.52 0.30
N HIS B 199 21.20 59.96 0.67
CA HIS B 199 21.67 60.08 2.03
C HIS B 199 21.73 61.51 2.56
N GLU B 200 22.33 62.42 1.77
CA GLU B 200 22.48 63.81 2.16
C GLU B 200 21.14 64.48 2.42
N LYS B 201 20.22 64.37 1.47
CA LYS B 201 18.91 64.99 1.65
C LYS B 201 18.22 64.44 2.89
N LEU B 202 18.36 63.13 3.13
CA LEU B 202 17.70 62.55 4.28
C LEU B 202 18.33 63.04 5.54
N VAL B 203 19.61 63.40 5.51
CA VAL B 203 20.25 63.91 6.73
C VAL B 203 19.67 65.30 7.02
N GLN B 204 19.32 66.04 5.97
CA GLN B 204 18.74 67.36 6.12
C GLN B 204 17.39 67.24 6.79
N TYR B 205 16.46 66.58 6.11
CA TYR B 205 15.12 66.39 6.66
C TYR B 205 15.19 65.92 8.10
N ALA B 206 16.19 65.10 8.40
CA ALA B 206 16.38 64.60 9.76
C ALA B 206 16.52 65.77 10.71
N GLN B 207 17.44 66.69 10.42
CA GLN B 207 17.64 67.88 11.25
C GLN B 207 16.31 68.66 11.35
N LYS B 208 15.72 68.95 10.20
CA LYS B 208 14.50 69.70 10.16
C LYS B 208 13.34 69.13 10.97
N TYR B 209 13.21 67.80 11.05
CA TYR B 209 12.07 67.24 11.76
C TYR B 209 12.40 66.49 13.02
N PHE B 210 13.69 66.37 13.32
CA PHE B 210 14.12 65.67 14.51
C PHE B 210 15.17 66.50 15.27
N GLY B 211 15.53 67.66 14.73
CA GLY B 211 16.51 68.49 15.40
C GLY B 211 16.02 68.89 16.77
N HIS B 212 14.73 69.21 16.85
CA HIS B 212 14.10 69.64 18.09
C HIS B 212 14.09 68.55 19.18
N VAL B 213 14.88 67.51 18.98
CA VAL B 213 14.85 66.48 19.98
C VAL B 213 15.95 66.63 21.03
N PRO B 214 15.53 66.62 22.27
CA PRO B 214 16.36 66.73 23.47
C PRO B 214 17.56 65.80 23.40
N LYS B 215 18.70 66.27 23.87
CA LYS B 215 19.88 65.43 23.91
C LYS B 215 19.96 64.85 25.33
N SER B 216 20.61 63.72 25.52
CA SER B 216 20.73 63.22 26.88
C SER B 216 21.77 64.10 27.57
N GLU B 217 21.67 64.26 28.89
CA GLU B 217 22.64 65.09 29.59
C GLU B 217 23.92 64.31 29.81
N SER B 218 23.80 62.98 29.74
CA SER B 218 24.93 62.09 29.92
C SER B 218 24.97 61.10 28.74
N PRO B 219 25.12 61.63 27.51
CA PRO B 219 25.16 60.84 26.28
C PRO B 219 26.14 59.70 26.28
N VAL B 220 25.74 58.58 25.67
CA VAL B 220 26.61 57.42 25.56
C VAL B 220 26.43 56.90 24.16
N PRO B 221 27.54 56.54 23.49
CA PRO B 221 27.45 56.02 22.11
C PRO B 221 26.47 54.83 22.07
N LEU B 222 25.70 54.76 20.98
CA LEU B 222 24.70 53.73 20.85
C LEU B 222 25.08 52.33 21.30
N GLY B 223 26.35 51.96 21.12
CA GLY B 223 26.77 50.61 21.50
C GLY B 223 27.13 50.31 22.95
N SER B 224 27.77 51.30 23.59
CA SER B 224 28.22 51.23 25.00
C SER B 224 27.15 50.76 26.01
N PRO B 225 27.59 49.99 27.02
CA PRO B 225 26.82 49.39 28.13
C PRO B 225 25.81 50.26 28.86
N ARG B 226 24.59 49.74 28.95
CA ARG B 226 23.45 50.40 29.62
C ARG B 226 23.81 50.80 31.06
N GLY B 227 24.39 49.85 31.80
CA GLY B 227 24.79 50.04 33.18
C GLY B 227 25.17 48.67 33.73
N PRO B 228 24.37 48.09 34.64
CA PRO B 228 24.66 46.77 35.22
C PRO B 228 24.18 45.65 34.28
N LEU B 229 25.10 44.77 33.87
CA LEU B 229 24.77 43.65 33.00
C LEU B 229 23.65 42.77 33.54
N PRO B 230 22.69 42.43 32.69
CA PRO B 230 21.61 41.57 33.19
C PRO B 230 22.28 40.32 33.69
N VAL B 231 21.67 39.65 34.62
CA VAL B 231 22.30 38.46 35.08
C VAL B 231 21.35 37.27 34.89
N PHE B 232 21.89 36.15 34.45
CA PHE B 232 21.10 34.96 34.21
C PHE B 232 20.87 34.22 35.53
N CYS B 233 19.62 34.00 35.87
CA CYS B 233 19.26 33.32 37.12
C CYS B 233 18.71 31.94 36.88
N ARG B 234 19.37 30.90 37.35
CA ARG B 234 18.80 29.58 37.09
C ARG B 234 17.49 29.51 37.84
N GLY B 235 16.50 28.89 37.23
CA GLY B 235 15.20 28.77 37.84
C GLY B 235 14.30 27.86 37.03
N GLU B 236 13.11 27.62 37.53
CA GLU B 236 12.14 26.80 36.85
C GLU B 236 10.77 27.28 37.29
N ARG B 237 9.78 27.15 36.41
CA ARG B 237 8.42 27.54 36.74
C ARG B 237 7.51 26.58 36.01
N PHE B 238 6.89 25.68 36.77
CA PHE B 238 5.99 24.69 36.20
C PHE B 238 4.58 25.26 36.30
N ILE B 239 3.85 25.19 35.21
CA ILE B 239 2.51 25.73 35.16
C ILE B 239 1.53 24.63 34.80
N LYS B 240 1.01 23.93 35.82
CA LYS B 240 0.09 22.83 35.60
C LYS B 240 -1.12 23.36 34.88
N GLU B 241 -1.68 22.57 33.96
CA GLU B 241 -2.80 23.02 33.18
C GLU B 241 -3.42 21.83 32.45
N ASN B 242 -3.94 20.88 33.23
CA ASN B 242 -4.52 19.64 32.73
C ASN B 242 -5.47 19.68 31.55
N THR B 243 -5.94 20.87 31.21
CA THR B 243 -6.87 21.01 30.07
C THR B 243 -6.14 21.03 28.71
N LEU B 244 -4.93 21.60 28.67
CA LEU B 244 -4.16 21.68 27.43
C LEU B 244 -3.86 20.31 26.79
N PRO B 245 -4.13 20.16 25.49
CA PRO B 245 -3.89 18.91 24.77
C PRO B 245 -2.40 18.67 24.58
N THR B 246 -1.68 19.78 24.52
CA THR B 246 -0.24 19.79 24.29
C THR B 246 0.52 20.45 25.44
N THR B 247 1.74 19.99 25.69
CA THR B 247 2.57 20.60 26.72
C THR B 247 3.71 21.34 26.04
N HIS B 248 4.04 22.52 26.58
CA HIS B 248 5.07 23.36 26.01
C HIS B 248 6.20 23.62 26.97
N ILE B 249 7.42 23.27 26.56
CA ILE B 249 8.58 23.44 27.40
C ILE B 249 9.63 24.27 26.73
N ALA B 250 10.38 25.03 27.51
CA ALA B 250 11.48 25.85 27.00
C ALA B 250 12.64 25.69 27.96
N ILE B 251 13.81 25.37 27.42
CA ILE B 251 14.98 25.16 28.24
C ILE B 251 16.09 26.06 27.72
N ALA B 252 16.59 26.97 28.56
CA ALA B 252 17.63 27.89 28.12
C ALA B 252 18.86 28.01 28.99
N LEU B 253 19.89 28.57 28.39
CA LEU B 253 21.14 28.82 29.06
C LEU B 253 21.59 30.22 28.66
N GLU B 254 22.39 30.87 29.48
CA GLU B 254 22.87 32.20 29.14
C GLU B 254 23.49 32.14 27.74
N GLY B 255 22.93 32.92 26.85
CA GLY B 255 23.36 32.95 25.48
C GLY B 255 24.45 33.93 25.09
N VAL B 256 24.22 34.63 23.97
CA VAL B 256 25.21 35.55 23.44
C VAL B 256 24.59 36.89 23.08
N SER B 257 25.35 37.97 23.07
CA SER B 257 24.78 39.28 22.74
C SER B 257 25.15 39.77 21.36
N TRP B 258 24.31 40.68 20.82
CA TRP B 258 24.48 41.24 19.48
C TRP B 258 25.94 41.45 19.07
N SER B 259 26.68 42.16 19.92
CA SER B 259 28.07 42.49 19.64
C SER B 259 29.07 41.42 20.06
N ALA B 260 28.60 40.36 20.71
CA ALA B 260 29.53 39.30 21.09
C ALA B 260 30.36 38.76 19.90
N PRO B 261 31.63 38.44 20.14
CA PRO B 261 32.54 37.90 19.10
C PRO B 261 32.08 36.53 18.60
N ASP B 262 31.36 35.79 19.44
CA ASP B 262 30.90 34.45 19.12
C ASP B 262 29.42 34.39 18.71
N TYR B 263 28.86 35.57 18.44
CA TYR B 263 27.46 35.69 18.02
C TYR B 263 27.09 34.68 16.94
N PHE B 264 27.77 34.75 15.79
CA PHE B 264 27.46 33.84 14.70
C PHE B 264 27.79 32.40 15.03
N VAL B 265 28.83 32.19 15.81
CA VAL B 265 29.17 30.83 16.18
C VAL B 265 28.03 30.23 16.99
N ALA B 266 27.35 31.05 17.79
CA ALA B 266 26.24 30.54 18.57
C ALA B 266 25.10 30.19 17.61
N LEU B 267 24.88 31.07 16.64
CA LEU B 267 23.83 30.84 15.65
C LEU B 267 24.15 29.65 14.81
N ALA B 268 25.43 29.39 14.64
CA ALA B 268 25.86 28.23 13.87
C ALA B 268 25.53 26.96 14.67
N THR B 269 25.85 26.95 15.96
CA THR B 269 25.51 25.78 16.76
C THR B 269 24.00 25.59 16.85
N GLN B 270 23.24 26.66 16.84
CA GLN B 270 21.79 26.52 16.87
C GLN B 270 21.38 25.76 15.60
N ALA B 271 21.89 26.21 14.45
CA ALA B 271 21.55 25.59 13.18
C ALA B 271 21.91 24.11 13.12
N ILE B 272 23.03 23.72 13.74
CA ILE B 272 23.44 22.35 13.74
C ILE B 272 22.43 21.48 14.50
N VAL B 273 21.86 21.97 15.59
CA VAL B 273 20.91 21.14 16.27
C VAL B 273 19.64 21.15 15.49
N GLY B 274 19.26 22.35 15.05
CA GLY B 274 18.08 22.47 14.22
C GLY B 274 16.70 22.29 14.79
N ASN B 275 15.70 22.10 13.92
CA ASN B 275 14.33 21.91 14.35
C ASN B 275 13.81 20.56 13.86
N TRP B 276 12.58 20.24 14.23
CA TRP B 276 11.94 19.00 13.84
C TRP B 276 10.46 19.07 14.12
N ASP B 277 9.70 18.49 13.21
CA ASP B 277 8.28 18.45 13.38
C ASP B 277 7.89 17.01 13.10
N ARG B 278 6.97 16.49 13.92
CA ARG B 278 6.52 15.13 13.84
C ARG B 278 5.85 14.82 12.54
N ALA B 279 5.33 15.84 11.88
CA ALA B 279 4.66 15.62 10.61
C ALA B 279 5.54 15.90 9.41
N ILE B 280 6.19 17.05 9.41
CA ILE B 280 7.03 17.51 8.30
C ILE B 280 8.45 16.98 8.22
N GLY B 281 9.05 16.67 9.35
CA GLY B 281 10.42 16.19 9.35
C GLY B 281 11.36 17.27 9.79
N THR B 282 12.50 17.40 9.16
CA THR B 282 13.46 18.42 9.55
C THR B 282 13.64 19.46 8.46
N GLY B 283 13.11 19.21 7.29
CA GLY B 283 13.26 20.20 6.26
C GLY B 283 14.67 20.16 5.74
N THR B 284 15.34 19.06 6.06
CA THR B 284 16.71 18.80 5.65
C THR B 284 16.64 17.46 4.98
N ASN B 285 17.51 17.22 4.00
CA ASN B 285 17.51 15.91 3.38
C ASN B 285 18.02 14.83 4.36
N SER B 286 18.92 15.20 5.27
CA SER B 286 19.48 14.27 6.24
C SER B 286 19.26 14.74 7.66
N PRO B 287 18.46 13.99 8.43
CA PRO B 287 18.11 14.28 9.83
C PRO B 287 19.18 13.90 10.80
N SER B 288 19.32 14.68 11.85
CA SER B 288 20.31 14.45 12.91
C SER B 288 19.87 13.25 13.74
N PRO B 289 20.78 12.73 14.59
CA PRO B 289 20.44 11.59 15.44
C PRO B 289 19.26 11.95 16.32
N LEU B 290 19.24 13.20 16.80
CA LEU B 290 18.15 13.71 17.64
C LEU B 290 16.84 13.65 16.88
N ALA B 291 16.86 14.19 15.67
CA ALA B 291 15.68 14.21 14.82
C ALA B 291 15.17 12.78 14.60
N VAL B 292 16.10 11.85 14.35
CA VAL B 292 15.74 10.47 14.14
C VAL B 292 15.13 9.86 15.39
N ALA B 293 15.77 10.08 16.52
CA ALA B 293 15.29 9.54 17.77
C ALA B 293 13.88 10.07 18.06
N ALA B 294 13.74 11.37 17.93
CA ALA B 294 12.48 12.04 18.19
C ALA B 294 11.31 11.37 17.53
N SER B 295 11.55 10.88 16.32
CA SER B 295 10.50 10.26 15.55
C SER B 295 10.34 8.74 15.70
N GLN B 296 11.37 8.04 16.21
CA GLN B 296 11.27 6.59 16.33
C GLN B 296 10.28 6.13 17.37
N ASN B 297 9.95 4.86 17.26
CA ASN B 297 8.97 4.21 18.12
C ASN B 297 7.90 5.11 18.74
N GLY B 298 6.97 5.54 17.87
CA GLY B 298 5.82 6.32 18.28
C GLY B 298 5.90 7.83 18.35
N SER B 299 7.12 8.36 18.33
CA SER B 299 7.41 9.80 18.43
C SER B 299 7.64 10.16 19.92
N LEU B 300 8.61 11.03 20.17
CA LEU B 300 8.88 11.41 21.53
C LEU B 300 8.34 12.77 21.81
N ALA B 301 7.73 13.38 20.79
CA ALA B 301 7.19 14.72 20.91
C ALA B 301 6.59 15.15 19.60
N ASN B 302 5.86 16.26 19.64
CA ASN B 302 5.21 16.80 18.44
C ASN B 302 6.20 17.60 17.66
N SER B 303 7.01 18.41 18.35
CA SER B 303 7.99 19.22 17.66
C SER B 303 8.98 19.82 18.60
N TYR B 304 10.17 20.12 18.11
CA TYR B 304 11.19 20.79 18.92
C TYR B 304 11.84 21.86 18.03
N MET B 305 12.29 22.93 18.67
CA MET B 305 12.88 24.02 17.92
C MET B 305 13.98 24.76 18.68
N SER B 306 15.16 24.81 18.07
CA SER B 306 16.27 25.50 18.65
C SER B 306 16.01 27.01 18.55
N PHE B 307 16.42 27.78 19.56
CA PHE B 307 16.21 29.23 19.54
C PHE B 307 17.40 29.97 20.10
N SER B 308 17.63 31.19 19.65
CA SER B 308 18.73 31.95 20.18
C SER B 308 18.42 33.41 20.18
N THR B 309 17.95 33.94 21.31
CA THR B 309 17.63 35.36 21.43
C THR B 309 18.81 36.24 21.88
N SER B 310 18.94 37.43 21.30
CA SER B 310 20.00 38.35 21.67
C SER B 310 19.54 39.74 22.05
N TYR B 311 20.33 40.36 22.91
CA TYR B 311 20.16 41.70 23.42
C TYR B 311 21.56 42.31 23.38
N ALA B 312 21.65 43.61 23.63
CA ALA B 312 22.93 44.31 23.59
C ALA B 312 23.86 43.85 24.69
N ASP B 313 23.29 43.53 25.85
CA ASP B 313 24.07 43.08 26.98
C ASP B 313 23.80 41.64 27.42
N SER B 314 23.02 40.87 26.69
CA SER B 314 22.78 39.49 27.13
C SER B 314 22.25 38.59 26.03
N GLY B 315 21.85 37.37 26.41
CA GLY B 315 21.32 36.42 25.45
C GLY B 315 20.76 35.12 26.04
N LEU B 316 19.81 34.50 25.32
CA LEU B 316 19.22 33.23 25.74
C LEU B 316 19.42 32.25 24.60
N TRP B 317 19.78 31.03 24.91
CA TRP B 317 20.04 30.03 23.86
C TRP B 317 19.47 28.70 24.37
N GLY B 318 18.66 28.03 23.57
CA GLY B 318 18.08 26.78 24.04
C GLY B 318 17.14 26.06 23.09
N MET B 319 16.28 25.25 23.66
CA MET B 319 15.36 24.45 22.90
C MET B 319 13.94 24.72 23.30
N TYR B 320 13.03 24.66 22.37
CA TYR B 320 11.62 24.83 22.70
C TYR B 320 10.94 23.53 22.31
N ILE B 321 10.33 22.83 23.25
CA ILE B 321 9.67 21.56 22.91
C ILE B 321 8.16 21.62 23.00
N VAL B 322 7.49 20.77 22.23
CA VAL B 322 6.03 20.66 22.24
C VAL B 322 5.65 19.18 22.23
N THR B 323 5.00 18.74 23.30
CA THR B 323 4.61 17.35 23.40
C THR B 323 3.11 17.19 23.51
N ASP B 324 2.66 15.97 23.24
CA ASP B 324 1.26 15.60 23.37
C ASP B 324 1.08 15.37 24.87
N SER B 325 0.19 16.13 25.50
CA SER B 325 -0.01 16.01 26.94
C SER B 325 -0.48 14.65 27.43
N ASN B 326 -0.96 13.81 26.51
CA ASN B 326 -1.46 12.52 26.90
C ASN B 326 -0.64 11.38 26.35
N GLU B 327 0.29 11.69 25.47
CA GLU B 327 1.06 10.60 24.88
C GLU B 327 2.55 10.55 25.21
N HIS B 328 3.18 11.70 25.37
CA HIS B 328 4.59 11.74 25.60
C HIS B 328 5.15 11.87 27.02
N ASN B 329 6.28 11.20 27.26
CA ASN B 329 6.98 11.33 28.52
C ASN B 329 8.03 12.43 28.20
N VAL B 330 7.77 13.65 28.66
CA VAL B 330 8.67 14.74 28.33
C VAL B 330 10.15 14.45 28.61
N ARG B 331 10.39 13.66 29.64
CA ARG B 331 11.76 13.30 30.04
C ARG B 331 12.50 12.56 28.90
N LEU B 332 11.75 11.73 28.16
CA LEU B 332 12.38 10.98 27.08
C LEU B 332 12.93 11.92 26.02
N ILE B 333 12.16 12.95 25.66
CA ILE B 333 12.61 13.86 24.61
C ILE B 333 13.75 14.76 25.13
N VAL B 334 13.65 15.20 26.39
CA VAL B 334 14.68 16.07 26.95
C VAL B 334 16.02 15.35 26.93
N ASN B 335 16.00 14.06 27.23
CA ASN B 335 17.24 13.31 27.23
C ASN B 335 17.93 13.33 25.88
N GLU B 336 17.16 13.06 24.82
CA GLU B 336 17.75 13.07 23.49
C GLU B 336 18.31 14.46 23.14
N ILE B 337 17.62 15.53 23.53
CA ILE B 337 18.10 16.86 23.26
C ILE B 337 19.43 17.10 24.03
N LEU B 338 19.47 16.67 25.30
CA LEU B 338 20.69 16.83 26.06
C LEU B 338 21.76 15.96 25.41
N LYS B 339 21.37 14.77 24.99
CA LYS B 339 22.31 13.85 24.37
C LYS B 339 22.91 14.44 23.12
N GLU B 340 22.15 15.29 22.44
CA GLU B 340 22.62 15.93 21.21
C GLU B 340 23.59 17.08 21.49
N TRP B 341 23.34 17.80 22.57
CA TRP B 341 24.23 18.87 22.92
C TRP B 341 25.56 18.25 23.35
N LYS B 342 25.48 17.14 24.08
CA LYS B 342 26.70 16.48 24.54
C LYS B 342 27.48 16.01 23.34
N ARG B 343 26.79 15.53 22.32
CA ARG B 343 27.45 15.10 21.11
C ARG B 343 28.26 16.26 20.50
N ILE B 344 27.69 17.46 20.48
CA ILE B 344 28.39 18.58 19.90
C ILE B 344 29.61 18.83 20.75
N LYS B 345 29.41 18.85 22.08
CA LYS B 345 30.50 19.10 23.04
C LYS B 345 31.65 18.11 22.87
N SER B 346 31.31 16.85 22.62
CA SER B 346 32.32 15.82 22.45
C SER B 346 32.97 15.82 21.07
N GLY B 347 32.63 16.75 20.21
CA GLY B 347 33.26 16.80 18.90
C GLY B 347 32.71 15.89 17.81
N LYS B 348 31.94 14.85 18.18
CA LYS B 348 31.33 13.91 17.20
C LYS B 348 30.35 14.51 16.17
N ILE B 349 30.76 15.56 15.46
CA ILE B 349 29.92 16.19 14.44
C ILE B 349 30.77 16.23 13.18
N SER B 350 30.15 16.01 12.01
CA SER B 350 30.89 15.98 10.76
C SER B 350 31.15 17.31 10.06
N ASP B 351 32.14 17.34 9.17
CA ASP B 351 32.43 18.58 8.42
C ASP B 351 31.18 18.91 7.62
N ALA B 352 30.57 17.87 7.09
CA ALA B 352 29.38 18.02 6.28
C ALA B 352 28.25 18.73 6.98
N GLU B 353 27.94 18.35 8.23
CA GLU B 353 26.84 19.02 8.87
C GLU B 353 27.18 20.40 9.36
N VAL B 354 28.47 20.68 9.51
CA VAL B 354 28.87 22.01 9.90
C VAL B 354 28.64 22.91 8.69
N ASN B 355 29.06 22.42 7.55
CA ASN B 355 28.89 23.20 6.32
C ASN B 355 27.44 23.46 6.02
N ARG B 356 26.59 22.47 6.25
CA ARG B 356 25.16 22.60 6.01
C ARG B 356 24.63 23.77 6.87
N ALA B 357 25.00 23.75 8.15
CA ALA B 357 24.63 24.79 9.08
C ALA B 357 25.18 26.16 8.62
N LYS B 358 26.45 26.24 8.27
CA LYS B 358 26.95 27.52 7.84
C LYS B 358 26.15 28.01 6.63
N ALA B 359 25.79 27.09 5.76
CA ALA B 359 25.03 27.44 4.57
C ALA B 359 23.59 27.87 4.88
N GLN B 360 22.96 27.14 5.83
CA GLN B 360 21.62 27.43 6.26
C GLN B 360 21.65 28.86 6.83
N LEU B 361 22.63 29.06 7.72
CA LEU B 361 22.81 30.32 8.40
C LEU B 361 23.05 31.45 7.42
N LYS B 362 23.96 31.25 6.50
CA LYS B 362 24.22 32.29 5.54
C LYS B 362 22.98 32.70 4.78
N ALA B 363 22.19 31.75 4.34
CA ALA B 363 21.02 32.10 3.56
C ALA B 363 20.02 32.86 4.42
N ALA B 364 19.83 32.37 5.62
CA ALA B 364 18.90 32.98 6.55
C ALA B 364 19.24 34.43 6.89
N LEU B 365 20.53 34.76 6.96
CA LEU B 365 20.93 36.13 7.29
C LEU B 365 21.05 37.06 6.09
N LEU B 366 21.34 36.53 4.91
CA LEU B 366 21.57 37.41 3.79
C LEU B 366 20.60 37.43 2.64
N LEU B 367 20.18 36.24 2.22
CA LEU B 367 19.25 36.13 1.10
C LEU B 367 17.91 36.70 1.51
N SER B 368 17.68 36.75 2.80
CA SER B 368 16.45 37.29 3.29
C SER B 368 16.44 38.82 3.36
N LEU B 369 17.57 39.50 3.11
CA LEU B 369 17.59 40.98 3.11
C LEU B 369 17.22 41.41 1.70
N ASP B 370 15.96 41.17 1.32
CA ASP B 370 15.51 41.51 -0.01
C ASP B 370 14.85 42.88 -0.16
N GLY B 371 13.70 43.10 0.43
CA GLY B 371 13.09 44.41 0.26
C GLY B 371 13.78 45.58 0.96
N SER B 372 13.39 46.82 0.63
CA SER B 372 14.00 47.97 1.30
C SER B 372 13.61 47.90 2.78
N THR B 373 12.39 47.43 3.06
CA THR B 373 11.88 47.29 4.42
C THR B 373 12.70 46.29 5.21
N ALA B 374 12.96 45.12 4.64
CA ALA B 374 13.77 44.13 5.34
C ALA B 374 15.16 44.68 5.61
N ILE B 375 15.68 45.48 4.66
CA ILE B 375 17.00 46.07 4.78
C ILE B 375 17.02 47.16 5.81
N VAL B 376 15.96 47.97 5.85
CA VAL B 376 15.90 49.04 6.86
C VAL B 376 15.86 48.35 8.23
N GLU B 377 15.07 47.30 8.33
CA GLU B 377 14.98 46.56 9.58
C GLU B 377 16.38 46.17 10.07
N ASP B 378 17.27 45.84 9.13
CA ASP B 378 18.62 45.42 9.50
C ASP B 378 19.48 46.61 9.89
N ILE B 379 19.49 47.65 9.06
CA ILE B 379 20.28 48.82 9.38
C ILE B 379 19.87 49.32 10.77
N GLY B 380 18.59 49.66 10.87
CA GLY B 380 18.02 50.15 12.11
C GLY B 380 18.38 49.33 13.34
N ARG B 381 18.01 48.06 13.35
CA ARG B 381 18.32 47.27 14.52
C ARG B 381 19.79 47.16 14.81
N GLN B 382 20.60 46.92 13.79
CA GLN B 382 22.02 46.78 14.06
C GLN B 382 22.65 48.05 14.71
N VAL B 383 22.34 49.21 14.14
CA VAL B 383 22.90 50.44 14.67
C VAL B 383 22.32 50.80 16.04
N VAL B 384 21.00 50.84 16.17
CA VAL B 384 20.39 51.19 17.46
C VAL B 384 20.64 50.25 18.63
N THR B 385 21.34 49.16 18.41
CA THR B 385 21.56 48.21 19.49
C THR B 385 23.03 47.86 19.51
N THR B 386 23.76 48.37 18.52
CA THR B 386 25.15 48.02 18.43
C THR B 386 26.06 49.16 18.05
N GLY B 387 25.51 50.16 17.38
CA GLY B 387 26.30 51.29 16.96
C GLY B 387 26.97 51.19 15.60
N LYS B 388 26.58 50.20 14.79
CA LYS B 388 27.16 50.04 13.45
C LYS B 388 26.36 49.02 12.68
N ARG B 389 26.71 48.83 11.41
CA ARG B 389 26.01 47.85 10.60
C ARG B 389 27.06 46.99 9.92
N LEU B 390 27.00 45.69 10.16
CA LEU B 390 27.92 44.83 9.47
C LEU B 390 27.27 44.63 8.11
N SER B 391 27.97 45.01 7.05
CA SER B 391 27.43 44.84 5.70
C SER B 391 27.23 43.36 5.39
N PRO B 392 26.35 43.07 4.42
CA PRO B 392 26.04 41.70 3.99
C PRO B 392 27.37 40.99 3.78
N GLU B 393 28.26 41.66 3.05
CA GLU B 393 29.60 41.19 2.74
C GLU B 393 30.35 40.79 4.02
N GLU B 394 30.31 41.65 5.05
CA GLU B 394 30.99 41.37 6.31
C GLU B 394 30.35 40.17 6.99
N VAL B 395 29.02 40.14 7.02
CA VAL B 395 28.32 39.03 7.67
C VAL B 395 28.65 37.75 6.98
N PHE B 396 28.79 37.81 5.67
CA PHE B 396 29.12 36.59 4.98
C PHE B 396 30.51 36.10 5.44
N GLU B 397 31.45 37.01 5.64
CA GLU B 397 32.77 36.60 6.09
C GLU B 397 32.70 36.01 7.50
N GLN B 398 31.97 36.67 8.40
CA GLN B 398 31.85 36.17 9.75
C GLN B 398 31.33 34.74 9.82
N VAL B 399 30.38 34.39 8.97
CA VAL B 399 29.85 33.06 9.05
C VAL B 399 30.79 32.12 8.35
N ASP B 400 31.18 32.48 7.14
CA ASP B 400 32.06 31.61 6.36
C ASP B 400 33.34 31.12 7.08
N LYS B 401 33.87 31.92 7.99
CA LYS B 401 35.08 31.51 8.68
C LYS B 401 34.88 30.61 9.85
N ILE B 402 33.63 30.39 10.28
CA ILE B 402 33.41 29.52 11.43
C ILE B 402 33.91 28.14 11.13
N THR B 403 34.45 27.46 12.14
CA THR B 403 34.99 26.10 11.97
C THR B 403 34.38 25.10 12.91
N LYS B 404 34.60 23.81 12.63
CA LYS B 404 34.07 22.70 13.43
C LYS B 404 34.54 22.96 14.85
N ASP B 405 35.82 23.26 14.97
CA ASP B 405 36.40 23.51 16.27
C ASP B 405 35.75 24.70 16.96
N ASP B 406 35.57 25.80 16.21
CA ASP B 406 34.96 27.00 16.79
C ASP B 406 33.68 26.63 17.52
N ILE B 407 32.82 25.87 16.85
CA ILE B 407 31.57 25.41 17.42
C ILE B 407 31.77 24.55 18.65
N ILE B 408 32.67 23.57 18.56
CA ILE B 408 32.91 22.69 19.70
C ILE B 408 33.36 23.45 20.95
N MET B 409 34.16 24.50 20.78
CA MET B 409 34.62 25.27 21.94
C MET B 409 33.45 25.99 22.54
N TRP B 410 32.69 26.64 21.66
CA TRP B 410 31.53 27.41 22.07
C TRP B 410 30.58 26.53 22.86
N ALA B 411 30.33 25.32 22.36
CA ALA B 411 29.44 24.39 23.02
C ALA B 411 29.94 24.03 24.43
N ASN B 412 31.24 23.83 24.57
CA ASN B 412 31.84 23.48 25.85
C ASN B 412 31.86 24.64 26.81
N TYR B 413 31.97 25.85 26.29
CA TYR B 413 31.98 26.98 27.20
C TYR B 413 30.59 27.22 27.78
N ARG B 414 29.58 27.26 26.90
CA ARG B 414 28.19 27.52 27.27
C ARG B 414 27.29 26.37 27.72
N LEU B 415 27.63 25.14 27.39
CA LEU B 415 26.76 24.05 27.75
C LEU B 415 27.41 23.05 28.72
N GLN B 416 28.38 23.57 29.48
CA GLN B 416 29.11 22.76 30.48
C GLN B 416 29.30 23.59 31.76
N ASN B 417 28.78 23.05 32.85
CA ASN B 417 28.86 23.68 34.17
C ASN B 417 28.37 25.11 34.13
N LYS B 418 27.17 25.26 33.61
CA LYS B 418 26.54 26.58 33.52
C LYS B 418 25.09 26.39 33.88
N PRO B 419 24.47 27.41 34.43
CA PRO B 419 23.07 27.43 34.88
C PRO B 419 22.04 27.33 33.78
N VAL B 420 20.91 26.72 34.10
CA VAL B 420 19.84 26.61 33.11
C VAL B 420 18.50 26.94 33.76
N SER B 421 17.70 27.77 33.08
CA SER B 421 16.38 28.11 33.56
C SER B 421 15.41 27.35 32.64
N MET B 422 14.19 27.14 33.12
CA MET B 422 13.23 26.36 32.35
C MET B 422 11.79 26.72 32.71
N VAL B 423 10.86 26.42 31.79
CA VAL B 423 9.44 26.72 31.97
C VAL B 423 8.64 25.62 31.30
N ALA B 424 7.56 25.18 31.93
CA ALA B 424 6.74 24.15 31.34
C ALA B 424 5.29 24.57 31.54
N LEU B 425 4.47 24.33 30.52
CA LEU B 425 3.04 24.68 30.56
C LEU B 425 2.24 23.51 30.04
N GLY B 426 1.26 23.05 30.81
CA GLY B 426 0.44 21.94 30.37
C GLY B 426 0.51 20.82 31.37
N ASN B 427 0.65 19.57 30.88
CA ASN B 427 0.73 18.38 31.73
C ASN B 427 2.14 18.30 32.27
N THR B 428 2.39 19.16 33.22
CA THR B 428 3.67 19.30 33.87
C THR B 428 4.21 18.00 34.52
N SER B 429 3.33 17.06 34.86
CA SER B 429 3.71 15.82 35.55
C SER B 429 4.90 14.98 35.04
N THR B 430 5.25 15.10 33.78
CA THR B 430 6.30 14.29 33.21
C THR B 430 7.57 15.10 32.90
N VAL B 431 7.61 16.38 33.26
CA VAL B 431 8.77 17.24 32.95
C VAL B 431 9.85 17.22 34.01
N PRO B 432 11.11 16.94 33.63
CA PRO B 432 12.16 16.91 34.66
C PRO B 432 12.49 18.34 35.11
N ASN B 433 13.07 18.50 36.29
CA ASN B 433 13.39 19.84 36.77
C ASN B 433 14.80 20.30 36.37
N VAL B 434 15.14 21.53 36.72
CA VAL B 434 16.43 22.09 36.37
C VAL B 434 17.68 21.36 36.86
N SER B 435 17.73 20.92 38.11
CA SER B 435 18.91 20.20 38.60
C SER B 435 19.08 18.83 37.85
N TYR B 436 17.98 18.25 37.35
CA TYR B 436 18.06 17.01 36.61
C TYR B 436 18.76 17.31 35.29
N ILE B 437 18.25 18.32 34.61
CA ILE B 437 18.81 18.73 33.32
C ILE B 437 20.29 19.03 33.44
N GLU B 438 20.65 19.84 34.44
CA GLU B 438 22.05 20.22 34.63
C GLU B 438 22.91 19.00 34.93
N GLU B 439 22.36 18.05 35.70
CA GLU B 439 23.13 16.86 36.03
C GLU B 439 23.47 16.11 34.74
N LYS B 440 22.43 15.80 33.95
CA LYS B 440 22.59 15.06 32.70
C LYS B 440 23.41 15.84 31.69
N LEU B 441 23.23 17.14 31.61
CA LEU B 441 23.96 17.93 30.64
C LEU B 441 25.43 17.92 30.95
N ASN B 442 25.76 18.26 32.20
CA ASN B 442 27.14 18.35 32.70
C ASN B 442 27.80 16.99 32.94
N GLN B 443 26.97 15.99 33.12
CA GLN B 443 27.39 14.61 33.34
C GLN B 443 28.42 14.18 32.30
N THR C 3 -1.23 -21.85 23.43
CA THR C 3 0.09 -22.21 22.84
C THR C 3 1.28 -21.40 23.38
N ASP C 4 2.42 -22.09 23.45
CA ASP C 4 3.67 -21.59 23.96
C ASP C 4 4.20 -20.41 23.20
N ASN C 5 4.15 -20.54 21.88
CA ASN C 5 4.69 -19.56 20.94
C ASN C 5 6.16 -19.97 20.91
N PHE C 6 6.34 -21.27 21.10
CA PHE C 6 7.63 -21.91 21.11
C PHE C 6 8.18 -22.12 19.72
N LYS C 7 9.34 -21.53 19.43
CA LYS C 7 10.00 -21.70 18.14
C LYS C 7 11.40 -22.22 18.40
N LEU C 8 11.86 -23.12 17.53
CA LEU C 8 13.18 -23.72 17.65
C LEU C 8 13.93 -23.84 16.33
N SER C 9 15.09 -23.22 16.19
CA SER C 9 15.88 -23.41 14.97
C SER C 9 17.36 -23.70 15.32
N SER C 10 18.24 -23.72 14.32
CA SER C 10 19.66 -24.01 14.58
C SER C 10 20.54 -23.14 13.75
N LEU C 11 21.75 -22.91 14.22
CA LEU C 11 22.74 -22.14 13.47
C LEU C 11 23.52 -23.23 12.72
N ALA C 12 24.25 -22.85 11.69
CA ALA C 12 25.01 -23.84 10.96
C ALA C 12 25.94 -24.63 11.86
N ASN C 13 26.48 -24.02 12.91
CA ASN C 13 27.40 -24.79 13.74
C ASN C 13 26.75 -25.75 14.72
N GLY C 14 25.42 -25.87 14.71
CA GLY C 14 24.81 -26.85 15.60
C GLY C 14 24.15 -26.34 16.85
N LEU C 15 24.32 -25.03 17.12
CA LEU C 15 23.72 -24.41 18.29
C LEU C 15 22.22 -24.35 18.08
N LYS C 16 21.43 -24.99 18.94
CA LYS C 16 19.99 -24.89 18.81
C LYS C 16 19.56 -23.58 19.53
N VAL C 17 18.67 -22.80 18.90
CA VAL C 17 18.19 -21.53 19.47
C VAL C 17 16.71 -21.68 19.73
N ALA C 18 16.28 -21.51 21.00
CA ALA C 18 14.85 -21.68 21.36
C ALA C 18 14.23 -20.53 22.10
N THR C 19 13.05 -20.14 21.64
CA THR C 19 12.31 -19.04 22.26
C THR C 19 10.89 -19.48 22.59
N SER C 20 10.28 -18.85 23.59
CA SER C 20 8.89 -19.20 23.92
C SER C 20 8.23 -18.00 24.59
N ASN C 21 6.92 -17.99 24.51
CA ASN C 21 6.09 -16.95 25.09
C ASN C 21 6.21 -15.59 24.34
N THR C 22 5.41 -14.62 24.78
CA THR C 22 5.39 -13.31 24.19
C THR C 22 5.92 -12.22 25.10
N PRO C 23 6.20 -11.05 24.52
CA PRO C 23 6.73 -9.94 25.30
C PRO C 23 6.04 -9.68 26.62
N GLY C 24 6.85 -9.45 27.65
CA GLY C 24 6.32 -9.18 28.97
C GLY C 24 7.03 -8.03 29.67
N HIS C 25 6.92 -7.91 30.98
CA HIS C 25 7.57 -6.80 31.65
C HIS C 25 9.09 -6.87 31.64
N PHE C 26 9.63 -8.08 31.46
CA PHE C 26 11.07 -8.27 31.37
C PHE C 26 11.34 -9.59 30.65
N SER C 27 12.60 -9.91 30.35
CA SER C 27 12.91 -11.16 29.65
C SER C 27 13.84 -12.03 30.43
N ALA C 28 13.96 -13.26 29.98
CA ALA C 28 14.87 -14.23 30.60
C ALA C 28 15.67 -14.92 29.51
N LEU C 29 16.92 -15.23 29.77
CA LEU C 29 17.70 -15.94 28.78
C LEU C 29 18.80 -16.77 29.40
N GLY C 30 19.32 -17.71 28.64
CA GLY C 30 20.39 -18.53 29.17
C GLY C 30 21.02 -19.52 28.23
N LEU C 31 22.25 -19.90 28.50
CA LEU C 31 22.93 -20.90 27.70
C LEU C 31 22.92 -22.19 28.52
N TYR C 32 22.58 -23.29 27.87
CA TYR C 32 22.53 -24.59 28.53
C TYR C 32 23.47 -25.58 27.84
N ILE C 33 24.48 -26.04 28.55
CA ILE C 33 25.44 -26.98 28.00
C ILE C 33 25.12 -28.36 28.54
N ASP C 34 25.31 -29.37 27.72
CA ASP C 34 25.03 -30.73 28.18
C ASP C 34 26.27 -31.36 28.83
N ALA C 35 26.56 -30.94 30.06
CA ALA C 35 27.70 -31.45 30.82
C ALA C 35 27.25 -31.70 32.25
N GLY C 36 28.17 -31.81 33.19
CA GLY C 36 27.77 -32.08 34.56
C GLY C 36 28.64 -33.16 35.15
N SER C 37 28.53 -33.40 36.45
CA SER C 37 29.36 -34.42 37.07
C SER C 37 29.16 -35.83 36.54
N ARG C 38 28.05 -36.13 35.86
CA ARG C 38 27.91 -37.52 35.39
C ARG C 38 28.87 -37.88 34.25
N PHE C 39 29.58 -36.87 33.75
CA PHE C 39 30.52 -37.04 32.67
C PHE C 39 31.95 -36.80 33.13
N GLU C 40 32.17 -36.57 34.41
CA GLU C 40 33.53 -36.25 34.80
C GLU C 40 34.46 -37.42 34.80
N GLY C 41 33.92 -38.62 34.88
CA GLY C 41 34.82 -39.76 34.90
C GLY C 41 35.68 -39.61 36.14
N ARG C 42 36.85 -40.23 36.16
CA ARG C 42 37.70 -40.11 37.34
C ARG C 42 38.73 -38.98 37.10
N ASN C 43 39.01 -38.71 35.83
CA ASN C 43 40.00 -37.68 35.46
C ASN C 43 39.62 -36.26 35.68
N LEU C 44 38.36 -35.99 35.42
CA LEU C 44 37.87 -34.64 35.51
C LEU C 44 37.04 -34.36 36.77
N LYS C 45 37.12 -35.27 37.73
CA LYS C 45 36.37 -35.13 38.96
C LYS C 45 36.56 -33.73 39.58
N GLY C 46 35.45 -33.03 39.79
CA GLY C 46 35.47 -31.69 40.38
C GLY C 46 35.45 -30.52 39.39
N CYS C 47 35.73 -30.81 38.13
CA CYS C 47 35.78 -29.76 37.13
C CYS C 47 34.51 -28.98 36.90
N THR C 48 33.38 -29.69 36.79
CA THR C 48 32.10 -29.02 36.53
C THR C 48 31.81 -27.96 37.60
N HIS C 49 32.07 -28.28 38.86
CA HIS C 49 31.82 -27.31 39.89
C HIS C 49 32.75 -26.11 39.78
N ILE C 50 34.05 -26.34 39.67
CA ILE C 50 34.98 -25.25 39.60
C ILE C 50 34.71 -24.36 38.42
N LEU C 51 34.33 -24.96 37.31
CA LEU C 51 34.04 -24.14 36.14
C LEU C 51 32.82 -23.28 36.40
N ASP C 52 31.79 -23.81 37.03
CA ASP C 52 30.62 -22.96 37.25
C ASP C 52 30.88 -21.86 38.29
N ARG C 53 31.80 -22.09 39.22
CA ARG C 53 32.11 -21.09 40.23
C ARG C 53 33.03 -20.05 39.59
N LEU C 54 33.51 -20.41 38.41
CA LEU C 54 34.44 -19.57 37.66
C LEU C 54 33.73 -18.71 36.62
N ALA C 55 32.42 -18.86 36.52
CA ALA C 55 31.66 -18.12 35.56
C ALA C 55 31.67 -16.61 35.77
N PHE C 56 31.57 -15.90 34.67
CA PHE C 56 31.52 -14.45 34.69
C PHE C 56 32.70 -13.80 35.38
N LYS C 57 33.87 -14.42 35.26
CA LYS C 57 35.09 -13.79 35.76
C LYS C 57 35.73 -13.16 34.51
N SER C 58 37.02 -12.86 34.50
CA SER C 58 37.59 -12.21 33.31
C SER C 58 37.58 -13.07 32.04
N THR C 59 37.52 -12.42 30.88
CA THR C 59 37.50 -13.10 29.58
C THR C 59 38.41 -12.39 28.58
N GLU C 60 38.57 -12.99 27.41
CA GLU C 60 39.45 -12.40 26.42
C GLU C 60 39.10 -10.99 26.03
N HIS C 61 37.82 -10.66 26.05
CA HIS C 61 37.42 -9.31 25.66
C HIS C 61 36.84 -8.45 26.76
N VAL C 62 36.72 -8.96 27.97
CA VAL C 62 36.17 -8.14 29.04
C VAL C 62 36.99 -8.32 30.30
N GLU C 63 37.42 -7.21 30.88
CA GLU C 63 38.21 -7.23 32.11
C GLU C 63 37.37 -7.76 33.27
N GLY C 64 37.98 -8.49 34.19
CA GLY C 64 37.24 -9.00 35.31
C GLY C 64 36.36 -7.96 36.02
N ARG C 65 36.92 -6.81 36.36
CA ARG C 65 36.15 -5.77 37.02
C ARG C 65 35.00 -5.31 36.12
N ALA C 66 35.31 -5.00 34.87
CA ALA C 66 34.32 -4.58 33.92
C ALA C 66 33.15 -5.56 33.84
N MET C 67 33.47 -6.86 33.84
CA MET C 67 32.44 -7.89 33.73
C MET C 67 31.48 -7.78 34.90
N ALA C 68 32.07 -7.65 36.08
CA ALA C 68 31.30 -7.55 37.30
C ALA C 68 30.41 -6.30 37.32
N GLU C 69 30.99 -5.11 37.18
CA GLU C 69 30.23 -3.90 37.20
C GLU C 69 29.16 -3.86 36.13
N THR C 70 29.37 -4.46 34.95
CA THR C 70 28.33 -4.40 33.93
C THR C 70 27.19 -5.32 34.31
N LEU C 71 27.51 -6.44 34.93
CA LEU C 71 26.46 -7.33 35.33
C LEU C 71 25.69 -6.60 36.41
N GLU C 72 26.38 -5.83 37.25
CA GLU C 72 25.71 -5.10 38.32
C GLU C 72 24.68 -4.16 37.69
N LEU C 73 25.10 -3.40 36.68
CA LEU C 73 24.20 -2.47 36.06
C LEU C 73 23.09 -3.12 35.27
N LEU C 74 23.07 -4.44 35.14
CA LEU C 74 21.97 -5.07 34.42
C LEU C 74 21.01 -5.66 35.45
N GLY C 75 21.20 -5.24 36.69
CA GLY C 75 20.31 -5.73 37.72
C GLY C 75 20.92 -6.89 38.46
N GLY C 76 22.08 -7.34 37.97
CA GLY C 76 22.77 -8.46 38.58
C GLY C 76 21.94 -9.70 38.93
N ASN C 77 20.87 -9.98 38.19
CA ASN C 77 20.07 -11.14 38.49
C ASN C 77 20.45 -12.31 37.56
N TYR C 78 21.65 -12.84 37.76
CA TYR C 78 22.16 -13.91 36.90
C TYR C 78 22.88 -14.98 37.71
N GLN C 79 23.05 -16.16 37.15
CA GLN C 79 23.79 -17.19 37.88
C GLN C 79 24.21 -18.37 37.03
N CYS C 80 25.25 -19.07 37.47
CA CYS C 80 25.70 -20.25 36.75
C CYS C 80 25.69 -21.33 37.78
N THR C 81 25.06 -22.44 37.46
CA THR C 81 25.02 -23.54 38.39
C THR C 81 25.10 -24.80 37.56
N SER C 82 25.39 -25.92 38.21
CA SER C 82 25.52 -27.22 37.53
C SER C 82 25.04 -28.33 38.44
N SER C 83 24.67 -29.45 37.82
CA SER C 83 24.17 -30.62 38.52
C SER C 83 24.87 -31.87 38.01
N ARG C 84 24.30 -33.02 38.28
CA ARG C 84 24.85 -34.26 37.82
C ARG C 84 24.69 -34.25 36.31
N GLU C 85 23.62 -33.64 35.80
CA GLU C 85 23.39 -33.63 34.35
C GLU C 85 23.31 -32.33 33.61
N ASN C 86 23.65 -31.21 34.23
CA ASN C 86 23.56 -29.95 33.47
C ASN C 86 24.48 -28.87 33.97
N LEU C 87 24.70 -27.89 33.11
CA LEU C 87 25.58 -26.77 33.40
C LEU C 87 24.82 -25.67 32.75
N MET C 88 24.39 -24.68 33.51
CA MET C 88 23.60 -23.60 32.88
C MET C 88 23.93 -22.19 33.34
N TYR C 89 23.81 -21.25 32.41
CA TYR C 89 24.04 -19.85 32.72
C TYR C 89 22.70 -19.19 32.44
N GLN C 90 22.02 -18.68 33.46
CA GLN C 90 20.74 -18.02 33.22
C GLN C 90 20.67 -16.67 33.88
N ALA C 91 19.68 -15.89 33.46
CA ALA C 91 19.47 -14.56 34.04
C ALA C 91 18.21 -13.98 33.47
N SER C 92 17.59 -13.07 34.24
CA SER C 92 16.42 -12.35 33.76
C SER C 92 16.87 -10.88 33.80
N VAL C 93 16.56 -10.17 32.72
CA VAL C 93 16.95 -8.78 32.59
C VAL C 93 15.85 -7.98 31.95
N PHE C 94 16.00 -6.66 31.98
CA PHE C 94 14.98 -5.82 31.37
C PHE C 94 15.08 -6.01 29.88
N ASN C 95 13.92 -6.09 29.21
CA ASN C 95 13.84 -6.34 27.77
C ASN C 95 14.91 -5.76 26.88
N GLN C 96 15.22 -4.50 27.05
CA GLN C 96 16.23 -3.89 26.20
C GLN C 96 17.64 -4.41 26.44
N ASP C 97 17.88 -5.10 27.55
CA ASP C 97 19.23 -5.58 27.84
C ASP C 97 19.54 -7.04 27.43
N VAL C 98 18.61 -7.69 26.77
CA VAL C 98 18.84 -9.05 26.34
C VAL C 98 20.17 -9.22 25.58
N GLY C 99 20.43 -8.35 24.61
CA GLY C 99 21.64 -8.48 23.83
C GLY C 99 22.91 -8.34 24.61
N LYS C 100 22.96 -7.37 25.53
CA LYS C 100 24.16 -7.15 26.30
C LYS C 100 24.45 -8.34 27.22
N MET C 101 23.39 -8.87 27.84
CA MET C 101 23.52 -10.03 28.72
C MET C 101 24.02 -11.21 27.89
N LEU C 102 23.36 -11.48 26.76
CA LEU C 102 23.77 -12.58 25.91
C LEU C 102 25.23 -12.45 25.47
N GLN C 103 25.65 -11.23 25.12
CA GLN C 103 27.03 -11.03 24.74
C GLN C 103 27.96 -11.46 25.90
N LEU C 104 27.62 -11.05 27.13
CA LEU C 104 28.44 -11.40 28.26
C LEU C 104 28.46 -12.90 28.55
N MET C 105 27.31 -13.57 28.47
CA MET C 105 27.29 -15.01 28.70
C MET C 105 28.17 -15.66 27.62
N SER C 106 28.20 -15.07 26.42
CA SER C 106 29.03 -15.61 25.36
C SER C 106 30.48 -15.55 25.75
N GLU C 107 30.92 -14.36 26.15
CA GLU C 107 32.28 -14.15 26.57
C GLU C 107 32.75 -15.16 27.61
N THR C 108 31.92 -15.44 28.61
CA THR C 108 32.30 -16.36 29.68
C THR C 108 32.29 -17.80 29.18
N VAL C 109 31.35 -18.13 28.32
CA VAL C 109 31.29 -19.47 27.81
C VAL C 109 32.34 -19.76 26.77
N ARG C 110 32.67 -18.79 25.92
CA ARG C 110 33.66 -19.00 24.88
C ARG C 110 35.05 -18.51 25.13
N PHE C 111 35.23 -17.42 25.88
CA PHE C 111 36.57 -16.88 26.09
C PHE C 111 37.04 -16.66 27.53
N PRO C 112 36.71 -17.59 28.42
CA PRO C 112 37.17 -17.35 29.78
C PRO C 112 38.68 -17.31 29.87
N LYS C 113 39.20 -16.40 30.67
CA LYS C 113 40.63 -16.32 30.87
C LYS C 113 41.12 -17.37 31.90
N ILE C 114 40.33 -17.67 32.93
CA ILE C 114 40.79 -18.62 33.96
C ILE C 114 42.27 -18.41 34.27
N THR C 115 42.56 -17.31 34.96
CA THR C 115 43.91 -16.90 35.32
C THR C 115 44.34 -17.67 36.52
N GLU C 116 45.64 -17.75 36.75
CA GLU C 116 46.12 -18.48 37.92
C GLU C 116 45.41 -17.99 39.17
N GLN C 117 45.30 -16.68 39.34
CA GLN C 117 44.64 -16.15 40.53
C GLN C 117 43.14 -16.45 40.65
N GLU C 118 42.41 -16.40 39.54
CA GLU C 118 40.97 -16.66 39.61
C GLU C 118 40.78 -18.09 40.06
N LEU C 119 41.66 -18.94 39.58
CA LEU C 119 41.53 -20.36 39.87
C LEU C 119 41.90 -20.66 41.30
N GLN C 120 42.98 -20.08 41.76
CA GLN C 120 43.40 -20.33 43.12
C GLN C 120 42.26 -19.99 44.06
N GLU C 121 41.65 -18.82 43.85
CA GLU C 121 40.56 -18.36 44.69
C GLU C 121 39.46 -19.38 44.77
N GLN C 122 38.92 -19.77 43.61
CA GLN C 122 37.82 -20.71 43.58
C GLN C 122 38.11 -22.04 44.24
N LYS C 123 39.33 -22.55 44.07
CA LYS C 123 39.71 -23.82 44.68
C LYS C 123 39.68 -23.69 46.20
N LEU C 124 40.38 -22.68 46.70
CA LEU C 124 40.43 -22.42 48.14
C LEU C 124 39.01 -22.29 48.71
N SER C 125 38.22 -21.51 48.02
CA SER C 125 36.86 -21.31 48.42
C SER C 125 36.09 -22.64 48.34
N ALA C 126 36.37 -23.43 47.31
CA ALA C 126 35.71 -24.71 47.14
C ALA C 126 35.92 -25.64 48.34
N GLU C 127 37.12 -25.61 48.96
CA GLU C 127 37.41 -26.46 50.12
C GLU C 127 36.45 -26.10 51.26
N TYR C 128 36.32 -24.81 51.51
CA TYR C 128 35.42 -24.35 52.55
C TYR C 128 33.96 -24.76 52.24
N GLU C 129 33.54 -24.61 51.00
CA GLU C 129 32.21 -25.02 50.64
C GLU C 129 31.98 -26.53 50.91
N ILE C 130 32.99 -27.36 50.59
CA ILE C 130 32.85 -28.80 50.80
C ILE C 130 32.70 -29.09 52.28
N ASP C 131 33.54 -28.43 53.09
CA ASP C 131 33.50 -28.63 54.53
C ASP C 131 32.12 -28.33 55.11
N GLU C 132 31.44 -27.30 54.62
CA GLU C 132 30.11 -26.96 55.14
C GLU C 132 29.07 -27.95 54.65
N VAL C 133 29.14 -28.31 53.39
CA VAL C 133 28.17 -29.24 52.86
C VAL C 133 28.11 -30.57 53.59
N TRP C 134 29.25 -31.10 54.02
CA TRP C 134 29.23 -32.39 54.71
C TRP C 134 28.55 -32.37 56.08
N MET C 135 28.06 -31.22 56.50
CA MET C 135 27.40 -31.10 57.79
C MET C 135 25.90 -31.01 57.65
N LYS C 136 25.42 -30.82 56.44
CA LYS C 136 23.97 -30.73 56.19
C LYS C 136 23.37 -32.06 55.68
N PRO C 137 22.70 -32.83 56.55
CA PRO C 137 22.12 -34.10 56.07
C PRO C 137 21.25 -33.98 54.85
N GLU C 138 20.55 -32.87 54.71
CA GLU C 138 19.67 -32.63 53.56
C GLU C 138 20.42 -32.80 52.26
N LEU C 139 21.72 -32.57 52.33
CA LEU C 139 22.61 -32.73 51.19
C LEU C 139 23.38 -34.06 51.15
N VAL C 140 24.03 -34.42 52.25
CA VAL C 140 24.79 -35.64 52.31
C VAL C 140 23.99 -36.92 52.04
N LEU C 141 22.78 -37.06 52.56
CA LEU C 141 22.09 -38.30 52.31
C LEU C 141 21.79 -38.61 50.83
N PRO C 142 21.26 -37.65 50.08
CA PRO C 142 21.01 -37.98 48.69
C PRO C 142 22.33 -38.23 47.95
N GLU C 143 23.37 -37.56 48.39
CA GLU C 143 24.68 -37.75 47.79
C GLU C 143 25.02 -39.22 47.97
N LEU C 144 24.95 -39.70 49.21
CA LEU C 144 25.26 -41.10 49.47
C LEU C 144 24.37 -42.05 48.68
N LEU C 145 23.10 -41.69 48.53
CA LEU C 145 22.13 -42.49 47.81
C LEU C 145 22.54 -42.73 46.37
N HIS C 146 22.90 -41.65 45.66
CA HIS C 146 23.32 -41.78 44.25
C HIS C 146 24.59 -42.60 44.11
N THR C 147 25.60 -42.24 44.89
CA THR C 147 26.84 -42.98 44.84
C THR C 147 26.60 -44.46 45.04
N ALA C 148 25.70 -44.81 45.95
CA ALA C 148 25.40 -46.20 46.20
C ALA C 148 24.57 -46.83 45.10
N ALA C 149 23.59 -46.07 44.59
CA ALA C 149 22.71 -46.52 43.54
C ALA C 149 23.44 -46.96 42.25
N TYR C 150 24.51 -46.24 41.93
CA TYR C 150 25.27 -46.49 40.72
C TYR C 150 26.73 -46.85 40.92
N SER C 151 27.06 -47.43 42.07
CA SER C 151 28.42 -47.82 42.40
C SER C 151 29.46 -46.78 42.02
N GLY C 152 29.15 -45.51 42.26
CA GLY C 152 30.08 -44.46 41.98
C GLY C 152 30.32 -44.13 40.52
N GLU C 153 29.47 -44.63 39.63
CA GLU C 153 29.62 -44.36 38.21
C GLU C 153 28.53 -43.42 37.72
N THR C 154 28.81 -42.66 36.66
CA THR C 154 27.85 -41.73 36.03
C THR C 154 26.97 -40.94 36.98
N LEU C 155 25.68 -41.31 37.08
CA LEU C 155 24.78 -40.61 37.98
C LEU C 155 25.28 -40.76 39.42
N GLY C 156 26.13 -41.76 39.64
CA GLY C 156 26.69 -41.99 40.98
C GLY C 156 28.05 -41.38 41.23
N SER C 157 28.65 -40.82 40.18
CA SER C 157 29.95 -40.16 40.31
C SER C 157 29.69 -38.96 41.22
N PRO C 158 30.49 -38.83 42.25
CA PRO C 158 30.45 -37.78 43.26
C PRO C 158 30.05 -36.37 42.77
N LEU C 159 28.94 -35.86 43.30
CA LEU C 159 28.46 -34.55 42.96
C LEU C 159 29.17 -33.57 43.90
N ILE C 160 29.57 -34.07 45.07
CA ILE C 160 30.31 -33.25 46.05
C ILE C 160 31.74 -33.70 45.87
N CYS C 161 32.56 -32.84 45.29
CA CYS C 161 33.91 -33.23 45.05
C CYS C 161 34.69 -33.62 46.29
N PRO C 162 35.43 -34.71 46.19
CA PRO C 162 36.26 -35.19 47.31
C PRO C 162 37.22 -34.08 47.69
N ARG C 163 37.15 -33.61 48.93
CA ARG C 163 38.00 -32.51 49.39
C ARG C 163 39.46 -32.56 48.93
N GLY C 164 40.08 -33.74 49.04
CA GLY C 164 41.47 -33.90 48.65
C GLY C 164 41.79 -33.95 47.15
N LEU C 165 40.78 -33.80 46.31
CA LEU C 165 41.02 -33.83 44.86
C LEU C 165 40.96 -32.44 44.28
N ILE C 166 40.50 -31.52 45.08
CA ILE C 166 40.38 -30.15 44.62
C ILE C 166 41.70 -29.48 44.28
N PRO C 167 42.72 -29.71 45.08
CA PRO C 167 44.02 -29.09 44.82
C PRO C 167 44.68 -29.48 43.51
N SER C 168 44.36 -30.68 43.01
CA SER C 168 44.97 -31.15 41.77
C SER C 168 44.21 -30.76 40.49
N ILE C 169 43.11 -30.02 40.65
CA ILE C 169 42.36 -29.52 39.51
C ILE C 169 43.21 -28.41 38.94
N SER C 170 43.75 -28.63 37.75
CA SER C 170 44.60 -27.67 37.07
C SER C 170 43.89 -26.97 35.94
N LYS C 171 44.50 -25.90 35.45
CA LYS C 171 43.90 -25.20 34.33
C LYS C 171 43.86 -26.19 33.14
N TYR C 172 44.84 -27.11 33.08
CA TYR C 172 44.89 -28.10 32.01
C TYR C 172 43.63 -28.97 31.99
N TYR C 173 43.25 -29.52 33.13
CA TYR C 173 42.05 -30.31 33.20
C TYR C 173 40.80 -29.48 32.86
N LEU C 174 40.73 -28.26 33.36
CA LEU C 174 39.58 -27.42 33.09
C LEU C 174 39.49 -27.23 31.59
N LEU C 175 40.61 -26.92 30.96
CA LEU C 175 40.61 -26.74 29.51
C LEU C 175 40.27 -28.03 28.81
N ASP C 176 40.72 -29.17 29.37
CA ASP C 176 40.38 -30.43 28.74
C ASP C 176 38.87 -30.62 28.76
N TYR C 177 38.25 -30.26 29.89
CA TYR C 177 36.83 -30.40 30.04
C TYR C 177 36.08 -29.46 29.10
N ARG C 178 36.56 -28.22 28.97
CA ARG C 178 35.89 -27.28 28.08
C ARG C 178 35.96 -27.77 26.64
N ASN C 179 37.11 -28.32 26.28
CA ASN C 179 37.29 -28.83 24.95
C ASN C 179 36.44 -30.04 24.60
N LYS C 180 35.94 -30.76 25.61
CA LYS C 180 35.05 -31.89 25.36
C LYS C 180 33.59 -31.46 25.35
N PHE C 181 33.19 -30.60 26.28
CA PHE C 181 31.79 -30.24 26.32
C PHE C 181 31.32 -28.87 25.90
N TYR C 182 32.20 -27.88 25.88
CA TYR C 182 31.74 -26.57 25.49
C TYR C 182 31.81 -26.42 23.98
N THR C 183 30.89 -27.06 23.28
CA THR C 183 30.87 -26.97 21.82
C THR C 183 29.46 -26.52 21.41
N PRO C 184 29.33 -25.81 20.28
CA PRO C 184 27.99 -25.36 19.87
C PRO C 184 26.97 -26.46 19.71
N GLU C 185 27.38 -27.62 19.23
CA GLU C 185 26.45 -28.70 19.06
C GLU C 185 26.03 -29.31 20.40
N ASN C 186 26.73 -28.98 21.49
CA ASN C 186 26.38 -29.48 22.81
C ASN C 186 25.68 -28.36 23.61
N THR C 187 25.29 -27.27 22.94
CA THR C 187 24.69 -26.14 23.61
C THR C 187 23.32 -25.75 23.10
N VAL C 188 22.58 -25.03 23.91
CA VAL C 188 21.27 -24.53 23.56
C VAL C 188 21.17 -23.12 24.14
N ALA C 189 20.73 -22.17 23.32
CA ALA C 189 20.55 -20.78 23.78
C ALA C 189 19.04 -20.69 23.82
N ALA C 190 18.49 -20.27 24.95
CA ALA C 190 17.05 -20.15 25.05
C ALA C 190 16.61 -18.80 25.61
N PHE C 191 15.49 -18.30 25.12
CA PHE C 191 14.98 -17.02 25.58
C PHE C 191 13.51 -17.12 25.88
N VAL C 192 13.03 -16.22 26.73
CA VAL C 192 11.61 -16.18 27.05
C VAL C 192 11.21 -14.71 27.00
N GLY C 193 10.23 -14.39 26.15
CA GLY C 193 9.79 -13.01 26.02
C GLY C 193 10.57 -12.28 24.96
N VAL C 194 11.31 -13.04 24.17
CA VAL C 194 12.10 -12.47 23.11
C VAL C 194 11.66 -13.15 21.84
N PRO C 195 11.48 -12.35 20.77
CA PRO C 195 11.07 -12.75 19.43
C PRO C 195 12.11 -13.65 18.78
N HIS C 196 11.66 -14.76 18.22
CA HIS C 196 12.59 -15.70 17.61
C HIS C 196 13.56 -15.02 16.64
N GLU C 197 13.04 -14.12 15.82
CA GLU C 197 13.89 -13.46 14.86
C GLU C 197 15.00 -12.68 15.57
N LYS C 198 14.67 -12.04 16.69
CA LYS C 198 15.64 -11.26 17.42
C LYS C 198 16.69 -12.18 18.00
N ALA C 199 16.24 -13.30 18.54
CA ALA C 199 17.13 -14.26 19.18
C ALA C 199 18.12 -14.80 18.18
N LEU C 200 17.63 -15.13 17.00
CA LEU C 200 18.51 -15.64 15.96
C LEU C 200 19.56 -14.61 15.63
N GLU C 201 19.15 -13.35 15.56
CA GLU C 201 20.10 -12.29 15.25
C GLU C 201 21.24 -12.25 16.24
N LEU C 202 20.89 -12.04 17.51
CA LEU C 202 21.85 -11.96 18.59
C LEU C 202 22.69 -13.23 18.74
N THR C 203 22.06 -14.39 18.67
CA THR C 203 22.79 -15.64 18.81
C THR C 203 23.87 -15.76 17.75
N GLY C 204 23.49 -15.48 16.51
CA GLY C 204 24.45 -15.58 15.42
C GLY C 204 25.60 -14.60 15.62
N LYS C 205 25.25 -13.39 16.04
CA LYS C 205 26.25 -12.37 16.26
C LYS C 205 27.28 -12.85 17.26
N TYR C 206 26.83 -13.26 18.45
CA TYR C 206 27.79 -13.68 19.46
C TYR C 206 28.23 -15.15 19.52
N LEU C 207 27.42 -16.06 18.99
CA LEU C 207 27.77 -17.48 19.03
C LEU C 207 27.88 -18.12 17.65
N GLY C 208 27.61 -17.34 16.60
CA GLY C 208 27.64 -17.86 15.23
C GLY C 208 28.95 -18.49 14.77
N ASP C 209 30.03 -17.72 14.83
CA ASP C 209 31.36 -18.17 14.42
C ASP C 209 32.02 -19.13 15.39
N TRP C 210 31.28 -19.63 16.37
CA TRP C 210 31.83 -20.58 17.33
C TRP C 210 32.01 -21.92 16.56
N GLN C 211 33.13 -22.61 16.73
CA GLN C 211 33.34 -23.88 16.01
C GLN C 211 33.66 -25.01 16.95
N SER C 212 33.20 -26.21 16.62
CA SER C 212 33.45 -27.35 17.48
C SER C 212 34.92 -27.73 17.52
N THR C 213 35.32 -28.45 18.58
CA THR C 213 36.68 -28.91 18.71
C THR C 213 36.74 -30.41 18.28
N HIS C 214 35.57 -30.97 18.00
CA HIS C 214 35.44 -32.37 17.54
C HIS C 214 36.15 -33.36 18.47
N PRO C 215 35.73 -33.36 19.72
CA PRO C 215 36.27 -34.21 20.78
C PRO C 215 35.68 -35.60 20.73
N PRO C 216 36.32 -36.55 21.41
CA PRO C 216 35.90 -37.96 21.51
C PRO C 216 34.62 -38.13 22.31
N ILE C 217 33.55 -38.65 21.71
CA ILE C 217 32.29 -38.85 22.45
C ILE C 217 32.51 -39.77 23.64
N THR C 218 32.26 -39.30 24.85
CA THR C 218 32.50 -40.17 25.99
C THR C 218 31.37 -40.21 27.00
N LYS C 219 30.12 -40.18 26.53
CA LYS C 219 28.97 -40.21 27.43
C LYS C 219 28.41 -41.61 27.63
N LYS C 220 28.76 -42.19 28.78
CA LYS C 220 28.38 -43.54 29.19
C LYS C 220 26.95 -43.63 29.70
N VAL C 221 26.22 -44.68 29.34
CA VAL C 221 24.86 -44.78 29.83
C VAL C 221 24.97 -45.24 31.27
N ALA C 222 24.08 -44.69 32.09
CA ALA C 222 24.01 -45.02 33.51
C ALA C 222 23.56 -46.45 33.73
N GLN C 223 24.31 -47.18 34.54
CA GLN C 223 23.92 -48.55 34.88
C GLN C 223 23.59 -48.71 36.38
N TYR C 224 22.30 -48.76 36.72
CA TYR C 224 21.91 -48.90 38.12
C TYR C 224 22.32 -50.24 38.72
N THR C 225 22.95 -50.19 39.89
CA THR C 225 23.42 -51.39 40.56
C THR C 225 22.79 -51.66 41.91
N GLY C 226 22.34 -50.62 42.59
CA GLY C 226 21.77 -50.81 43.92
C GLY C 226 22.95 -50.91 44.88
N GLY C 227 22.69 -51.00 46.18
CA GLY C 227 23.79 -51.09 47.12
C GLY C 227 23.45 -50.53 48.50
N GLU C 228 24.37 -50.70 49.45
CA GLU C 228 24.20 -50.23 50.82
C GLU C 228 25.39 -49.40 51.30
N SER C 229 25.09 -48.36 52.07
CA SER C 229 26.15 -47.55 52.67
C SER C 229 25.66 -46.89 53.94
N CYS C 230 26.56 -46.73 54.90
CA CYS C 230 26.22 -46.15 56.19
C CYS C 230 27.36 -45.30 56.73
N ILE C 231 27.07 -44.04 57.07
CA ILE C 231 28.08 -43.17 57.65
C ILE C 231 27.71 -42.93 59.11
N PRO C 232 28.70 -42.58 59.97
CA PRO C 232 28.50 -42.33 61.41
C PRO C 232 27.46 -41.23 61.77
N PRO C 233 26.88 -41.25 63.01
CA PRO C 233 25.87 -40.28 63.49
C PRO C 233 26.40 -38.89 63.65
N ALA C 234 25.62 -37.87 63.24
CA ALA C 234 26.01 -36.46 63.35
C ALA C 234 26.25 -36.05 64.80
N PRO C 235 27.06 -35.00 65.02
CA PRO C 235 27.35 -34.54 66.40
C PRO C 235 26.10 -33.97 67.10
N VAL C 236 25.96 -34.30 68.39
CA VAL C 236 24.82 -33.82 69.20
C VAL C 236 25.09 -32.37 69.61
N PHE C 237 24.54 -31.45 68.82
CA PHE C 237 24.73 -29.99 69.05
C PHE C 237 24.12 -29.52 70.37
N GLY C 238 23.20 -28.55 70.28
CA GLY C 238 22.56 -28.01 71.46
C GLY C 238 21.32 -28.78 71.88
N ASN C 239 20.19 -28.07 71.98
CA ASN C 239 18.90 -28.67 72.35
C ASN C 239 18.33 -29.51 71.19
N LEU C 240 18.87 -29.31 69.98
CA LEU C 240 18.43 -30.05 68.79
C LEU C 240 18.32 -31.55 69.06
N PRO C 241 17.24 -32.17 68.56
CA PRO C 241 17.04 -33.61 68.77
C PRO C 241 18.01 -34.46 67.91
N GLU C 242 18.80 -35.32 68.56
CA GLU C 242 19.68 -36.17 67.76
C GLU C 242 18.78 -37.02 66.87
N LEU C 243 19.13 -37.07 65.60
CA LEU C 243 18.37 -37.86 64.64
C LEU C 243 19.24 -38.82 63.86
N PHE C 244 18.60 -39.86 63.35
CA PHE C 244 19.26 -40.82 62.48
C PHE C 244 18.49 -40.64 61.18
N HIS C 245 19.13 -40.93 60.06
CA HIS C 245 18.48 -40.78 58.76
C HIS C 245 18.61 -42.04 57.93
N ILE C 246 17.65 -42.24 57.04
CA ILE C 246 17.72 -43.37 56.16
C ILE C 246 16.95 -43.09 54.87
N GLN C 247 17.53 -43.50 53.76
CA GLN C 247 16.90 -43.36 52.46
C GLN C 247 16.89 -44.71 51.77
N ILE C 248 15.71 -45.13 51.30
CA ILE C 248 15.54 -46.40 50.58
C ILE C 248 14.90 -46.15 49.25
N GLY C 249 15.54 -46.62 48.18
CA GLY C 249 14.97 -46.43 46.87
C GLY C 249 15.34 -47.53 45.89
N PHE C 250 14.69 -47.50 44.74
CA PHE C 250 14.95 -48.44 43.65
C PHE C 250 15.16 -47.65 42.37
N GLU C 251 15.59 -48.33 41.31
CA GLU C 251 15.77 -47.64 40.05
C GLU C 251 14.39 -47.11 39.61
N GLY C 252 14.38 -45.85 39.19
CA GLY C 252 13.16 -45.23 38.72
C GLY C 252 13.12 -45.10 37.20
N LEU C 253 12.49 -44.05 36.70
CA LEU C 253 12.37 -43.88 35.27
C LEU C 253 13.01 -42.63 34.74
N PRO C 254 13.43 -42.66 33.47
CA PRO C 254 14.06 -41.53 32.77
C PRO C 254 13.00 -40.45 32.60
N ILE C 255 13.35 -39.18 32.71
CA ILE C 255 12.34 -38.13 32.60
C ILE C 255 11.45 -38.13 31.37
N ASP C 256 11.85 -38.76 30.27
CA ASP C 256 10.94 -38.74 29.14
C ASP C 256 10.32 -40.10 28.94
N HIS C 257 10.39 -40.94 29.97
CA HIS C 257 9.82 -42.27 29.86
C HIS C 257 8.33 -42.10 29.88
N PRO C 258 7.58 -42.97 29.19
CA PRO C 258 6.12 -42.92 29.11
C PRO C 258 5.37 -42.91 30.45
N ASP C 259 5.76 -43.79 31.36
CA ASP C 259 5.08 -43.86 32.65
C ASP C 259 5.55 -42.79 33.65
N ILE C 260 6.33 -41.82 33.17
CA ILE C 260 6.86 -40.81 34.07
C ILE C 260 5.77 -40.05 34.80
N TYR C 261 4.72 -39.69 34.09
CA TYR C 261 3.66 -38.94 34.71
C TYR C 261 2.98 -39.72 35.83
N ALA C 262 2.82 -41.03 35.60
CA ALA C 262 2.23 -41.89 36.60
C ALA C 262 3.12 -41.91 37.84
N LEU C 263 4.41 -42.16 37.65
CA LEU C 263 5.35 -42.21 38.76
C LEU C 263 5.39 -40.91 39.58
N ALA C 264 5.15 -39.77 38.91
CA ALA C 264 5.15 -38.48 39.59
C ALA C 264 3.88 -38.36 40.43
N THR C 265 2.81 -38.99 39.95
CA THR C 265 1.55 -39.01 40.67
C THR C 265 1.75 -39.87 41.91
N LEU C 266 2.40 -41.03 41.74
CA LEU C 266 2.67 -41.94 42.85
C LEU C 266 3.47 -41.22 43.92
N GLN C 267 4.38 -40.37 43.45
CA GLN C 267 5.25 -39.59 44.33
C GLN C 267 4.41 -38.60 45.13
N THR C 268 3.54 -37.87 44.45
CA THR C 268 2.66 -36.91 45.11
C THR C 268 1.69 -37.61 46.05
N LEU C 269 1.24 -38.80 45.66
CA LEU C 269 0.32 -39.57 46.47
C LEU C 269 0.97 -39.96 47.79
N LEU C 270 2.21 -40.44 47.75
CA LEU C 270 2.90 -40.79 48.98
C LEU C 270 3.15 -39.52 49.78
N GLY C 271 3.53 -38.46 49.08
CA GLY C 271 3.78 -37.18 49.72
C GLY C 271 4.73 -37.21 50.90
N GLY C 272 4.27 -36.73 52.05
CA GLY C 272 5.15 -36.76 53.21
C GLY C 272 5.57 -35.40 53.67
N GLY C 273 6.55 -35.36 54.59
CA GLY C 273 7.04 -34.08 55.09
C GLY C 273 7.78 -34.11 56.42
N GLY C 274 7.94 -32.92 57.01
CA GLY C 274 8.60 -32.80 58.31
C GLY C 274 7.41 -32.77 59.24
N SER C 275 7.55 -33.15 60.51
CA SER C 275 6.39 -33.19 61.43
C SER C 275 6.05 -31.82 61.99
N PRO C 281 -3.44 -24.92 54.23
CA PRO C 281 -3.87 -26.16 53.60
C PRO C 281 -3.25 -26.33 52.22
N GLY C 282 -3.40 -27.54 51.66
CA GLY C 282 -2.85 -27.85 50.35
C GLY C 282 -1.44 -28.43 50.43
N LYS C 283 -0.81 -28.22 51.59
CA LYS C 283 0.56 -28.65 51.90
C LYS C 283 0.80 -30.18 51.85
N GLY C 284 -0.20 -30.93 51.38
CA GLY C 284 -0.09 -32.38 51.30
C GLY C 284 -0.14 -33.07 52.64
N MET C 285 -1.09 -32.69 53.50
CA MET C 285 -1.23 -33.32 54.82
C MET C 285 -2.22 -34.48 54.76
N TYR C 286 -2.78 -34.73 53.56
CA TYR C 286 -3.69 -35.87 53.32
C TYR C 286 -3.02 -36.84 52.35
N SER C 287 -1.70 -36.91 52.43
CA SER C 287 -0.89 -37.84 51.63
C SER C 287 -0.55 -39.03 52.52
N ARG C 288 -0.50 -40.20 51.91
CA ARG C 288 -0.23 -41.40 52.68
C ARG C 288 0.89 -41.29 53.69
N LEU C 289 2.04 -40.78 53.30
CA LEU C 289 3.09 -40.69 54.28
C LEU C 289 2.74 -39.84 55.51
N TYR C 290 1.90 -38.83 55.33
CA TYR C 290 1.47 -38.01 56.48
C TYR C 290 0.62 -38.87 57.38
N THR C 291 -0.49 -39.31 56.80
CA THR C 291 -1.47 -40.18 57.40
C THR C 291 -0.92 -41.45 58.07
N HIS C 292 -0.36 -42.36 57.27
CA HIS C 292 0.20 -43.63 57.77
C HIS C 292 1.54 -43.56 58.53
N VAL C 293 2.26 -42.44 58.48
CA VAL C 293 3.53 -42.41 59.18
C VAL C 293 3.73 -41.21 60.09
N LEU C 294 3.70 -40.02 59.51
CA LEU C 294 3.91 -38.80 60.30
C LEU C 294 2.95 -38.59 61.45
N ASN C 295 1.70 -39.04 61.28
CA ASN C 295 0.65 -38.92 62.30
C ASN C 295 0.50 -40.16 63.17
N GLN C 296 1.28 -41.20 62.91
CA GLN C 296 1.14 -42.42 63.69
C GLN C 296 2.38 -42.66 64.55
N TYR C 297 3.45 -41.97 64.23
CA TYR C 297 4.70 -42.16 64.97
C TYR C 297 5.32 -40.80 65.15
N TYR C 298 5.79 -40.52 66.35
CA TYR C 298 6.41 -39.22 66.56
C TYR C 298 7.86 -39.41 66.89
N PHE C 299 8.32 -40.63 66.72
CA PHE C 299 9.72 -40.87 66.92
C PHE C 299 10.29 -40.63 65.51
N VAL C 300 9.38 -40.30 64.60
CA VAL C 300 9.69 -39.99 63.21
C VAL C 300 9.46 -38.50 63.05
N GLU C 301 10.53 -37.76 62.80
CA GLU C 301 10.42 -36.31 62.66
C GLU C 301 10.29 -35.86 61.20
N ASN C 302 10.56 -36.76 60.28
CA ASN C 302 10.45 -36.41 58.88
C ASN C 302 10.30 -37.70 58.08
N CYS C 303 9.48 -37.64 57.04
CA CYS C 303 9.28 -38.79 56.17
C CYS C 303 8.70 -38.31 54.86
N VAL C 304 9.45 -38.49 53.78
CA VAL C 304 9.00 -38.01 52.49
C VAL C 304 9.42 -38.91 51.33
N ALA C 305 8.67 -38.82 50.25
CA ALA C 305 8.95 -39.63 49.07
C ALA C 305 9.71 -38.81 48.04
N PHE C 306 10.75 -39.41 47.48
CA PHE C 306 11.57 -38.74 46.50
C PHE C 306 11.59 -39.41 45.16
N ASN C 307 11.83 -38.61 44.13
CA ASN C 307 11.88 -39.13 42.78
C ASN C 307 12.94 -38.41 41.93
N HIS C 308 14.17 -38.92 41.95
CA HIS C 308 15.26 -38.39 41.16
C HIS C 308 15.13 -38.98 39.77
N SER C 309 14.96 -38.12 38.79
CA SER C 309 14.79 -38.60 37.45
C SER C 309 15.75 -37.94 36.46
N TYR C 310 16.54 -38.74 35.76
CA TYR C 310 17.49 -38.20 34.81
C TYR C 310 17.21 -38.64 33.40
N SER C 311 18.12 -38.30 32.49
CA SER C 311 17.95 -38.65 31.09
C SER C 311 17.81 -40.14 30.79
N ASP C 312 18.62 -41.00 31.42
CA ASP C 312 18.55 -42.43 31.13
C ASP C 312 18.28 -43.40 32.30
N SER C 313 17.95 -42.85 33.47
CA SER C 313 17.70 -43.64 34.66
C SER C 313 17.17 -42.72 35.78
N GLY C 314 16.94 -43.28 36.96
CA GLY C 314 16.47 -42.48 38.07
C GLY C 314 16.44 -43.30 39.35
N ILE C 315 16.12 -42.67 40.47
CA ILE C 315 16.04 -43.37 41.73
C ILE C 315 14.70 -42.96 42.35
N PHE C 316 13.91 -43.94 42.81
CA PHE C 316 12.60 -43.64 43.41
C PHE C 316 12.55 -44.22 44.80
N GLY C 317 12.07 -43.46 45.78
CA GLY C 317 12.03 -44.02 47.11
C GLY C 317 11.47 -43.18 48.24
N ILE C 318 11.73 -43.61 49.46
CA ILE C 318 11.24 -42.87 50.60
C ILE C 318 12.43 -42.56 51.53
N SER C 319 12.41 -41.34 52.11
CA SER C 319 13.44 -40.86 53.03
C SER C 319 12.78 -40.80 54.42
N LEU C 320 13.51 -41.16 55.46
CA LEU C 320 12.95 -41.17 56.81
C LEU C 320 13.95 -40.72 57.88
N SER C 321 13.62 -39.69 58.64
CA SER C 321 14.49 -39.24 59.72
C SER C 321 13.78 -39.55 61.03
N CYS C 322 14.50 -40.07 62.02
CA CYS C 322 13.87 -40.41 63.28
C CYS C 322 14.81 -40.39 64.52
N ILE C 323 14.22 -40.71 65.67
CA ILE C 323 14.93 -40.76 66.93
C ILE C 323 15.80 -42.01 66.91
N PRO C 324 17.03 -41.90 67.41
CA PRO C 324 17.96 -43.02 67.45
C PRO C 324 17.33 -44.30 67.97
N GLN C 325 16.39 -44.12 68.90
CA GLN C 325 15.70 -45.23 69.52
C GLN C 325 14.88 -45.99 68.53
N ALA C 326 14.26 -45.27 67.59
CA ALA C 326 13.40 -45.90 66.58
C ALA C 326 14.10 -46.57 65.38
N ALA C 327 15.38 -46.25 65.20
CA ALA C 327 16.19 -46.81 64.12
C ALA C 327 15.80 -48.22 63.73
N PRO C 328 15.65 -49.10 64.71
CA PRO C 328 15.27 -50.48 64.40
C PRO C 328 13.97 -50.67 63.66
N GLN C 329 13.07 -49.72 63.76
CA GLN C 329 11.80 -49.86 63.06
C GLN C 329 11.77 -49.22 61.68
N ALA C 330 12.73 -48.32 61.46
CA ALA C 330 12.82 -47.58 60.21
C ALA C 330 12.60 -48.38 58.94
N VAL C 331 13.47 -49.36 58.69
CA VAL C 331 13.30 -50.12 57.46
C VAL C 331 11.90 -50.63 57.28
N GLU C 332 11.40 -51.36 58.27
CA GLU C 332 10.06 -51.93 58.19
C GLU C 332 8.99 -50.87 57.89
N VAL C 333 9.03 -49.74 58.58
CA VAL C 333 8.01 -48.72 58.34
C VAL C 333 7.94 -48.34 56.88
N ILE C 334 9.11 -48.15 56.29
CA ILE C 334 9.19 -47.77 54.89
C ILE C 334 8.70 -48.93 54.03
N ALA C 335 9.31 -50.10 54.23
CA ALA C 335 8.94 -51.29 53.46
C ALA C 335 7.40 -51.44 53.38
N GLN C 336 6.75 -51.29 54.54
CA GLN C 336 5.31 -51.38 54.59
C GLN C 336 4.69 -50.37 53.64
N GLN C 337 4.96 -49.09 53.84
CA GLN C 337 4.39 -48.09 52.96
C GLN C 337 4.53 -48.46 51.49
N MET C 338 5.72 -48.87 51.09
CA MET C 338 5.94 -49.26 49.70
C MET C 338 4.99 -50.37 49.32
N TYR C 339 4.99 -51.43 50.12
CA TYR C 339 4.12 -52.58 49.90
C TYR C 339 2.65 -52.16 49.74
N ASN C 340 2.18 -51.27 50.61
CA ASN C 340 0.80 -50.79 50.60
C ASN C 340 0.35 -50.05 49.36
N THR C 341 1.27 -49.77 48.44
CA THR C 341 0.87 -49.04 47.22
C THR C 341 0.38 -49.96 46.14
N PHE C 342 0.64 -51.26 46.30
CA PHE C 342 0.21 -52.20 45.28
C PHE C 342 -0.06 -53.62 45.77
N ALA C 343 0.82 -54.12 46.65
CA ALA C 343 0.73 -55.50 47.16
C ALA C 343 -0.34 -55.82 48.22
N ASN C 344 -0.84 -54.79 48.89
CA ASN C 344 -1.85 -54.98 49.91
C ASN C 344 -3.22 -54.79 49.30
N LYS C 345 -3.99 -55.87 49.24
CA LYS C 345 -5.34 -55.85 48.66
C LYS C 345 -6.37 -55.01 49.42
N ASP C 346 -6.11 -54.73 50.69
CA ASP C 346 -7.07 -53.96 51.50
C ASP C 346 -6.69 -52.48 51.64
N LEU C 347 -5.69 -52.06 50.86
CA LEU C 347 -5.21 -50.68 50.85
C LEU C 347 -4.88 -50.25 49.44
N ARG C 348 -5.58 -50.85 48.48
CA ARG C 348 -5.37 -50.53 47.08
C ARG C 348 -5.45 -49.02 46.97
N LEU C 349 -4.85 -48.44 45.94
CA LEU C 349 -4.90 -46.98 45.80
C LEU C 349 -6.33 -46.57 45.42
N THR C 350 -6.91 -45.66 46.20
CA THR C 350 -8.29 -45.21 45.99
C THR C 350 -8.51 -44.14 44.92
N GLU C 351 -9.73 -44.03 44.44
CA GLU C 351 -10.05 -43.04 43.43
C GLU C 351 -9.74 -41.65 43.97
N ASP C 352 -10.09 -41.41 45.24
CA ASP C 352 -9.86 -40.12 45.85
C ASP C 352 -8.40 -39.75 45.96
N GLU C 353 -7.61 -40.69 46.46
CA GLU C 353 -6.18 -40.49 46.62
C GLU C 353 -5.55 -40.11 45.29
N VAL C 354 -5.78 -40.97 44.29
CA VAL C 354 -5.24 -40.75 42.96
C VAL C 354 -5.70 -39.43 42.36
N SER C 355 -6.97 -39.10 42.51
CA SER C 355 -7.46 -37.87 41.95
C SER C 355 -6.85 -36.64 42.60
N ARG C 356 -6.76 -36.64 43.92
CA ARG C 356 -6.17 -35.48 44.59
C ARG C 356 -4.70 -35.36 44.17
N ALA C 357 -4.01 -36.49 44.14
CA ALA C 357 -2.62 -36.52 43.74
C ALA C 357 -2.47 -35.86 42.38
N LYS C 358 -3.24 -36.36 41.40
CA LYS C 358 -3.21 -35.80 40.05
C LYS C 358 -3.37 -34.28 40.04
N ASN C 359 -4.33 -33.77 40.80
CA ASN C 359 -4.56 -32.34 40.82
C ASN C 359 -3.40 -31.56 41.48
N GLN C 360 -2.76 -32.16 42.48
CA GLN C 360 -1.65 -31.48 43.12
C GLN C 360 -0.43 -31.47 42.23
N LEU C 361 -0.23 -32.57 41.51
CA LEU C 361 0.89 -32.65 40.57
C LEU C 361 0.69 -31.51 39.57
N LYS C 362 -0.43 -31.56 38.86
CA LYS C 362 -0.76 -30.53 37.88
C LYS C 362 -0.52 -29.15 38.45
N SER C 363 -1.00 -28.97 39.66
CA SER C 363 -0.91 -27.67 40.30
C SER C 363 0.53 -27.23 40.54
N SER C 364 1.32 -28.08 41.16
CA SER C 364 2.70 -27.69 41.41
C SER C 364 3.44 -27.40 40.10
N LEU C 365 3.23 -28.21 39.06
CA LEU C 365 3.90 -27.92 37.82
C LEU C 365 3.44 -26.56 37.29
N LEU C 366 2.20 -26.49 36.87
CA LEU C 366 1.68 -25.25 36.33
C LEU C 366 2.06 -24.04 37.16
N MET C 367 1.88 -24.12 38.47
CA MET C 367 2.18 -22.96 39.30
C MET C 367 3.66 -22.53 39.26
N ASN C 368 4.55 -23.49 39.09
CA ASN C 368 5.96 -23.19 39.04
C ASN C 368 6.29 -22.57 37.67
N LEU C 369 5.70 -23.11 36.61
CA LEU C 369 5.88 -22.57 35.27
C LEU C 369 5.42 -21.09 35.18
N GLU C 370 4.79 -20.58 36.23
CA GLU C 370 4.37 -19.20 36.24
C GLU C 370 5.59 -18.27 36.26
N SER C 371 6.77 -18.83 36.49
CA SER C 371 8.00 -18.03 36.55
C SER C 371 8.78 -18.01 35.24
N LYS C 372 9.05 -16.83 34.70
CA LYS C 372 9.78 -16.73 33.45
C LYS C 372 11.06 -17.54 33.57
N LEU C 373 11.78 -17.37 34.67
CA LEU C 373 13.02 -18.11 34.85
C LEU C 373 12.76 -19.60 34.84
N VAL C 374 11.68 -20.05 35.47
CA VAL C 374 11.43 -21.48 35.46
C VAL C 374 11.04 -21.92 34.06
N GLU C 375 10.22 -21.12 33.37
CA GLU C 375 9.85 -21.49 32.02
C GLU C 375 11.13 -21.65 31.21
N LEU C 376 12.02 -20.69 31.40
CA LEU C 376 13.30 -20.68 30.68
C LEU C 376 14.08 -21.94 30.89
N GLU C 377 14.46 -22.19 32.12
CA GLU C 377 15.23 -23.38 32.39
C GLU C 377 14.58 -24.62 31.81
N ASP C 378 13.30 -24.84 32.08
CA ASP C 378 12.62 -26.03 31.57
C ASP C 378 12.73 -26.20 30.06
N MET C 379 12.55 -25.09 29.34
CA MET C 379 12.64 -25.14 27.89
C MET C 379 14.06 -25.40 27.48
N GLY C 380 15.01 -24.73 28.12
CA GLY C 380 16.38 -24.93 27.78
C GLY C 380 16.75 -26.40 27.88
N ARG C 381 16.52 -26.97 29.06
CA ARG C 381 16.84 -28.36 29.31
C ARG C 381 16.10 -29.35 28.45
N GLN C 382 14.83 -29.11 28.16
CA GLN C 382 14.11 -30.05 27.33
C GLN C 382 14.72 -30.10 25.94
N VAL C 383 14.99 -28.92 25.36
CA VAL C 383 15.60 -28.81 24.02
C VAL C 383 16.95 -29.51 24.07
N LEU C 384 17.73 -29.16 25.09
CA LEU C 384 19.03 -29.78 25.25
C LEU C 384 18.91 -31.32 25.28
N MET C 385 17.81 -31.87 25.79
CA MET C 385 17.71 -33.32 25.87
C MET C 385 17.03 -34.09 24.72
N HIS C 386 15.81 -33.74 24.35
CA HIS C 386 15.20 -34.44 23.24
C HIS C 386 14.83 -33.46 22.12
N GLY C 387 15.48 -32.30 22.12
CA GLY C 387 15.27 -31.31 21.09
C GLY C 387 13.90 -30.81 20.71
N ARG C 388 12.98 -30.74 21.67
CA ARG C 388 11.63 -30.28 21.42
C ARG C 388 11.12 -29.88 22.79
N LYS C 389 10.18 -28.95 22.85
CA LYS C 389 9.63 -28.56 24.13
C LYS C 389 8.20 -29.06 24.15
N ILE C 390 7.91 -30.01 25.03
CA ILE C 390 6.57 -30.57 25.11
C ILE C 390 5.61 -29.48 25.57
N PRO C 391 4.53 -29.25 24.80
CA PRO C 391 3.55 -28.21 25.16
C PRO C 391 2.79 -28.55 26.40
N VAL C 392 2.40 -27.53 27.12
CA VAL C 392 1.68 -27.71 28.36
C VAL C 392 0.42 -28.54 28.19
N ASN C 393 -0.32 -28.28 27.11
CA ASN C 393 -1.55 -29.02 26.82
C ASN C 393 -1.32 -30.50 26.96
N GLU C 394 -0.31 -30.97 26.22
CA GLU C 394 0.05 -32.36 26.19
C GLU C 394 0.36 -32.89 27.57
N MET C 395 1.12 -32.13 28.33
CA MET C 395 1.49 -32.54 29.67
C MET C 395 0.26 -32.71 30.56
N ILE C 396 -0.52 -31.64 30.72
CA ILE C 396 -1.71 -31.69 31.53
C ILE C 396 -2.56 -32.88 31.15
N SER C 397 -2.78 -33.07 29.85
CA SER C 397 -3.56 -34.19 29.36
C SER C 397 -3.11 -35.51 29.91
N LYS C 398 -1.87 -35.89 29.63
CA LYS C 398 -1.35 -37.17 30.07
C LYS C 398 -1.60 -37.39 31.54
N ILE C 399 -1.56 -36.33 32.35
CA ILE C 399 -1.77 -36.50 33.78
C ILE C 399 -3.22 -36.80 34.09
N GLU C 400 -4.14 -36.07 33.46
CA GLU C 400 -5.58 -36.26 33.69
C GLU C 400 -6.06 -37.63 33.24
N ASP C 401 -5.46 -38.18 32.19
CA ASP C 401 -5.85 -39.50 31.72
C ASP C 401 -5.44 -40.60 32.66
N LEU C 402 -4.65 -40.24 33.67
CA LEU C 402 -4.18 -41.23 34.62
C LEU C 402 -5.31 -41.79 35.48
N LYS C 403 -5.37 -43.12 35.57
CA LYS C 403 -6.37 -43.84 36.36
C LYS C 403 -5.64 -44.65 37.43
N PRO C 404 -6.29 -44.87 38.60
CA PRO C 404 -5.69 -45.62 39.70
C PRO C 404 -4.84 -46.85 39.38
N ASP C 405 -5.30 -47.67 38.44
CA ASP C 405 -4.57 -48.88 38.09
C ASP C 405 -3.21 -48.58 37.52
N ASP C 406 -3.12 -47.42 36.88
CA ASP C 406 -1.88 -46.96 36.28
C ASP C 406 -0.88 -46.69 37.38
N ILE C 407 -1.28 -45.87 38.34
CA ILE C 407 -0.41 -45.58 39.44
C ILE C 407 -0.01 -46.90 40.10
N SER C 408 -0.96 -47.83 40.23
CA SER C 408 -0.68 -49.12 40.84
C SER C 408 0.31 -49.94 40.03
N ARG C 409 0.17 -49.95 38.70
CA ARG C 409 1.08 -50.72 37.88
C ARG C 409 2.50 -50.18 38.01
N VAL C 410 2.65 -48.86 37.88
CA VAL C 410 3.95 -48.23 37.99
C VAL C 410 4.55 -48.53 39.34
N ALA C 411 3.82 -48.27 40.41
CA ALA C 411 4.31 -48.55 41.77
C ALA C 411 4.87 -49.97 41.88
N GLU C 412 4.11 -50.94 41.39
CA GLU C 412 4.54 -52.32 41.45
C GLU C 412 5.81 -52.55 40.65
N MET C 413 5.87 -51.96 39.46
CA MET C 413 7.04 -52.12 38.61
C MET C 413 8.34 -51.66 39.29
N ILE C 414 8.30 -50.44 39.82
CA ILE C 414 9.44 -49.85 40.49
C ILE C 414 9.92 -50.67 41.68
N PHE C 415 9.03 -50.82 42.65
CA PHE C 415 9.28 -51.54 43.90
C PHE C 415 9.61 -53.02 43.80
N THR C 416 9.55 -53.58 42.60
CA THR C 416 9.84 -55.00 42.38
C THR C 416 11.15 -55.17 41.63
N GLY C 417 11.77 -54.03 41.32
CA GLY C 417 13.03 -54.02 40.61
C GLY C 417 12.76 -54.50 39.21
N ASN C 418 11.62 -54.11 38.67
CA ASN C 418 11.24 -54.52 37.33
C ASN C 418 11.27 -53.38 36.33
N VAL C 419 12.26 -52.51 36.46
CA VAL C 419 12.39 -51.40 35.54
C VAL C 419 13.48 -51.80 34.53
N ASN C 420 13.28 -51.49 33.27
CA ASN C 420 14.27 -51.83 32.26
C ASN C 420 14.70 -50.64 31.46
N ASN C 421 15.82 -50.06 31.88
CA ASN C 421 16.35 -48.90 31.22
C ASN C 421 17.56 -49.26 30.36
N ALA C 422 18.00 -48.28 29.58
CA ALA C 422 19.12 -48.45 28.68
C ALA C 422 20.29 -49.16 29.34
N GLY C 423 20.61 -48.72 30.56
CA GLY C 423 21.73 -49.28 31.29
C GLY C 423 21.50 -50.68 31.75
N ASN C 424 20.29 -51.19 31.50
CA ASN C 424 19.94 -52.55 31.92
C ASN C 424 20.40 -52.70 33.39
N GLY C 425 19.72 -51.97 34.29
CA GLY C 425 20.14 -52.00 35.67
C GLY C 425 19.63 -53.19 36.45
N LYS C 426 20.27 -53.43 37.60
CA LYS C 426 19.92 -54.50 38.53
C LYS C 426 18.57 -54.19 39.19
N GLY C 427 18.11 -55.12 40.01
CA GLY C 427 16.85 -54.91 40.72
C GLY C 427 17.06 -54.83 42.22
N ARG C 428 18.30 -54.59 42.61
CA ARG C 428 18.69 -54.48 43.99
C ARG C 428 18.24 -53.12 44.51
N ALA C 429 18.00 -52.99 45.81
CA ALA C 429 17.57 -51.70 46.35
C ALA C 429 18.78 -50.87 46.80
N THR C 430 18.60 -49.58 46.93
CA THR C 430 19.69 -48.76 47.39
C THR C 430 19.23 -48.33 48.76
N VAL C 431 20.06 -48.62 49.77
CA VAL C 431 19.75 -48.28 51.15
C VAL C 431 20.94 -47.55 51.73
N VAL C 432 20.78 -46.27 51.97
CA VAL C 432 21.88 -45.51 52.46
C VAL C 432 21.40 -44.90 53.77
N MET C 433 22.28 -44.90 54.80
CA MET C 433 21.87 -44.39 56.10
C MET C 433 22.94 -43.72 56.97
N GLN C 434 22.49 -42.83 57.86
CA GLN C 434 23.36 -42.15 58.79
C GLN C 434 22.94 -42.54 60.21
N GLY C 435 23.91 -42.84 61.06
CA GLY C 435 23.63 -43.26 62.43
C GLY C 435 24.42 -44.51 62.65
N ASP C 436 24.16 -45.28 63.71
CA ASP C 436 24.93 -46.50 63.89
C ASP C 436 24.39 -47.61 62.98
N ARG C 437 25.28 -48.29 62.25
CA ARG C 437 24.84 -49.32 61.33
C ARG C 437 23.96 -50.38 61.96
N GLY C 438 24.44 -50.99 63.04
CA GLY C 438 23.68 -52.04 63.71
C GLY C 438 22.25 -51.63 64.02
N SER C 439 22.07 -50.35 64.37
CA SER C 439 20.77 -49.80 64.71
C SER C 439 19.64 -50.04 63.73
N PHE C 440 19.97 -50.25 62.45
CA PHE C 440 18.94 -50.43 61.44
C PHE C 440 18.52 -51.85 61.19
N GLY C 441 19.28 -52.80 61.74
CA GLY C 441 18.93 -54.20 61.62
C GLY C 441 19.29 -54.83 60.30
N ASP C 442 18.71 -56.00 60.02
CA ASP C 442 18.99 -56.70 58.79
C ASP C 442 18.13 -56.06 57.70
N VAL C 443 18.64 -55.02 57.06
CA VAL C 443 17.86 -54.34 56.04
C VAL C 443 17.37 -55.24 54.92
N GLU C 444 18.28 -56.02 54.33
CA GLU C 444 17.85 -56.86 53.22
C GLU C 444 16.75 -57.83 53.56
N ASN C 445 16.82 -58.42 54.75
CA ASN C 445 15.82 -59.39 55.17
C ASN C 445 14.43 -58.77 55.20
N VAL C 446 14.31 -57.63 55.85
CA VAL C 446 13.03 -56.95 55.94
C VAL C 446 12.52 -56.63 54.54
N LEU C 447 13.42 -56.21 53.67
CA LEU C 447 13.01 -55.87 52.34
C LEU C 447 12.52 -57.11 51.59
N LYS C 448 13.27 -58.20 51.68
CA LYS C 448 12.85 -59.43 51.02
C LYS C 448 11.53 -59.89 51.62
N ALA C 449 11.40 -59.79 52.94
CA ALA C 449 10.17 -60.19 53.61
C ALA C 449 8.99 -59.62 52.89
N TYR C 450 9.03 -58.32 52.60
CA TYR C 450 7.91 -57.69 51.92
C TYR C 450 7.83 -57.86 50.42
N GLY C 451 8.66 -58.74 49.86
CA GLY C 451 8.64 -58.97 48.43
C GLY C 451 9.10 -57.78 47.60
N LEU C 452 9.86 -56.89 48.23
CA LEU C 452 10.38 -55.73 47.56
C LEU C 452 11.70 -56.06 46.86
N GLY C 453 11.97 -55.42 45.74
CA GLY C 453 13.22 -55.68 45.05
C GLY C 453 13.11 -56.90 44.16
N ASN C 454 14.25 -57.36 43.68
CA ASN C 454 14.26 -58.50 42.79
C ASN C 454 15.59 -59.24 42.89
N SER C 455 15.58 -60.55 42.59
CA SER C 455 16.81 -61.37 42.60
C SER C 455 16.75 -62.64 41.70
N GLN D 3 1.13 -6.57 22.87
CA GLN D 3 0.78 -5.66 24.01
C GLN D 3 0.92 -6.36 25.38
N ILE D 4 1.74 -5.75 26.25
CA ILE D 4 2.02 -6.29 27.58
C ILE D 4 0.95 -5.87 28.58
N PRO D 5 0.27 -6.86 29.15
CA PRO D 5 -0.81 -6.73 30.13
C PRO D 5 -0.78 -5.62 31.19
N GLY D 6 -1.88 -4.88 31.28
CA GLY D 6 -2.01 -3.84 32.28
C GLY D 6 -2.93 -4.29 33.42
N THR D 7 -3.10 -3.43 34.41
CA THR D 7 -3.96 -3.76 35.55
C THR D 7 -5.39 -3.18 35.38
N ARG D 8 -6.37 -4.05 35.17
CA ARG D 8 -7.77 -3.64 35.01
C ARG D 8 -8.39 -3.33 36.38
N THR D 9 -9.25 -2.32 36.46
CA THR D 9 -9.89 -2.01 37.73
C THR D 9 -11.38 -1.84 37.62
N SER D 10 -12.09 -2.27 38.65
CA SER D 10 -13.54 -2.17 38.72
C SER D 10 -13.94 -1.99 40.20
N LYS D 11 -15.04 -1.29 40.45
CA LYS D 11 -15.52 -1.09 41.82
C LYS D 11 -16.89 -1.73 41.96
N LEU D 12 -17.18 -2.23 43.15
CA LEU D 12 -18.47 -2.87 43.41
C LEU D 12 -19.34 -1.81 44.07
N PRO D 13 -20.68 -1.98 44.04
CA PRO D 13 -21.54 -0.98 44.66
C PRO D 13 -21.21 -0.71 46.14
N ASN D 14 -20.65 -1.68 46.87
CA ASN D 14 -20.32 -1.45 48.27
C ASN D 14 -18.92 -0.86 48.53
N GLY D 15 -18.21 -0.52 47.44
CA GLY D 15 -16.88 0.07 47.54
C GLY D 15 -15.73 -0.88 47.23
N LEU D 16 -15.98 -2.19 47.34
CA LEU D 16 -14.96 -3.21 47.08
C LEU D 16 -14.32 -3.02 45.74
N THR D 17 -12.98 -2.98 45.73
CA THR D 17 -12.23 -2.80 44.49
C THR D 17 -11.69 -4.11 43.93
N ILE D 18 -11.89 -4.35 42.64
CA ILE D 18 -11.39 -5.57 41.98
C ILE D 18 -10.26 -5.21 41.03
N ALA D 19 -9.03 -5.50 41.42
CA ALA D 19 -7.85 -5.17 40.60
C ALA D 19 -7.14 -6.45 40.09
N THR D 20 -7.12 -6.55 38.75
CA THR D 20 -6.57 -7.68 38.05
C THR D 20 -5.42 -7.43 37.07
N GLU D 21 -4.59 -8.47 36.87
CA GLU D 21 -3.50 -8.43 35.88
C GLU D 21 -3.38 -9.81 35.26
N TYR D 22 -3.80 -9.90 34.01
CA TYR D 22 -3.72 -11.17 33.28
C TYR D 22 -2.24 -11.52 32.95
N ILE D 23 -1.93 -12.82 32.99
CA ILE D 23 -0.59 -13.27 32.65
C ILE D 23 -0.76 -14.28 31.52
N PRO D 24 -0.27 -13.99 30.29
CA PRO D 24 -0.41 -14.92 29.16
C PRO D 24 0.33 -16.22 29.40
N ASN D 25 -0.20 -17.31 28.86
CA ASN D 25 0.43 -18.63 29.03
C ASN D 25 0.52 -19.09 30.47
N THR D 26 -0.62 -19.20 31.12
CA THR D 26 -0.69 -19.62 32.51
C THR D 26 -1.99 -20.38 32.70
N SER D 27 -2.07 -21.19 33.74
CA SER D 27 -3.25 -21.99 33.98
C SER D 27 -3.54 -22.01 35.45
N SER D 28 -2.94 -21.09 36.17
CA SER D 28 -3.16 -21.04 37.59
C SER D 28 -3.16 -19.57 37.89
N ALA D 29 -3.50 -19.22 39.11
CA ALA D 29 -3.52 -17.83 39.47
C ALA D 29 -3.56 -17.67 40.96
N THR D 30 -3.52 -16.44 41.39
CA THR D 30 -3.54 -16.12 42.81
C THR D 30 -4.58 -15.01 42.97
N VAL D 31 -5.44 -15.19 43.96
CA VAL D 31 -6.46 -14.22 44.27
C VAL D 31 -6.35 -13.90 45.74
N GLY D 32 -6.41 -12.62 46.05
CA GLY D 32 -6.29 -12.18 47.43
C GLY D 32 -7.18 -11.01 47.83
N ILE D 33 -7.69 -11.08 49.05
CA ILE D 33 -8.53 -10.05 49.59
C ILE D 33 -7.68 -9.23 50.57
N PHE D 34 -7.51 -7.95 50.27
CA PHE D 34 -6.68 -7.07 51.11
C PHE D 34 -7.55 -6.09 51.86
N VAL D 35 -7.39 -6.04 53.19
CA VAL D 35 -8.20 -5.14 54.01
C VAL D 35 -7.39 -4.09 54.73
N ASP D 36 -7.89 -2.86 54.67
CA ASP D 36 -7.24 -1.73 55.35
C ASP D 36 -7.59 -1.79 56.84
N ALA D 37 -7.03 -2.78 57.53
CA ALA D 37 -7.29 -2.98 58.96
C ALA D 37 -5.98 -3.01 59.73
N GLY D 38 -5.52 -4.21 60.01
CA GLY D 38 -4.26 -4.39 60.70
C GLY D 38 -4.30 -4.00 62.14
N SER D 39 -3.14 -3.92 62.77
CA SER D 39 -3.08 -3.56 64.17
C SER D 39 -3.13 -2.04 64.37
N ARG D 40 -2.96 -1.26 63.32
CA ARG D 40 -3.03 0.19 63.51
C ARG D 40 -4.50 0.62 63.69
N ALA D 41 -5.43 -0.35 63.53
CA ALA D 41 -6.87 -0.09 63.66
C ALA D 41 -7.40 -0.65 64.99
N GLU D 42 -6.48 -0.90 65.91
CA GLU D 42 -6.84 -1.40 67.23
C GLU D 42 -6.55 -0.23 68.20
N ASN D 43 -6.76 -0.47 69.48
CA ASN D 43 -6.50 0.53 70.52
C ASN D 43 -5.63 -0.13 71.55
N VAL D 44 -5.44 0.50 72.71
CA VAL D 44 -4.56 -0.08 73.70
C VAL D 44 -4.98 -1.44 74.29
N LYS D 45 -6.25 -1.58 74.66
CA LYS D 45 -6.70 -2.84 75.25
C LYS D 45 -7.05 -3.85 74.15
N ASN D 46 -7.31 -3.32 72.96
CA ASN D 46 -7.66 -4.09 71.78
C ASN D 46 -6.46 -4.83 71.14
N ASN D 47 -5.32 -4.12 71.12
CA ASN D 47 -4.04 -4.56 70.55
C ASN D 47 -3.82 -6.07 70.54
N GLY D 48 -3.80 -6.67 69.35
CA GLY D 48 -3.57 -8.10 69.24
C GLY D 48 -4.73 -8.84 68.59
N THR D 49 -5.86 -8.16 68.48
CA THR D 49 -7.07 -8.72 67.90
C THR D 49 -6.95 -9.18 66.42
N ALA D 50 -6.73 -8.23 65.51
CA ALA D 50 -6.60 -8.51 64.07
C ALA D 50 -5.81 -9.79 63.80
N HIS D 51 -4.70 -9.94 64.48
CA HIS D 51 -3.88 -11.13 64.30
C HIS D 51 -4.64 -12.38 64.81
N PHE D 52 -5.16 -12.31 66.04
CA PHE D 52 -5.90 -13.40 66.66
C PHE D 52 -6.99 -13.83 65.68
N LEU D 53 -7.81 -12.86 65.29
CA LEU D 53 -8.90 -13.06 64.34
C LEU D 53 -8.43 -13.93 63.17
N GLN D 54 -7.31 -13.49 62.59
CA GLN D 54 -6.63 -14.17 61.41
C GLN D 54 -6.36 -15.68 61.66
N HIS D 55 -5.97 -16.03 62.90
CA HIS D 55 -5.74 -17.42 63.23
C HIS D 55 -7.07 -18.18 63.27
N LEU D 56 -8.07 -17.51 63.83
CA LEU D 56 -9.39 -18.10 63.97
C LEU D 56 -10.15 -18.32 62.69
N ALA D 57 -9.96 -17.43 61.72
CA ALA D 57 -10.66 -17.57 60.46
C ALA D 57 -10.46 -18.96 59.83
N PHE D 58 -9.40 -19.65 60.26
CA PHE D 58 -9.10 -20.98 59.74
C PHE D 58 -9.72 -22.09 60.55
N LYS D 59 -10.49 -21.73 61.57
CA LYS D 59 -11.10 -22.71 62.45
C LYS D 59 -12.52 -23.14 62.11
N GLY D 60 -13.12 -22.54 61.09
CA GLY D 60 -14.46 -22.96 60.73
C GLY D 60 -15.38 -21.80 60.45
N THR D 61 -16.35 -22.03 59.58
CA THR D 61 -17.29 -20.99 59.21
C THR D 61 -18.74 -21.49 59.24
N GLN D 62 -19.67 -20.55 59.12
CA GLN D 62 -21.10 -20.87 59.12
C GLN D 62 -21.49 -21.83 58.00
N ASN D 63 -20.56 -22.22 57.14
CA ASN D 63 -20.90 -23.11 56.04
C ASN D 63 -19.91 -24.26 55.98
N ARG D 64 -18.70 -23.99 56.43
CA ARG D 64 -17.68 -24.99 56.39
C ARG D 64 -16.95 -25.16 57.71
N PRO D 65 -16.85 -26.40 58.19
CA PRO D 65 -16.17 -26.71 59.46
C PRO D 65 -14.64 -26.62 59.19
N GLN D 66 -13.83 -26.36 60.21
CA GLN D 66 -12.39 -26.24 60.00
C GLN D 66 -11.79 -27.26 59.03
N GLN D 67 -11.79 -28.53 59.42
CA GLN D 67 -11.21 -29.57 58.60
C GLN D 67 -11.91 -29.72 57.22
N GLY D 68 -13.03 -29.04 57.05
CA GLY D 68 -13.72 -29.13 55.76
C GLY D 68 -13.06 -28.24 54.72
N ILE D 69 -12.55 -27.10 55.19
CA ILE D 69 -11.85 -26.11 54.36
C ILE D 69 -10.56 -26.78 53.89
N GLU D 70 -9.80 -27.31 54.84
CA GLU D 70 -8.53 -27.96 54.56
C GLU D 70 -8.69 -28.96 53.42
N LEU D 71 -9.50 -29.98 53.67
CA LEU D 71 -9.72 -31.03 52.71
C LEU D 71 -10.29 -30.51 51.38
N GLU D 72 -11.07 -29.44 51.41
CA GLU D 72 -11.63 -28.94 50.15
C GLU D 72 -10.49 -28.35 49.32
N ILE D 73 -9.69 -27.48 49.96
CA ILE D 73 -8.56 -26.86 49.31
C ILE D 73 -7.56 -27.93 48.82
N GLU D 74 -7.18 -28.85 49.68
CA GLU D 74 -6.22 -29.86 49.26
C GLU D 74 -6.66 -30.81 48.17
N ASN D 75 -7.96 -30.97 47.95
CA ASN D 75 -8.41 -31.89 46.90
C ASN D 75 -8.28 -31.30 45.52
N ILE D 76 -8.36 -29.98 45.40
CA ILE D 76 -8.19 -29.33 44.10
C ILE D 76 -6.77 -28.81 43.95
N GLY D 77 -5.95 -29.02 44.99
CA GLY D 77 -4.57 -28.59 44.97
C GLY D 77 -4.42 -27.08 44.96
N SER D 78 -4.98 -26.42 45.95
CA SER D 78 -4.86 -24.98 46.03
C SER D 78 -4.14 -24.72 47.32
N HIS D 79 -3.94 -23.47 47.68
CA HIS D 79 -3.24 -23.14 48.91
C HIS D 79 -3.89 -21.93 49.56
N LEU D 80 -4.00 -21.97 50.88
CA LEU D 80 -4.62 -20.87 51.58
C LEU D 80 -3.63 -20.29 52.54
N ASN D 81 -3.55 -18.98 52.60
CA ASN D 81 -2.63 -18.37 53.55
C ASN D 81 -3.04 -16.96 53.97
N ALA D 82 -2.41 -16.44 55.01
CA ALA D 82 -2.80 -15.11 55.45
C ALA D 82 -1.76 -14.56 56.39
N TYR D 83 -1.74 -13.24 56.50
CA TYR D 83 -0.79 -12.59 57.38
C TYR D 83 -1.44 -11.32 57.88
N THR D 84 -0.83 -10.69 58.87
CA THR D 84 -1.33 -9.43 59.42
C THR D 84 -0.15 -8.50 59.58
N SER D 85 -0.29 -7.29 59.05
CA SER D 85 0.77 -6.30 59.14
C SER D 85 0.15 -5.17 59.92
N ARG D 86 0.94 -4.15 60.22
CA ARG D 86 0.42 -3.01 60.95
C ARG D 86 -0.69 -2.30 60.14
N GLU D 87 -0.54 -2.25 58.82
CA GLU D 87 -1.53 -1.60 57.96
C GLU D 87 -2.69 -2.44 57.40
N ASN D 88 -2.51 -3.76 57.24
CA ASN D 88 -3.59 -4.59 56.64
C ASN D 88 -3.66 -6.03 57.12
N THR D 89 -4.76 -6.69 56.74
CA THR D 89 -4.97 -8.10 57.05
C THR D 89 -5.16 -8.62 55.64
N VAL D 90 -4.52 -9.74 55.34
CA VAL D 90 -4.57 -10.30 54.00
C VAL D 90 -4.80 -11.80 54.01
N TYR D 91 -5.77 -12.23 53.20
CA TYR D 91 -6.09 -13.64 53.05
C TYR D 91 -6.01 -13.85 51.52
N TYR D 92 -5.35 -14.91 51.07
CA TYR D 92 -5.22 -15.17 49.64
C TYR D 92 -5.07 -16.63 49.30
N ALA D 93 -5.29 -16.96 48.04
CA ALA D 93 -5.17 -18.33 47.66
C ALA D 93 -4.49 -18.52 46.30
N LYS D 94 -3.90 -19.69 46.12
CA LYS D 94 -3.27 -20.05 44.86
C LYS D 94 -4.03 -21.28 44.39
N SER D 95 -4.37 -21.36 43.11
CA SER D 95 -5.09 -22.52 42.62
C SER D 95 -5.15 -22.51 41.10
N LEU D 96 -5.54 -23.64 40.52
CA LEU D 96 -5.60 -23.74 39.08
C LEU D 96 -6.72 -22.82 38.68
N GLN D 97 -6.73 -22.36 37.42
CA GLN D 97 -7.77 -21.43 36.95
C GLN D 97 -9.21 -21.93 37.10
N GLU D 98 -9.44 -23.22 36.85
CA GLU D 98 -10.79 -23.78 37.01
C GLU D 98 -11.35 -23.46 38.40
N ASP D 99 -10.48 -23.46 39.41
CA ASP D 99 -10.92 -23.19 40.78
C ASP D 99 -10.89 -21.71 41.25
N ILE D 100 -10.73 -20.76 40.33
CA ILE D 100 -10.67 -19.36 40.77
C ILE D 100 -11.89 -18.94 41.59
N PRO D 101 -13.10 -19.24 41.10
CA PRO D 101 -14.26 -18.84 41.89
C PRO D 101 -14.32 -19.59 43.21
N LYS D 102 -14.20 -20.92 43.14
CA LYS D 102 -14.22 -21.74 44.35
C LYS D 102 -13.29 -21.16 45.42
N ALA D 103 -12.28 -20.42 44.98
CA ALA D 103 -11.32 -19.80 45.88
C ALA D 103 -11.84 -18.46 46.41
N VAL D 104 -12.44 -17.68 45.52
CA VAL D 104 -13.00 -16.39 45.88
C VAL D 104 -14.12 -16.67 46.88
N ASP D 105 -14.79 -17.80 46.68
CA ASP D 105 -15.88 -18.25 47.53
C ASP D 105 -15.36 -18.47 48.96
N ILE D 106 -14.44 -19.40 49.10
CA ILE D 106 -13.83 -19.72 50.38
C ILE D 106 -13.13 -18.51 51.03
N LEU D 107 -12.55 -17.62 50.24
CA LEU D 107 -11.88 -16.46 50.84
C LEU D 107 -12.89 -15.61 51.59
N SER D 108 -13.99 -15.23 50.91
CA SER D 108 -15.03 -14.42 51.53
C SER D 108 -15.62 -15.14 52.74
N ASP D 109 -15.92 -16.42 52.55
CA ASP D 109 -16.49 -17.23 53.62
C ASP D 109 -15.67 -17.14 54.92
N ILE D 110 -14.38 -17.40 54.82
CA ILE D 110 -13.52 -17.37 55.96
C ILE D 110 -13.33 -15.98 56.54
N LEU D 111 -13.30 -14.97 55.68
CA LEU D 111 -13.10 -13.59 56.13
C LEU D 111 -14.29 -13.02 56.92
N THR D 112 -15.50 -13.31 56.46
CA THR D 112 -16.70 -12.78 57.13
C THR D 112 -17.46 -13.79 58.01
N LYS D 113 -18.06 -14.80 57.37
CA LYS D 113 -18.86 -15.83 58.05
C LYS D 113 -18.11 -16.86 58.90
N SER D 114 -17.16 -16.37 59.69
CA SER D 114 -16.37 -17.26 60.54
C SER D 114 -17.04 -17.53 61.91
N VAL D 115 -17.07 -18.81 62.32
CA VAL D 115 -17.69 -19.24 63.59
C VAL D 115 -17.17 -18.58 64.87
N LEU D 116 -15.85 -18.52 65.02
CA LEU D 116 -15.25 -17.91 66.21
C LEU D 116 -15.76 -18.62 67.46
N ASP D 117 -15.67 -19.95 67.44
CA ASP D 117 -16.11 -20.74 68.58
C ASP D 117 -15.27 -20.36 69.83
N ASN D 118 -15.95 -20.19 70.97
CA ASN D 118 -15.29 -19.83 72.23
C ASN D 118 -14.31 -20.89 72.67
N SER D 119 -14.57 -22.14 72.31
CA SER D 119 -13.67 -23.24 72.66
C SER D 119 -12.35 -23.01 71.93
N ALA D 120 -12.46 -22.66 70.66
CA ALA D 120 -11.32 -22.39 69.80
C ALA D 120 -10.60 -21.15 70.34
N ILE D 121 -11.35 -20.06 70.45
CA ILE D 121 -10.82 -18.81 70.96
C ILE D 121 -10.04 -18.98 72.26
N GLU D 122 -10.06 -20.18 72.83
CA GLU D 122 -9.35 -20.43 74.09
C GLU D 122 -8.10 -21.27 73.87
N ARG D 123 -8.23 -22.31 73.05
CA ARG D 123 -7.08 -23.16 72.77
C ARG D 123 -6.05 -22.33 72.02
N GLU D 124 -6.54 -21.35 71.26
CA GLU D 124 -5.68 -20.49 70.45
C GLU D 124 -4.72 -19.62 71.30
N ARG D 125 -5.25 -19.02 72.37
CA ARG D 125 -4.47 -18.15 73.27
C ARG D 125 -3.07 -18.75 73.57
N ASP D 126 -2.96 -20.07 73.54
CA ASP D 126 -1.67 -20.69 73.81
C ASP D 126 -0.77 -20.69 72.57
N VAL D 127 -1.37 -20.98 71.43
CA VAL D 127 -0.62 -21.00 70.19
C VAL D 127 -0.02 -19.60 69.97
N ILE D 128 -0.84 -18.55 70.19
CA ILE D 128 -0.39 -17.16 70.04
C ILE D 128 0.73 -16.79 71.02
N ILE D 129 0.79 -17.45 72.17
CA ILE D 129 1.87 -17.16 73.13
C ILE D 129 3.15 -17.84 72.63
N ARG D 130 3.03 -19.09 72.21
CA ARG D 130 4.19 -19.83 71.70
C ARG D 130 4.77 -19.01 70.55
N GLU D 131 3.88 -18.51 69.70
CA GLU D 131 4.27 -17.68 68.56
C GLU D 131 5.06 -16.48 69.08
N SER D 132 4.46 -15.77 70.02
CA SER D 132 5.09 -14.58 70.62
C SER D 132 6.50 -14.89 71.13
N GLU D 133 6.65 -15.98 71.86
CA GLU D 133 7.94 -16.39 72.40
C GLU D 133 9.03 -16.66 71.35
N GLU D 134 8.61 -17.00 70.13
CA GLU D 134 9.54 -17.27 69.05
C GLU D 134 10.08 -15.96 68.53
N VAL D 135 9.17 -15.00 68.34
CA VAL D 135 9.55 -13.68 67.85
C VAL D 135 10.58 -13.04 68.79
N ASP D 136 10.46 -13.30 70.09
CA ASP D 136 11.40 -12.72 71.05
C ASP D 136 12.81 -13.29 70.90
N LYS D 137 12.95 -14.33 70.08
CA LYS D 137 14.24 -14.94 69.83
C LYS D 137 14.87 -14.37 68.54
N MET D 138 14.08 -13.56 67.84
CA MET D 138 14.50 -12.91 66.61
C MET D 138 14.73 -11.45 66.97
N TYR D 139 15.95 -11.16 67.47
CA TYR D 139 16.35 -9.83 67.91
C TYR D 139 16.04 -8.68 66.99
N ASP D 140 16.25 -8.88 65.69
CA ASP D 140 15.94 -7.81 64.75
C ASP D 140 14.45 -7.48 64.90
N GLU D 141 13.59 -8.52 64.93
CA GLU D 141 12.15 -8.33 65.11
C GLU D 141 11.87 -7.54 66.41
N VAL D 142 12.50 -8.00 67.48
CA VAL D 142 12.37 -7.35 68.76
C VAL D 142 12.77 -5.88 68.69
N VAL D 143 14.02 -5.64 68.32
CA VAL D 143 14.52 -4.27 68.27
C VAL D 143 13.61 -3.39 67.45
N PHE D 144 13.05 -3.89 66.35
CA PHE D 144 12.17 -3.06 65.54
C PHE D 144 10.81 -2.79 66.20
N ASP D 145 10.30 -3.75 66.99
CA ASP D 145 9.01 -3.53 67.67
C ASP D 145 9.14 -2.34 68.62
N HIS D 146 10.22 -2.35 69.39
CA HIS D 146 10.53 -1.29 70.36
C HIS D 146 10.68 0.04 69.64
N LEU D 147 11.46 0.05 68.55
CA LEU D 147 11.67 1.26 67.80
C LEU D 147 10.32 1.89 67.44
N HIS D 148 9.36 1.04 67.03
CA HIS D 148 8.02 1.52 66.65
C HIS D 148 7.28 2.12 67.82
N GLU D 149 7.51 1.53 68.98
CA GLU D 149 6.86 1.97 70.21
C GLU D 149 7.29 3.35 70.66
N ILE D 150 8.58 3.63 70.64
CA ILE D 150 9.04 4.94 71.08
C ILE D 150 9.04 6.00 69.99
N THR D 151 9.03 5.55 68.73
CA THR D 151 9.02 6.50 67.63
C THR D 151 7.60 7.01 67.40
N TYR D 152 6.63 6.12 67.57
CA TYR D 152 5.24 6.46 67.40
C TYR D 152 4.63 6.33 68.78
N LYS D 153 5.20 7.11 69.70
CA LYS D 153 4.78 7.13 71.09
C LYS D 153 3.28 7.26 71.27
N ASP D 154 2.71 6.23 71.92
CA ASP D 154 1.28 6.17 72.21
C ASP D 154 0.41 6.48 71.00
N GLN D 155 0.69 5.81 69.89
CA GLN D 155 -0.08 5.97 68.67
C GLN D 155 -0.32 4.55 68.15
N PRO D 156 -1.29 4.37 67.23
CA PRO D 156 -1.61 3.07 66.65
C PRO D 156 -0.41 2.33 66.05
N LEU D 157 0.34 3.04 65.19
CA LEU D 157 1.53 2.48 64.54
C LEU D 157 2.52 1.96 65.58
N GLY D 158 2.58 2.61 66.73
CA GLY D 158 3.50 2.21 67.77
C GLY D 158 3.33 0.83 68.41
N ARG D 159 2.10 0.31 68.39
CA ARG D 159 1.82 -1.00 68.96
C ARG D 159 2.20 -2.14 68.03
N THR D 160 2.64 -3.26 68.60
CA THR D 160 3.03 -4.42 67.82
C THR D 160 1.81 -5.15 67.23
N ILE D 161 2.05 -6.09 66.31
CA ILE D 161 0.97 -6.83 65.66
C ILE D 161 0.41 -7.95 66.51
N LEU D 162 1.30 -8.71 67.12
CA LEU D 162 0.92 -9.83 67.97
C LEU D 162 0.15 -9.37 69.21
N GLY D 163 0.51 -8.17 69.69
CA GLY D 163 -0.11 -7.62 70.90
C GLY D 163 0.62 -8.10 72.16
N PRO D 164 0.35 -7.49 73.34
CA PRO D 164 0.97 -7.86 74.62
C PRO D 164 0.43 -9.22 75.13
N ILE D 165 1.25 -10.01 75.84
CA ILE D 165 0.76 -11.30 76.38
C ILE D 165 -0.59 -11.06 77.08
N LYS D 166 -0.64 -9.94 77.80
CA LYS D 166 -1.81 -9.45 78.54
C LYS D 166 -3.08 -9.60 77.71
N ASN D 167 -3.16 -8.86 76.60
CA ASN D 167 -4.29 -8.88 75.69
C ASN D 167 -4.53 -10.24 75.02
N ILE D 168 -3.46 -11.02 74.85
CA ILE D 168 -3.59 -12.33 74.23
C ILE D 168 -4.36 -13.26 75.16
N LYS D 169 -4.24 -13.00 76.45
CA LYS D 169 -4.93 -13.79 77.46
C LYS D 169 -6.30 -13.20 77.77
N SER D 170 -6.55 -11.96 77.36
CA SER D 170 -7.82 -11.28 77.61
C SER D 170 -8.70 -10.88 76.40
N ILE D 171 -8.39 -11.39 75.22
CA ILE D 171 -9.22 -11.06 74.07
C ILE D 171 -10.53 -11.86 74.17
N THR D 172 -11.66 -11.15 74.06
CA THR D 172 -12.97 -11.79 74.14
C THR D 172 -13.61 -11.93 72.76
N ARG D 173 -14.41 -12.97 72.57
CA ARG D 173 -15.09 -13.20 71.30
C ARG D 173 -15.87 -11.96 70.85
N THR D 174 -16.12 -11.03 71.77
CA THR D 174 -16.83 -9.81 71.39
C THR D 174 -15.83 -8.84 70.73
N ASP D 175 -14.63 -8.75 71.28
CA ASP D 175 -13.58 -7.90 70.71
C ASP D 175 -13.48 -8.23 69.22
N LEU D 176 -13.34 -9.54 68.94
CA LEU D 176 -13.25 -10.06 67.58
C LEU D 176 -14.39 -9.57 66.69
N LYS D 177 -15.62 -9.97 67.04
CA LYS D 177 -16.80 -9.59 66.27
C LYS D 177 -16.90 -8.09 66.03
N ASP D 178 -16.37 -7.31 66.96
CA ASP D 178 -16.40 -5.86 66.84
C ASP D 178 -15.39 -5.32 65.86
N TYR D 179 -14.19 -5.88 65.93
CA TYR D 179 -13.13 -5.49 65.03
C TYR D 179 -13.66 -5.78 63.62
N ILE D 180 -14.33 -6.93 63.45
CA ILE D 180 -14.90 -7.29 62.16
C ILE D 180 -15.95 -6.29 61.70
N THR D 181 -16.91 -6.01 62.57
CA THR D 181 -17.99 -5.07 62.27
C THR D 181 -17.43 -3.68 61.95
N LYS D 182 -16.58 -3.19 62.83
CA LYS D 182 -15.99 -1.87 62.67
C LYS D 182 -15.17 -1.66 61.40
N ASN D 183 -14.24 -2.58 61.16
CA ASN D 183 -13.31 -2.50 60.02
C ASN D 183 -13.66 -3.09 58.65
N TYR D 184 -14.20 -4.31 58.60
CA TYR D 184 -14.51 -4.96 57.32
C TYR D 184 -15.60 -4.33 56.44
N LYS D 185 -15.24 -3.22 55.80
CA LYS D 185 -16.14 -2.47 54.92
C LYS D 185 -15.64 -2.52 53.47
N GLY D 186 -16.56 -2.69 52.52
CA GLY D 186 -16.18 -2.75 51.11
C GLY D 186 -15.21 -1.69 50.60
N ASP D 187 -15.43 -0.44 50.97
CA ASP D 187 -14.58 0.69 50.55
C ASP D 187 -13.22 0.65 51.24
N ARG D 188 -13.00 -0.40 52.02
CA ARG D 188 -11.75 -0.56 52.73
C ARG D 188 -11.05 -1.85 52.39
N MET D 189 -11.51 -2.48 51.30
CA MET D 189 -10.86 -3.68 50.83
C MET D 189 -10.67 -3.75 49.33
N VAL D 190 -9.66 -4.52 48.92
CA VAL D 190 -9.29 -4.75 47.53
C VAL D 190 -9.18 -6.24 47.29
N LEU D 191 -9.81 -6.73 46.24
CA LEU D 191 -9.71 -8.13 45.88
C LEU D 191 -8.76 -8.09 44.68
N ALA D 192 -7.56 -8.66 44.83
CA ALA D 192 -6.57 -8.67 43.77
C ALA D 192 -6.30 -10.03 43.14
N GLY D 193 -6.12 -10.03 41.82
CA GLY D 193 -5.85 -11.27 41.10
C GLY D 193 -4.88 -11.09 39.94
N ALA D 194 -4.11 -12.14 39.67
CA ALA D 194 -3.14 -12.14 38.59
C ALA D 194 -2.94 -13.57 38.16
N GLY D 195 -2.66 -13.77 36.88
CA GLY D 195 -2.46 -15.12 36.40
C GLY D 195 -3.52 -15.37 35.36
N ALA D 196 -3.98 -16.61 35.29
CA ALA D 196 -5.01 -16.98 34.35
C ALA D 196 -6.32 -16.45 34.95
N VAL D 197 -6.59 -15.18 34.74
CA VAL D 197 -7.78 -14.61 35.33
C VAL D 197 -8.54 -13.68 34.40
N ASP D 198 -9.84 -13.94 34.23
CA ASP D 198 -10.70 -13.10 33.41
C ASP D 198 -11.20 -11.96 34.33
N HIS D 199 -10.81 -10.72 34.05
CA HIS D 199 -11.22 -9.62 34.91
C HIS D 199 -12.71 -9.53 35.11
N GLU D 200 -13.47 -9.59 34.02
CA GLU D 200 -14.92 -9.47 34.11
C GLU D 200 -15.57 -10.54 35.00
N LYS D 201 -15.26 -11.81 34.73
CA LYS D 201 -15.81 -12.88 35.54
C LYS D 201 -15.44 -12.70 37.01
N LEU D 202 -14.20 -12.30 37.29
CA LEU D 202 -13.82 -12.13 38.67
C LEU D 202 -14.56 -10.95 39.30
N VAL D 203 -15.01 -9.99 38.50
CA VAL D 203 -15.74 -8.87 39.09
C VAL D 203 -17.11 -9.40 39.51
N GLN D 204 -17.62 -10.37 38.74
CA GLN D 204 -18.92 -10.99 39.04
C GLN D 204 -18.87 -11.72 40.36
N TYR D 205 -18.07 -12.77 40.39
CA TYR D 205 -17.90 -13.56 41.61
C TYR D 205 -17.67 -12.63 42.81
N ALA D 206 -16.99 -11.51 42.59
CA ALA D 206 -16.73 -10.56 43.66
C ALA D 206 -18.07 -10.12 44.26
N GLN D 207 -18.98 -9.67 43.40
CA GLN D 207 -20.31 -9.23 43.82
C GLN D 207 -21.01 -10.37 44.55
N LYS D 208 -21.06 -11.52 43.88
CA LYS D 208 -21.69 -12.72 44.44
C LYS D 208 -21.22 -13.18 45.79
N TYR D 209 -19.94 -13.00 46.10
CA TYR D 209 -19.44 -13.47 47.38
C TYR D 209 -18.97 -12.39 48.31
N PHE D 210 -18.93 -11.14 47.84
CA PHE D 210 -18.49 -10.03 48.68
C PHE D 210 -19.51 -8.88 48.65
N GLY D 211 -20.59 -9.04 47.88
CA GLY D 211 -21.61 -8.01 47.79
C GLY D 211 -22.24 -7.73 49.14
N HIS D 212 -22.48 -8.81 49.88
CA HIS D 212 -23.07 -8.74 51.20
C HIS D 212 -22.18 -8.01 52.22
N VAL D 213 -21.17 -7.28 51.77
CA VAL D 213 -20.32 -6.59 52.73
C VAL D 213 -20.73 -5.15 52.97
N PRO D 214 -20.93 -4.79 54.24
CA PRO D 214 -21.33 -3.47 54.71
C PRO D 214 -20.48 -2.37 54.10
N LYS D 215 -21.10 -1.27 53.71
CA LYS D 215 -20.31 -0.16 53.18
C LYS D 215 -19.98 0.72 54.38
N SER D 216 -19.06 1.66 54.22
CA SER D 216 -18.79 2.56 55.34
C SER D 216 -19.86 3.63 55.17
N GLU D 217 -20.27 4.27 56.24
CA GLU D 217 -21.28 5.32 56.11
C GLU D 217 -20.60 6.61 55.65
N SER D 218 -19.31 6.75 55.95
CA SER D 218 -18.48 7.90 55.54
C SER D 218 -17.29 7.35 54.74
N PRO D 219 -17.56 6.76 53.56
CA PRO D 219 -16.53 6.19 52.69
C PRO D 219 -15.47 7.16 52.24
N VAL D 220 -14.24 6.67 52.14
CA VAL D 220 -13.15 7.50 51.68
C VAL D 220 -12.35 6.60 50.73
N PRO D 221 -11.86 7.19 49.63
CA PRO D 221 -11.07 6.44 48.66
C PRO D 221 -9.88 5.76 49.37
N LEU D 222 -9.54 4.55 48.95
CA LEU D 222 -8.47 3.84 49.59
C LEU D 222 -7.18 4.64 49.90
N GLY D 223 -6.93 5.72 49.15
CA GLY D 223 -5.70 6.48 49.35
C GLY D 223 -5.70 7.65 50.34
N SER D 224 -6.81 8.36 50.36
CA SER D 224 -7.03 9.52 51.22
C SER D 224 -6.71 9.29 52.70
N PRO D 225 -6.19 10.36 53.35
CA PRO D 225 -5.79 10.42 54.76
C PRO D 225 -6.73 9.82 55.83
N ARG D 226 -6.15 9.01 56.71
CA ARG D 226 -6.87 8.33 57.81
C ARG D 226 -7.54 9.37 58.71
N GLY D 227 -6.75 10.38 59.08
CA GLY D 227 -7.25 11.45 59.92
C GLY D 227 -6.07 12.30 60.30
N PRO D 228 -5.65 12.25 61.58
CA PRO D 228 -4.51 13.02 62.07
C PRO D 228 -3.23 12.27 61.76
N LEU D 229 -2.30 12.98 61.12
CA LEU D 229 -1.00 12.42 60.74
C LEU D 229 -0.16 11.99 61.95
N PRO D 230 0.39 10.75 61.92
CA PRO D 230 1.23 10.26 63.02
C PRO D 230 2.43 11.18 63.22
N VAL D 231 3.16 10.98 64.30
CA VAL D 231 4.28 11.88 64.58
C VAL D 231 5.51 11.13 65.10
N PHE D 232 6.67 11.55 64.59
CA PHE D 232 7.94 10.94 64.93
C PHE D 232 8.46 11.54 66.23
N CYS D 233 8.69 10.68 67.23
CA CYS D 233 9.15 11.13 68.56
C CYS D 233 10.57 10.73 68.81
N ARG D 234 11.46 11.70 68.97
CA ARG D 234 12.84 11.28 69.23
C ARG D 234 12.87 10.63 70.58
N GLY D 235 13.64 9.56 70.69
CA GLY D 235 13.74 8.84 71.93
C GLY D 235 14.81 7.78 71.84
N GLU D 236 15.04 7.08 72.95
CA GLU D 236 16.01 6.00 73.03
C GLU D 236 15.54 5.03 74.11
N ARG D 237 15.86 3.76 73.95
CA ARG D 237 15.48 2.76 74.89
C ARG D 237 16.60 1.76 74.88
N PHE D 238 17.41 1.78 75.93
CA PHE D 238 18.52 0.84 76.05
C PHE D 238 18.00 -0.37 76.83
N ILE D 239 18.36 -1.55 76.35
CA ILE D 239 17.90 -2.77 76.99
C ILE D 239 19.12 -3.61 77.33
N LYS D 240 19.63 -3.42 78.55
CA LYS D 240 20.80 -4.15 79.04
C LYS D 240 20.41 -5.64 79.06
N GLU D 241 21.37 -6.47 78.67
CA GLU D 241 21.15 -7.92 78.59
C GLU D 241 22.50 -8.65 78.44
N ASN D 242 23.33 -8.52 79.48
CA ASN D 242 24.69 -9.08 79.52
C ASN D 242 24.88 -10.51 79.04
N THR D 243 23.80 -11.26 78.91
CA THR D 243 23.89 -12.64 78.48
C THR D 243 24.08 -12.78 76.98
N LEU D 244 23.47 -11.86 76.22
CA LEU D 244 23.54 -11.88 74.75
C LEU D 244 24.96 -11.80 74.20
N PRO D 245 25.32 -12.71 73.27
CA PRO D 245 26.68 -12.73 72.67
C PRO D 245 26.90 -11.54 71.73
N THR D 246 25.79 -11.13 71.13
CA THR D 246 25.71 -10.05 70.16
C THR D 246 24.83 -8.90 70.64
N THR D 247 25.17 -7.70 70.23
CA THR D 247 24.36 -6.54 70.59
C THR D 247 23.68 -6.07 69.31
N HIS D 248 22.41 -5.68 69.42
CA HIS D 248 21.61 -5.23 68.28
C HIS D 248 21.13 -3.80 68.41
N ILE D 249 21.52 -2.96 67.47
CA ILE D 249 21.15 -1.55 67.51
C ILE D 249 20.34 -1.18 66.26
N ALA D 250 19.45 -0.20 66.39
CA ALA D 250 18.63 0.31 65.29
C ALA D 250 18.59 1.82 65.47
N ILE D 251 18.93 2.56 64.43
CA ILE D 251 18.93 4.00 64.50
C ILE D 251 18.08 4.53 63.36
N ALA D 252 17.00 5.22 63.68
CA ALA D 252 16.13 5.73 62.64
C ALA D 252 15.79 7.21 62.66
N LEU D 253 15.26 7.68 61.54
CA LEU D 253 14.84 9.07 61.40
C LEU D 253 13.51 9.00 60.69
N GLU D 254 12.72 10.08 60.77
CA GLU D 254 11.44 10.09 60.10
C GLU D 254 11.66 9.85 58.60
N GLY D 255 11.06 8.78 58.10
CA GLY D 255 11.21 8.40 56.72
C GLY D 255 10.26 8.97 55.68
N VAL D 256 9.76 8.09 54.82
CA VAL D 256 8.88 8.50 53.72
C VAL D 256 7.67 7.59 53.64
N SER D 257 6.59 8.06 53.06
CA SER D 257 5.40 7.22 52.98
C SER D 257 5.13 6.73 51.56
N TRP D 258 4.41 5.61 51.48
CA TRP D 258 4.05 4.95 50.22
C TRP D 258 3.83 5.91 49.04
N SER D 259 2.93 6.87 49.22
CA SER D 259 2.60 7.83 48.18
C SER D 259 3.54 9.03 48.09
N ALA D 260 4.49 9.15 49.01
CA ALA D 260 5.39 10.30 48.96
C ALA D 260 6.06 10.42 47.60
N PRO D 261 6.29 11.65 47.13
CA PRO D 261 6.93 11.94 45.84
C PRO D 261 8.39 11.48 45.81
N ASP D 262 9.01 11.43 46.98
CA ASP D 262 10.42 11.05 47.14
C ASP D 262 10.60 9.59 47.61
N TYR D 263 9.51 8.83 47.60
CA TYR D 263 9.53 7.43 47.98
C TYR D 263 10.73 6.65 47.42
N PHE D 264 10.86 6.63 46.11
CA PHE D 264 11.94 5.90 45.49
C PHE D 264 13.29 6.58 45.73
N VAL D 265 13.28 7.90 45.84
CA VAL D 265 14.55 8.57 46.06
C VAL D 265 15.08 8.14 47.42
N ALA D 266 14.19 7.87 48.36
CA ALA D 266 14.62 7.41 49.67
C ALA D 266 15.20 6.00 49.54
N LEU D 267 14.50 5.14 48.81
CA LEU D 267 14.94 3.77 48.60
C LEU D 267 16.26 3.76 47.85
N ALA D 268 16.48 4.80 47.04
CA ALA D 268 17.73 4.90 46.29
C ALA D 268 18.87 5.23 47.27
N THR D 269 18.66 6.21 48.15
CA THR D 269 19.67 6.55 49.12
C THR D 269 19.92 5.34 50.02
N GLN D 270 18.88 4.57 50.35
CA GLN D 270 19.10 3.38 51.15
C GLN D 270 20.08 2.43 50.45
N ALA D 271 19.83 2.19 49.17
CA ALA D 271 20.67 1.28 48.38
C ALA D 271 22.09 1.80 48.27
N ILE D 272 22.26 3.13 48.26
CA ILE D 272 23.61 3.66 48.17
C ILE D 272 24.42 3.35 49.41
N VAL D 273 23.82 3.37 50.59
CA VAL D 273 24.58 3.05 51.80
C VAL D 273 24.79 1.54 51.85
N GLY D 274 23.72 0.83 51.52
CA GLY D 274 23.81 -0.61 51.44
C GLY D 274 23.92 -1.40 52.71
N ASN D 275 24.35 -2.66 52.58
CA ASN D 275 24.51 -3.54 53.71
C ASN D 275 25.93 -4.01 53.75
N TRP D 276 26.25 -4.78 54.79
CA TRP D 276 27.59 -5.37 54.96
C TRP D 276 27.56 -6.46 56.01
N ASP D 277 28.27 -7.54 55.74
CA ASP D 277 28.36 -8.63 56.67
C ASP D 277 29.83 -8.88 56.82
N ARG D 278 30.26 -9.09 58.04
CA ARG D 278 31.67 -9.34 58.35
C ARG D 278 32.24 -10.57 57.63
N ALA D 279 31.38 -11.52 57.32
CA ALA D 279 31.80 -12.74 56.65
C ALA D 279 31.73 -12.65 55.14
N ILE D 280 30.53 -12.34 54.64
CA ILE D 280 30.23 -12.27 53.22
C ILE D 280 30.69 -11.06 52.43
N GLY D 281 30.74 -9.90 53.07
CA GLY D 281 31.15 -8.69 52.37
C GLY D 281 29.96 -7.80 52.12
N THR D 282 29.89 -7.19 50.94
CA THR D 282 28.76 -6.32 50.63
C THR D 282 27.90 -6.94 49.53
N GLY D 283 28.41 -7.97 48.86
CA GLY D 283 27.62 -8.55 47.79
C GLY D 283 27.67 -7.65 46.54
N THR D 284 28.63 -6.74 46.58
CA THR D 284 28.88 -5.81 45.51
C THR D 284 30.33 -6.03 45.18
N ASN D 285 30.71 -5.78 43.94
CA ASN D 285 32.09 -5.95 43.56
C ASN D 285 32.96 -4.86 44.19
N SER D 286 32.37 -3.68 44.42
CA SER D 286 33.10 -2.57 45.01
C SER D 286 32.40 -2.05 46.25
N PRO D 287 33.06 -2.19 47.41
CA PRO D 287 32.55 -1.77 48.71
C PRO D 287 32.72 -0.28 48.96
N SER D 288 31.76 0.27 49.70
CA SER D 288 31.74 1.67 50.07
C SER D 288 32.81 1.96 51.13
N PRO D 289 33.11 3.25 51.38
CA PRO D 289 34.10 3.60 52.40
C PRO D 289 33.66 3.03 53.75
N LEU D 290 32.36 3.11 54.02
CA LEU D 290 31.77 2.58 55.25
C LEU D 290 32.01 1.08 55.33
N ALA D 291 31.70 0.36 54.26
CA ALA D 291 31.92 -1.09 54.23
C ALA D 291 33.40 -1.45 54.48
N VAL D 292 34.30 -0.68 53.88
CA VAL D 292 35.73 -0.90 54.04
C VAL D 292 36.16 -0.66 55.48
N ALA D 293 35.75 0.45 56.05
CA ALA D 293 36.11 0.76 57.42
C ALA D 293 35.59 -0.31 58.36
N ALA D 294 34.32 -0.67 58.18
CA ALA D 294 33.67 -1.66 59.02
C ALA D 294 34.48 -2.93 59.15
N SER D 295 35.21 -3.27 58.11
CA SER D 295 35.97 -4.49 58.12
C SER D 295 37.45 -4.33 58.50
N GLN D 296 38.00 -3.12 58.38
CA GLN D 296 39.40 -2.94 58.71
C GLN D 296 39.75 -3.15 60.17
N ASN D 297 41.05 -3.30 60.43
CA ASN D 297 41.61 -3.58 61.74
C ASN D 297 40.69 -4.27 62.75
N GLY D 298 40.44 -5.55 62.51
CA GLY D 298 39.64 -6.35 63.42
C GLY D 298 38.13 -6.47 63.23
N SER D 299 37.55 -5.49 62.56
CA SER D 299 36.11 -5.40 62.29
C SER D 299 35.49 -4.48 63.32
N LEU D 300 34.54 -3.66 62.91
CA LEU D 300 33.89 -2.73 63.83
C LEU D 300 32.51 -3.24 64.19
N ALA D 301 32.15 -4.39 63.64
CA ALA D 301 30.86 -4.97 63.94
C ALA D 301 30.69 -6.23 63.13
N ASN D 302 29.61 -6.96 63.41
CA ASN D 302 29.33 -8.21 62.70
C ASN D 302 28.63 -7.95 61.39
N SER D 303 27.66 -7.03 61.41
CA SER D 303 26.91 -6.70 60.21
C SER D 303 26.10 -5.44 60.40
N TYR D 304 25.86 -4.73 59.30
CA TYR D 304 25.02 -3.54 59.34
C TYR D 304 24.07 -3.63 58.14
N MET D 305 22.88 -3.10 58.30
CA MET D 305 21.92 -3.18 57.24
C MET D 305 21.01 -1.98 57.15
N SER D 306 20.96 -1.34 55.98
CA SER D 306 20.11 -0.17 55.79
C SER D 306 18.67 -0.64 55.69
N PHE D 307 17.74 0.15 56.25
CA PHE D 307 16.33 -0.23 56.17
C PHE D 307 15.44 0.98 55.89
N SER D 308 14.27 0.73 55.30
CA SER D 308 13.35 1.82 55.03
C SER D 308 11.91 1.33 54.98
N THR D 309 11.22 1.47 56.12
CA THR D 309 9.83 1.06 56.24
C THR D 309 8.85 2.16 55.88
N SER D 310 7.76 1.77 55.22
CA SER D 310 6.76 2.76 54.83
C SER D 310 5.33 2.39 55.21
N TYR D 311 4.57 3.45 55.43
CA TYR D 311 3.17 3.41 55.79
C TYR D 311 2.49 4.46 54.94
N ALA D 312 1.17 4.47 54.93
CA ALA D 312 0.42 5.42 54.12
C ALA D 312 0.64 6.86 54.58
N ASP D 313 0.77 7.05 55.89
CA ASP D 313 0.97 8.38 56.43
C ASP D 313 2.33 8.63 57.10
N SER D 314 3.26 7.68 57.03
CA SER D 314 4.57 7.89 57.66
C SER D 314 5.66 6.96 57.18
N GLY D 315 6.81 7.01 57.84
CA GLY D 315 7.92 6.14 57.48
C GLY D 315 9.13 6.24 58.39
N LEU D 316 9.94 5.19 58.39
CA LEU D 316 11.16 5.07 59.18
C LEU D 316 12.30 4.73 58.22
N TRP D 317 13.45 5.38 58.40
CA TRP D 317 14.60 5.15 57.53
C TRP D 317 15.82 5.13 58.42
N GLY D 318 16.71 4.17 58.24
CA GLY D 318 17.89 4.15 59.08
C GLY D 318 18.80 2.97 58.90
N MET D 319 19.56 2.67 59.95
CA MET D 319 20.52 1.58 59.94
C MET D 319 20.25 0.56 61.05
N TYR D 320 20.56 -0.70 60.78
CA TYR D 320 20.39 -1.74 61.79
C TYR D 320 21.76 -2.36 61.95
N ILE D 321 22.35 -2.24 63.15
CA ILE D 321 23.68 -2.78 63.40
C ILE D 321 23.68 -3.97 64.32
N VAL D 322 24.67 -4.85 64.11
CA VAL D 322 24.87 -6.03 64.95
C VAL D 322 26.36 -6.14 65.31
N THR D 323 26.66 -6.05 66.60
CA THR D 323 28.03 -6.14 67.07
C THR D 323 28.22 -7.33 67.99
N ASP D 324 29.50 -7.67 68.19
CA ASP D 324 29.88 -8.75 69.09
C ASP D 324 29.87 -8.02 70.44
N SER D 325 29.06 -8.53 71.39
CA SER D 325 28.94 -7.89 72.69
C SER D 325 30.24 -7.86 73.51
N ASN D 326 31.23 -8.66 73.11
CA ASN D 326 32.49 -8.71 73.84
C ASN D 326 33.68 -8.16 73.07
N GLU D 327 33.49 -7.89 71.79
CA GLU D 327 34.59 -7.40 70.99
C GLU D 327 34.50 -5.98 70.45
N HIS D 328 33.30 -5.52 70.15
CA HIS D 328 33.13 -4.20 69.53
C HIS D 328 32.71 -3.02 70.34
N ASN D 329 33.30 -1.88 70.01
CA ASN D 329 32.91 -0.61 70.63
C ASN D 329 31.82 -0.05 69.66
N VAL D 330 30.55 -0.13 70.07
CA VAL D 330 29.45 0.29 69.21
C VAL D 330 29.59 1.71 68.67
N ARG D 331 30.21 2.56 69.48
CA ARG D 331 30.41 3.97 69.11
C ARG D 331 31.28 4.10 67.86
N LEU D 332 32.26 3.21 67.71
CA LEU D 332 33.13 3.24 66.56
C LEU D 332 32.38 2.98 65.26
N ILE D 333 31.54 1.94 65.26
CA ILE D 333 30.79 1.62 64.05
C ILE D 333 29.75 2.71 63.75
N VAL D 334 29.10 3.24 64.79
CA VAL D 334 28.09 4.28 64.59
C VAL D 334 28.71 5.54 63.96
N ASN D 335 29.95 5.85 64.32
CA ASN D 335 30.62 7.01 63.73
C ASN D 335 30.79 6.84 62.23
N GLU D 336 31.30 5.69 61.83
CA GLU D 336 31.49 5.44 60.40
C GLU D 336 30.12 5.53 59.63
N ILE D 337 29.05 5.02 60.21
CA ILE D 337 27.75 5.09 59.58
C ILE D 337 27.32 6.56 59.47
N LEU D 338 27.51 7.32 60.53
CA LEU D 338 27.14 8.72 60.47
C LEU D 338 28.05 9.38 59.45
N LYS D 339 29.32 9.03 59.46
CA LYS D 339 30.26 9.61 58.52
C LYS D 339 29.85 9.34 57.06
N GLU D 340 29.18 8.22 56.81
CA GLU D 340 28.75 7.85 55.46
C GLU D 340 27.53 8.67 55.08
N TRP D 341 26.63 8.90 56.04
CA TRP D 341 25.48 9.71 55.74
C TRP D 341 25.97 11.11 55.45
N LYS D 342 26.93 11.61 56.21
CA LYS D 342 27.43 12.95 55.97
C LYS D 342 28.06 13.00 54.59
N ARG D 343 28.70 11.93 54.17
CA ARG D 343 29.30 11.91 52.84
C ARG D 343 28.25 12.11 51.75
N ILE D 344 27.11 11.45 51.89
CA ILE D 344 26.03 11.59 50.94
C ILE D 344 25.59 13.05 50.96
N LYS D 345 25.33 13.58 52.15
CA LYS D 345 24.89 14.96 52.31
C LYS D 345 25.84 15.98 51.68
N SER D 346 27.14 15.70 51.75
CA SER D 346 28.14 16.60 51.21
C SER D 346 28.32 16.43 49.71
N GLY D 347 27.58 15.49 49.11
CA GLY D 347 27.67 15.30 47.68
C GLY D 347 28.79 14.41 47.16
N LYS D 348 29.77 14.09 48.02
CA LYS D 348 30.89 13.24 47.63
C LYS D 348 30.52 11.80 47.26
N ILE D 349 29.59 11.62 46.33
CA ILE D 349 29.21 10.27 45.86
C ILE D 349 29.38 10.30 44.33
N SER D 350 29.78 9.18 43.75
CA SER D 350 30.01 9.13 42.29
C SER D 350 28.80 8.77 41.41
N ASP D 351 28.84 9.19 40.14
CA ASP D 351 27.76 8.83 39.22
C ASP D 351 27.64 7.31 39.24
N ALA D 352 28.80 6.66 39.22
CA ALA D 352 28.85 5.20 39.20
C ALA D 352 28.10 4.51 40.31
N GLU D 353 28.24 5.00 41.55
CA GLU D 353 27.55 4.33 42.63
C GLU D 353 26.08 4.67 42.70
N VAL D 354 25.73 5.81 42.11
CA VAL D 354 24.32 6.18 42.03
C VAL D 354 23.64 5.20 41.05
N ASN D 355 24.31 4.97 39.92
CA ASN D 355 23.80 4.08 38.91
C ASN D 355 23.66 2.68 39.42
N ARG D 356 24.65 2.26 40.22
CA ARG D 356 24.60 0.90 40.77
C ARG D 356 23.35 0.78 41.64
N ALA D 357 23.15 1.75 42.52
CA ALA D 357 21.98 1.78 43.37
C ALA D 357 20.68 1.78 42.54
N LYS D 358 20.57 2.67 41.57
CA LYS D 358 19.36 2.69 40.78
C LYS D 358 19.13 1.29 40.18
N ALA D 359 20.22 0.66 39.75
CA ALA D 359 20.11 -0.68 39.13
C ALA D 359 19.67 -1.74 40.14
N GLN D 360 20.27 -1.67 41.31
CA GLN D 360 20.00 -2.60 42.36
C GLN D 360 18.50 -2.47 42.63
N LEU D 361 18.11 -1.22 42.86
CA LEU D 361 16.74 -0.88 43.20
C LEU D 361 15.76 -1.36 42.15
N LYS D 362 16.07 -1.10 40.88
CA LYS D 362 15.19 -1.52 39.82
C LYS D 362 14.98 -3.00 39.79
N ALA D 363 16.05 -3.76 39.98
CA ALA D 363 15.91 -5.22 39.93
C ALA D 363 15.07 -5.70 41.11
N ALA D 364 15.36 -5.12 42.26
CA ALA D 364 14.67 -5.47 43.46
C ALA D 364 13.19 -5.26 43.37
N LEU D 365 12.76 -4.15 42.75
CA LEU D 365 11.33 -3.85 42.64
C LEU D 365 10.60 -4.51 41.46
N LEU D 366 11.33 -4.79 40.39
CA LEU D 366 10.66 -5.31 39.22
C LEU D 366 10.92 -6.71 38.77
N LEU D 367 12.18 -7.14 38.84
CA LEU D 367 12.51 -8.52 38.43
C LEU D 367 11.94 -9.52 39.42
N SER D 368 11.66 -9.02 40.62
CA SER D 368 11.10 -9.84 41.67
C SER D 368 9.60 -10.08 41.53
N LEU D 369 8.92 -9.33 40.67
CA LEU D 369 7.47 -9.52 40.46
C LEU D 369 7.33 -10.66 39.46
N ASP D 370 7.63 -11.88 39.89
CA ASP D 370 7.57 -13.02 39.00
C ASP D 370 6.30 -13.83 39.06
N GLY D 371 6.02 -14.47 40.19
CA GLY D 371 4.80 -15.28 40.24
C GLY D 371 3.49 -14.50 40.33
N SER D 372 2.37 -15.15 40.05
CA SER D 372 1.08 -14.47 40.16
C SER D 372 0.92 -13.98 41.63
N THR D 373 1.43 -14.78 42.57
CA THR D 373 1.37 -14.46 43.97
C THR D 373 2.17 -13.20 44.28
N ALA D 374 3.39 -13.12 43.74
CA ALA D 374 4.20 -11.93 44.02
C ALA D 374 3.54 -10.71 43.44
N ILE D 375 2.88 -10.90 42.31
CA ILE D 375 2.18 -9.83 41.62
C ILE D 375 0.92 -9.42 42.34
N VAL D 376 0.16 -10.40 42.85
CA VAL D 376 -1.03 -10.06 43.58
C VAL D 376 -0.59 -9.24 44.80
N GLU D 377 0.47 -9.71 45.47
CA GLU D 377 1.01 -9.02 46.64
C GLU D 377 1.26 -7.53 46.34
N ASP D 378 1.71 -7.23 45.11
CA ASP D 378 1.99 -5.85 44.69
C ASP D 378 0.70 -5.08 44.41
N ILE D 379 -0.20 -5.65 43.61
CA ILE D 379 -1.48 -4.99 43.33
C ILE D 379 -2.22 -4.67 44.65
N GLY D 380 -2.49 -5.75 45.39
CA GLY D 380 -3.14 -5.65 46.67
C GLY D 380 -2.55 -4.58 47.55
N ARG D 381 -1.27 -4.70 47.90
CA ARG D 381 -0.70 -3.69 48.78
C ARG D 381 -0.72 -2.28 48.24
N GLN D 382 -0.37 -2.11 46.99
CA GLN D 382 -0.36 -0.77 46.44
C GLN D 382 -1.73 -0.11 46.46
N VAL D 383 -2.77 -0.84 46.06
CA VAL D 383 -4.10 -0.25 46.06
C VAL D 383 -4.67 -0.03 47.47
N VAL D 384 -4.68 -1.07 48.30
CA VAL D 384 -5.21 -0.96 49.64
C VAL D 384 -4.47 0.00 50.56
N THR D 385 -3.37 0.59 50.12
CA THR D 385 -2.64 1.53 50.99
C THR D 385 -2.39 2.86 50.26
N THR D 386 -2.78 2.88 49.00
CA THR D 386 -2.49 4.02 48.19
C THR D 386 -3.62 4.38 47.24
N GLY D 387 -4.45 3.41 46.89
CA GLY D 387 -5.57 3.64 46.00
C GLY D 387 -5.29 3.49 44.53
N LYS D 388 -4.14 2.92 44.19
CA LYS D 388 -3.77 2.73 42.77
C LYS D 388 -2.60 1.78 42.69
N ARG D 389 -2.21 1.42 41.48
CA ARG D 389 -1.07 0.53 41.26
C ARG D 389 -0.14 1.13 40.23
N LEU D 390 1.08 1.44 40.61
CA LEU D 390 1.99 1.94 39.61
C LEU D 390 2.44 0.68 38.88
N SER D 391 2.25 0.65 37.56
CA SER D 391 2.66 -0.50 36.80
C SER D 391 4.17 -0.64 36.84
N PRO D 392 4.66 -1.81 36.48
CA PRO D 392 6.09 -2.11 36.45
C PRO D 392 6.76 -1.01 35.62
N GLU D 393 6.12 -0.74 34.49
CA GLU D 393 6.58 0.27 33.56
C GLU D 393 6.72 1.64 34.23
N GLU D 394 5.72 2.02 35.02
CA GLU D 394 5.74 3.30 35.73
C GLU D 394 6.81 3.32 36.81
N VAL D 395 6.95 2.21 37.52
CA VAL D 395 7.96 2.14 38.59
C VAL D 395 9.35 2.25 38.01
N PHE D 396 9.53 1.63 36.85
CA PHE D 396 10.84 1.70 36.21
C PHE D 396 11.20 3.16 35.90
N GLU D 397 10.23 3.94 35.43
CA GLU D 397 10.47 5.33 35.11
C GLU D 397 10.76 6.10 36.40
N GLN D 398 10.02 5.84 37.47
CA GLN D 398 10.26 6.54 38.71
C GLN D 398 11.67 6.37 39.18
N VAL D 399 12.21 5.16 39.02
CA VAL D 399 13.56 4.94 39.49
C VAL D 399 14.52 5.51 38.53
N ASP D 400 14.45 5.08 37.27
CA ASP D 400 15.37 5.56 36.24
C ASP D 400 15.60 7.07 36.20
N LYS D 401 14.61 7.87 36.59
CA LYS D 401 14.80 9.30 36.55
C LYS D 401 15.53 9.90 37.73
N ILE D 402 15.76 9.11 38.78
CA ILE D 402 16.47 9.66 39.93
C ILE D 402 17.87 10.15 39.59
N THR D 403 18.29 11.26 40.16
CA THR D 403 19.62 11.78 39.87
C THR D 403 20.49 11.88 41.11
N LYS D 404 21.80 12.09 40.91
CA LYS D 404 22.75 12.22 42.02
C LYS D 404 22.21 13.34 42.90
N ASP D 405 21.87 14.46 42.26
CA ASP D 405 21.34 15.63 42.98
C ASP D 405 20.06 15.32 43.75
N ASP D 406 19.14 14.57 43.14
CA ASP D 406 17.89 14.19 43.81
C ASP D 406 18.21 13.57 45.16
N ILE D 407 19.16 12.64 45.16
CA ILE D 407 19.57 11.95 46.39
C ILE D 407 20.20 12.86 47.41
N ILE D 408 21.14 13.68 46.97
CA ILE D 408 21.79 14.64 47.86
C ILE D 408 20.80 15.59 48.55
N MET D 409 19.76 16.03 47.86
CA MET D 409 18.76 16.93 48.47
C MET D 409 18.04 16.15 49.50
N TRP D 410 17.57 14.98 49.11
CA TRP D 410 16.81 14.15 50.02
C TRP D 410 17.59 13.89 51.29
N ALA D 411 18.88 13.61 51.15
CA ALA D 411 19.75 13.34 52.30
C ALA D 411 19.85 14.54 53.22
N ASN D 412 19.95 15.74 52.65
CA ASN D 412 20.05 16.97 53.43
C ASN D 412 18.76 17.35 54.08
N TYR D 413 17.64 16.96 53.50
CA TYR D 413 16.37 17.31 54.10
C TYR D 413 16.08 16.41 55.28
N ARG D 414 16.25 15.10 55.11
CA ARG D 414 15.99 14.11 56.15
C ARG D 414 17.09 13.76 57.17
N LEU D 415 18.35 14.04 56.86
CA LEU D 415 19.44 13.68 57.76
C LEU D 415 20.22 14.87 58.31
N GLN D 416 19.56 16.02 58.35
CA GLN D 416 20.16 17.24 58.86
C GLN D 416 19.13 17.99 59.70
N ASN D 417 19.48 18.23 60.97
CA ASN D 417 18.65 18.93 61.95
C ASN D 417 17.28 18.29 62.05
N LYS D 418 17.27 16.97 62.19
CA LYS D 418 16.02 16.24 62.33
C LYS D 418 16.22 15.28 63.49
N PRO D 419 15.12 14.88 64.16
CA PRO D 419 15.09 13.97 65.31
C PRO D 419 15.44 12.55 64.94
N VAL D 420 16.02 11.81 65.89
CA VAL D 420 16.39 10.42 65.66
C VAL D 420 16.03 9.60 66.87
N SER D 421 15.35 8.48 66.68
CA SER D 421 15.01 7.59 67.78
C SER D 421 15.98 6.40 67.67
N MET D 422 16.18 5.68 68.76
CA MET D 422 17.12 4.58 68.75
C MET D 422 16.78 3.50 69.76
N VAL D 423 17.30 2.30 69.53
CA VAL D 423 17.04 1.18 70.42
C VAL D 423 18.30 0.30 70.44
N ALA D 424 18.68 -0.20 71.62
CA ALA D 424 19.85 -1.07 71.74
C ALA D 424 19.50 -2.22 72.64
N LEU D 425 19.93 -3.42 72.26
CA LEU D 425 19.66 -4.62 73.04
C LEU D 425 20.96 -5.42 73.18
N GLY D 426 21.31 -5.79 74.40
CA GLY D 426 22.53 -6.55 74.62
C GLY D 426 23.50 -5.77 75.47
N ASN D 427 24.78 -5.80 75.11
CA ASN D 427 25.79 -5.08 75.87
C ASN D 427 25.69 -3.60 75.58
N THR D 428 24.66 -3.03 76.16
CA THR D 428 24.35 -1.63 76.02
C THR D 428 25.47 -0.64 76.45
N SER D 429 26.42 -1.09 77.27
CA SER D 429 27.50 -0.23 77.76
C SER D 429 28.36 0.60 76.79
N THR D 430 28.43 0.20 75.52
CA THR D 430 29.26 0.90 74.54
C THR D 430 28.47 1.69 73.47
N VAL D 431 27.14 1.73 73.59
CA VAL D 431 26.27 2.42 72.65
C VAL D 431 26.06 3.89 72.96
N PRO D 432 26.34 4.80 72.01
CA PRO D 432 26.15 6.24 72.28
C PRO D 432 24.66 6.55 72.31
N ASN D 433 24.26 7.67 72.91
CA ASN D 433 22.84 7.98 72.99
C ASN D 433 22.35 8.87 71.83
N VAL D 434 21.07 9.17 71.84
CA VAL D 434 20.47 9.97 70.79
C VAL D 434 21.07 11.34 70.56
N SER D 435 21.27 12.13 71.62
CA SER D 435 21.86 13.47 71.45
C SER D 435 23.32 13.43 70.93
N TYR D 436 24.00 12.32 71.14
CA TYR D 436 25.36 12.16 70.64
C TYR D 436 25.25 11.99 69.13
N ILE D 437 24.36 11.07 68.73
CA ILE D 437 24.16 10.78 67.32
C ILE D 437 23.77 12.04 66.56
N GLU D 438 22.79 12.76 67.08
CA GLU D 438 22.31 13.98 66.44
C GLU D 438 23.40 15.04 66.34
N GLU D 439 24.23 15.13 67.37
CA GLU D 439 25.31 16.11 67.34
C GLU D 439 26.26 15.78 66.20
N LYS D 440 26.75 14.56 66.17
CA LYS D 440 27.67 14.10 65.12
C LYS D 440 27.06 14.14 63.72
N LEU D 441 25.79 13.75 63.61
CA LEU D 441 25.12 13.75 62.31
C LEU D 441 24.97 15.17 61.76
N ASN D 442 24.40 16.04 62.60
CA ASN D 442 24.16 17.43 62.24
C ASN D 442 25.42 18.27 62.22
N GLN D 443 26.43 17.80 62.93
CA GLN D 443 27.75 18.47 63.03
C GLN D 443 28.30 18.86 61.65
N ALA E 1 -32.42 -21.48 -21.34
CA ALA E 1 -32.14 -22.93 -21.53
C ALA E 1 -33.43 -23.81 -21.69
N ARG E 2 -33.53 -24.94 -20.98
CA ARG E 2 -34.71 -25.87 -21.08
C ARG E 2 -36.08 -25.46 -20.51
N THR E 3 -36.14 -25.17 -19.21
CA THR E 3 -37.39 -24.71 -18.58
C THR E 3 -37.64 -23.24 -18.88
N ASP E 4 -36.54 -22.46 -18.84
CA ASP E 4 -36.60 -21.04 -19.04
C ASP E 4 -37.55 -20.67 -20.14
N ASN E 5 -37.41 -21.40 -21.26
CA ASN E 5 -38.17 -21.14 -22.48
C ASN E 5 -37.38 -19.97 -23.10
N PHE E 6 -36.09 -20.01 -22.79
CA PHE E 6 -35.14 -19.02 -23.24
C PHE E 6 -34.77 -19.23 -24.70
N LYS E 7 -34.97 -18.22 -25.52
CA LYS E 7 -34.61 -18.30 -26.93
C LYS E 7 -33.73 -17.09 -27.23
N LEU E 8 -32.72 -17.29 -28.07
CA LEU E 8 -31.81 -16.23 -28.43
C LEU E 8 -31.42 -16.21 -29.90
N SER E 9 -31.67 -15.11 -30.62
CA SER E 9 -31.25 -15.03 -32.03
C SER E 9 -30.58 -13.68 -32.32
N SER E 10 -30.28 -13.40 -33.59
CA SER E 10 -29.64 -12.13 -33.94
C SER E 10 -30.20 -11.53 -35.21
N LEU E 11 -30.15 -10.21 -35.30
CA LEU E 11 -30.60 -9.53 -36.50
C LEU E 11 -29.33 -9.45 -37.33
N ALA E 12 -29.46 -9.22 -38.62
CA ALA E 12 -28.27 -9.13 -39.46
C ALA E 12 -27.28 -8.08 -38.95
N ASN E 13 -27.75 -7.02 -38.30
CA ASN E 13 -26.81 -6.02 -37.86
C ASN E 13 -26.06 -6.34 -36.55
N GLY E 14 -26.32 -7.51 -35.98
CA GLY E 14 -25.61 -7.87 -34.77
C GLY E 14 -26.36 -7.76 -33.43
N LEU E 15 -27.54 -7.17 -33.49
CA LEU E 15 -28.31 -7.01 -32.29
C LEU E 15 -28.77 -8.37 -31.84
N LYS E 16 -28.41 -8.80 -30.63
CA LYS E 16 -28.88 -10.09 -30.14
C LYS E 16 -30.25 -9.84 -29.51
N VAL E 17 -31.23 -10.71 -29.82
CA VAL E 17 -32.58 -10.61 -29.28
C VAL E 17 -32.84 -11.82 -28.39
N ALA E 18 -33.21 -11.57 -27.14
CA ALA E 18 -33.44 -12.67 -26.20
C ALA E 18 -34.75 -12.59 -25.44
N THR E 19 -35.45 -13.72 -25.39
CA THR E 19 -36.73 -13.84 -24.67
C THR E 19 -36.69 -15.03 -23.74
N SER E 20 -37.46 -14.97 -22.67
CA SER E 20 -37.54 -16.08 -21.72
C SER E 20 -38.85 -16.05 -20.99
N ASN E 21 -39.24 -17.21 -20.49
CA ASN E 21 -40.48 -17.40 -19.77
C ASN E 21 -41.72 -17.36 -20.70
N THR E 22 -42.88 -17.62 -20.11
CA THR E 22 -44.13 -17.62 -20.88
C THR E 22 -45.07 -16.51 -20.46
N PRO E 23 -46.12 -16.28 -21.26
CA PRO E 23 -47.08 -15.23 -20.97
C PRO E 23 -47.56 -15.19 -19.52
N GLY E 24 -47.64 -13.97 -18.99
CA GLY E 24 -48.07 -13.74 -17.62
C GLY E 24 -49.01 -12.54 -17.52
N HIS E 25 -49.18 -12.02 -16.32
CA HIS E 25 -50.09 -10.90 -16.16
C HIS E 25 -49.59 -9.63 -16.84
N PHE E 26 -48.28 -9.53 -17.04
CA PHE E 26 -47.71 -8.37 -17.71
C PHE E 26 -46.35 -8.74 -18.26
N SER E 27 -45.72 -7.87 -19.04
CA SER E 27 -44.40 -8.19 -19.58
C SER E 27 -43.29 -7.23 -19.14
N ALA E 28 -42.05 -7.62 -19.42
CA ALA E 28 -40.90 -6.80 -19.10
C ALA E 28 -39.97 -6.79 -20.29
N LEU E 29 -39.34 -5.66 -20.55
CA LEU E 29 -38.42 -5.58 -21.68
C LEU E 29 -37.38 -4.51 -21.46
N GLY E 30 -36.28 -4.60 -22.20
CA GLY E 30 -35.23 -3.61 -22.07
C GLY E 30 -34.07 -3.74 -23.04
N LEU E 31 -33.40 -2.63 -23.29
CA LEU E 31 -32.23 -2.65 -24.16
C LEU E 31 -31.02 -2.58 -23.25
N TYR E 32 -30.03 -3.41 -23.52
CA TYR E 32 -28.85 -3.42 -22.71
C TYR E 32 -27.64 -3.13 -23.56
N ILE E 33 -26.93 -2.05 -23.23
CA ILE E 33 -25.72 -1.66 -23.98
C ILE E 33 -24.49 -2.01 -23.18
N ASP E 34 -23.44 -2.47 -23.86
CA ASP E 34 -22.21 -2.80 -23.16
C ASP E 34 -21.33 -1.56 -23.01
N ALA E 35 -21.70 -0.68 -22.07
CA ALA E 35 -20.96 0.54 -21.81
C ALA E 35 -20.86 0.75 -20.29
N GLY E 36 -20.52 1.93 -19.84
CA GLY E 36 -20.38 2.12 -18.41
C GLY E 36 -19.12 2.91 -18.07
N SER E 37 -18.96 3.32 -16.83
CA SER E 37 -17.80 4.11 -16.49
C SER E 37 -16.46 3.43 -16.68
N ARG E 38 -16.43 2.09 -16.74
CA ARG E 38 -15.13 1.43 -16.89
C ARG E 38 -14.56 1.68 -18.28
N PHE E 39 -15.34 2.29 -19.17
CA PHE E 39 -14.86 2.58 -20.51
C PHE E 39 -14.75 4.07 -20.77
N GLU E 40 -14.93 4.90 -19.77
CA GLU E 40 -14.88 6.30 -20.07
C GLU E 40 -13.46 6.81 -20.30
N GLY E 41 -12.46 6.10 -19.79
CA GLY E 41 -11.11 6.60 -19.96
C GLY E 41 -11.03 7.94 -19.28
N ARG E 42 -10.11 8.83 -19.67
CA ARG E 42 -10.08 10.15 -19.00
C ARG E 42 -10.89 11.17 -19.82
N ASN E 43 -11.03 10.93 -21.11
CA ASN E 43 -11.74 11.82 -22.03
C ASN E 43 -13.20 11.93 -21.86
N LEU E 44 -13.82 10.78 -21.59
CA LEU E 44 -15.27 10.72 -21.49
C LEU E 44 -15.79 10.61 -20.09
N LYS E 45 -14.93 10.90 -19.13
CA LYS E 45 -15.31 10.85 -17.75
C LYS E 45 -16.63 11.58 -17.50
N GLY E 46 -17.59 10.90 -16.88
CA GLY E 46 -18.89 11.49 -16.59
C GLY E 46 -20.01 11.34 -17.65
N CYS E 47 -19.66 10.91 -18.85
CA CYS E 47 -20.62 10.75 -19.94
C CYS E 47 -21.68 9.68 -19.70
N THR E 48 -21.29 8.53 -19.20
CA THR E 48 -22.25 7.44 -18.97
C THR E 48 -23.37 7.89 -18.07
N HIS E 49 -23.06 8.64 -17.01
CA HIS E 49 -24.11 9.12 -16.12
C HIS E 49 -25.03 10.16 -16.77
N ILE E 50 -24.46 11.20 -17.38
CA ILE E 50 -25.25 12.23 -18.04
C ILE E 50 -26.15 11.66 -19.13
N LEU E 51 -25.63 10.70 -19.89
CA LEU E 51 -26.45 10.11 -20.91
C LEU E 51 -27.61 9.38 -20.27
N ASP E 52 -27.38 8.65 -19.18
CA ASP E 52 -28.49 7.92 -18.61
C ASP E 52 -29.51 8.84 -17.95
N ARG E 53 -29.07 10.01 -17.49
CA ARG E 53 -30.00 10.94 -16.88
C ARG E 53 -30.76 11.66 -18.01
N LEU E 54 -30.24 11.47 -19.21
CA LEU E 54 -30.76 12.14 -20.38
C LEU E 54 -31.74 11.27 -21.15
N ALA E 55 -31.96 10.05 -20.65
CA ALA E 55 -32.87 9.11 -21.30
C ALA E 55 -34.34 9.53 -21.31
N PHE E 56 -34.99 9.13 -22.38
CA PHE E 56 -36.39 9.41 -22.57
C PHE E 56 -36.72 10.88 -22.61
N LYS E 57 -35.82 11.68 -23.13
CA LYS E 57 -36.15 13.10 -23.28
C LYS E 57 -36.48 13.20 -24.78
N SER E 58 -36.53 14.40 -25.36
CA SER E 58 -36.89 14.52 -26.77
C SER E 58 -36.00 13.77 -27.74
N THR E 59 -36.59 13.32 -28.84
CA THR E 59 -35.90 12.56 -29.88
C THR E 59 -36.27 13.05 -31.27
N GLU E 60 -35.60 12.55 -32.29
CA GLU E 60 -35.91 12.97 -33.65
C GLU E 60 -37.38 12.77 -34.04
N HIS E 61 -38.04 11.76 -33.52
CA HIS E 61 -39.42 11.54 -33.93
C HIS E 61 -40.45 11.73 -32.85
N VAL E 62 -40.02 12.06 -31.64
CA VAL E 62 -40.99 12.25 -30.56
C VAL E 62 -40.67 13.49 -29.76
N GLU E 63 -41.66 14.37 -29.61
CA GLU E 63 -41.46 15.59 -28.84
C GLU E 63 -41.22 15.27 -27.39
N GLY E 64 -40.43 16.10 -26.71
CA GLY E 64 -40.14 15.83 -25.32
C GLY E 64 -41.38 15.59 -24.49
N ARG E 65 -42.35 16.49 -24.63
CA ARG E 65 -43.57 16.37 -23.84
C ARG E 65 -44.30 15.09 -24.20
N ALA E 66 -44.43 14.83 -25.48
CA ALA E 66 -45.09 13.65 -25.95
C ALA E 66 -44.47 12.37 -25.39
N MET E 67 -43.14 12.33 -25.35
CA MET E 67 -42.41 11.17 -24.84
C MET E 67 -42.84 10.95 -23.39
N ALA E 68 -42.81 12.03 -22.63
CA ALA E 68 -43.19 11.94 -21.23
C ALA E 68 -44.62 11.46 -21.04
N GLU E 69 -45.59 12.18 -21.62
CA GLU E 69 -46.98 11.79 -21.45
C GLU E 69 -47.29 10.38 -21.94
N THR E 70 -46.61 9.92 -22.97
CA THR E 70 -46.88 8.57 -23.43
C THR E 70 -46.29 7.55 -22.47
N LEU E 71 -45.17 7.88 -21.87
CA LEU E 71 -44.61 6.94 -20.93
C LEU E 71 -45.56 6.92 -19.75
N GLU E 72 -46.15 8.08 -19.42
CA GLU E 72 -47.07 8.15 -18.29
C GLU E 72 -48.24 7.20 -18.52
N LEU E 73 -48.77 7.26 -19.73
CA LEU E 73 -49.89 6.41 -20.07
C LEU E 73 -49.55 4.94 -20.20
N LEU E 74 -48.28 4.56 -20.07
CA LEU E 74 -47.97 3.14 -20.16
C LEU E 74 -47.67 2.64 -18.75
N GLY E 75 -48.07 3.43 -17.76
CA GLY E 75 -47.88 3.04 -16.38
C GLY E 75 -46.62 3.65 -15.83
N GLY E 76 -45.83 4.27 -16.72
CA GLY E 76 -44.60 4.93 -16.33
C GLY E 76 -43.65 4.14 -15.44
N ASN E 77 -43.63 2.83 -15.63
CA ASN E 77 -42.74 2.00 -14.83
C ASN E 77 -41.52 1.65 -15.69
N TYR E 78 -40.65 2.64 -15.87
CA TYR E 78 -39.46 2.45 -16.70
C TYR E 78 -38.30 3.22 -16.11
N GLN E 79 -37.07 2.84 -16.47
CA GLN E 79 -35.90 3.57 -15.98
C GLN E 79 -34.64 3.26 -16.75
N CYS E 80 -33.70 4.19 -16.71
CA CYS E 80 -32.43 4.00 -17.37
C CYS E 80 -31.45 4.22 -16.27
N THR E 81 -30.50 3.30 -16.15
CA THR E 81 -29.49 3.45 -15.12
C THR E 81 -28.20 2.85 -15.68
N SER E 82 -27.07 3.20 -15.05
CA SER E 82 -25.77 2.69 -15.51
C SER E 82 -24.88 2.44 -14.32
N SER E 83 -23.85 1.61 -14.51
CA SER E 83 -22.90 1.24 -13.47
C SER E 83 -21.51 1.33 -14.04
N ARG E 84 -20.56 0.68 -13.40
CA ARG E 84 -19.21 0.66 -13.89
C ARG E 84 -19.18 -0.19 -15.18
N GLU E 85 -20.05 -1.20 -15.26
CA GLU E 85 -20.11 -2.08 -16.44
C GLU E 85 -21.38 -2.19 -17.22
N ASN E 86 -22.36 -1.34 -17.02
CA ASN E 86 -23.55 -1.49 -17.85
C ASN E 86 -24.36 -0.22 -17.98
N LEU E 87 -25.22 -0.20 -18.99
CA LEU E 87 -26.05 0.94 -19.25
C LEU E 87 -27.31 0.23 -19.70
N MET E 88 -28.41 0.41 -18.99
CA MET E 88 -29.64 -0.28 -19.38
C MET E 88 -30.92 0.51 -19.31
N TYR E 89 -31.85 0.20 -20.22
CA TYR E 89 -33.16 0.84 -20.28
C TYR E 89 -34.17 -0.29 -20.09
N GLN E 90 -34.86 -0.33 -18.97
CA GLN E 90 -35.81 -1.40 -18.73
C GLN E 90 -37.14 -0.85 -18.30
N ALA E 91 -38.15 -1.70 -18.37
CA ALA E 91 -39.48 -1.31 -17.95
C ALA E 91 -40.38 -2.51 -18.01
N SER E 92 -41.43 -2.49 -17.19
CA SER E 92 -42.41 -3.56 -17.22
C SER E 92 -43.71 -2.86 -17.60
N VAL E 93 -44.41 -3.45 -18.56
CA VAL E 93 -45.66 -2.89 -19.05
C VAL E 93 -46.74 -3.95 -19.27
N PHE E 94 -47.96 -3.48 -19.51
CA PHE E 94 -49.03 -4.42 -19.76
C PHE E 94 -48.77 -5.08 -21.10
N ASN E 95 -49.01 -6.39 -21.19
CA ASN E 95 -48.73 -7.18 -22.38
C ASN E 95 -48.97 -6.55 -23.73
N GLN E 96 -50.10 -5.89 -23.90
CA GLN E 96 -50.38 -5.28 -25.19
C GLN E 96 -49.51 -4.06 -25.50
N ASP E 97 -48.78 -3.52 -24.53
CA ASP E 97 -47.97 -2.33 -24.79
C ASP E 97 -46.49 -2.57 -25.05
N VAL E 98 -46.09 -3.83 -25.16
CA VAL E 98 -44.69 -4.13 -25.41
C VAL E 98 -44.17 -3.39 -26.62
N GLY E 99 -44.90 -3.43 -27.73
CA GLY E 99 -44.46 -2.76 -28.93
C GLY E 99 -44.25 -1.26 -28.79
N LYS E 100 -45.21 -0.55 -28.19
CA LYS E 100 -45.07 0.89 -28.04
C LYS E 100 -43.90 1.27 -27.15
N MET E 101 -43.72 0.53 -26.05
CA MET E 101 -42.61 0.81 -25.16
C MET E 101 -41.33 0.60 -25.94
N LEU E 102 -41.21 -0.51 -26.64
CA LEU E 102 -39.99 -0.81 -27.38
C LEU E 102 -39.69 0.24 -28.39
N GLN E 103 -40.74 0.76 -29.03
CA GLN E 103 -40.53 1.80 -30.02
C GLN E 103 -39.90 3.01 -29.31
N LEU E 104 -40.45 3.39 -28.16
CA LEU E 104 -39.91 4.51 -27.43
C LEU E 104 -38.44 4.29 -27.01
N MET E 105 -38.13 3.13 -26.46
CA MET E 105 -36.77 2.87 -26.06
C MET E 105 -35.86 2.97 -27.26
N SER E 106 -36.39 2.67 -28.42
CA SER E 106 -35.58 2.74 -29.61
C SER E 106 -35.27 4.18 -29.92
N GLU E 107 -36.31 5.01 -29.90
CA GLU E 107 -36.15 6.43 -30.18
C GLU E 107 -35.08 7.09 -29.30
N THR E 108 -35.09 6.79 -28.00
CA THR E 108 -34.13 7.38 -27.09
C THR E 108 -32.73 6.82 -27.27
N VAL E 109 -32.66 5.55 -27.63
CA VAL E 109 -31.37 4.93 -27.85
C VAL E 109 -30.77 5.30 -29.17
N ARG E 110 -31.58 5.48 -30.20
CA ARG E 110 -31.05 5.80 -31.53
C ARG E 110 -31.14 7.22 -31.98
N PHE E 111 -32.16 7.95 -31.55
CA PHE E 111 -32.36 9.33 -32.02
C PHE E 111 -32.50 10.41 -30.97
N PRO E 112 -31.72 10.32 -29.91
CA PRO E 112 -31.90 11.37 -28.91
C PRO E 112 -31.54 12.73 -29.49
N LYS E 113 -32.30 13.75 -29.13
CA LYS E 113 -32.00 15.09 -29.60
C LYS E 113 -30.90 15.78 -28.75
N ILE E 114 -30.85 15.51 -27.45
CA ILE E 114 -29.85 16.13 -26.55
C ILE E 114 -29.69 17.61 -26.91
N THR E 115 -30.70 18.37 -26.59
CA THR E 115 -30.72 19.79 -26.93
C THR E 115 -29.90 20.56 -25.93
N GLU E 116 -29.49 21.79 -26.28
CA GLU E 116 -28.67 22.55 -25.36
C GLU E 116 -29.36 22.62 -24.02
N GLN E 117 -30.66 22.89 -24.03
CA GLN E 117 -31.39 22.99 -22.77
C GLN E 117 -31.50 21.69 -21.96
N GLU E 118 -31.76 20.56 -22.61
CA GLU E 118 -31.89 19.28 -21.92
C GLU E 118 -30.58 18.97 -21.20
N LEU E 119 -29.48 19.26 -21.88
CA LEU E 119 -28.14 19.00 -21.35
C LEU E 119 -27.79 19.91 -20.19
N GLN E 120 -28.10 21.20 -20.33
CA GLN E 120 -27.80 22.15 -19.27
C GLN E 120 -28.51 21.71 -17.99
N GLU E 121 -29.79 21.34 -18.12
CA GLU E 121 -30.54 20.87 -16.98
C GLU E 121 -29.85 19.71 -16.26
N GLN E 122 -29.58 18.64 -17.00
CA GLN E 122 -28.94 17.48 -16.43
C GLN E 122 -27.60 17.72 -15.76
N LYS E 123 -26.81 18.61 -16.35
CA LYS E 123 -25.50 18.93 -15.81
C LYS E 123 -25.67 19.61 -14.47
N LEU E 124 -26.49 20.64 -14.46
CA LEU E 124 -26.76 21.40 -13.24
C LEU E 124 -27.27 20.49 -12.15
N SER E 125 -28.24 19.67 -12.52
CA SER E 125 -28.80 18.72 -11.60
C SER E 125 -27.71 17.71 -11.16
N ALA E 126 -26.82 17.33 -12.07
CA ALA E 126 -25.75 16.40 -11.75
C ALA E 126 -24.85 16.92 -10.64
N GLU E 127 -24.61 18.22 -10.58
CA GLU E 127 -23.75 18.81 -9.54
C GLU E 127 -24.37 18.61 -8.16
N TYR E 128 -25.66 18.93 -8.04
CA TYR E 128 -26.36 18.72 -6.79
C TYR E 128 -26.29 17.24 -6.40
N GLU E 129 -26.56 16.33 -7.34
CA GLU E 129 -26.50 14.90 -7.05
C GLU E 129 -25.13 14.52 -6.50
N ILE E 130 -24.06 15.03 -7.10
CA ILE E 130 -22.71 14.68 -6.64
C ILE E 130 -22.50 15.18 -5.22
N ASP E 131 -22.98 16.39 -4.94
CA ASP E 131 -22.84 16.97 -3.62
C ASP E 131 -23.50 16.13 -2.57
N GLU E 132 -24.68 15.56 -2.85
CA GLU E 132 -25.38 14.71 -1.88
C GLU E 132 -24.68 13.39 -1.70
N VAL E 133 -24.29 12.78 -2.80
CA VAL E 133 -23.60 11.50 -2.74
C VAL E 133 -22.35 11.49 -1.87
N TRP E 134 -21.57 12.56 -1.87
CA TRP E 134 -20.36 12.55 -1.06
C TRP E 134 -20.58 12.61 0.44
N MET E 135 -21.84 12.60 0.86
CA MET E 135 -22.17 12.64 2.28
C MET E 135 -22.65 11.30 2.80
N LYS E 136 -22.92 10.36 1.90
CA LYS E 136 -23.39 9.04 2.30
C LYS E 136 -22.26 7.99 2.28
N PRO E 137 -21.72 7.63 3.46
CA PRO E 137 -20.64 6.64 3.48
C PRO E 137 -20.95 5.36 2.74
N GLU E 138 -22.20 4.90 2.83
CA GLU E 138 -22.62 3.68 2.15
C GLU E 138 -22.19 3.73 0.67
N LEU E 139 -22.12 4.95 0.12
CA LEU E 139 -21.72 5.16 -1.26
C LEU E 139 -20.23 5.48 -1.43
N VAL E 140 -19.74 6.47 -0.69
CA VAL E 140 -18.35 6.86 -0.77
C VAL E 140 -17.27 5.81 -0.53
N LEU E 141 -17.46 4.98 0.48
CA LEU E 141 -16.44 3.98 0.76
C LEU E 141 -16.21 2.99 -0.39
N PRO E 142 -17.27 2.37 -0.92
CA PRO E 142 -16.96 1.44 -2.00
C PRO E 142 -16.34 2.18 -3.17
N GLU E 143 -16.72 3.46 -3.33
CA GLU E 143 -16.18 4.26 -4.42
C GLU E 143 -14.67 4.33 -4.21
N LEU E 144 -14.25 4.69 -3.01
CA LEU E 144 -12.82 4.77 -2.70
C LEU E 144 -12.13 3.43 -2.87
N LEU E 145 -12.83 2.36 -2.49
CA LEU E 145 -12.30 0.99 -2.61
C LEU E 145 -11.92 0.67 -4.04
N HIS E 146 -12.86 0.86 -4.97
CA HIS E 146 -12.59 0.57 -6.37
C HIS E 146 -11.44 1.40 -6.91
N THR E 147 -11.50 2.70 -6.69
CA THR E 147 -10.44 3.56 -7.19
C THR E 147 -9.11 3.07 -6.69
N ALA E 148 -9.08 2.65 -5.45
CA ALA E 148 -7.83 2.23 -4.88
C ALA E 148 -7.42 0.89 -5.44
N ALA E 149 -8.39 -0.01 -5.56
CA ALA E 149 -8.16 -1.36 -6.05
C ALA E 149 -7.53 -1.42 -7.45
N TYR E 150 -7.90 -0.45 -8.29
CA TYR E 150 -7.40 -0.44 -9.65
C TYR E 150 -6.66 0.83 -10.04
N SER E 151 -6.05 1.49 -9.07
CA SER E 151 -5.32 2.73 -9.36
C SER E 151 -6.03 3.66 -10.29
N GLY E 152 -7.35 3.77 -10.16
CA GLY E 152 -8.12 4.69 -10.97
C GLY E 152 -8.36 4.32 -12.41
N GLU E 153 -8.01 3.10 -12.78
CA GLU E 153 -8.19 2.62 -14.15
C GLU E 153 -9.36 1.65 -14.25
N THR E 154 -10.00 1.59 -15.42
CA THR E 154 -11.15 0.70 -15.70
C THR E 154 -12.19 0.56 -14.61
N LEU E 155 -12.19 -0.56 -13.88
CA LEU E 155 -13.17 -0.74 -12.79
C LEU E 155 -12.92 0.30 -11.69
N GLY E 156 -11.73 0.90 -11.70
CA GLY E 156 -11.39 1.91 -10.73
C GLY E 156 -11.63 3.33 -11.21
N SER E 157 -11.95 3.49 -12.49
CA SER E 157 -12.23 4.81 -13.01
C SER E 157 -13.46 5.27 -12.24
N PRO E 158 -13.43 6.49 -11.70
CA PRO E 158 -14.48 7.12 -10.91
C PRO E 158 -15.91 6.86 -11.37
N LEU E 159 -16.71 6.29 -10.49
CA LEU E 159 -18.11 6.03 -10.79
C LEU E 159 -18.91 7.28 -10.40
N ILE E 160 -18.38 8.06 -9.49
CA ILE E 160 -19.00 9.29 -9.08
C ILE E 160 -18.18 10.33 -9.82
N CYS E 161 -18.78 10.97 -10.80
CA CYS E 161 -18.03 11.94 -11.55
C CYS E 161 -17.45 13.10 -10.75
N PRO E 162 -16.18 13.45 -11.01
CA PRO E 162 -15.53 14.57 -10.32
C PRO E 162 -16.34 15.85 -10.56
N ARG E 163 -16.81 16.48 -9.50
CA ARG E 163 -17.61 17.69 -9.63
C ARG E 163 -17.13 18.69 -10.71
N GLY E 164 -15.84 18.99 -10.69
CA GLY E 164 -15.27 19.96 -11.63
C GLY E 164 -15.11 19.54 -13.09
N LEU E 165 -15.52 18.33 -13.41
CA LEU E 165 -15.43 17.86 -14.78
C LEU E 165 -16.84 17.85 -15.41
N ILE E 166 -17.90 18.04 -14.60
CA ILE E 166 -19.21 18.03 -15.15
C ILE E 166 -19.50 19.15 -16.14
N PRO E 167 -19.03 20.35 -15.84
CA PRO E 167 -19.26 21.49 -16.74
C PRO E 167 -18.66 21.34 -18.14
N SER E 168 -17.56 20.59 -18.26
CA SER E 168 -16.90 20.44 -19.54
C SER E 168 -17.43 19.33 -20.41
N ILE E 169 -18.47 18.64 -19.91
CA ILE E 169 -19.13 17.57 -20.65
C ILE E 169 -19.97 18.28 -21.71
N SER E 170 -19.55 18.17 -22.96
CA SER E 170 -20.23 18.80 -24.08
C SER E 170 -21.05 17.80 -24.93
N LYS E 171 -21.94 18.33 -25.76
CA LYS E 171 -22.70 17.46 -26.60
C LYS E 171 -21.71 16.69 -27.46
N TYR E 172 -20.59 17.32 -27.83
CA TYR E 172 -19.59 16.64 -28.64
C TYR E 172 -19.05 15.35 -27.98
N TYR E 173 -18.71 15.40 -26.69
CA TYR E 173 -18.23 14.21 -26.01
C TYR E 173 -19.31 13.16 -25.86
N LEU E 174 -20.55 13.62 -25.62
CA LEU E 174 -21.69 12.72 -25.49
C LEU E 174 -21.87 12.01 -26.81
N LEU E 175 -21.84 12.77 -27.90
CA LEU E 175 -21.95 12.14 -29.21
C LEU E 175 -20.73 11.21 -29.49
N ASP E 176 -19.54 11.59 -29.03
CA ASP E 176 -18.38 10.73 -29.25
C ASP E 176 -18.59 9.42 -28.57
N TYR E 177 -19.13 9.49 -27.35
CA TYR E 177 -19.40 8.29 -26.60
C TYR E 177 -20.49 7.41 -27.24
N ARG E 178 -21.58 8.03 -27.72
CA ARG E 178 -22.63 7.22 -28.33
C ARG E 178 -22.07 6.54 -29.58
N ASN E 179 -21.23 7.26 -30.34
CA ASN E 179 -20.66 6.70 -31.54
C ASN E 179 -19.70 5.53 -31.30
N LYS E 180 -19.18 5.38 -30.08
CA LYS E 180 -18.30 4.26 -29.74
C LYS E 180 -19.10 3.09 -29.17
N PHE E 181 -20.08 3.39 -28.33
CA PHE E 181 -20.82 2.30 -27.71
C PHE E 181 -22.27 2.03 -28.06
N TYR E 182 -22.97 3.00 -28.62
CA TYR E 182 -24.35 2.71 -28.99
C TYR E 182 -24.40 2.07 -30.38
N THR E 183 -24.02 0.81 -30.52
CA THR E 183 -24.07 0.15 -31.81
C THR E 183 -24.86 -1.14 -31.68
N PRO E 184 -25.55 -1.58 -32.74
CA PRO E 184 -26.31 -2.82 -32.59
C PRO E 184 -25.49 -4.00 -32.10
N GLU E 185 -24.27 -4.14 -32.58
CA GLU E 185 -23.45 -5.26 -32.15
C GLU E 185 -23.03 -5.19 -30.69
N ASN E 186 -23.26 -4.04 -30.04
CA ASN E 186 -22.90 -3.83 -28.64
C ASN E 186 -24.16 -3.80 -27.78
N THR E 187 -25.29 -4.16 -28.39
CA THR E 187 -26.58 -4.13 -27.70
C THR E 187 -27.30 -5.49 -27.65
N VAL E 188 -28.23 -5.58 -26.70
CA VAL E 188 -29.06 -6.74 -26.50
C VAL E 188 -30.45 -6.24 -26.14
N ALA E 189 -31.44 -6.78 -26.84
CA ALA E 189 -32.85 -6.45 -26.58
C ALA E 189 -33.37 -7.71 -25.94
N ALA E 190 -33.94 -7.57 -24.77
CA ALA E 190 -34.45 -8.74 -24.08
C ALA E 190 -35.88 -8.53 -23.60
N PHE E 191 -36.63 -9.64 -23.62
CA PHE E 191 -38.02 -9.60 -23.19
C PHE E 191 -38.32 -10.76 -22.27
N VAL E 192 -39.35 -10.57 -21.44
CA VAL E 192 -39.80 -11.62 -20.55
C VAL E 192 -41.29 -11.66 -20.63
N GLY E 193 -41.82 -12.80 -21.05
CA GLY E 193 -43.26 -12.94 -21.15
C GLY E 193 -43.72 -12.60 -22.55
N VAL E 194 -42.74 -12.48 -23.44
CA VAL E 194 -43.04 -12.18 -24.84
C VAL E 194 -42.49 -13.29 -25.73
N PRO E 195 -43.31 -13.74 -26.71
CA PRO E 195 -43.00 -14.79 -27.68
C PRO E 195 -41.84 -14.40 -28.53
N HIS E 196 -40.85 -15.26 -28.63
CA HIS E 196 -39.68 -14.94 -29.42
C HIS E 196 -40.02 -14.42 -30.81
N GLU E 197 -41.00 -15.01 -31.45
CA GLU E 197 -41.37 -14.58 -32.78
C GLU E 197 -41.86 -13.13 -32.76
N LYS E 198 -42.62 -12.78 -31.75
CA LYS E 198 -43.14 -11.43 -31.64
C LYS E 198 -41.97 -10.45 -31.43
N ALA E 199 -41.05 -10.84 -30.55
CA ALA E 199 -39.89 -10.01 -30.23
C ALA E 199 -39.06 -9.73 -31.47
N LEU E 200 -38.81 -10.77 -32.24
CA LEU E 200 -38.06 -10.60 -33.47
C LEU E 200 -38.76 -9.63 -34.39
N GLU E 201 -40.08 -9.69 -34.45
CA GLU E 201 -40.83 -8.79 -35.31
C GLU E 201 -40.62 -7.36 -34.91
N LEU E 202 -40.95 -7.07 -33.66
CA LEU E 202 -40.81 -5.74 -33.11
C LEU E 202 -39.38 -5.22 -33.14
N THR E 203 -38.45 -6.04 -32.68
CA THR E 203 -37.06 -5.64 -32.63
C THR E 203 -36.61 -5.23 -34.01
N GLY E 204 -36.92 -6.05 -34.99
CA GLY E 204 -36.55 -5.76 -36.37
C GLY E 204 -37.21 -4.46 -36.86
N LYS E 205 -38.49 -4.30 -36.53
CA LYS E 205 -39.22 -3.11 -36.94
C LYS E 205 -38.51 -1.84 -36.49
N TYR E 206 -38.20 -1.77 -35.21
CA TYR E 206 -37.58 -0.57 -34.63
C TYR E 206 -36.04 -0.47 -34.56
N LEU E 207 -35.35 -1.60 -34.54
CA LEU E 207 -33.90 -1.64 -34.42
C LEU E 207 -33.23 -2.32 -35.58
N GLY E 208 -34.02 -2.82 -36.52
CA GLY E 208 -33.46 -3.53 -37.66
C GLY E 208 -32.49 -2.77 -38.54
N ASP E 209 -32.96 -1.64 -39.08
CA ASP E 209 -32.14 -0.81 -39.95
C ASP E 209 -31.04 -0.01 -39.24
N TRP E 210 -30.83 -0.28 -37.96
CA TRP E 210 -29.78 0.41 -37.22
C TRP E 210 -28.42 -0.10 -37.77
N GLN E 211 -27.47 0.81 -38.02
CA GLN E 211 -26.17 0.37 -38.55
C GLN E 211 -25.04 0.80 -37.66
N SER E 212 -23.98 -0.03 -37.59
CA SER E 212 -22.85 0.34 -36.76
C SER E 212 -22.07 1.53 -37.30
N THR E 213 -21.37 2.25 -36.42
CA THR E 213 -20.54 3.36 -36.85
C THR E 213 -19.08 2.86 -37.05
N HIS E 214 -18.81 1.60 -36.68
CA HIS E 214 -17.49 0.98 -36.82
C HIS E 214 -16.37 1.76 -36.14
N PRO E 215 -16.54 2.00 -34.85
CA PRO E 215 -15.59 2.75 -34.02
C PRO E 215 -14.40 1.92 -33.61
N PRO E 216 -13.33 2.56 -33.09
CA PRO E 216 -12.09 1.93 -32.62
C PRO E 216 -12.30 1.15 -31.30
N ILE E 217 -12.04 -0.16 -31.32
CA ILE E 217 -12.24 -0.98 -30.13
C ILE E 217 -11.34 -0.46 -29.03
N THR E 218 -11.91 -0.04 -27.91
CA THR E 218 -11.06 0.51 -26.86
C THR E 218 -11.35 -0.03 -25.47
N LYS E 219 -11.67 -1.31 -25.38
CA LYS E 219 -12.00 -1.89 -24.07
C LYS E 219 -10.82 -2.60 -23.41
N LYS E 220 -10.19 -1.90 -22.47
CA LYS E 220 -9.02 -2.38 -21.76
C LYS E 220 -9.38 -3.39 -20.67
N VAL E 221 -8.57 -4.44 -20.51
CA VAL E 221 -8.83 -5.40 -19.45
C VAL E 221 -8.42 -4.77 -18.12
N ALA E 222 -9.19 -5.06 -17.09
CA ALA E 222 -8.97 -4.51 -15.77
C ALA E 222 -7.72 -5.10 -15.13
N GLN E 223 -6.83 -4.25 -14.61
CA GLN E 223 -5.61 -4.73 -13.96
C GLN E 223 -5.60 -4.36 -12.50
N TYR E 224 -5.90 -5.33 -11.64
CA TYR E 224 -5.92 -5.08 -10.20
C TYR E 224 -4.54 -4.75 -9.66
N THR E 225 -4.47 -3.67 -8.87
CA THR E 225 -3.19 -3.22 -8.26
C THR E 225 -3.15 -3.22 -6.75
N GLY E 226 -4.30 -3.02 -6.12
CA GLY E 226 -4.34 -2.95 -4.68
C GLY E 226 -3.89 -1.53 -4.34
N GLY E 227 -3.91 -1.19 -3.05
CA GLY E 227 -3.52 0.14 -2.61
C GLY E 227 -4.22 0.59 -1.34
N GLU E 228 -3.86 1.79 -0.89
CA GLU E 228 -4.40 2.39 0.33
C GLU E 228 -4.89 3.82 0.13
N SER E 229 -6.00 4.15 0.79
CA SER E 229 -6.48 5.51 0.76
C SER E 229 -7.29 5.82 2.00
N CYS E 230 -7.21 7.08 2.43
CA CYS E 230 -7.90 7.52 3.62
C CYS E 230 -8.45 8.95 3.49
N ILE E 231 -9.75 9.13 3.73
CA ILE E 231 -10.32 10.48 3.66
C ILE E 231 -10.69 10.86 5.07
N PRO E 232 -10.77 12.16 5.36
CA PRO E 232 -11.13 12.68 6.67
C PRO E 232 -12.44 12.27 7.32
N PRO E 233 -12.48 12.46 8.62
CA PRO E 233 -13.64 12.14 9.43
C PRO E 233 -14.83 13.01 9.05
N ALA E 234 -15.99 12.39 8.90
CA ALA E 234 -17.21 13.11 8.59
C ALA E 234 -17.51 14.14 9.67
N PRO E 235 -18.28 15.19 9.35
CA PRO E 235 -18.60 16.20 10.36
C PRO E 235 -19.52 15.66 11.47
N VAL E 236 -19.21 16.02 12.74
CA VAL E 236 -20.01 15.58 13.90
C VAL E 236 -21.36 16.32 13.94
N PHE E 237 -22.41 15.67 13.42
CA PHE E 237 -23.75 16.27 13.37
C PHE E 237 -24.40 16.51 14.74
N GLY E 238 -25.59 15.94 14.92
CA GLY E 238 -26.31 16.12 16.17
C GLY E 238 -25.92 15.06 17.19
N ASN E 239 -26.93 14.37 17.72
CA ASN E 239 -26.69 13.33 18.70
C ASN E 239 -26.00 12.10 18.08
N LEU E 240 -25.99 12.02 16.73
CA LEU E 240 -25.39 10.88 16.01
C LEU E 240 -23.96 10.55 16.50
N PRO E 241 -23.64 9.25 16.62
CA PRO E 241 -22.29 8.82 17.08
C PRO E 241 -21.23 8.96 15.99
N GLU E 242 -20.14 9.68 16.27
CA GLU E 242 -19.07 9.82 15.29
C GLU E 242 -18.48 8.43 14.99
N LEU E 243 -18.29 8.13 13.71
CA LEU E 243 -17.75 6.84 13.32
C LEU E 243 -16.59 6.97 12.38
N PHE E 244 -15.77 5.93 12.35
CA PHE E 244 -14.66 5.87 11.42
C PHE E 244 -15.03 4.67 10.57
N HIS E 245 -14.53 4.64 9.34
CA HIS E 245 -14.83 3.50 8.48
C HIS E 245 -13.57 2.93 7.85
N ILE E 246 -13.65 1.65 7.53
CA ILE E 246 -12.56 1.00 6.86
C ILE E 246 -13.04 -0.19 6.04
N GLN E 247 -12.44 -0.35 4.86
CA GLN E 247 -12.77 -1.48 4.00
C GLN E 247 -11.46 -2.13 3.57
N ILE E 248 -11.40 -3.45 3.70
CA ILE E 248 -10.23 -4.22 3.31
C ILE E 248 -10.65 -5.34 2.38
N GLY E 249 -9.99 -5.44 1.23
CA GLY E 249 -10.32 -6.49 0.30
C GLY E 249 -9.17 -6.87 -0.59
N PHE E 250 -9.36 -7.95 -1.31
CA PHE E 250 -8.37 -8.45 -2.24
C PHE E 250 -9.04 -8.69 -3.58
N GLU E 251 -8.25 -9.01 -4.61
CA GLU E 251 -8.84 -9.25 -5.91
C GLU E 251 -9.74 -10.50 -5.80
N GLY E 252 -10.96 -10.37 -6.30
CA GLY E 252 -11.93 -11.45 -6.28
C GLY E 252 -12.04 -12.19 -7.58
N LEU E 253 -13.24 -12.68 -7.89
CA LEU E 253 -13.37 -13.44 -9.13
C LEU E 253 -14.40 -12.87 -10.06
N PRO E 254 -14.25 -13.12 -11.37
CA PRO E 254 -15.15 -12.65 -12.44
C PRO E 254 -16.48 -13.37 -12.27
N ILE E 255 -17.60 -12.71 -12.52
CA ILE E 255 -18.90 -13.36 -12.29
C ILE E 255 -19.13 -14.70 -12.96
N ASP E 256 -18.40 -15.02 -14.01
CA ASP E 256 -18.65 -16.31 -14.63
C ASP E 256 -17.49 -17.26 -14.36
N HIS E 257 -16.71 -16.93 -13.35
CA HIS E 257 -15.58 -17.76 -13.01
C HIS E 257 -16.14 -18.99 -12.34
N PRO E 258 -15.51 -20.15 -12.51
CA PRO E 258 -15.95 -21.43 -11.90
C PRO E 258 -16.17 -21.48 -10.37
N ASP E 259 -15.27 -20.88 -9.61
CA ASP E 259 -15.41 -20.89 -8.16
C ASP E 259 -16.30 -19.77 -7.65
N ILE E 260 -16.99 -19.07 -8.56
CA ILE E 260 -17.82 -17.94 -8.17
C ILE E 260 -18.88 -18.34 -7.14
N TYR E 261 -19.52 -19.47 -7.37
CA TYR E 261 -20.56 -19.91 -6.43
C TYR E 261 -19.97 -20.17 -5.04
N ALA E 262 -18.76 -20.73 -5.01
CA ALA E 262 -18.13 -20.97 -3.74
C ALA E 262 -17.90 -19.64 -3.03
N LEU E 263 -17.30 -18.68 -3.74
CA LEU E 263 -16.98 -17.37 -3.18
C LEU E 263 -18.20 -16.65 -2.63
N ALA E 264 -19.36 -16.89 -3.25
CA ALA E 264 -20.62 -16.28 -2.82
C ALA E 264 -21.08 -16.92 -1.50
N THR E 265 -20.80 -18.21 -1.39
CA THR E 265 -21.13 -18.97 -0.20
C THR E 265 -20.24 -18.41 0.92
N LEU E 266 -18.95 -18.21 0.63
CA LEU E 266 -18.02 -17.68 1.61
C LEU E 266 -18.50 -16.32 2.09
N GLN E 267 -19.07 -15.55 1.17
CA GLN E 267 -19.58 -14.21 1.45
C GLN E 267 -20.77 -14.31 2.38
N THR E 268 -21.69 -15.22 2.07
CA THR E 268 -22.86 -15.43 2.90
C THR E 268 -22.50 -15.97 4.27
N LEU E 269 -21.47 -16.82 4.30
CA LEU E 269 -20.99 -17.43 5.53
C LEU E 269 -20.44 -16.36 6.45
N LEU E 270 -19.64 -15.44 5.94
CA LEU E 270 -19.12 -14.35 6.77
C LEU E 270 -20.29 -13.45 7.17
N GLY E 271 -21.19 -13.19 6.22
CA GLY E 271 -22.36 -12.36 6.48
C GLY E 271 -22.08 -11.00 7.11
N GLY E 272 -22.70 -10.74 8.25
CA GLY E 272 -22.43 -9.47 8.89
C GLY E 272 -23.62 -8.56 8.86
N GLY E 273 -23.36 -7.30 9.21
CA GLY E 273 -24.41 -6.31 9.23
C GLY E 273 -24.17 -5.16 10.19
N GLY E 274 -25.25 -4.43 10.46
CA GLY E 274 -25.21 -3.29 11.36
C GLY E 274 -25.80 -3.80 12.65
N SER E 275 -25.31 -3.27 13.78
CA SER E 275 -25.73 -3.68 15.13
C SER E 275 -27.23 -3.68 15.41
N MET E 285 -28.29 -13.83 11.04
CA MET E 285 -27.79 -13.33 12.32
C MET E 285 -26.85 -14.33 12.96
N TYR E 286 -26.70 -15.47 12.29
CA TYR E 286 -25.85 -16.54 12.78
C TYR E 286 -24.52 -16.63 12.04
N SER E 287 -24.31 -15.73 11.09
CA SER E 287 -23.09 -15.70 10.26
C SER E 287 -21.87 -15.32 11.09
N ARG E 288 -20.73 -15.85 10.71
CA ARG E 288 -19.52 -15.55 11.47
C ARG E 288 -19.33 -14.09 11.85
N LEU E 289 -19.48 -13.16 10.91
CA LEU E 289 -19.26 -11.77 11.28
C LEU E 289 -20.19 -11.30 12.40
N TYR E 290 -21.41 -11.82 12.44
CA TYR E 290 -22.34 -11.44 13.51
C TYR E 290 -21.76 -11.96 14.80
N THR E 291 -21.61 -13.28 14.84
CA THR E 291 -21.08 -14.05 15.95
C THR E 291 -19.74 -13.58 16.48
N HIS E 292 -18.69 -13.71 15.66
CA HIS E 292 -17.34 -13.31 16.05
C HIS E 292 -17.04 -11.81 16.12
N VAL E 293 -17.91 -10.93 15.60
CA VAL E 293 -17.61 -9.50 15.65
C VAL E 293 -18.73 -8.62 16.19
N LEU E 294 -19.87 -8.64 15.51
CA LEU E 294 -20.98 -7.80 15.92
C LEU E 294 -21.45 -8.02 17.35
N ASN E 295 -21.40 -9.27 17.81
CA ASN E 295 -21.81 -9.68 19.15
C ASN E 295 -20.69 -9.71 20.20
N GLN E 296 -19.47 -9.42 19.79
CA GLN E 296 -18.33 -9.45 20.70
C GLN E 296 -17.78 -8.03 20.95
N TYR E 297 -18.13 -7.11 20.07
CA TYR E 297 -17.63 -5.75 20.20
C TYR E 297 -18.76 -4.82 19.90
N TYR E 298 -18.92 -3.78 20.69
CA TYR E 298 -20.01 -2.86 20.40
C TYR E 298 -19.43 -1.51 20.08
N PHE E 299 -18.12 -1.48 19.91
CA PHE E 299 -17.49 -0.26 19.50
C PHE E 299 -17.53 -0.39 17.97
N VAL E 300 -18.10 -1.50 17.52
CA VAL E 300 -18.27 -1.83 16.11
C VAL E 300 -19.75 -1.72 15.84
N GLU E 301 -20.15 -0.75 15.02
CA GLU E 301 -21.56 -0.55 14.73
C GLU E 301 -22.02 -1.26 13.46
N ASN E 302 -21.06 -1.65 12.64
CA ASN E 302 -21.38 -2.33 11.40
C ASN E 302 -20.17 -3.14 10.96
N CYS E 303 -20.43 -4.30 10.37
CA CYS E 303 -19.37 -5.13 9.86
C CYS E 303 -19.97 -6.13 8.90
N VAL E 304 -19.56 -6.05 7.64
CA VAL E 304 -20.14 -6.94 6.65
C VAL E 304 -19.13 -7.30 5.58
N ALA E 305 -19.37 -8.44 4.93
CA ALA E 305 -18.48 -8.96 3.89
C ALA E 305 -19.05 -8.61 2.53
N PHE E 306 -18.17 -8.14 1.65
CA PHE E 306 -18.60 -7.72 0.32
C PHE E 306 -17.92 -8.47 -0.80
N ASN E 307 -18.62 -8.58 -1.92
CA ASN E 307 -18.07 -9.28 -3.05
C ASN E 307 -18.45 -8.62 -4.36
N HIS E 308 -17.61 -7.71 -4.81
CA HIS E 308 -17.85 -7.04 -6.07
C HIS E 308 -17.28 -7.95 -7.13
N SER E 309 -18.14 -8.30 -8.08
CA SER E 309 -17.73 -9.19 -9.14
C SER E 309 -18.09 -8.70 -10.55
N TYR E 310 -17.07 -8.52 -11.38
CA TYR E 310 -17.31 -8.04 -12.73
C TYR E 310 -16.92 -9.06 -13.78
N SER E 311 -16.96 -8.64 -15.02
CA SER E 311 -16.62 -9.49 -16.15
C SER E 311 -15.20 -10.07 -16.16
N ASP E 312 -14.20 -9.29 -15.75
CA ASP E 312 -12.85 -9.82 -15.81
C ASP E 312 -12.03 -9.73 -14.52
N SER E 313 -12.67 -9.32 -13.43
CA SER E 313 -12.01 -9.17 -12.15
C SER E 313 -13.03 -8.89 -11.04
N GLY E 314 -12.57 -8.66 -9.83
CA GLY E 314 -13.48 -8.38 -8.74
C GLY E 314 -12.76 -8.00 -7.48
N ILE E 315 -13.48 -7.56 -6.46
CA ILE E 315 -12.85 -7.25 -5.19
C ILE E 315 -13.64 -8.01 -4.12
N PHE E 316 -12.94 -8.69 -3.21
CA PHE E 316 -13.58 -9.45 -2.15
C PHE E 316 -13.05 -9.01 -0.80
N GLY E 317 -13.93 -8.78 0.17
CA GLY E 317 -13.43 -8.35 1.46
C GLY E 317 -14.43 -8.07 2.55
N ILE E 318 -13.94 -7.38 3.58
CA ILE E 318 -14.77 -7.02 4.72
C ILE E 318 -14.78 -5.51 4.98
N SER E 319 -15.96 -4.98 5.30
CA SER E 319 -16.18 -3.57 5.60
C SER E 319 -16.47 -3.48 7.09
N LEU E 320 -15.92 -2.47 7.74
CA LEU E 320 -16.09 -2.33 9.19
C LEU E 320 -16.27 -0.87 9.64
N SER E 321 -17.37 -0.56 10.31
CA SER E 321 -17.57 0.81 10.80
C SER E 321 -17.49 0.73 12.30
N CYS E 322 -16.81 1.69 12.91
CA CYS E 322 -16.68 1.68 14.36
C CYS E 322 -16.43 3.05 15.01
N ILE E 323 -16.38 3.04 16.34
CA ILE E 323 -16.12 4.22 17.17
C ILE E 323 -14.68 4.65 16.96
N PRO E 324 -14.46 5.96 16.86
CA PRO E 324 -13.11 6.50 16.64
C PRO E 324 -12.07 5.88 17.56
N GLN E 325 -12.52 5.61 18.78
CA GLN E 325 -11.65 5.03 19.78
C GLN E 325 -11.12 3.66 19.36
N ALA E 326 -11.96 2.85 18.70
CA ALA E 326 -11.60 1.48 18.31
C ALA E 326 -10.73 1.38 17.05
N ALA E 327 -10.70 2.46 16.26
CA ALA E 327 -9.92 2.52 15.02
C ALA E 327 -8.66 1.68 15.05
N PRO E 328 -7.87 1.79 16.12
CA PRO E 328 -6.65 1.01 16.21
C PRO E 328 -6.79 -0.51 16.16
N GLN E 329 -7.95 -1.03 16.54
CA GLN E 329 -8.15 -2.47 16.51
C GLN E 329 -8.78 -2.96 15.20
N ALA E 330 -9.37 -2.03 14.44
CA ALA E 330 -10.04 -2.35 13.20
C ALA E 330 -9.30 -3.31 12.30
N VAL E 331 -8.10 -2.93 11.87
CA VAL E 331 -7.39 -3.84 10.95
C VAL E 331 -7.30 -5.25 11.47
N GLU E 332 -6.78 -5.38 12.69
CA GLU E 332 -6.63 -6.70 13.29
C GLU E 332 -7.92 -7.52 13.35
N VAL E 333 -9.00 -6.92 13.83
CA VAL E 333 -10.26 -7.64 13.89
C VAL E 333 -10.58 -8.30 12.54
N ILE E 334 -10.45 -7.52 11.48
CA ILE E 334 -10.76 -8.01 10.14
C ILE E 334 -9.78 -9.08 9.76
N ALA E 335 -8.49 -8.77 9.88
CA ALA E 335 -7.43 -9.71 9.53
C ALA E 335 -7.71 -11.07 10.16
N GLN E 336 -8.07 -11.06 11.44
CA GLN E 336 -8.39 -12.30 12.14
C GLN E 336 -9.51 -13.03 11.42
N GLN E 337 -10.67 -12.41 11.30
CA GLN E 337 -11.79 -13.06 10.63
C GLN E 337 -11.37 -13.71 9.31
N MET E 338 -10.63 -12.99 8.48
CA MET E 338 -10.18 -13.53 7.22
C MET E 338 -9.36 -14.78 7.45
N TYR E 339 -8.39 -14.67 8.36
CA TYR E 339 -7.51 -15.78 8.72
C TYR E 339 -8.30 -17.00 9.18
N ASN E 340 -9.32 -16.78 10.01
CA ASN E 340 -10.17 -17.86 10.53
C ASN E 340 -10.98 -18.64 9.50
N THR E 341 -10.98 -18.22 8.24
CA THR E 341 -11.76 -18.95 7.27
C THR E 341 -10.97 -20.08 6.65
N PHE E 342 -9.66 -20.13 6.87
CA PHE E 342 -8.86 -21.19 6.28
C PHE E 342 -7.59 -21.53 7.03
N ALA E 343 -6.88 -20.50 7.49
CA ALA E 343 -5.60 -20.67 8.18
C ALA E 343 -5.62 -21.16 9.64
N ASN E 344 -6.75 -20.99 10.32
CA ASN E 344 -6.88 -21.41 11.70
C ASN E 344 -7.43 -22.82 11.72
N LYS E 345 -6.62 -23.76 12.20
CA LYS E 345 -6.98 -25.18 12.27
C LYS E 345 -8.09 -25.52 13.28
N ASP E 346 -8.29 -24.64 14.26
CA ASP E 346 -9.32 -24.87 15.28
C ASP E 346 -10.65 -24.13 15.01
N LEU E 347 -10.77 -23.54 13.81
CA LEU E 347 -11.97 -22.83 13.41
C LEU E 347 -12.27 -23.11 11.96
N ARG E 348 -11.85 -24.29 11.50
CA ARG E 348 -12.08 -24.71 10.12
C ARG E 348 -13.56 -24.47 9.82
N LEU E 349 -13.91 -24.32 8.54
CA LEU E 349 -15.30 -24.07 8.23
C LEU E 349 -16.10 -25.34 8.47
N THR E 350 -17.14 -25.25 9.29
CA THR E 350 -17.98 -26.40 9.64
C THR E 350 -19.02 -26.83 8.60
N GLU E 351 -19.48 -28.06 8.74
CA GLU E 351 -20.49 -28.58 7.85
C GLU E 351 -21.75 -27.75 7.99
N ASP E 352 -22.08 -27.37 9.22
CA ASP E 352 -23.28 -26.58 9.46
C ASP E 352 -23.19 -25.19 8.84
N GLU E 353 -22.08 -24.51 9.09
CA GLU E 353 -21.89 -23.17 8.56
C GLU E 353 -22.07 -23.19 7.06
N VAL E 354 -21.28 -24.02 6.40
CA VAL E 354 -21.34 -24.15 4.96
C VAL E 354 -22.73 -24.52 4.44
N SER E 355 -23.42 -25.43 5.11
CA SER E 355 -24.72 -25.82 4.62
C SER E 355 -25.76 -24.71 4.73
N ARG E 356 -25.73 -23.99 5.85
CA ARG E 356 -26.69 -22.91 6.03
C ARG E 356 -26.39 -21.86 4.98
N ALA E 357 -25.11 -21.56 4.82
CA ALA E 357 -24.69 -20.58 3.85
C ALA E 357 -25.27 -20.94 2.50
N LYS E 358 -24.99 -22.15 2.03
CA LYS E 358 -25.48 -22.62 0.73
C LYS E 358 -26.97 -22.40 0.58
N ASN E 359 -27.73 -22.74 1.61
CA ASN E 359 -29.18 -22.58 1.51
C ASN E 359 -29.59 -21.12 1.46
N GLN E 360 -28.86 -20.24 2.15
CA GLN E 360 -29.21 -18.83 2.13
C GLN E 360 -28.85 -18.21 0.79
N LEU E 361 -27.72 -18.64 0.23
CA LEU E 361 -27.31 -18.16 -1.08
C LEU E 361 -28.43 -18.51 -2.06
N LYS E 362 -28.71 -19.81 -2.19
CA LYS E 362 -29.79 -20.30 -3.05
C LYS E 362 -31.09 -19.52 -2.85
N SER E 363 -31.43 -19.32 -1.60
CA SER E 363 -32.64 -18.62 -1.27
C SER E 363 -32.68 -17.19 -1.78
N SER E 364 -31.66 -16.40 -1.43
CA SER E 364 -31.63 -15.01 -1.88
C SER E 364 -31.69 -14.93 -3.41
N LEU E 365 -30.94 -15.77 -4.14
CA LEU E 365 -31.00 -15.73 -5.62
C LEU E 365 -32.41 -16.03 -6.09
N LEU E 366 -32.82 -17.28 -5.89
CA LEU E 366 -34.15 -17.68 -6.30
C LEU E 366 -35.24 -16.71 -5.88
N MET E 367 -35.21 -16.27 -4.64
CA MET E 367 -36.26 -15.36 -4.23
C MET E 367 -36.22 -14.04 -5.00
N ASN E 368 -35.03 -13.58 -5.36
CA ASN E 368 -34.96 -12.33 -6.09
C ASN E 368 -35.47 -12.52 -7.52
N LEU E 369 -35.09 -13.65 -8.13
CA LEU E 369 -35.54 -13.97 -9.48
C LEU E 369 -37.07 -14.09 -9.59
N GLU E 370 -37.77 -13.98 -8.46
CA GLU E 370 -39.23 -14.04 -8.49
C GLU E 370 -39.79 -12.77 -9.18
N SER E 371 -38.93 -11.75 -9.38
CA SER E 371 -39.35 -10.49 -9.99
C SER E 371 -39.09 -10.45 -11.47
N LYS E 372 -40.13 -10.20 -12.26
CA LYS E 372 -39.97 -10.14 -13.72
C LYS E 372 -38.85 -9.18 -14.10
N LEU E 373 -38.81 -8.00 -13.44
CA LEU E 373 -37.79 -7.04 -13.75
C LEU E 373 -36.42 -7.64 -13.41
N VAL E 374 -36.30 -8.35 -12.30
CA VAL E 374 -35.01 -8.90 -11.98
C VAL E 374 -34.69 -9.98 -12.98
N GLU E 375 -35.68 -10.80 -13.32
CA GLU E 375 -35.39 -11.87 -14.28
C GLU E 375 -34.86 -11.23 -15.55
N LEU E 376 -35.54 -10.15 -15.95
CA LEU E 376 -35.19 -9.40 -17.16
C LEU E 376 -33.73 -8.92 -17.13
N GLU E 377 -33.41 -8.06 -16.18
CA GLU E 377 -32.06 -7.55 -16.09
C GLU E 377 -31.03 -8.69 -16.14
N ASP E 378 -31.17 -9.67 -15.26
CA ASP E 378 -30.22 -10.77 -15.22
C ASP E 378 -29.98 -11.42 -16.59
N MET E 379 -31.07 -11.66 -17.31
CA MET E 379 -30.98 -12.28 -18.63
C MET E 379 -30.34 -11.33 -19.62
N GLY E 380 -30.73 -10.06 -19.56
CA GLY E 380 -30.16 -9.09 -20.45
C GLY E 380 -28.66 -9.07 -20.28
N ARG E 381 -28.21 -8.88 -19.05
CA ARG E 381 -26.78 -8.80 -18.77
C ARG E 381 -25.99 -10.05 -19.07
N GLN E 382 -26.57 -11.22 -18.83
CA GLN E 382 -25.87 -12.47 -19.09
C GLN E 382 -25.63 -12.62 -20.58
N VAL E 383 -26.66 -12.36 -21.36
CA VAL E 383 -26.56 -12.46 -22.81
C VAL E 383 -25.51 -11.46 -23.27
N LEU E 384 -25.63 -10.24 -22.74
CA LEU E 384 -24.70 -9.20 -23.08
C LEU E 384 -23.25 -9.60 -22.80
N MET E 385 -23.03 -10.43 -21.78
CA MET E 385 -21.66 -10.84 -21.44
C MET E 385 -21.10 -12.13 -22.04
N HIS E 386 -21.78 -13.26 -21.89
CA HIS E 386 -21.25 -14.47 -22.51
C HIS E 386 -22.28 -15.07 -23.49
N GLY E 387 -23.19 -14.23 -23.99
CA GLY E 387 -24.19 -14.67 -24.95
C GLY E 387 -25.04 -15.91 -24.73
N ARG E 388 -25.40 -16.22 -23.48
CA ARG E 388 -26.22 -17.38 -23.14
C ARG E 388 -26.77 -17.08 -21.77
N LYS E 389 -27.92 -17.66 -21.45
CA LYS E 389 -28.47 -17.45 -20.14
C LYS E 389 -28.37 -18.78 -19.42
N ILE E 390 -27.58 -18.83 -18.35
CA ILE E 390 -27.43 -20.07 -17.57
C ILE E 390 -28.76 -20.39 -16.91
N PRO E 391 -29.28 -21.60 -17.17
CA PRO E 391 -30.56 -22.03 -16.58
C PRO E 391 -30.46 -22.19 -15.10
N VAL E 392 -31.57 -21.92 -14.43
CA VAL E 392 -31.63 -21.99 -12.98
C VAL E 392 -31.18 -23.34 -12.45
N ASN E 393 -31.61 -24.41 -13.10
CA ASN E 393 -31.23 -25.78 -12.71
C ASN E 393 -29.74 -25.85 -12.45
N GLU E 394 -28.98 -25.49 -13.50
CA GLU E 394 -27.53 -25.51 -13.47
C GLU E 394 -26.95 -24.74 -12.31
N MET E 395 -27.50 -23.56 -12.08
CA MET E 395 -27.05 -22.71 -11.01
C MET E 395 -27.25 -23.37 -9.65
N ILE E 396 -28.50 -23.70 -9.34
CA ILE E 396 -28.81 -24.34 -8.08
C ILE E 396 -27.88 -25.53 -7.84
N SER E 397 -27.74 -26.36 -8.88
CA SER E 397 -26.87 -27.53 -8.81
C SER E 397 -25.49 -27.21 -8.32
N LYS E 398 -24.78 -26.36 -9.06
CA LYS E 398 -23.43 -26.00 -8.68
C LYS E 398 -23.30 -25.54 -7.25
N ILE E 399 -24.34 -24.93 -6.71
CA ILE E 399 -24.27 -24.48 -5.32
C ILE E 399 -24.39 -25.64 -4.34
N GLU E 400 -25.32 -26.54 -4.62
CA GLU E 400 -25.54 -27.70 -3.76
C GLU E 400 -24.35 -28.66 -3.73
N ASP E 401 -23.64 -28.78 -4.84
CA ASP E 401 -22.48 -29.66 -4.88
C ASP E 401 -21.30 -29.10 -4.07
N LEU E 402 -21.46 -27.88 -3.57
CA LEU E 402 -20.38 -27.26 -2.80
C LEU E 402 -20.19 -27.97 -1.48
N LYS E 403 -18.94 -28.28 -1.16
CA LYS E 403 -18.56 -28.94 0.10
C LYS E 403 -17.59 -28.03 0.84
N PRO E 404 -17.60 -28.08 2.18
CA PRO E 404 -16.72 -27.24 3.00
C PRO E 404 -15.29 -26.98 2.53
N ASP E 405 -14.62 -28.01 2.03
CA ASP E 405 -13.24 -27.83 1.57
C ASP E 405 -13.18 -26.85 0.39
N ASP E 406 -14.24 -26.83 -0.39
CA ASP E 406 -14.30 -25.92 -1.53
C ASP E 406 -14.25 -24.50 -1.03
N ILE E 407 -15.20 -24.15 -0.16
CA ILE E 407 -15.27 -22.83 0.42
C ILE E 407 -13.91 -22.50 1.03
N SER E 408 -13.29 -23.47 1.70
CA SER E 408 -11.99 -23.23 2.31
C SER E 408 -10.90 -22.98 1.24
N ARG E 409 -10.92 -23.74 0.15
CA ARG E 409 -9.90 -23.54 -0.87
C ARG E 409 -10.03 -22.13 -1.44
N VAL E 410 -11.25 -21.75 -1.82
CA VAL E 410 -11.49 -20.44 -2.39
C VAL E 410 -11.05 -19.37 -1.42
N ALA E 411 -11.53 -19.44 -0.20
CA ALA E 411 -11.16 -18.45 0.80
C ALA E 411 -9.64 -18.29 0.84
N GLU E 412 -8.92 -19.40 0.89
CA GLU E 412 -7.47 -19.32 0.97
C GLU E 412 -6.88 -18.67 -0.25
N MET E 413 -7.40 -19.03 -1.41
CA MET E 413 -6.90 -18.47 -2.66
C MET E 413 -6.99 -16.93 -2.69
N ILE E 414 -8.19 -16.42 -2.37
CA ILE E 414 -8.44 -14.98 -2.37
C ILE E 414 -7.56 -14.21 -1.42
N PHE E 415 -7.67 -14.56 -0.14
CA PHE E 415 -6.93 -13.91 0.93
C PHE E 415 -5.40 -14.06 0.91
N THR E 416 -4.88 -14.79 -0.05
CA THR E 416 -3.43 -14.98 -0.14
C THR E 416 -2.88 -14.25 -1.35
N GLY E 417 -3.79 -13.60 -2.08
CA GLY E 417 -3.40 -12.88 -3.27
C GLY E 417 -3.00 -13.88 -4.33
N ASN E 418 -3.67 -15.02 -4.36
CA ASN E 418 -3.38 -16.06 -5.33
C ASN E 418 -4.43 -16.21 -6.41
N VAL E 419 -5.00 -15.10 -6.85
CA VAL E 419 -6.01 -15.16 -7.87
C VAL E 419 -5.33 -14.79 -9.16
N ASN E 420 -5.66 -15.51 -10.23
CA ASN E 420 -5.06 -15.22 -11.53
C ASN E 420 -6.07 -14.95 -12.61
N ASN E 421 -6.34 -13.67 -12.82
CA ASN E 421 -7.29 -13.24 -13.83
C ASN E 421 -6.57 -12.71 -15.05
N ALA E 422 -7.36 -12.44 -16.08
CA ALA E 422 -6.86 -11.94 -17.35
C ALA E 422 -5.88 -10.80 -17.21
N GLY E 423 -6.21 -9.86 -16.32
CA GLY E 423 -5.35 -8.72 -16.10
C GLY E 423 -4.05 -9.04 -15.39
N ASN E 424 -3.93 -10.28 -14.93
CA ASN E 424 -2.73 -10.68 -14.23
C ASN E 424 -2.50 -9.65 -13.12
N GLY E 425 -3.42 -9.60 -12.16
CA GLY E 425 -3.32 -8.63 -11.08
C GLY E 425 -2.34 -8.98 -9.99
N LYS E 426 -1.94 -7.97 -9.22
CA LYS E 426 -1.01 -8.09 -8.11
C LYS E 426 -1.70 -8.85 -6.98
N GLY E 427 -0.96 -9.06 -5.90
CA GLY E 427 -1.54 -9.77 -4.77
C GLY E 427 -1.59 -8.88 -3.55
N ARG E 428 -1.47 -7.58 -3.79
CA ARG E 428 -1.49 -6.59 -2.75
C ARG E 428 -2.93 -6.42 -2.29
N ALA E 429 -3.13 -5.93 -1.08
CA ALA E 429 -4.49 -5.76 -0.57
C ALA E 429 -4.94 -4.36 -0.83
N THR E 430 -6.25 -4.17 -0.83
CA THR E 430 -6.78 -2.84 -1.01
C THR E 430 -7.34 -2.44 0.36
N VAL E 431 -6.82 -1.33 0.90
CA VAL E 431 -7.27 -0.85 2.19
C VAL E 431 -7.61 0.63 2.05
N VAL E 432 -8.89 0.92 2.17
CA VAL E 432 -9.33 2.27 2.01
C VAL E 432 -10.08 2.60 3.30
N MET E 433 -9.85 3.80 3.85
CA MET E 433 -10.49 4.16 5.08
C MET E 433 -10.84 5.65 5.29
N GLN E 434 -11.83 5.89 6.15
CA GLN E 434 -12.27 7.23 6.48
C GLN E 434 -12.04 7.40 7.96
N GLY E 435 -11.51 8.56 8.32
CA GLY E 435 -11.21 8.87 9.71
C GLY E 435 -9.77 9.35 9.71
N ASP E 436 -9.12 9.49 10.87
CA ASP E 436 -7.75 9.94 10.90
C ASP E 436 -6.81 8.81 10.50
N ARG E 437 -5.88 9.07 9.58
CA ARG E 437 -5.02 7.99 9.12
C ARG E 437 -4.26 7.26 10.20
N GLY E 438 -3.58 8.02 11.06
CA GLY E 438 -2.80 7.42 12.12
C GLY E 438 -3.61 6.43 12.93
N SER E 439 -4.86 6.78 13.23
CA SER E 439 -5.76 5.94 14.02
C SER E 439 -5.83 4.47 13.66
N PHE E 440 -5.51 4.14 12.42
CA PHE E 440 -5.61 2.75 11.98
C PHE E 440 -4.34 1.92 12.15
N GLY E 441 -3.25 2.61 12.48
CA GLY E 441 -2.01 1.93 12.73
C GLY E 441 -1.30 1.45 11.50
N ASP E 442 -0.31 0.56 11.67
CA ASP E 442 0.45 0.05 10.53
C ASP E 442 -0.37 -1.05 9.87
N VAL E 443 -1.23 -0.67 8.92
CA VAL E 443 -2.07 -1.65 8.27
C VAL E 443 -1.32 -2.79 7.62
N GLU E 444 -0.32 -2.47 6.80
CA GLU E 444 0.39 -3.53 6.13
C GLU E 444 1.02 -4.56 7.07
N ASN E 445 1.58 -4.09 8.18
CA ASN E 445 2.22 -4.97 9.14
C ASN E 445 1.22 -6.00 9.68
N VAL E 446 0.09 -5.52 10.20
CA VAL E 446 -0.93 -6.42 10.71
C VAL E 446 -1.38 -7.43 9.66
N LEU E 447 -1.50 -6.97 8.41
CA LEU E 447 -1.92 -7.87 7.36
C LEU E 447 -0.85 -8.93 7.10
N LYS E 448 0.42 -8.52 7.01
CA LYS E 448 1.51 -9.47 6.80
C LYS E 448 1.58 -10.45 7.98
N ALA E 449 1.43 -9.91 9.19
CA ALA E 449 1.44 -10.74 10.38
C ALA E 449 0.55 -11.93 10.17
N TYR E 450 -0.67 -11.70 9.73
CA TYR E 450 -1.58 -12.82 9.54
C TYR E 450 -1.41 -13.66 8.26
N GLY E 451 -0.32 -13.42 7.53
CA GLY E 451 -0.08 -14.17 6.31
C GLY E 451 -1.07 -13.86 5.19
N LEU E 452 -1.71 -12.70 5.27
CA LEU E 452 -2.66 -12.28 4.26
C LEU E 452 -1.95 -11.55 3.14
N GLY E 453 -2.48 -11.68 1.93
CA GLY E 453 -1.86 -11.01 0.82
C GLY E 453 -0.73 -11.82 0.25
N ASN E 454 0.04 -11.21 -0.63
CA ASN E 454 1.16 -11.88 -1.25
C ASN E 454 2.28 -10.89 -1.54
N SER E 455 3.52 -11.35 -1.28
CA SER E 455 4.80 -10.61 -1.43
C SER E 455 5.17 -9.61 -0.28
N ALA F 1 -46.15 -22.25 -24.37
CA ALA F 1 -47.11 -21.11 -24.24
C ALA F 1 -48.62 -21.56 -24.35
N SER F 2 -49.36 -21.36 -23.26
CA SER F 2 -50.78 -21.75 -23.22
C SER F 2 -51.75 -20.74 -22.51
N GLN F 3 -51.86 -20.80 -21.18
CA GLN F 3 -52.75 -19.88 -20.44
C GLN F 3 -52.20 -19.12 -19.23
N ILE F 4 -52.74 -17.94 -19.00
CA ILE F 4 -52.31 -17.14 -17.87
C ILE F 4 -52.82 -17.84 -16.62
N PRO F 5 -51.92 -18.14 -15.71
CA PRO F 5 -52.23 -18.81 -14.44
C PRO F 5 -53.41 -18.16 -13.72
N GLY F 6 -54.26 -18.96 -13.10
CA GLY F 6 -55.38 -18.43 -12.34
C GLY F 6 -55.27 -18.79 -10.87
N THR F 7 -56.22 -18.31 -10.06
CA THR F 7 -56.21 -18.61 -8.64
C THR F 7 -57.11 -19.82 -8.30
N ARG F 8 -56.51 -20.93 -7.88
CA ARG F 8 -57.24 -22.14 -7.52
C ARG F 8 -57.78 -21.99 -6.10
N THR F 9 -58.98 -22.49 -5.86
CA THR F 9 -59.53 -22.40 -4.51
C THR F 9 -60.08 -23.71 -4.01
N SER F 10 -59.91 -23.94 -2.69
CA SER F 10 -60.37 -25.14 -2.00
C SER F 10 -60.73 -24.77 -0.57
N LYS F 11 -61.72 -25.48 0.00
CA LYS F 11 -62.13 -25.26 1.38
C LYS F 11 -61.89 -26.52 2.19
N LEU F 12 -61.52 -26.33 3.45
CA LEU F 12 -61.28 -27.45 4.36
C LEU F 12 -62.58 -27.69 5.15
N PRO F 13 -62.76 -28.91 5.69
CA PRO F 13 -63.99 -29.16 6.44
C PRO F 13 -64.27 -28.16 7.57
N ASN F 14 -63.23 -27.53 8.14
CA ASN F 14 -63.47 -26.58 9.22
C ASN F 14 -63.70 -25.14 8.75
N GLY F 15 -63.75 -24.94 7.44
CA GLY F 15 -63.96 -23.59 6.92
C GLY F 15 -62.73 -22.93 6.29
N LEU F 16 -61.54 -23.34 6.74
CA LEU F 16 -60.28 -22.80 6.22
C LEU F 16 -60.21 -22.82 4.70
N THR F 17 -59.89 -21.67 4.12
CA THR F 17 -59.82 -21.58 2.67
C THR F 17 -58.39 -21.64 2.18
N ILE F 18 -58.15 -22.41 1.13
CA ILE F 18 -56.81 -22.54 0.54
C ILE F 18 -56.78 -21.90 -0.87
N ALA F 19 -56.20 -20.70 -0.98
CA ALA F 19 -56.13 -19.97 -2.25
C ALA F 19 -54.71 -19.87 -2.78
N THR F 20 -54.51 -20.44 -3.97
CA THR F 20 -53.21 -20.52 -4.62
C THR F 20 -53.07 -19.94 -6.03
N GLU F 21 -51.86 -19.49 -6.39
CA GLU F 21 -51.58 -19.01 -7.73
C GLU F 21 -50.21 -19.48 -8.09
N TYR F 22 -50.13 -20.40 -9.04
CA TYR F 22 -48.84 -20.92 -9.47
C TYR F 22 -48.10 -19.89 -10.33
N ILE F 23 -46.77 -19.85 -10.21
CA ILE F 23 -45.93 -18.95 -11.00
C ILE F 23 -44.94 -19.82 -11.76
N PRO F 24 -45.01 -19.85 -13.09
CA PRO F 24 -44.08 -20.67 -13.89
C PRO F 24 -42.65 -20.17 -13.75
N ASN F 25 -41.69 -21.10 -13.83
CA ASN F 25 -40.28 -20.76 -13.72
C ASN F 25 -39.92 -20.11 -12.38
N THR F 26 -40.16 -20.83 -11.28
CA THR F 26 -39.84 -20.35 -9.94
C THR F 26 -39.43 -21.55 -9.10
N SER F 27 -38.73 -21.30 -8.02
CA SER F 27 -38.29 -22.38 -7.18
C SER F 27 -38.45 -21.98 -5.75
N SER F 28 -39.24 -20.96 -5.53
CA SER F 28 -39.43 -20.49 -4.18
C SER F 28 -40.84 -20.08 -4.16
N ALA F 29 -41.34 -19.73 -2.99
CA ALA F 29 -42.71 -19.29 -2.90
C ALA F 29 -42.97 -18.60 -1.57
N THR F 30 -44.20 -18.12 -1.43
CA THR F 30 -44.61 -17.45 -0.22
C THR F 30 -45.94 -18.04 0.19
N VAL F 31 -46.04 -18.37 1.47
CA VAL F 31 -47.26 -18.93 2.00
C VAL F 31 -47.65 -18.12 3.20
N GLY F 32 -48.93 -17.79 3.28
CA GLY F 32 -49.38 -17.01 4.41
C GLY F 32 -50.77 -17.36 4.92
N ILE F 33 -50.91 -17.22 6.23
CA ILE F 33 -52.17 -17.49 6.88
C ILE F 33 -52.81 -16.14 7.25
N PHE F 34 -53.96 -15.86 6.66
CA PHE F 34 -54.65 -14.62 6.94
C PHE F 34 -55.87 -14.85 7.82
N VAL F 35 -55.97 -14.10 8.91
CA VAL F 35 -57.11 -14.24 9.82
C VAL F 35 -57.95 -12.98 9.91
N ASP F 36 -59.27 -13.16 9.87
CA ASP F 36 -60.23 -12.06 10.01
C ASP F 36 -60.34 -11.70 11.50
N ALA F 37 -59.28 -11.12 12.04
CA ALA F 37 -59.27 -10.75 13.45
C ALA F 37 -58.97 -9.27 13.58
N GLY F 38 -57.69 -8.98 13.83
CA GLY F 38 -57.27 -7.60 13.96
C GLY F 38 -57.74 -6.91 15.23
N SER F 39 -57.54 -5.60 15.29
CA SER F 39 -57.96 -4.86 16.46
C SER F 39 -59.45 -4.54 16.40
N ARG F 40 -60.09 -4.67 15.24
CA ARG F 40 -61.51 -4.36 15.18
C ARG F 40 -62.29 -5.47 15.87
N ALA F 41 -61.59 -6.53 16.28
CA ALA F 41 -62.24 -7.66 16.95
C ALA F 41 -61.94 -7.63 18.45
N GLU F 42 -61.51 -6.47 18.93
CA GLU F 42 -61.20 -6.28 20.33
C GLU F 42 -62.31 -5.39 20.89
N ASN F 43 -62.20 -5.01 22.16
CA ASN F 43 -63.19 -4.12 22.80
C ASN F 43 -62.38 -3.01 23.47
N VAL F 44 -63.01 -2.20 24.31
CA VAL F 44 -62.28 -1.10 24.95
C VAL F 44 -61.14 -1.49 25.88
N LYS F 45 -61.36 -2.44 26.77
CA LYS F 45 -60.28 -2.83 27.70
C LYS F 45 -59.35 -3.84 27.05
N ASN F 46 -59.85 -4.46 25.99
CA ASN F 46 -59.13 -5.47 25.23
C ASN F 46 -58.06 -4.86 24.29
N ASN F 47 -58.46 -3.77 23.65
CA ASN F 47 -57.65 -3.00 22.69
C ASN F 47 -56.13 -3.11 22.84
N GLY F 48 -55.49 -3.77 21.87
CA GLY F 48 -54.04 -3.91 21.90
C GLY F 48 -53.58 -5.37 21.92
N THR F 49 -54.53 -6.25 22.20
CA THR F 49 -54.25 -7.68 22.29
C THR F 49 -53.69 -8.32 21.04
N ALA F 50 -54.48 -8.35 19.96
CA ALA F 50 -54.08 -8.97 18.68
C ALA F 50 -52.64 -8.70 18.29
N HIS F 51 -52.21 -7.44 18.52
CA HIS F 51 -50.84 -7.05 18.20
C HIS F 51 -49.88 -7.71 19.20
N PHE F 52 -50.18 -7.57 20.49
CA PHE F 52 -49.36 -8.15 21.54
C PHE F 52 -49.16 -9.62 21.19
N LEU F 53 -50.28 -10.33 21.03
CA LEU F 53 -50.31 -11.74 20.70
C LEU F 53 -49.27 -12.03 19.60
N GLN F 54 -49.34 -11.22 18.54
CA GLN F 54 -48.45 -11.32 17.31
C GLN F 54 -46.91 -11.30 17.69
N HIS F 55 -46.58 -10.48 18.69
CA HIS F 55 -45.20 -10.39 19.15
C HIS F 55 -44.84 -11.68 19.87
N LEU F 56 -45.76 -12.14 20.69
CA LEU F 56 -45.55 -13.36 21.46
C LEU F 56 -45.47 -14.64 20.65
N ALA F 57 -46.22 -14.74 19.56
CA ALA F 57 -46.20 -15.95 18.76
C ALA F 57 -44.77 -16.34 18.34
N PHE F 58 -43.84 -15.38 18.42
CA PHE F 58 -42.44 -15.61 18.06
C PHE F 58 -41.58 -15.97 19.24
N LYS F 59 -42.19 -16.16 20.40
CA LYS F 59 -41.45 -16.47 21.61
C LYS F 59 -41.39 -17.95 22.00
N GLY F 60 -42.04 -18.81 21.23
CA GLY F 60 -41.98 -20.23 21.54
C GLY F 60 -43.32 -20.91 21.49
N THR F 61 -43.30 -22.19 21.14
CA THR F 61 -44.52 -22.98 21.05
C THR F 61 -44.40 -24.32 21.78
N GLN F 62 -45.54 -25.00 21.90
CA GLN F 62 -45.63 -26.31 22.55
C GLN F 62 -44.74 -27.36 21.89
N ASN F 63 -44.05 -27.01 20.81
CA ASN F 63 -43.22 -27.98 20.12
C ASN F 63 -41.84 -27.36 19.84
N ARG F 64 -41.83 -26.04 19.67
CA ARG F 64 -40.59 -25.38 19.36
C ARG F 64 -40.34 -24.19 20.26
N PRO F 65 -39.14 -24.12 20.86
CA PRO F 65 -38.73 -23.01 21.75
C PRO F 65 -38.42 -21.79 20.84
N GLN F 66 -38.52 -20.57 21.38
CA GLN F 66 -38.25 -19.40 20.55
C GLN F 66 -37.05 -19.53 19.62
N GLN F 67 -35.85 -19.63 20.20
CA GLN F 67 -34.65 -19.72 19.41
C GLN F 67 -34.60 -20.98 18.51
N GLY F 68 -35.56 -21.87 18.69
CA GLY F 68 -35.57 -23.06 17.87
C GLY F 68 -36.17 -22.75 16.54
N ILE F 69 -37.18 -21.88 16.55
CA ILE F 69 -37.86 -21.46 15.34
C ILE F 69 -36.85 -20.71 14.50
N GLU F 70 -36.19 -19.74 15.13
CA GLU F 70 -35.21 -18.91 14.44
C GLU F 70 -34.22 -19.75 13.67
N LEU F 71 -33.46 -20.52 14.42
CA LEU F 71 -32.47 -21.36 13.84
C LEU F 71 -33.04 -22.34 12.80
N GLU F 72 -34.26 -22.80 12.96
CA GLU F 72 -34.81 -23.75 11.97
C GLU F 72 -35.02 -23.02 10.64
N ILE F 73 -35.68 -21.87 10.70
CA ILE F 73 -35.96 -21.05 9.53
C ILE F 73 -34.65 -20.65 8.83
N GLU F 74 -33.71 -20.12 9.61
CA GLU F 74 -32.44 -19.68 9.04
C GLU F 74 -31.54 -20.73 8.42
N ASN F 75 -31.73 -21.99 8.79
CA ASN F 75 -30.89 -23.04 8.22
C ASN F 75 -31.36 -23.42 6.83
N ILE F 76 -32.65 -23.28 6.56
CA ILE F 76 -33.16 -23.59 5.21
C ILE F 76 -33.26 -22.31 4.37
N GLY F 77 -32.93 -21.18 4.99
CA GLY F 77 -32.97 -19.89 4.33
C GLY F 77 -34.37 -19.44 3.99
N SER F 78 -35.22 -19.36 5.00
CA SER F 78 -36.59 -18.94 4.77
C SER F 78 -36.75 -17.67 5.57
N HIS F 79 -37.93 -17.09 5.57
CA HIS F 79 -38.15 -15.88 6.31
C HIS F 79 -39.53 -15.91 6.96
N LEU F 80 -39.60 -15.42 8.19
CA LEU F 80 -40.85 -15.41 8.92
C LEU F 80 -41.26 -14.00 9.26
N ASN F 81 -42.49 -13.63 8.94
CA ASN F 81 -42.92 -12.28 9.28
C ASN F 81 -44.40 -12.17 9.57
N ALA F 82 -44.78 -11.08 10.22
CA ALA F 82 -46.18 -10.90 10.57
C ALA F 82 -46.51 -9.46 10.89
N TYR F 83 -47.78 -9.12 10.71
CA TYR F 83 -48.25 -7.77 10.97
C TYR F 83 -49.68 -7.83 11.45
N THR F 84 -50.16 -6.72 12.00
CA THR F 84 -51.53 -6.68 12.47
C THR F 84 -52.15 -5.39 11.96
N SER F 85 -53.29 -5.52 11.29
CA SER F 85 -54.01 -4.36 10.77
C SER F 85 -55.32 -4.29 11.53
N ARG F 86 -56.11 -3.26 11.29
CA ARG F 86 -57.38 -3.17 11.98
C ARG F 86 -58.28 -4.34 11.63
N GLU F 87 -58.22 -4.81 10.38
CA GLU F 87 -59.06 -5.92 9.91
C GLU F 87 -58.49 -7.35 10.04
N ASN F 88 -57.17 -7.53 10.03
CA ASN F 88 -56.61 -8.89 10.13
C ASN F 88 -55.27 -9.05 10.84
N THR F 89 -54.92 -10.31 11.09
CA THR F 89 -53.63 -10.65 11.68
C THR F 89 -53.06 -11.56 10.60
N VAL F 90 -51.80 -11.35 10.26
CA VAL F 90 -51.17 -12.11 9.18
C VAL F 90 -49.79 -12.63 9.52
N TYR F 91 -49.59 -13.93 9.29
CA TYR F 91 -48.29 -14.56 9.54
C TYR F 91 -47.99 -15.23 8.23
N TYR F 92 -46.75 -15.08 7.74
CA TYR F 92 -46.37 -15.66 6.44
C TYR F 92 -44.89 -15.97 6.34
N ALA F 93 -44.57 -16.76 5.35
CA ALA F 93 -43.21 -17.14 5.17
C ALA F 93 -42.79 -17.23 3.71
N LYS F 94 -41.50 -17.01 3.49
CA LYS F 94 -40.92 -17.11 2.17
C LYS F 94 -39.91 -18.23 2.31
N SER F 95 -39.83 -19.11 1.32
CA SER F 95 -38.85 -20.21 1.39
C SER F 95 -38.79 -20.93 0.08
N LEU F 96 -37.75 -21.76 -0.07
CA LEU F 96 -37.58 -22.51 -1.30
C LEU F 96 -38.73 -23.51 -1.34
N GLN F 97 -39.11 -23.94 -2.54
CA GLN F 97 -40.23 -24.86 -2.69
C GLN F 97 -40.12 -26.12 -1.85
N GLU F 98 -38.92 -26.71 -1.77
CA GLU F 98 -38.72 -27.92 -0.97
C GLU F 98 -39.27 -27.70 0.44
N ASP F 99 -39.11 -26.50 0.97
CA ASP F 99 -39.57 -26.22 2.32
C ASP F 99 -40.99 -25.69 2.44
N ILE F 100 -41.81 -25.76 1.40
CA ILE F 100 -43.19 -25.25 1.52
C ILE F 100 -43.97 -25.83 2.71
N PRO F 101 -43.99 -27.17 2.86
CA PRO F 101 -44.72 -27.75 3.99
C PRO F 101 -44.10 -27.36 5.32
N LYS F 102 -42.78 -27.53 5.44
CA LYS F 102 -42.09 -27.19 6.66
C LYS F 102 -42.48 -25.79 7.12
N ALA F 103 -42.87 -24.95 6.16
CA ALA F 103 -43.27 -23.57 6.45
C ALA F 103 -44.70 -23.52 6.94
N VAL F 104 -45.57 -24.25 6.24
CA VAL F 104 -47.00 -24.32 6.60
C VAL F 104 -47.09 -24.90 8.01
N ASP F 105 -46.16 -25.82 8.29
CA ASP F 105 -46.07 -26.47 9.59
C ASP F 105 -45.83 -25.39 10.64
N ILE F 106 -44.68 -24.73 10.55
CA ILE F 106 -44.31 -23.69 11.51
C ILE F 106 -45.33 -22.53 11.59
N LEU F 107 -45.99 -22.24 10.49
CA LEU F 107 -46.95 -21.15 10.54
C LEU F 107 -48.08 -21.53 11.49
N SER F 108 -48.70 -22.69 11.26
CA SER F 108 -49.79 -23.15 12.12
C SER F 108 -49.33 -23.27 13.56
N ASP F 109 -48.15 -23.84 13.75
CA ASP F 109 -47.59 -24.02 15.07
C ASP F 109 -47.54 -22.70 15.86
N ILE F 110 -46.95 -21.69 15.27
CA ILE F 110 -46.82 -20.41 15.95
C ILE F 110 -48.16 -19.70 16.17
N LEU F 111 -49.06 -19.85 15.21
CA LEU F 111 -50.37 -19.21 15.30
C LEU F 111 -51.26 -19.76 16.41
N THR F 112 -51.29 -21.08 16.54
CA THR F 112 -52.15 -21.72 17.54
C THR F 112 -51.42 -22.20 18.82
N LYS F 113 -50.58 -23.21 18.68
CA LYS F 113 -49.85 -23.80 19.80
C LYS F 113 -48.72 -22.96 20.40
N SER F 114 -48.99 -21.69 20.65
CA SER F 114 -47.97 -20.81 21.20
C SER F 114 -47.95 -20.82 22.72
N VAL F 115 -46.77 -20.93 23.31
CA VAL F 115 -46.60 -20.97 24.78
C VAL F 115 -47.21 -19.82 25.59
N LEU F 116 -46.93 -18.59 25.18
CA LEU F 116 -47.43 -17.40 25.89
C LEU F 116 -46.95 -17.43 27.34
N ASP F 117 -45.64 -17.65 27.52
CA ASP F 117 -45.07 -17.67 28.85
C ASP F 117 -45.31 -16.32 29.54
N ASN F 118 -45.70 -16.37 30.81
CA ASN F 118 -45.96 -15.15 31.57
C ASN F 118 -44.71 -14.28 31.72
N SER F 119 -43.56 -14.92 31.76
CA SER F 119 -42.30 -14.20 31.88
C SER F 119 -42.14 -13.34 30.62
N ALA F 120 -42.40 -13.95 29.47
CA ALA F 120 -42.31 -13.29 28.18
C ALA F 120 -43.35 -12.17 28.15
N ILE F 121 -44.60 -12.54 28.39
CA ILE F 121 -45.70 -11.59 28.40
C ILE F 121 -45.39 -10.36 29.27
N GLU F 122 -44.29 -10.37 29.99
CA GLU F 122 -43.96 -9.22 30.82
C GLU F 122 -42.82 -8.41 30.25
N ARG F 123 -41.79 -9.10 29.77
CA ARG F 123 -40.67 -8.42 29.18
C ARG F 123 -41.16 -7.68 27.93
N GLU F 124 -42.18 -8.24 27.28
CA GLU F 124 -42.73 -7.68 26.05
C GLU F 124 -43.39 -6.32 26.24
N ARG F 125 -44.14 -6.17 27.33
CA ARG F 125 -44.82 -4.91 27.64
C ARG F 125 -43.92 -3.69 27.42
N ASP F 126 -42.62 -3.86 27.59
CA ASP F 126 -41.72 -2.75 27.40
C ASP F 126 -41.41 -2.53 25.92
N VAL F 127 -41.21 -3.62 25.19
CA VAL F 127 -40.92 -3.53 23.77
C VAL F 127 -42.11 -2.83 23.09
N ILE F 128 -43.32 -3.22 23.46
CA ILE F 128 -44.53 -2.62 22.88
C ILE F 128 -44.63 -1.12 23.21
N ILE F 129 -44.06 -0.70 24.33
CA ILE F 129 -44.13 0.72 24.67
C ILE F 129 -43.14 1.48 23.81
N ARG F 130 -41.93 0.95 23.71
CA ARG F 130 -40.90 1.58 22.90
C ARG F 130 -41.48 1.74 21.47
N GLU F 131 -42.11 0.67 20.98
CA GLU F 131 -42.73 0.66 19.65
C GLU F 131 -43.72 1.81 19.58
N SER F 132 -44.64 1.85 20.53
CA SER F 132 -45.64 2.90 20.60
C SER F 132 -44.99 4.28 20.52
N GLU F 133 -43.94 4.53 21.30
CA GLU F 133 -43.26 5.82 21.31
C GLU F 133 -42.65 6.25 19.97
N GLU F 134 -42.36 5.27 19.11
CA GLU F 134 -41.80 5.55 17.80
C GLU F 134 -42.90 6.03 16.87
N VAL F 135 -44.04 5.36 16.92
CA VAL F 135 -45.17 5.73 16.11
C VAL F 135 -45.57 7.16 16.39
N ASP F 136 -45.42 7.61 17.64
CA ASP F 136 -45.80 8.98 18.00
C ASP F 136 -44.88 10.03 17.37
N LYS F 137 -43.81 9.57 16.75
CA LYS F 137 -42.87 10.46 16.10
C LYS F 137 -43.19 10.54 14.61
N MET F 138 -44.08 9.67 14.16
CA MET F 138 -44.55 9.63 12.78
C MET F 138 -45.93 10.30 12.73
N TYR F 139 -45.92 11.63 12.65
CA TYR F 139 -47.13 12.44 12.64
C TYR F 139 -48.25 11.97 11.74
N ASP F 140 -47.92 11.52 10.54
CA ASP F 140 -48.96 11.07 9.65
C ASP F 140 -49.69 9.92 10.35
N GLU F 141 -48.92 8.97 10.91
CA GLU F 141 -49.50 7.82 11.62
C GLU F 141 -50.38 8.33 12.75
N VAL F 142 -49.86 9.30 13.49
CA VAL F 142 -50.60 9.89 14.59
C VAL F 142 -51.92 10.50 14.13
N VAL F 143 -51.81 11.46 13.24
CA VAL F 143 -52.99 12.13 12.74
C VAL F 143 -54.03 11.12 12.26
N PHE F 144 -53.58 10.08 11.58
CA PHE F 144 -54.56 9.12 11.10
C PHE F 144 -55.21 8.30 12.22
N ASP F 145 -54.47 8.04 13.30
CA ASP F 145 -55.05 7.28 14.40
C ASP F 145 -56.22 8.06 15.00
N HIS F 146 -55.99 9.36 15.24
CA HIS F 146 -57.03 10.23 15.79
C HIS F 146 -58.20 10.30 14.85
N LEU F 147 -57.91 10.48 13.56
CA LEU F 147 -58.99 10.56 12.59
C LEU F 147 -59.92 9.35 12.75
N HIS F 148 -59.35 8.16 12.88
CA HIS F 148 -60.15 6.94 13.04
C HIS F 148 -60.98 6.96 14.31
N GLU F 149 -60.41 7.58 15.34
CA GLU F 149 -61.08 7.66 16.62
C GLU F 149 -62.34 8.50 16.58
N ILE F 150 -62.26 9.67 15.98
CA ILE F 150 -63.43 10.53 15.97
C ILE F 150 -64.39 10.22 14.81
N THR F 151 -63.88 9.55 13.79
CA THR F 151 -64.73 9.23 12.65
C THR F 151 -65.56 8.02 12.95
N TYR F 152 -64.97 7.09 13.67
CA TYR F 152 -65.67 5.87 14.07
C TYR F 152 -65.79 5.94 15.57
N LYS F 153 -66.45 7.01 16.01
CA LYS F 153 -66.64 7.28 17.42
C LYS F 153 -67.13 6.10 18.18
N ASP F 154 -66.36 5.71 19.19
CA ASP F 154 -66.70 4.58 20.03
C ASP F 154 -67.14 3.34 19.27
N GLN F 155 -66.36 2.96 18.26
CA GLN F 155 -66.65 1.77 17.49
C GLN F 155 -65.31 1.02 17.39
N PRO F 156 -65.34 -0.27 16.96
CA PRO F 156 -64.14 -1.10 16.83
C PRO F 156 -63.07 -0.49 15.92
N LEU F 157 -63.48 -0.07 14.72
CA LEU F 157 -62.58 0.55 13.74
C LEU F 157 -61.89 1.77 14.35
N GLY F 158 -62.60 2.50 15.20
CA GLY F 158 -62.04 3.68 15.82
C GLY F 158 -60.80 3.51 16.69
N ARG F 159 -60.63 2.35 17.32
CA ARG F 159 -59.46 2.12 18.19
C ARG F 159 -58.21 1.80 17.38
N THR F 160 -57.05 2.17 17.92
CA THR F 160 -55.77 1.93 17.26
C THR F 160 -55.35 0.45 17.38
N ILE F 161 -54.33 0.06 16.61
CA ILE F 161 -53.85 -1.32 16.60
C ILE F 161 -52.96 -1.66 17.79
N LEU F 162 -52.04 -0.76 18.09
CA LEU F 162 -51.12 -0.94 19.21
C LEU F 162 -51.84 -0.91 20.55
N GLY F 163 -52.94 -0.16 20.62
CA GLY F 163 -53.70 -0.04 21.86
C GLY F 163 -53.12 1.06 22.75
N PRO F 164 -53.86 1.48 23.80
CA PRO F 164 -53.41 2.52 24.75
C PRO F 164 -52.28 2.01 25.65
N ILE F 165 -51.37 2.89 26.09
CA ILE F 165 -50.28 2.45 26.98
C ILE F 165 -50.92 1.64 28.13
N LYS F 166 -52.05 2.16 28.61
CA LYS F 166 -52.86 1.57 29.67
C LYS F 166 -52.99 0.06 29.50
N ASN F 167 -53.66 -0.36 28.43
CA ASN F 167 -53.88 -1.77 28.10
C ASN F 167 -52.59 -2.53 27.86
N ILE F 168 -51.56 -1.84 27.38
CA ILE F 168 -50.29 -2.51 27.10
C ILE F 168 -49.65 -2.93 28.42
N LYS F 169 -49.96 -2.19 29.49
CA LYS F 169 -49.43 -2.50 30.81
C LYS F 169 -50.37 -3.45 31.57
N SER F 170 -51.61 -3.59 31.08
CA SER F 170 -52.62 -4.45 31.73
C SER F 170 -53.16 -5.67 30.94
N ILE F 171 -52.50 -6.06 29.84
CA ILE F 171 -52.96 -7.23 29.09
C ILE F 171 -52.54 -8.48 29.87
N THR F 172 -53.50 -9.37 30.13
CA THR F 172 -53.22 -10.61 30.87
C THR F 172 -53.19 -11.81 29.94
N ARG F 173 -52.40 -12.80 30.32
CA ARG F 173 -52.26 -14.02 29.53
C ARG F 173 -53.62 -14.61 29.21
N THR F 174 -54.63 -14.24 29.98
CA THR F 174 -55.95 -14.79 29.73
C THR F 174 -56.56 -14.05 28.55
N ASP F 175 -56.38 -12.72 28.53
CA ASP F 175 -56.88 -11.90 27.43
C ASP F 175 -56.44 -12.57 26.13
N LEU F 176 -55.14 -12.83 26.05
CA LEU F 176 -54.54 -13.45 24.89
C LEU F 176 -55.27 -14.74 24.50
N LYS F 177 -55.22 -15.71 25.40
CA LYS F 177 -55.84 -17.02 25.15
C LYS F 177 -57.29 -16.91 24.72
N ASP F 178 -57.97 -15.87 25.21
CA ASP F 178 -59.37 -15.67 24.88
C ASP F 178 -59.54 -15.15 23.47
N TYR F 179 -58.72 -14.16 23.13
CA TYR F 179 -58.76 -13.57 21.81
C TYR F 179 -58.53 -14.73 20.83
N ILE F 180 -57.59 -15.61 21.14
CA ILE F 180 -57.29 -16.78 20.29
C ILE F 180 -58.52 -17.69 20.14
N THR F 181 -59.08 -18.07 21.27
CA THR F 181 -60.25 -18.96 21.31
C THR F 181 -61.43 -18.35 20.55
N LYS F 182 -61.73 -17.10 20.88
CA LYS F 182 -62.83 -16.38 20.27
C LYS F 182 -62.74 -16.21 18.76
N ASN F 183 -61.58 -15.71 18.30
CA ASN F 183 -61.33 -15.40 16.90
C ASN F 183 -60.77 -16.44 15.92
N TYR F 184 -59.74 -17.17 16.32
CA TYR F 184 -59.12 -18.13 15.42
C TYR F 184 -59.99 -19.33 15.00
N LYS F 185 -60.89 -19.10 14.05
CA LYS F 185 -61.80 -20.13 13.53
C LYS F 185 -61.51 -20.38 12.03
N GLY F 186 -61.56 -21.64 11.60
CA GLY F 186 -61.30 -21.96 10.21
C GLY F 186 -62.03 -21.15 9.16
N ASP F 187 -63.34 -20.92 9.37
CA ASP F 187 -64.16 -20.16 8.44
C ASP F 187 -63.82 -18.66 8.50
N ARG F 188 -62.79 -18.33 9.28
CA ARG F 188 -62.38 -16.95 9.41
C ARG F 188 -60.91 -16.76 9.00
N MET F 189 -60.35 -17.77 8.34
CA MET F 189 -58.99 -17.65 7.88
C MET F 189 -58.78 -18.21 6.49
N VAL F 190 -57.75 -17.64 5.83
CA VAL F 190 -57.34 -18.01 4.47
C VAL F 190 -55.85 -18.30 4.48
N LEU F 191 -55.49 -19.42 3.88
CA LEU F 191 -54.10 -19.81 3.76
C LEU F 191 -53.80 -19.52 2.28
N ALA F 192 -52.94 -18.53 2.01
CA ALA F 192 -52.63 -18.18 0.62
C ALA F 192 -51.19 -18.48 0.21
N GLY F 193 -51.05 -18.90 -1.05
CA GLY F 193 -49.75 -19.23 -1.58
C GLY F 193 -49.61 -18.90 -3.07
N ALA F 194 -48.38 -18.59 -3.46
CA ALA F 194 -48.07 -18.24 -4.84
C ALA F 194 -46.60 -18.55 -5.05
N GLY F 195 -46.26 -18.90 -6.28
CA GLY F 195 -44.89 -19.22 -6.57
C GLY F 195 -44.83 -20.68 -6.98
N ALA F 196 -43.76 -21.35 -6.62
CA ALA F 196 -43.61 -22.76 -6.97
C ALA F 196 -44.50 -23.49 -5.98
N VAL F 197 -45.79 -23.58 -6.29
CA VAL F 197 -46.69 -24.23 -5.36
C VAL F 197 -47.73 -25.13 -6.02
N ASP F 198 -47.80 -26.38 -5.56
CA ASP F 198 -48.77 -27.33 -6.07
C ASP F 198 -50.03 -27.10 -5.24
N HIS F 199 -51.11 -26.66 -5.88
CA HIS F 199 -52.33 -26.38 -5.14
C HIS F 199 -52.85 -27.55 -4.31
N GLU F 200 -52.91 -28.73 -4.93
CA GLU F 200 -53.41 -29.94 -4.27
C GLU F 200 -52.59 -30.31 -3.03
N LYS F 201 -51.27 -30.41 -3.19
CA LYS F 201 -50.42 -30.75 -2.06
C LYS F 201 -50.58 -29.73 -0.92
N LEU F 202 -50.70 -28.45 -1.25
CA LEU F 202 -50.85 -27.43 -0.20
C LEU F 202 -52.20 -27.57 0.49
N VAL F 203 -53.21 -28.07 -0.22
CA VAL F 203 -54.51 -28.26 0.42
C VAL F 203 -54.38 -29.37 1.45
N GLN F 204 -53.54 -30.37 1.16
CA GLN F 204 -53.30 -31.48 2.07
C GLN F 204 -52.65 -30.99 3.36
N TYR F 205 -51.44 -30.44 3.23
CA TYR F 205 -50.72 -29.93 4.37
C TYR F 205 -51.61 -29.00 5.17
N ALA F 206 -52.50 -28.30 4.48
CA ALA F 206 -53.42 -27.41 5.15
C ALA F 206 -54.23 -28.19 6.18
N GLN F 207 -54.86 -29.28 5.73
CA GLN F 207 -55.65 -30.16 6.60
C GLN F 207 -54.77 -30.67 7.75
N LYS F 208 -53.64 -31.24 7.37
CA LYS F 208 -52.68 -31.79 8.33
C LYS F 208 -52.21 -30.85 9.44
N TYR F 209 -52.06 -29.57 9.13
CA TYR F 209 -51.57 -28.64 10.13
C TYR F 209 -52.55 -27.58 10.61
N PHE F 210 -53.71 -27.52 9.97
CA PHE F 210 -54.73 -26.54 10.34
C PHE F 210 -56.11 -27.20 10.54
N GLY F 211 -56.19 -28.51 10.30
CA GLY F 211 -57.45 -29.22 10.46
C GLY F 211 -57.94 -29.10 11.88
N HIS F 212 -57.01 -29.22 12.82
CA HIS F 212 -57.30 -29.13 14.24
C HIS F 212 -57.85 -27.75 14.66
N VAL F 213 -58.26 -26.94 13.70
CA VAL F 213 -58.75 -25.62 14.06
C VAL F 213 -60.27 -25.59 14.21
N PRO F 214 -60.75 -25.15 15.38
CA PRO F 214 -62.16 -25.01 15.77
C PRO F 214 -62.99 -24.35 14.68
N LYS F 215 -64.23 -24.78 14.50
CA LYS F 215 -65.04 -24.10 13.50
C LYS F 215 -65.89 -23.07 14.30
N SER F 216 -66.49 -22.10 13.61
CA SER F 216 -67.35 -21.12 14.30
C SER F 216 -68.67 -21.86 14.43
N GLU F 217 -69.42 -21.59 15.50
CA GLU F 217 -70.70 -22.29 15.65
C GLU F 217 -71.76 -21.67 14.71
N SER F 218 -71.55 -20.40 14.36
CA SER F 218 -72.44 -19.67 13.45
C SER F 218 -71.63 -19.17 12.26
N PRO F 219 -71.03 -20.09 11.48
CA PRO F 219 -70.21 -19.76 10.31
C PRO F 219 -70.90 -18.84 9.31
N VAL F 220 -70.11 -17.94 8.73
CA VAL F 220 -70.56 -16.98 7.73
C VAL F 220 -69.47 -16.93 6.68
N PRO F 221 -69.85 -16.93 5.39
CA PRO F 221 -68.88 -16.88 4.28
C PRO F 221 -67.95 -15.68 4.46
N LEU F 222 -66.69 -15.87 4.12
CA LEU F 222 -65.71 -14.80 4.30
C LEU F 222 -66.14 -13.39 3.92
N GLY F 223 -67.05 -13.27 2.97
CA GLY F 223 -67.50 -11.95 2.55
C GLY F 223 -68.66 -11.29 3.28
N SER F 224 -69.69 -12.09 3.61
CA SER F 224 -70.90 -11.61 4.29
C SER F 224 -70.65 -10.69 5.49
N PRO F 225 -71.52 -9.69 5.68
CA PRO F 225 -71.52 -8.65 6.73
C PRO F 225 -71.24 -9.07 8.17
N ARG F 226 -70.28 -8.38 8.79
CA ARG F 226 -69.88 -8.64 10.17
C ARG F 226 -71.12 -8.59 11.10
N GLY F 227 -71.93 -7.55 10.91
CA GLY F 227 -73.14 -7.35 11.72
C GLY F 227 -73.64 -5.95 11.45
N PRO F 228 -73.52 -5.01 12.41
CA PRO F 228 -73.98 -3.63 12.18
C PRO F 228 -72.91 -2.80 11.44
N LEU F 229 -73.29 -2.20 10.31
CA LEU F 229 -72.38 -1.36 9.49
C LEU F 229 -71.82 -0.18 10.25
N PRO F 230 -70.48 0.02 10.19
CA PRO F 230 -69.88 1.15 10.91
C PRO F 230 -70.53 2.46 10.44
N VAL F 231 -70.47 3.51 11.27
CA VAL F 231 -71.07 4.78 10.90
C VAL F 231 -70.10 5.95 10.98
N PHE F 232 -70.13 6.78 9.95
CA PHE F 232 -69.24 7.93 9.85
C PHE F 232 -69.77 9.10 10.70
N CYS F 233 -68.95 9.56 11.63
CA CYS F 233 -69.35 10.65 12.52
C CYS F 233 -68.61 11.94 12.21
N ARG F 234 -69.32 12.97 11.78
CA ARG F 234 -68.61 14.21 11.51
C ARG F 234 -68.02 14.70 12.84
N GLY F 235 -66.79 15.21 12.79
CA GLY F 235 -66.16 15.70 13.99
C GLY F 235 -64.84 16.37 13.65
N GLU F 236 -64.20 16.94 14.66
CA GLU F 236 -62.92 17.59 14.47
C GLU F 236 -62.18 17.46 15.79
N ARG F 237 -60.86 17.40 15.73
CA ARG F 237 -60.05 17.31 16.93
C ARG F 237 -58.78 18.09 16.64
N PHE F 238 -58.66 19.25 17.26
CA PHE F 238 -57.48 20.09 17.07
C PHE F 238 -56.51 19.75 18.18
N ILE F 239 -55.24 19.61 17.83
CA ILE F 239 -54.24 19.26 18.82
C ILE F 239 -53.14 20.29 18.76
N LYS F 240 -53.28 21.32 19.58
CA LYS F 240 -52.31 22.40 19.63
C LYS F 240 -50.97 21.80 20.05
N GLU F 241 -49.88 22.33 19.48
CA GLU F 241 -48.56 21.79 19.75
C GLU F 241 -47.50 22.76 19.19
N ASN F 242 -47.47 23.96 19.75
CA ASN F 242 -46.58 25.04 19.31
C ASN F 242 -45.11 24.73 19.06
N THR F 243 -44.66 23.56 19.51
CA THR F 243 -43.27 23.17 19.31
C THR F 243 -42.99 22.61 17.90
N LEU F 244 -43.97 21.92 17.33
CA LEU F 244 -43.83 21.33 16.00
C LEU F 244 -43.50 22.36 14.91
N PRO F 245 -42.49 22.06 14.06
CA PRO F 245 -42.09 22.96 12.98
C PRO F 245 -43.11 22.92 11.86
N THR F 246 -43.76 21.77 11.75
CA THR F 246 -44.74 21.51 10.72
C THR F 246 -46.10 21.19 11.31
N THR F 247 -47.16 21.53 10.58
CA THR F 247 -48.52 21.23 11.01
C THR F 247 -49.09 20.16 10.07
N HIS F 248 -49.79 19.20 10.67
CA HIS F 248 -50.35 18.10 9.91
C HIS F 248 -51.86 18.06 10.00
N ILE F 249 -52.52 18.09 8.85
CA ILE F 249 -53.97 18.07 8.78
C ILE F 249 -54.46 16.92 7.91
N ALA F 250 -55.62 16.36 8.27
CA ALA F 250 -56.25 15.27 7.49
C ALA F 250 -57.72 15.59 7.41
N ILE F 251 -58.27 15.53 6.20
CA ILE F 251 -59.65 15.87 6.01
C ILE F 251 -60.27 14.73 5.26
N ALA F 252 -61.29 14.10 5.87
CA ALA F 252 -61.95 12.97 5.24
C ALA F 252 -63.46 12.98 5.17
N LEU F 253 -63.97 12.15 4.28
CA LEU F 253 -65.38 11.98 4.11
C LEU F 253 -65.64 10.48 3.99
N GLU F 254 -66.86 10.05 4.26
CA GLU F 254 -67.16 8.64 4.17
C GLU F 254 -66.78 8.14 2.79
N GLY F 255 -65.85 7.18 2.78
CA GLY F 255 -65.35 6.58 1.57
C GLY F 255 -66.08 5.41 0.96
N VAL F 256 -65.31 4.43 0.51
CA VAL F 256 -65.88 3.26 -0.16
C VAL F 256 -65.30 1.98 0.44
N SER F 257 -66.01 0.87 0.32
CA SER F 257 -65.52 -0.40 0.89
C SER F 257 -65.00 -1.38 -0.17
N TRP F 258 -64.10 -2.26 0.25
CA TRP F 258 -63.47 -3.25 -0.61
C TRP F 258 -64.37 -3.76 -1.73
N SER F 259 -65.56 -4.24 -1.34
CA SER F 259 -66.53 -4.82 -2.29
C SER F 259 -67.45 -3.83 -2.97
N ALA F 260 -67.37 -2.56 -2.59
CA ALA F 260 -68.24 -1.57 -3.22
C ALA F 260 -68.06 -1.57 -4.72
N PRO F 261 -69.14 -1.30 -5.45
CA PRO F 261 -69.17 -1.26 -6.91
C PRO F 261 -68.35 -0.11 -7.50
N ASP F 262 -68.23 0.95 -6.72
CA ASP F 262 -67.51 2.15 -7.10
C ASP F 262 -66.09 2.24 -6.50
N TYR F 263 -65.63 1.12 -5.97
CA TYR F 263 -64.30 1.06 -5.37
C TYR F 263 -63.21 1.68 -6.25
N PHE F 264 -63.07 1.18 -7.47
CA PHE F 264 -62.04 1.68 -8.34
C PHE F 264 -62.36 3.07 -8.81
N VAL F 265 -63.64 3.40 -8.93
CA VAL F 265 -63.96 4.75 -9.37
C VAL F 265 -63.50 5.72 -8.30
N ALA F 266 -63.56 5.32 -7.03
CA ALA F 266 -63.11 6.20 -5.98
C ALA F 266 -61.60 6.36 -6.10
N LEU F 267 -60.90 5.25 -6.32
CA LEU F 267 -59.45 5.26 -6.46
C LEU F 267 -59.06 6.07 -7.67
N ALA F 268 -59.92 6.10 -8.66
CA ALA F 268 -59.64 6.87 -9.84
C ALA F 268 -59.73 8.36 -9.48
N THR F 269 -60.78 8.76 -8.79
CA THR F 269 -60.90 10.16 -8.42
C THR F 269 -59.75 10.56 -7.51
N GLN F 270 -59.28 9.63 -6.67
CA GLN F 270 -58.16 9.94 -5.80
C GLN F 270 -57.00 10.28 -6.70
N ALA F 271 -56.73 9.44 -7.69
CA ALA F 271 -55.61 9.64 -8.61
C ALA F 271 -55.67 10.95 -9.39
N ILE F 272 -56.88 11.38 -9.71
CA ILE F 272 -57.04 12.60 -10.44
C ILE F 272 -56.61 13.80 -9.60
N VAL F 273 -56.92 13.80 -8.30
CA VAL F 273 -56.47 14.94 -7.49
C VAL F 273 -54.97 14.84 -7.30
N GLY F 274 -54.52 13.63 -7.01
CA GLY F 274 -53.10 13.32 -6.83
C GLY F 274 -52.39 13.85 -5.60
N ASN F 275 -51.06 13.90 -5.69
CA ASN F 275 -50.24 14.40 -4.60
C ASN F 275 -49.40 15.56 -5.10
N TRP F 276 -48.65 16.14 -4.17
CA TRP F 276 -47.77 17.26 -4.48
C TRP F 276 -46.78 17.50 -3.36
N ASP F 277 -45.54 17.76 -3.73
CA ASP F 277 -44.54 18.05 -2.74
C ASP F 277 -43.92 19.35 -3.18
N ARG F 278 -43.67 20.23 -2.22
CA ARG F 278 -43.09 21.55 -2.47
C ARG F 278 -41.73 21.50 -3.12
N ALA F 279 -41.01 20.40 -2.91
CA ALA F 279 -39.68 20.23 -3.46
C ALA F 279 -39.66 19.47 -4.78
N ILE F 280 -40.29 18.29 -4.78
CA ILE F 280 -40.32 17.41 -5.93
C ILE F 280 -41.31 17.71 -7.02
N GLY F 281 -42.46 18.26 -6.65
CA GLY F 281 -43.47 18.54 -7.66
C GLY F 281 -44.62 17.56 -7.54
N THR F 282 -45.13 17.09 -8.68
CA THR F 282 -46.24 16.14 -8.66
C THR F 282 -45.83 14.79 -9.18
N GLY F 283 -44.66 14.71 -9.80
CA GLY F 283 -44.21 13.44 -10.33
C GLY F 283 -44.97 13.13 -11.60
N THR F 284 -45.63 14.16 -12.11
CA THR F 284 -46.41 14.08 -13.33
C THR F 284 -45.79 15.12 -14.22
N ASN F 285 -45.85 14.93 -15.53
CA ASN F 285 -45.30 15.92 -16.43
C ASN F 285 -46.18 17.18 -16.40
N SER F 286 -47.48 17.00 -16.18
CA SER F 286 -48.40 18.14 -16.14
C SER F 286 -49.15 18.20 -14.81
N PRO F 287 -48.93 19.27 -14.03
CA PRO F 287 -49.54 19.49 -12.73
C PRO F 287 -50.94 20.05 -12.83
N SER F 288 -51.79 19.66 -11.89
CA SER F 288 -53.18 20.11 -11.81
C SER F 288 -53.22 21.57 -11.35
N PRO F 289 -54.39 22.22 -11.47
CA PRO F 289 -54.53 23.60 -11.06
C PRO F 289 -54.22 23.72 -9.59
N LEU F 290 -54.63 22.71 -8.81
CA LEU F 290 -54.37 22.67 -7.35
C LEU F 290 -52.86 22.63 -7.10
N ALA F 291 -52.17 21.73 -7.82
CA ALA F 291 -50.72 21.58 -7.69
C ALA F 291 -50.01 22.90 -8.01
N VAL F 292 -50.47 23.58 -9.05
CA VAL F 292 -49.89 24.85 -9.46
C VAL F 292 -50.13 25.91 -8.40
N ALA F 293 -51.36 26.02 -7.93
CA ALA F 293 -51.65 27.02 -6.92
C ALA F 293 -50.83 26.76 -5.67
N ALA F 294 -50.77 25.52 -5.25
CA ALA F 294 -50.05 25.14 -4.05
C ALA F 294 -48.64 25.67 -4.06
N SER F 295 -48.03 25.70 -5.23
CA SER F 295 -46.66 26.16 -5.34
C SER F 295 -46.45 27.65 -5.64
N GLN F 296 -47.47 28.32 -6.17
CA GLN F 296 -47.34 29.75 -6.49
C GLN F 296 -47.15 30.65 -5.29
N ASN F 297 -46.69 31.86 -5.60
CA ASN F 297 -46.37 32.87 -4.61
C ASN F 297 -46.02 32.38 -3.20
N GLY F 298 -44.81 31.81 -3.10
CA GLY F 298 -44.28 31.38 -1.82
C GLY F 298 -44.55 29.98 -1.34
N SER F 299 -45.60 29.36 -1.87
CA SER F 299 -46.03 28.01 -1.50
C SER F 299 -47.15 28.13 -0.49
N LEU F 300 -48.15 27.27 -0.60
CA LEU F 300 -49.26 27.29 0.32
C LEU F 300 -49.13 26.14 1.31
N ALA F 301 -48.10 25.33 1.15
CA ALA F 301 -47.90 24.21 2.05
C ALA F 301 -46.67 23.44 1.64
N ASN F 302 -46.27 22.48 2.46
CA ASN F 302 -45.10 21.67 2.18
C ASN F 302 -45.45 20.53 1.29
N SER F 303 -46.60 19.92 1.56
CA SER F 303 -47.03 18.79 0.76
C SER F 303 -48.50 18.44 1.03
N TYR F 304 -49.16 17.83 0.06
CA TYR F 304 -50.52 17.38 0.24
C TYR F 304 -50.58 16.01 -0.42
N MET F 305 -51.41 15.13 0.12
CA MET F 305 -51.52 13.80 -0.42
C MET F 305 -52.93 13.22 -0.31
N SER F 306 -53.49 12.80 -1.43
CA SER F 306 -54.82 12.20 -1.48
C SER F 306 -54.73 10.79 -0.89
N PHE F 307 -55.74 10.38 -0.14
CA PHE F 307 -55.73 9.04 0.46
C PHE F 307 -57.11 8.38 0.37
N SER F 308 -57.13 7.06 0.35
CA SER F 308 -58.40 6.35 0.30
C SER F 308 -58.29 4.98 0.94
N THR F 309 -58.66 4.91 2.22
CA THR F 309 -58.63 3.67 2.97
C THR F 309 -59.92 2.89 2.86
N SER F 310 -59.80 1.57 2.80
CA SER F 310 -60.96 0.74 2.72
C SER F 310 -61.01 -0.40 3.73
N TYR F 311 -62.23 -0.79 4.06
CA TYR F 311 -62.55 -1.87 4.99
C TYR F 311 -63.67 -2.63 4.31
N ALA F 312 -64.04 -3.77 4.86
CA ALA F 312 -65.11 -4.58 4.28
C ALA F 312 -66.48 -3.90 4.36
N ASP F 313 -66.71 -3.14 5.43
CA ASP F 313 -67.99 -2.44 5.60
C ASP F 313 -67.93 -0.91 5.58
N SER F 314 -66.75 -0.34 5.32
CA SER F 314 -66.65 1.12 5.31
C SER F 314 -65.43 1.67 4.58
N GLY F 315 -65.23 2.97 4.69
CA GLY F 315 -64.09 3.61 4.03
C GLY F 315 -63.89 5.09 4.32
N LEU F 316 -62.66 5.56 4.18
CA LEU F 316 -62.32 6.96 4.38
C LEU F 316 -61.65 7.47 3.09
N TRP F 317 -62.00 8.67 2.67
CA TRP F 317 -61.45 9.25 1.44
C TRP F 317 -61.19 10.72 1.72
N GLY F 318 -59.97 11.17 1.43
CA GLY F 318 -59.67 12.56 1.71
C GLY F 318 -58.29 13.06 1.33
N MET F 319 -57.86 14.10 2.03
CA MET F 319 -56.59 14.71 1.74
C MET F 319 -55.79 14.81 3.00
N TYR F 320 -54.48 14.68 2.87
CA TYR F 320 -53.58 14.81 4.01
C TYR F 320 -52.65 15.99 3.68
N ILE F 321 -52.66 17.03 4.50
CA ILE F 321 -51.82 18.20 4.24
C ILE F 321 -50.73 18.37 5.27
N VAL F 322 -49.62 18.96 4.83
CA VAL F 322 -48.48 19.26 5.70
C VAL F 322 -48.01 20.69 5.39
N THR F 323 -48.10 21.55 6.39
CA THR F 323 -47.71 22.93 6.24
C THR F 323 -46.58 23.29 7.20
N ASP F 324 -45.94 24.42 6.92
CA ASP F 324 -44.87 24.95 7.74
C ASP F 324 -45.65 25.71 8.82
N SER F 325 -45.43 25.32 10.07
CA SER F 325 -46.16 25.93 11.18
C SER F 325 -45.94 27.42 11.35
N ASN F 326 -44.87 27.93 10.74
CA ASN F 326 -44.56 29.34 10.87
C ASN F 326 -44.74 30.13 9.60
N GLU F 327 -44.97 29.44 8.49
CA GLU F 327 -45.09 30.16 7.23
C GLU F 327 -46.43 30.12 6.54
N HIS F 328 -47.16 29.02 6.68
CA HIS F 328 -48.42 28.85 5.99
C HIS F 328 -49.76 29.10 6.68
N ASN F 329 -50.69 29.71 5.93
CA ASN F 329 -52.03 29.92 6.44
C ASN F 329 -52.79 28.69 5.96
N VAL F 330 -53.04 27.72 6.86
CA VAL F 330 -53.68 26.46 6.45
C VAL F 330 -54.98 26.61 5.66
N ARG F 331 -55.72 27.67 5.98
CA ARG F 331 -57.00 27.97 5.32
C ARG F 331 -56.80 28.20 3.80
N LEU F 332 -55.68 28.81 3.44
CA LEU F 332 -55.39 29.06 2.03
C LEU F 332 -55.25 27.77 1.25
N ILE F 333 -54.49 26.82 1.79
CA ILE F 333 -54.30 25.56 1.08
C ILE F 333 -55.59 24.75 1.06
N VAL F 334 -56.34 24.77 2.16
CA VAL F 334 -57.59 24.01 2.22
C VAL F 334 -58.57 24.49 1.17
N ASN F 335 -58.61 25.80 0.95
CA ASN F 335 -59.50 26.34 -0.06
C ASN F 335 -59.17 25.78 -1.44
N GLU F 336 -57.90 25.79 -1.81
CA GLU F 336 -57.53 25.27 -3.12
C GLU F 336 -57.92 23.79 -3.28
N ILE F 337 -57.77 23.02 -2.20
CA ILE F 337 -58.14 21.60 -2.23
C ILE F 337 -59.67 21.47 -2.41
N LEU F 338 -60.44 22.25 -1.65
CA LEU F 338 -61.88 22.20 -1.83
C LEU F 338 -62.19 22.68 -3.24
N LYS F 339 -61.52 23.71 -3.69
CA LYS F 339 -61.75 24.23 -5.02
C LYS F 339 -61.49 23.16 -6.09
N GLU F 340 -60.55 22.26 -5.84
CA GLU F 340 -60.24 21.19 -6.80
C GLU F 340 -61.29 20.09 -6.80
N TRP F 341 -61.86 19.80 -5.64
CA TRP F 341 -62.91 18.80 -5.55
C TRP F 341 -64.13 19.37 -6.26
N LYS F 342 -64.42 20.64 -6.02
CA LYS F 342 -65.56 21.27 -6.68
C LYS F 342 -65.34 21.21 -8.18
N ARG F 343 -64.11 21.39 -8.64
CA ARG F 343 -63.86 21.31 -10.07
C ARG F 343 -64.24 19.93 -10.64
N ILE F 344 -63.91 18.86 -9.92
CA ILE F 344 -64.24 17.53 -10.37
C ILE F 344 -65.76 17.42 -10.40
N LYS F 345 -66.41 17.87 -9.33
CA LYS F 345 -67.88 17.86 -9.22
C LYS F 345 -68.59 18.60 -10.33
N SER F 346 -68.00 19.72 -10.79
CA SER F 346 -68.58 20.51 -11.86
C SER F 346 -68.26 19.93 -13.25
N GLY F 347 -67.47 18.86 -13.32
CA GLY F 347 -67.20 18.28 -14.62
C GLY F 347 -66.02 18.86 -15.37
N LYS F 348 -65.51 20.02 -14.96
CA LYS F 348 -64.36 20.63 -15.63
C LYS F 348 -63.02 19.85 -15.57
N ILE F 349 -63.02 18.59 -15.99
CA ILE F 349 -61.81 17.76 -15.98
C ILE F 349 -61.70 17.22 -17.41
N SER F 350 -60.49 17.06 -17.92
CA SER F 350 -60.31 16.61 -19.30
C SER F 350 -60.22 15.11 -19.50
N ASP F 351 -60.44 14.66 -20.72
CA ASP F 351 -60.34 13.23 -21.03
C ASP F 351 -58.91 12.76 -20.71
N ALA F 352 -57.97 13.61 -21.13
CA ALA F 352 -56.56 13.38 -20.93
C ALA F 352 -56.18 13.11 -19.47
N GLU F 353 -56.69 13.90 -18.52
CA GLU F 353 -56.31 13.66 -17.13
C GLU F 353 -57.04 12.48 -16.53
N VAL F 354 -58.16 12.11 -17.12
CA VAL F 354 -58.89 10.95 -16.66
C VAL F 354 -58.04 9.75 -17.09
N ASN F 355 -57.64 9.73 -18.34
CA ASN F 355 -56.82 8.65 -18.84
C ASN F 355 -55.52 8.49 -18.08
N ARG F 356 -54.91 9.60 -17.68
CA ARG F 356 -53.66 9.54 -16.97
C ARG F 356 -53.92 8.81 -15.66
N ALA F 357 -54.97 9.23 -14.97
CA ALA F 357 -55.34 8.61 -13.69
C ALA F 357 -55.63 7.11 -13.91
N LYS F 358 -56.42 6.76 -14.91
CA LYS F 358 -56.72 5.36 -15.10
C LYS F 358 -55.43 4.57 -15.30
N ALA F 359 -54.48 5.18 -16.01
CA ALA F 359 -53.17 4.56 -16.28
C ALA F 359 -52.31 4.46 -15.01
N GLN F 360 -52.32 5.52 -14.21
CA GLN F 360 -51.56 5.57 -12.97
C GLN F 360 -52.10 4.44 -12.09
N LEU F 361 -53.42 4.42 -11.96
CA LEU F 361 -54.14 3.44 -11.16
C LEU F 361 -53.88 2.01 -11.62
N LYS F 362 -53.97 1.79 -12.92
CA LYS F 362 -53.70 0.45 -13.42
C LYS F 362 -52.30 -0.05 -13.11
N ALA F 363 -51.29 0.81 -13.28
CA ALA F 363 -49.93 0.39 -13.00
C ALA F 363 -49.78 0.12 -11.52
N ALA F 364 -50.36 0.99 -10.71
CA ALA F 364 -50.30 0.86 -9.26
C ALA F 364 -50.90 -0.42 -8.72
N LEU F 365 -51.97 -0.89 -9.36
CA LEU F 365 -52.64 -2.11 -8.90
C LEU F 365 -52.11 -3.40 -9.50
N LEU F 366 -51.58 -3.32 -10.70
CA LEU F 366 -51.16 -4.53 -11.38
C LEU F 366 -49.69 -4.79 -11.62
N LEU F 367 -48.96 -3.77 -12.07
CA LEU F 367 -47.53 -3.92 -12.33
C LEU F 367 -46.79 -4.18 -11.04
N SER F 368 -47.42 -3.78 -9.94
CA SER F 368 -46.84 -3.95 -8.63
C SER F 368 -47.01 -5.37 -8.09
N LEU F 369 -47.85 -6.18 -8.71
CA LEU F 369 -48.02 -7.56 -8.24
C LEU F 369 -46.88 -8.39 -8.84
N ASP F 370 -45.65 -8.17 -8.37
CA ASP F 370 -44.51 -8.87 -8.94
C ASP F 370 -44.04 -10.11 -8.20
N GLY F 371 -43.57 -9.98 -6.98
CA GLY F 371 -43.11 -11.16 -6.26
C GLY F 371 -44.22 -12.11 -5.81
N SER F 372 -43.86 -13.31 -5.43
CA SER F 372 -44.86 -14.26 -4.93
C SER F 372 -45.47 -13.65 -3.65
N THR F 373 -44.63 -12.97 -2.87
CA THR F 373 -45.06 -12.33 -1.63
C THR F 373 -46.10 -11.24 -1.91
N ALA F 374 -45.80 -10.36 -2.85
CA ALA F 374 -46.73 -9.30 -3.21
C ALA F 374 -48.05 -9.91 -3.68
N ILE F 375 -47.96 -11.05 -4.39
CA ILE F 375 -49.14 -11.73 -4.92
C ILE F 375 -49.90 -12.44 -3.82
N VAL F 376 -49.19 -13.01 -2.85
CA VAL F 376 -49.88 -13.67 -1.76
C VAL F 376 -50.62 -12.59 -1.02
N GLU F 377 -49.94 -11.48 -0.76
CA GLU F 377 -50.57 -10.34 -0.08
C GLU F 377 -51.93 -9.97 -0.74
N ASP F 378 -52.00 -10.08 -2.06
CA ASP F 378 -53.23 -9.74 -2.76
C ASP F 378 -54.31 -10.81 -2.59
N ILE F 379 -53.94 -12.07 -2.83
CA ILE F 379 -54.88 -13.18 -2.68
C ILE F 379 -55.43 -13.15 -1.26
N GLY F 380 -54.53 -13.30 -0.31
CA GLY F 380 -54.90 -13.27 1.08
C GLY F 380 -55.85 -12.15 1.45
N ARG F 381 -55.44 -10.90 1.24
CA ARG F 381 -56.31 -9.79 1.62
C ARG F 381 -57.64 -9.78 0.89
N GLN F 382 -57.61 -9.99 -0.41
CA GLN F 382 -58.85 -9.95 -1.13
C GLN F 382 -59.85 -10.99 -0.63
N VAL F 383 -59.39 -12.22 -0.43
CA VAL F 383 -60.29 -13.26 0.02
C VAL F 383 -60.76 -13.05 1.47
N VAL F 384 -59.81 -12.95 2.39
CA VAL F 384 -60.15 -12.77 3.79
C VAL F 384 -60.98 -11.53 4.15
N THR F 385 -61.23 -10.64 3.20
CA THR F 385 -61.99 -9.42 3.51
C THR F 385 -63.11 -9.29 2.52
N THR F 386 -63.13 -10.17 1.54
CA THR F 386 -64.10 -10.06 0.48
C THR F 386 -64.70 -11.39 0.02
N GLY F 387 -63.97 -12.47 0.27
CA GLY F 387 -64.47 -13.76 -0.12
C GLY F 387 -64.15 -14.19 -1.53
N LYS F 388 -63.24 -13.49 -2.19
CA LYS F 388 -62.85 -13.85 -3.55
C LYS F 388 -61.63 -13.06 -3.96
N ARG F 389 -61.11 -13.35 -5.16
CA ARG F 389 -59.96 -12.62 -5.67
C ARG F 389 -60.26 -12.18 -7.10
N LEU F 390 -60.24 -10.87 -7.34
CA LEU F 390 -60.44 -10.40 -8.69
C LEU F 390 -59.08 -10.58 -9.33
N SER F 391 -59.03 -11.35 -10.40
CA SER F 391 -57.74 -11.56 -11.05
C SER F 391 -57.20 -10.25 -11.65
N PRO F 392 -55.88 -10.23 -11.92
CA PRO F 392 -55.22 -9.08 -12.49
C PRO F 392 -56.05 -8.64 -13.69
N GLU F 393 -56.40 -9.64 -14.51
CA GLU F 393 -57.19 -9.47 -15.71
C GLU F 393 -58.51 -8.78 -15.42
N GLU F 394 -59.18 -9.23 -14.36
CA GLU F 394 -60.47 -8.64 -13.97
C GLU F 394 -60.29 -7.20 -13.47
N VAL F 395 -59.25 -6.98 -12.67
CA VAL F 395 -59.00 -5.64 -12.14
C VAL F 395 -58.70 -4.70 -13.30
N PHE F 396 -57.98 -5.19 -14.29
CA PHE F 396 -57.68 -4.33 -15.41
C PHE F 396 -58.96 -3.87 -16.06
N GLU F 397 -59.92 -4.79 -16.21
CA GLU F 397 -61.18 -4.44 -16.82
C GLU F 397 -61.94 -3.42 -15.97
N GLN F 398 -61.95 -3.64 -14.66
CA GLN F 398 -62.67 -2.72 -13.80
C GLN F 398 -62.18 -1.29 -13.94
N VAL F 399 -60.87 -1.12 -14.05
CA VAL F 399 -60.34 0.22 -14.15
C VAL F 399 -60.56 0.75 -15.53
N ASP F 400 -60.09 0.00 -16.52
CA ASP F 400 -60.22 0.43 -17.90
C ASP F 400 -61.61 0.95 -18.31
N LYS F 401 -62.67 0.42 -17.72
CA LYS F 401 -64.02 0.85 -18.10
C LYS F 401 -64.51 2.15 -17.46
N ILE F 402 -63.79 2.64 -16.46
CA ILE F 402 -64.19 3.87 -15.80
C ILE F 402 -64.23 5.03 -16.81
N THR F 403 -65.20 5.93 -16.64
CA THR F 403 -65.33 7.05 -17.57
C THR F 403 -65.32 8.37 -16.85
N LYS F 404 -65.20 9.45 -17.63
CA LYS F 404 -65.15 10.79 -17.09
C LYS F 404 -66.41 10.96 -16.26
N ASP F 405 -67.53 10.61 -16.87
CA ASP F 405 -68.81 10.73 -16.20
C ASP F 405 -68.90 9.90 -14.91
N ASP F 406 -68.42 8.65 -14.94
CA ASP F 406 -68.41 7.79 -13.74
C ASP F 406 -67.80 8.57 -12.56
N ILE F 407 -66.64 9.17 -12.80
CA ILE F 407 -65.96 9.95 -11.77
C ILE F 407 -66.76 11.14 -11.30
N ILE F 408 -67.30 11.90 -12.24
CA ILE F 408 -68.09 13.06 -11.89
C ILE F 408 -69.30 12.72 -11.01
N MET F 409 -69.95 11.59 -11.30
CA MET F 409 -71.06 11.18 -10.46
C MET F 409 -70.60 10.86 -9.03
N TRP F 410 -69.57 10.01 -9.03
CA TRP F 410 -69.01 9.60 -7.77
C TRP F 410 -68.66 10.81 -6.91
N ALA F 411 -68.06 11.82 -7.53
CA ALA F 411 -67.67 13.02 -6.83
C ALA F 411 -68.87 13.75 -6.24
N ASN F 412 -69.93 13.84 -7.04
CA ASN F 412 -71.13 14.51 -6.59
C ASN F 412 -71.86 13.77 -5.49
N TYR F 413 -71.78 12.45 -5.52
CA TYR F 413 -72.46 11.70 -4.49
C TYR F 413 -71.74 11.84 -3.17
N ARG F 414 -70.43 11.62 -3.18
CA ARG F 414 -69.61 11.66 -1.96
C ARG F 414 -69.07 13.02 -1.44
N LEU F 415 -68.96 14.00 -2.32
CA LEU F 415 -68.41 15.28 -1.91
C LEU F 415 -69.40 16.43 -1.94
N GLN F 416 -70.69 16.09 -1.84
CA GLN F 416 -71.76 17.09 -1.83
C GLN F 416 -72.80 16.75 -0.77
N ASN F 417 -73.00 17.67 0.17
CA ASN F 417 -73.95 17.52 1.27
C ASN F 417 -73.70 16.23 2.04
N LYS F 418 -72.47 16.05 2.46
CA LYS F 418 -72.08 14.87 3.20
C LYS F 418 -71.16 15.36 4.31
N PRO F 419 -71.14 14.65 5.44
CA PRO F 419 -70.32 14.96 6.61
C PRO F 419 -68.82 14.80 6.39
N VAL F 420 -68.04 15.57 7.14
CA VAL F 420 -66.58 15.49 7.01
C VAL F 420 -65.97 15.59 8.40
N SER F 421 -65.04 14.69 8.70
CA SER F 421 -64.37 14.72 9.99
C SER F 421 -62.96 15.24 9.69
N MET F 422 -62.29 15.78 10.69
CA MET F 422 -60.98 16.36 10.48
C MET F 422 -60.09 16.33 11.74
N VAL F 423 -58.78 16.38 11.52
CA VAL F 423 -57.80 16.36 12.61
C VAL F 423 -56.62 17.28 12.25
N ALA F 424 -56.16 18.04 13.23
CA ALA F 424 -55.03 18.94 13.00
C ALA F 424 -54.05 18.80 14.16
N LEU F 425 -52.77 18.78 13.84
CA LEU F 425 -51.75 18.66 14.87
C LEU F 425 -50.65 19.67 14.57
N GLY F 426 -50.29 20.47 15.58
CA GLY F 426 -49.25 21.47 15.40
C GLY F 426 -49.78 22.86 15.67
N ASN F 427 -49.42 23.83 14.81
CA ASN F 427 -49.89 25.21 14.95
C ASN F 427 -51.34 25.28 14.44
N THR F 428 -52.22 24.80 15.29
CA THR F 428 -53.63 24.72 15.03
C THR F 428 -54.32 26.07 14.75
N SER F 429 -53.70 27.16 15.17
CA SER F 429 -54.28 28.49 15.00
C SER F 429 -54.80 28.95 13.63
N THR F 430 -54.31 28.37 12.54
CA THR F 430 -54.69 28.79 11.20
C THR F 430 -55.56 27.77 10.43
N VAL F 431 -55.98 26.69 11.12
CA VAL F 431 -56.80 25.64 10.51
C VAL F 431 -58.30 25.88 10.63
N PRO F 432 -59.03 25.89 9.49
CA PRO F 432 -60.47 26.11 9.57
C PRO F 432 -61.14 24.88 10.17
N ASN F 433 -62.36 25.03 10.69
CA ASN F 433 -63.05 23.90 11.30
C ASN F 433 -63.93 23.15 10.32
N VAL F 434 -64.57 22.11 10.81
CA VAL F 434 -65.43 21.30 9.96
C VAL F 434 -66.60 22.02 9.27
N SER F 435 -67.37 22.83 9.98
CA SER F 435 -68.51 23.51 9.35
C SER F 435 -68.07 24.51 8.26
N TYR F 436 -66.84 25.00 8.37
CA TYR F 436 -66.28 25.92 7.37
C TYR F 436 -66.04 25.11 6.12
N ILE F 437 -65.32 24.00 6.27
CA ILE F 437 -65.02 23.13 5.15
C ILE F 437 -66.30 22.70 4.42
N GLU F 438 -67.30 22.22 5.17
CA GLU F 438 -68.56 21.75 4.58
C GLU F 438 -69.28 22.88 3.87
N GLU F 439 -69.23 24.07 4.45
CA GLU F 439 -69.88 25.19 3.82
C GLU F 439 -69.25 25.42 2.46
N LYS F 440 -67.93 25.57 2.42
CA LYS F 440 -67.20 25.82 1.18
C LYS F 440 -67.28 24.68 0.19
N LEU F 441 -67.25 23.45 0.69
CA LEU F 441 -67.32 22.28 -0.20
C LEU F 441 -68.69 22.18 -0.86
N ASN F 442 -69.74 22.28 -0.05
CA ASN F 442 -71.12 22.18 -0.51
C ASN F 442 -71.63 23.43 -1.21
N GLN F 443 -70.96 24.54 -0.93
CA GLN F 443 -71.28 25.87 -1.50
C GLN F 443 -71.43 25.82 -3.01
N ALA G 1 13.09 -26.90 -25.18
CA ALA G 1 11.86 -27.28 -24.46
C ALA G 1 11.81 -28.84 -24.22
N ARG G 2 12.78 -29.61 -24.76
CA ARG G 2 12.90 -31.09 -24.54
C ARG G 2 14.32 -31.61 -24.81
N THR G 3 14.87 -31.22 -25.95
CA THR G 3 16.20 -31.60 -26.38
C THR G 3 16.91 -30.31 -26.73
N ASP G 4 16.09 -29.29 -26.89
CA ASP G 4 16.49 -27.94 -27.24
C ASP G 4 17.55 -27.42 -26.29
N ASN G 5 17.30 -27.66 -25.01
CA ASN G 5 18.13 -27.19 -23.93
C ASN G 5 17.60 -25.76 -23.70
N PHE G 6 16.32 -25.63 -24.01
CA PHE G 6 15.58 -24.40 -23.91
C PHE G 6 15.21 -24.09 -22.46
N LYS G 7 15.65 -22.95 -21.97
CA LYS G 7 15.31 -22.54 -20.63
C LYS G 7 14.69 -21.16 -20.74
N LEU G 8 13.69 -20.89 -19.89
CA LEU G 8 13.00 -19.61 -19.91
C LEU G 8 12.68 -19.06 -18.53
N SER G 9 13.18 -17.87 -18.20
CA SER G 9 12.84 -17.25 -16.89
C SER G 9 12.45 -15.77 -17.05
N SER G 10 12.27 -15.07 -15.93
CA SER G 10 11.90 -13.67 -16.02
C SER G 10 12.64 -12.84 -14.98
N LEU G 11 12.82 -11.56 -15.28
CA LEU G 11 13.44 -10.64 -14.35
C LEU G 11 12.24 -10.03 -13.60
N ALA G 12 12.47 -9.46 -12.42
CA ALA G 12 11.35 -8.89 -11.68
C ALA G 12 10.58 -7.90 -12.53
N ASN G 13 11.23 -7.18 -13.44
CA ASN G 13 10.45 -6.21 -14.22
C ASN G 13 9.62 -6.77 -15.38
N GLY G 14 9.57 -8.09 -15.54
CA GLY G 14 8.75 -8.65 -16.61
C GLY G 14 9.47 -9.10 -17.86
N LEU G 15 10.74 -8.79 -17.98
CA LEU G 15 11.51 -9.16 -19.14
C LEU G 15 11.69 -10.68 -19.14
N LYS G 16 11.24 -11.36 -20.19
CA LYS G 16 11.42 -12.79 -20.25
C LYS G 16 12.77 -13.04 -20.91
N VAL G 17 13.57 -13.92 -20.32
CA VAL G 17 14.91 -14.26 -20.82
C VAL G 17 14.89 -15.70 -21.27
N ALA G 18 15.24 -15.93 -22.54
CA ALA G 18 15.22 -17.29 -23.11
C ALA G 18 16.47 -17.71 -23.81
N THR G 19 16.95 -18.91 -23.47
CA THR G 19 18.15 -19.49 -24.09
C THR G 19 17.86 -20.88 -24.62
N SER G 20 18.57 -21.29 -25.66
CA SER G 20 18.38 -22.63 -26.19
C SER G 20 19.66 -23.08 -26.87
N ASN G 21 19.83 -24.39 -26.95
CA ASN G 21 20.97 -25.03 -27.58
C ASN G 21 22.24 -24.97 -26.71
N THR G 22 23.32 -25.60 -27.17
CA THR G 22 24.54 -25.60 -26.38
C THR G 22 25.66 -24.86 -27.09
N PRO G 23 26.78 -24.60 -26.39
CA PRO G 23 27.92 -23.89 -26.96
C PRO G 23 28.35 -24.36 -28.32
N GLY G 24 28.63 -23.40 -29.19
CA GLY G 24 29.04 -23.73 -30.55
C GLY G 24 30.18 -22.86 -31.02
N HIS G 25 30.40 -22.75 -32.33
CA HIS G 25 31.51 -21.94 -32.79
C HIS G 25 31.31 -20.43 -32.55
N PHE G 26 30.06 -20.01 -32.44
CA PHE G 26 29.72 -18.62 -32.15
C PHE G 26 28.31 -18.58 -31.57
N SER G 27 27.87 -17.41 -31.11
CA SER G 27 26.54 -17.29 -30.52
C SER G 27 25.66 -16.29 -31.25
N ALA G 28 24.39 -16.33 -30.88
CA ALA G 28 23.42 -15.44 -31.48
C ALA G 28 22.56 -14.88 -30.37
N LEU G 29 22.14 -13.62 -30.48
CA LEU G 29 21.30 -13.04 -29.45
C LEU G 29 20.45 -11.93 -30.02
N GLY G 30 19.38 -11.58 -29.33
CA GLY G 30 18.56 -10.50 -29.79
C GLY G 30 17.44 -10.09 -28.85
N LEU G 31 17.00 -8.84 -28.96
CA LEU G 31 15.89 -8.35 -28.17
C LEU G 31 14.71 -8.33 -29.13
N TYR G 32 13.57 -8.80 -28.64
CA TYR G 32 12.35 -8.86 -29.42
C TYR G 32 11.22 -8.13 -28.70
N ILE G 33 10.72 -7.07 -29.32
CA ILE G 33 9.66 -6.26 -28.77
C ILE G 33 8.37 -6.61 -29.48
N ASP G 34 7.27 -6.59 -28.75
CA ASP G 34 5.99 -6.90 -29.36
C ASP G 34 5.34 -5.62 -29.92
N ALA G 35 5.88 -5.11 -31.03
CA ALA G 35 5.35 -3.92 -31.65
C ALA G 35 5.25 -4.19 -33.15
N GLY G 36 5.10 -3.14 -33.94
CA GLY G 36 4.96 -3.33 -35.37
C GLY G 36 3.85 -2.46 -35.93
N SER G 37 3.75 -2.41 -37.25
CA SER G 37 2.74 -1.58 -37.85
C SER G 37 1.32 -1.92 -37.48
N ARG G 38 1.04 -3.15 -37.00
CA ARG G 38 -0.36 -3.47 -36.70
C ARG G 38 -0.86 -2.75 -35.47
N PHE G 39 0.05 -2.02 -34.81
CA PHE G 39 -0.30 -1.25 -33.63
C PHE G 39 -0.12 0.23 -33.85
N GLU G 40 0.17 0.67 -35.06
CA GLU G 40 0.41 2.08 -35.22
C GLU G 40 -0.85 2.92 -35.22
N GLY G 41 -2.00 2.31 -35.49
CA GLY G 41 -3.23 3.09 -35.52
C GLY G 41 -3.02 4.13 -36.60
N ARG G 42 -3.75 5.24 -36.56
CA ARG G 42 -3.54 6.27 -37.57
C ARG G 42 -2.54 7.34 -37.05
N ASN G 43 -2.41 7.45 -35.73
CA ASN G 43 -1.50 8.44 -35.14
C ASN G 43 -0.05 8.20 -35.27
N LEU G 44 0.32 6.94 -35.19
CA LEU G 44 1.72 6.59 -35.21
C LEU G 44 2.15 5.96 -36.50
N LYS G 45 1.32 6.16 -37.51
CA LYS G 45 1.64 5.58 -38.81
C LYS G 45 3.08 5.93 -39.22
N GLY G 46 3.85 4.90 -39.55
CA GLY G 46 5.22 5.10 -39.99
C GLY G 46 6.31 5.04 -38.93
N CYS G 47 5.91 5.09 -37.68
CA CYS G 47 6.87 5.07 -36.59
C CYS G 47 7.70 3.80 -36.45
N THR G 48 7.07 2.65 -36.54
CA THR G 48 7.82 1.41 -36.42
C THR G 48 8.96 1.37 -37.40
N HIS G 49 8.77 1.81 -38.62
CA HIS G 49 9.88 1.78 -39.60
C HIS G 49 11.02 2.76 -39.26
N ILE G 50 10.67 4.02 -39.02
CA ILE G 50 11.68 5.00 -38.72
C ILE G 50 12.47 4.59 -37.50
N LEU G 51 11.81 4.01 -36.51
CA LEU G 51 12.53 3.65 -35.32
C LEU G 51 13.49 2.57 -35.64
N ASP G 52 13.11 1.60 -36.48
CA ASP G 52 14.03 0.52 -36.76
C ASP G 52 15.19 0.97 -37.66
N ARG G 53 14.99 2.02 -38.45
CA ARG G 53 16.04 2.53 -39.32
C ARG G 53 16.98 3.39 -38.45
N LEU G 54 16.49 3.69 -37.27
CA LEU G 54 17.17 4.57 -36.32
C LEU G 54 17.97 3.80 -35.28
N ALA G 55 17.91 2.48 -35.38
CA ALA G 55 18.63 1.61 -34.47
C ALA G 55 20.14 1.78 -34.52
N PHE G 56 20.77 1.53 -33.39
CA PHE G 56 22.21 1.58 -33.29
C PHE G 56 22.82 2.90 -33.68
N LYS G 57 22.11 4.00 -33.49
CA LYS G 57 22.71 5.31 -33.75
C LYS G 57 23.13 5.81 -32.35
N SER G 58 23.40 7.10 -32.15
CA SER G 58 23.83 7.56 -30.84
C SER G 58 22.85 7.32 -29.71
N THR G 59 23.41 7.13 -28.51
CA THR G 59 22.62 6.89 -27.29
C THR G 59 23.14 7.69 -26.11
N GLU G 60 22.39 7.68 -25.02
CA GLU G 60 22.82 8.41 -23.86
C GLU G 60 24.23 8.06 -23.40
N HIS G 61 24.66 6.83 -23.55
CA HIS G 61 25.99 6.49 -23.07
C HIS G 61 26.99 6.13 -24.14
N VAL G 62 26.59 6.14 -25.40
CA VAL G 62 27.56 5.81 -26.42
C VAL G 62 27.43 6.76 -27.59
N GLU G 63 28.56 7.38 -27.98
CA GLU G 63 28.60 8.31 -29.10
C GLU G 63 28.25 7.60 -30.42
N GLY G 64 27.57 8.31 -31.31
CA GLY G 64 27.20 7.70 -32.57
C GLY G 64 28.35 6.97 -33.26
N ARG G 65 29.46 7.67 -33.42
CA ARG G 65 30.62 7.09 -34.07
C ARG G 65 31.10 5.86 -33.31
N ALA G 66 31.24 6.01 -31.99
CA ALA G 66 31.68 4.90 -31.15
C ALA G 66 30.79 3.66 -31.31
N MET G 67 29.48 3.87 -31.38
CA MET G 67 28.53 2.79 -31.52
C MET G 67 28.84 2.04 -32.79
N ALA G 68 29.04 2.81 -33.87
CA ALA G 68 29.32 2.24 -35.17
C ALA G 68 30.62 1.47 -35.18
N GLU G 69 31.71 2.11 -34.80
CA GLU G 69 32.99 1.43 -34.83
C GLU G 69 33.05 0.21 -33.93
N THR G 70 32.30 0.21 -32.83
CA THR G 70 32.33 -0.95 -31.95
C THR G 70 31.54 -2.08 -32.56
N LEU G 71 30.46 -1.75 -33.24
CA LEU G 71 29.70 -2.79 -33.87
C LEU G 71 30.59 -3.33 -34.97
N GLU G 72 31.38 -2.50 -35.65
CA GLU G 72 32.27 -3.00 -36.71
C GLU G 72 33.25 -4.04 -36.17
N LEU G 73 33.85 -3.72 -35.04
CA LEU G 73 34.81 -4.59 -34.42
C LEU G 73 34.23 -5.88 -33.87
N LEU G 74 32.90 -6.02 -33.85
CA LEU G 74 32.31 -7.25 -33.35
C LEU G 74 31.87 -8.08 -34.57
N GLY G 75 32.35 -7.70 -35.75
CA GLY G 75 32.00 -8.45 -36.93
C GLY G 75 30.87 -7.82 -37.71
N GLY G 76 30.27 -6.83 -37.09
CA GLY G 76 29.19 -6.10 -37.75
C GLY G 76 28.07 -6.94 -38.31
N ASN G 77 27.83 -8.09 -37.72
CA ASN G 77 26.75 -8.92 -38.21
C ASN G 77 25.50 -8.75 -37.34
N TYR G 78 24.86 -7.59 -37.46
CA TYR G 78 23.68 -7.28 -36.65
C TYR G 78 22.63 -6.51 -37.46
N GLN G 79 21.39 -6.52 -37.01
CA GLN G 79 20.38 -5.77 -37.72
C GLN G 79 19.11 -5.56 -36.93
N CYS G 80 18.34 -4.55 -37.30
CA CYS G 80 17.09 -4.28 -36.64
C CYS G 80 16.14 -4.22 -37.77
N THR G 81 15.04 -4.94 -37.64
CA THR G 81 14.02 -4.92 -38.67
C THR G 81 12.68 -5.08 -37.97
N SER G 82 11.61 -4.75 -38.68
CA SER G 82 10.27 -4.85 -38.14
C SER G 82 9.29 -5.23 -39.22
N SER G 83 8.15 -5.78 -38.81
CA SER G 83 7.09 -6.24 -39.69
C SER G 83 5.77 -5.70 -39.18
N ARG G 84 4.68 -6.33 -39.61
CA ARG G 84 3.34 -5.96 -39.20
C ARG G 84 3.20 -6.33 -37.72
N GLU G 85 3.90 -7.37 -37.30
CA GLU G 85 3.80 -7.82 -35.91
C GLU G 85 5.05 -7.92 -35.08
N ASN G 86 6.17 -7.36 -35.50
CA ASN G 86 7.35 -7.48 -34.67
C ASN G 86 8.35 -6.40 -34.93
N LEU G 87 9.28 -6.27 -33.99
CA LEU G 87 10.34 -5.29 -34.05
C LEU G 87 11.45 -6.05 -33.40
N MET G 88 12.53 -6.32 -34.10
CA MET G 88 13.61 -7.09 -33.48
C MET G 88 15.03 -6.63 -33.76
N TYR G 89 15.88 -6.79 -32.77
CA TYR G 89 17.29 -6.44 -32.89
C TYR G 89 18.06 -7.74 -32.71
N GLN G 90 18.70 -8.26 -33.77
CA GLN G 90 19.42 -9.51 -33.62
C GLN G 90 20.82 -9.39 -34.16
N ALA G 91 21.65 -10.34 -33.78
CA ALA G 91 23.01 -10.37 -34.26
C ALA G 91 23.67 -11.67 -33.83
N SER G 92 24.66 -12.12 -34.61
CA SER G 92 25.43 -13.29 -34.23
C SER G 92 26.87 -12.79 -34.04
N VAL G 93 27.50 -13.19 -32.95
CA VAL G 93 28.85 -12.71 -32.65
C VAL G 93 29.68 -13.82 -32.10
N PHE G 94 30.98 -13.59 -31.96
CA PHE G 94 31.87 -14.61 -31.41
C PHE G 94 31.55 -14.76 -29.93
N ASN G 95 31.52 -16.01 -29.45
CA ASN G 95 31.14 -16.30 -28.04
C ASN G 95 31.54 -15.34 -26.95
N GLN G 96 32.79 -14.90 -26.94
CA GLN G 96 33.22 -13.99 -25.90
C GLN G 96 32.62 -12.58 -26.01
N ASP G 97 31.99 -12.23 -27.13
CA ASP G 97 31.40 -10.87 -27.29
C ASP G 97 29.90 -10.74 -27.00
N VAL G 98 29.26 -11.81 -26.56
CA VAL G 98 27.86 -11.74 -26.25
C VAL G 98 27.53 -10.56 -25.34
N GLY G 99 28.28 -10.41 -24.24
CA GLY G 99 28.03 -9.32 -23.32
C GLY G 99 28.11 -7.94 -23.91
N LYS G 100 29.15 -7.68 -24.68
CA LYS G 100 29.31 -6.36 -25.27
C LYS G 100 28.20 -6.04 -26.25
N MET G 101 27.84 -7.01 -27.09
CA MET G 101 26.76 -6.82 -28.06
C MET G 101 25.47 -6.54 -27.27
N LEU G 102 25.19 -7.34 -26.24
CA LEU G 102 23.96 -7.15 -25.47
C LEU G 102 23.91 -5.80 -24.81
N GLN G 103 25.06 -5.33 -24.35
CA GLN G 103 25.10 -4.01 -23.76
C GLN G 103 24.71 -2.96 -24.83
N LEU G 104 25.27 -3.06 -26.02
CA LEU G 104 24.92 -2.11 -27.06
C LEU G 104 23.44 -2.15 -27.46
N MET G 105 22.89 -3.35 -27.60
CA MET G 105 21.47 -3.46 -27.95
C MET G 105 20.65 -2.79 -26.83
N SER G 106 21.12 -2.90 -25.60
CA SER G 106 20.39 -2.29 -24.51
C SER G 106 20.38 -0.76 -24.68
N GLU G 107 21.56 -0.20 -24.93
CA GLU G 107 21.69 1.22 -25.14
C GLU G 107 20.74 1.74 -26.22
N THR G 108 20.67 1.04 -27.35
CA THR G 108 19.80 1.52 -28.40
C THR G 108 18.32 1.31 -28.08
N VAL G 109 18.00 0.26 -27.34
CA VAL G 109 16.61 0.01 -27.00
C VAL G 109 16.16 0.87 -25.85
N ARG G 110 17.07 1.18 -24.92
CA ARG G 110 16.66 1.99 -23.78
C ARG G 110 17.03 3.44 -23.78
N PHE G 111 18.16 3.79 -24.38
CA PHE G 111 18.62 5.19 -24.35
C PHE G 111 18.92 5.85 -25.69
N PRO G 112 18.10 5.61 -26.70
CA PRO G 112 18.41 6.26 -27.97
C PRO G 112 18.35 7.78 -27.86
N LYS G 113 19.29 8.45 -28.49
CA LYS G 113 19.25 9.91 -28.47
C LYS G 113 18.27 10.49 -29.51
N ILE G 114 18.12 9.84 -30.68
CA ILE G 114 17.21 10.34 -31.73
C ILE G 114 17.34 11.83 -31.82
N THR G 115 18.49 12.29 -32.32
CA THR G 115 18.78 13.71 -32.45
C THR G 115 18.08 14.30 -33.68
N GLU G 116 17.89 15.61 -33.71
CA GLU G 116 17.22 16.20 -34.87
C GLU G 116 17.87 15.71 -36.15
N GLN G 117 19.21 15.72 -36.19
CA GLN G 117 19.90 15.28 -37.40
C GLN G 117 19.73 13.79 -37.76
N GLU G 118 19.78 12.91 -36.75
CA GLU G 118 19.65 11.49 -37.03
C GLU G 118 18.30 11.22 -37.65
N LEU G 119 17.29 11.93 -37.15
CA LEU G 119 15.91 11.77 -37.59
C LEU G 119 15.71 12.35 -38.97
N GLN G 120 16.30 13.51 -39.25
CA GLN G 120 16.14 14.11 -40.55
C GLN G 120 16.66 13.18 -41.62
N GLU G 121 17.85 12.65 -41.41
CA GLU G 121 18.47 11.71 -42.33
C GLU G 121 17.52 10.55 -42.63
N GLN G 122 17.07 9.85 -41.60
CA GLN G 122 16.20 8.70 -41.80
C GLN G 122 14.88 8.97 -42.51
N LYS G 123 14.29 10.13 -42.26
CA LYS G 123 13.05 10.47 -42.91
C LYS G 123 13.29 10.71 -44.38
N LEU G 124 14.36 11.46 -44.70
CA LEU G 124 14.72 11.78 -46.09
C LEU G 124 14.98 10.48 -46.87
N SER G 125 15.77 9.65 -46.23
CA SER G 125 16.11 8.35 -46.77
C SER G 125 14.84 7.52 -46.92
N ALA G 126 13.94 7.62 -45.95
CA ALA G 126 12.70 6.87 -46.00
C ALA G 126 11.86 7.19 -47.21
N GLU G 127 11.90 8.44 -47.67
CA GLU G 127 11.13 8.83 -48.88
C GLU G 127 11.65 8.07 -50.12
N TYR G 128 12.96 8.09 -50.32
CA TYR G 128 13.58 7.36 -51.41
C TYR G 128 13.25 5.86 -51.33
N GLU G 129 13.35 5.27 -50.15
CA GLU G 129 13.01 3.86 -49.98
C GLU G 129 11.55 3.62 -50.39
N ILE G 130 10.63 4.49 -50.02
CA ILE G 130 9.23 4.29 -50.37
C ILE G 130 9.06 4.35 -51.89
N ASP G 131 9.75 5.30 -52.52
CA ASP G 131 9.68 5.45 -53.96
C ASP G 131 10.13 4.18 -54.69
N GLU G 132 11.22 3.55 -54.25
CA GLU G 132 11.69 2.30 -54.87
C GLU G 132 10.72 1.13 -54.63
N VAL G 133 10.25 0.97 -53.41
CA VAL G 133 9.32 -0.10 -53.08
C VAL G 133 8.08 -0.14 -53.95
N TRP G 134 7.51 1.00 -54.28
CA TRP G 134 6.30 0.99 -55.09
C TRP G 134 6.49 0.52 -56.54
N MET G 135 7.71 0.15 -56.90
CA MET G 135 7.98 -0.29 -58.25
C MET G 135 8.19 -1.78 -58.28
N LYS G 136 8.28 -2.43 -57.14
CA LYS G 136 8.49 -3.87 -57.11
C LYS G 136 7.17 -4.61 -56.81
N PRO G 137 6.55 -5.23 -57.82
CA PRO G 137 5.29 -5.94 -57.55
C PRO G 137 5.34 -6.98 -56.44
N GLU G 138 6.48 -7.65 -56.30
CA GLU G 138 6.71 -8.68 -55.28
C GLU G 138 6.35 -8.10 -53.91
N LEU G 139 6.51 -6.79 -53.77
CA LEU G 139 6.19 -6.08 -52.52
C LEU G 139 4.80 -5.42 -52.53
N VAL G 140 4.52 -4.60 -53.53
CA VAL G 140 3.24 -3.96 -53.60
C VAL G 140 2.00 -4.85 -53.56
N LEU G 141 2.02 -5.98 -54.23
CA LEU G 141 0.81 -6.82 -54.24
C LEU G 141 0.39 -7.33 -52.89
N PRO G 142 1.33 -7.90 -52.13
CA PRO G 142 0.90 -8.39 -50.82
C PRO G 142 0.46 -7.21 -49.96
N GLU G 143 1.11 -6.07 -50.16
CA GLU G 143 0.73 -4.89 -49.41
C GLU G 143 -0.76 -4.61 -49.67
N LEU G 144 -1.12 -4.51 -50.95
CA LEU G 144 -2.50 -4.26 -51.32
C LEU G 144 -3.43 -5.31 -50.74
N LEU G 145 -2.99 -6.58 -50.75
CA LEU G 145 -3.75 -7.74 -50.24
C LEU G 145 -4.13 -7.58 -48.75
N HIS G 146 -3.16 -7.24 -47.91
CA HIS G 146 -3.44 -7.04 -46.49
C HIS G 146 -4.39 -5.84 -46.27
N THR G 147 -4.07 -4.70 -46.88
CA THR G 147 -4.91 -3.52 -46.71
C THR G 147 -6.35 -3.86 -47.07
N ALA G 148 -6.52 -4.65 -48.13
CA ALA G 148 -7.83 -5.01 -48.60
C ALA G 148 -8.47 -6.02 -47.66
N ALA G 149 -7.70 -7.02 -47.25
CA ALA G 149 -8.19 -8.07 -46.36
C ALA G 149 -8.75 -7.54 -45.03
N TYR G 150 -8.16 -6.49 -44.51
CA TYR G 150 -8.59 -5.95 -43.23
C TYR G 150 -9.07 -4.50 -43.25
N SER G 151 -9.54 -4.03 -44.39
CA SER G 151 -10.02 -2.67 -44.52
C SER G 151 -9.13 -1.62 -43.93
N GLY G 152 -7.83 -1.81 -44.08
CA GLY G 152 -6.86 -0.86 -43.58
C GLY G 152 -6.66 -0.84 -42.09
N GLU G 153 -7.19 -1.81 -41.36
CA GLU G 153 -7.05 -1.87 -39.91
C GLU G 153 -6.07 -2.97 -39.49
N THR G 154 -5.46 -2.80 -38.33
CA THR G 154 -4.49 -3.76 -37.76
C THR G 154 -3.54 -4.43 -38.75
N LEU G 155 -3.76 -5.72 -39.04
CA LEU G 155 -2.91 -6.41 -40.00
C LEU G 155 -2.98 -5.74 -41.37
N GLY G 156 -4.00 -4.91 -41.54
CA GLY G 156 -4.20 -4.18 -42.79
C GLY G 156 -3.67 -2.76 -42.79
N SER G 157 -3.28 -2.29 -41.61
CA SER G 157 -2.70 -0.97 -41.50
C SER G 157 -1.41 -1.01 -42.34
N PRO G 158 -1.25 -0.02 -43.24
CA PRO G 158 -0.11 0.15 -44.15
C PRO G 158 1.24 -0.25 -43.59
N LEU G 159 1.88 -1.21 -44.24
CA LEU G 159 3.21 -1.63 -43.82
C LEU G 159 4.22 -0.74 -44.56
N ILE G 160 3.80 -0.18 -45.69
CA ILE G 160 4.63 0.72 -46.47
C ILE G 160 4.05 2.06 -46.14
N CYS G 161 4.79 2.85 -45.38
CA CYS G 161 4.25 4.13 -44.99
C CYS G 161 3.88 5.06 -46.11
N PRO G 162 2.74 5.71 -46.00
CA PRO G 162 2.29 6.66 -47.03
C PRO G 162 3.36 7.75 -47.19
N ARG G 163 3.91 7.94 -48.38
CA ARG G 163 4.95 8.95 -48.60
C ARG G 163 4.73 10.33 -47.93
N GLY G 164 3.51 10.85 -48.05
CA GLY G 164 3.21 12.16 -47.48
C GLY G 164 3.03 12.26 -45.97
N LEU G 165 3.16 11.15 -45.26
CA LEU G 165 3.02 11.14 -43.82
C LEU G 165 4.39 11.06 -43.17
N ILE G 166 5.42 10.80 -43.97
CA ILE G 166 6.75 10.70 -43.42
C ILE G 166 7.27 11.98 -42.81
N PRO G 167 7.02 13.10 -43.47
CA PRO G 167 7.48 14.39 -42.97
C PRO G 167 6.91 14.79 -41.62
N SER G 168 5.70 14.36 -41.30
CA SER G 168 5.08 14.74 -40.05
C SER G 168 5.45 13.86 -38.86
N ILE G 169 6.28 12.84 -39.10
CA ILE G 169 6.75 11.96 -38.05
C ILE G 169 7.76 12.79 -37.25
N SER G 170 7.40 13.14 -36.03
CA SER G 170 8.23 13.94 -35.15
C SER G 170 8.88 13.13 -34.04
N LYS G 171 9.86 13.73 -33.39
CA LYS G 171 10.45 13.00 -32.28
C LYS G 171 9.34 12.73 -31.24
N TYR G 172 8.37 13.65 -31.14
CA TYR G 172 7.30 13.48 -30.18
C TYR G 172 6.53 12.18 -30.39
N TYR G 173 6.18 11.90 -31.64
CA TYR G 173 5.47 10.66 -31.95
C TYR G 173 6.34 9.45 -31.72
N LEU G 174 7.61 9.54 -32.10
CA LEU G 174 8.51 8.42 -31.90
C LEU G 174 8.58 8.12 -30.40
N LEU G 175 8.73 9.16 -29.58
CA LEU G 175 8.79 8.96 -28.16
C LEU G 175 7.44 8.42 -27.66
N ASP G 176 6.36 8.88 -28.27
CA ASP G 176 5.06 8.38 -27.82
C ASP G 176 4.99 6.90 -28.05
N TYR G 177 5.49 6.47 -29.21
CA TYR G 177 5.49 5.07 -29.53
C TYR G 177 6.42 4.25 -28.62
N ARG G 178 7.61 4.76 -28.33
CA ARG G 178 8.52 4.03 -27.44
C ARG G 178 7.91 3.90 -26.06
N ASN G 179 7.22 4.94 -25.62
CA ASN G 179 6.60 4.89 -24.32
C ASN G 179 5.40 3.93 -24.19
N LYS G 180 4.82 3.51 -25.32
CA LYS G 180 3.74 2.54 -25.27
C LYS G 180 4.29 1.13 -25.42
N PHE G 181 5.28 0.95 -26.30
CA PHE G 181 5.76 -0.40 -26.53
C PHE G 181 7.13 -0.84 -26.11
N TYR G 182 8.04 0.07 -25.82
CA TYR G 182 9.34 -0.37 -25.38
C TYR G 182 9.33 -0.52 -23.85
N THR G 183 8.73 -1.57 -23.34
CA THR G 183 8.69 -1.79 -21.89
C THR G 183 9.20 -3.17 -21.63
N PRO G 184 9.85 -3.39 -20.48
CA PRO G 184 10.36 -4.75 -20.24
C PRO G 184 9.33 -5.85 -20.35
N GLU G 185 8.10 -5.59 -19.90
CA GLU G 185 7.10 -6.62 -19.96
C GLU G 185 6.63 -6.93 -21.40
N ASN G 186 7.03 -6.08 -22.35
CA ASN G 186 6.68 -6.24 -23.75
C ASN G 186 7.90 -6.71 -24.56
N THR G 187 8.95 -7.10 -23.84
CA THR G 187 10.19 -7.53 -24.48
C THR G 187 10.65 -8.93 -24.10
N VAL G 188 11.50 -9.50 -24.97
CA VAL G 188 12.08 -10.81 -24.76
C VAL G 188 13.53 -10.72 -25.15
N ALA G 189 14.42 -11.21 -24.31
CA ALA G 189 15.83 -11.22 -24.63
C ALA G 189 16.07 -12.70 -24.86
N ALA G 190 16.63 -13.06 -26.01
CA ALA G 190 16.88 -14.46 -26.27
C ALA G 190 18.29 -14.72 -26.78
N PHE G 191 18.83 -15.87 -26.43
CA PHE G 191 20.18 -16.22 -26.82
C PHE G 191 20.22 -17.65 -27.33
N VAL G 192 21.23 -17.95 -28.13
CA VAL G 192 21.46 -19.29 -28.64
C VAL G 192 22.94 -19.59 -28.51
N GLY G 193 23.26 -20.64 -27.76
CA GLY G 193 24.64 -21.02 -27.56
C GLY G 193 25.22 -20.33 -26.33
N VAL G 194 24.33 -19.79 -25.51
CA VAL G 194 24.74 -19.11 -24.31
C VAL G 194 24.00 -19.74 -23.16
N PRO G 195 24.73 -20.09 -22.09
CA PRO G 195 24.25 -20.72 -20.85
C PRO G 195 23.22 -19.85 -20.18
N HIS G 196 22.09 -20.41 -19.81
CA HIS G 196 21.03 -19.64 -19.18
C HIS G 196 21.51 -18.76 -18.02
N GLU G 197 22.38 -19.32 -17.19
CA GLU G 197 22.88 -18.58 -16.05
C GLU G 197 23.62 -17.33 -16.51
N LYS G 198 24.41 -17.45 -17.57
CA LYS G 198 25.17 -16.33 -18.09
C LYS G 198 24.23 -15.27 -18.60
N ALA G 199 23.20 -15.71 -19.33
CA ALA G 199 22.22 -14.82 -19.93
C ALA G 199 21.49 -14.04 -18.88
N LEU G 200 21.08 -14.73 -17.82
CA LEU G 200 20.43 -14.04 -16.72
C LEU G 200 21.33 -12.95 -16.12
N GLU G 201 22.62 -13.26 -15.99
CA GLU G 201 23.56 -12.30 -15.44
C GLU G 201 23.59 -11.05 -16.29
N LEU G 202 23.94 -11.24 -17.55
CA LEU G 202 24.04 -10.14 -18.48
C LEU G 202 22.74 -9.37 -18.61
N THR G 203 21.63 -10.10 -18.80
CA THR G 203 20.33 -9.47 -18.99
C THR G 203 19.98 -8.57 -17.81
N GLY G 204 20.19 -9.10 -16.61
CA GLY G 204 19.90 -8.35 -15.40
C GLY G 204 20.80 -7.12 -15.32
N LYS G 205 22.08 -7.31 -15.67
CA LYS G 205 23.02 -6.22 -15.64
C LYS G 205 22.57 -5.04 -16.50
N TYR G 206 22.30 -5.30 -17.78
CA TYR G 206 21.90 -4.26 -18.71
C TYR G 206 20.43 -3.90 -18.84
N LEU G 207 19.55 -4.85 -18.55
CA LEU G 207 18.12 -4.59 -18.67
C LEU G 207 17.34 -4.72 -17.36
N GLY G 208 18.04 -5.05 -16.29
CA GLY G 208 17.40 -5.24 -15.01
C GLY G 208 16.64 -4.09 -14.41
N ASP G 209 17.31 -2.95 -14.25
CA ASP G 209 16.72 -1.74 -13.67
C ASP G 209 15.79 -1.04 -14.63
N TRP G 210 15.48 -1.63 -15.77
CA TRP G 210 14.57 -1.02 -16.72
C TRP G 210 13.17 -1.04 -16.09
N GLN G 211 12.42 0.06 -16.13
CA GLN G 211 11.08 0.07 -15.55
C GLN G 211 10.00 0.43 -16.57
N SER G 212 8.82 -0.16 -16.44
CA SER G 212 7.71 0.12 -17.37
C SER G 212 7.18 1.55 -17.21
N THR G 213 6.59 2.08 -18.27
CA THR G 213 6.01 3.42 -18.21
C THR G 213 4.51 3.31 -17.93
N HIS G 214 4.00 2.08 -17.93
CA HIS G 214 2.59 1.82 -17.61
C HIS G 214 1.62 2.55 -18.50
N PRO G 215 1.80 2.36 -19.80
CA PRO G 215 0.98 2.96 -20.85
C PRO G 215 -0.37 2.29 -20.99
N PRO G 216 -1.31 2.92 -21.71
CA PRO G 216 -2.66 2.43 -21.97
C PRO G 216 -2.63 1.25 -22.97
N ILE G 217 -3.16 0.09 -22.58
CA ILE G 217 -3.18 -1.08 -23.48
C ILE G 217 -4.01 -0.75 -24.72
N THR G 218 -3.41 -0.81 -25.89
CA THR G 218 -4.19 -0.47 -27.07
C THR G 218 -4.04 -1.46 -28.22
N LYS G 219 -3.96 -2.75 -27.91
CA LYS G 219 -3.81 -3.74 -28.98
C LYS G 219 -5.13 -4.38 -29.40
N LYS G 220 -5.62 -3.90 -30.54
CA LYS G 220 -6.90 -4.33 -31.11
C LYS G 220 -6.80 -5.69 -31.83
N VAL G 221 -7.81 -6.53 -31.66
CA VAL G 221 -7.77 -7.80 -32.36
C VAL G 221 -8.10 -7.54 -33.83
N ALA G 222 -7.44 -8.27 -34.72
CA ALA G 222 -7.62 -8.14 -36.16
C ALA G 222 -9.00 -8.65 -36.61
N GLN G 223 -9.73 -7.85 -37.37
CA GLN G 223 -11.04 -8.27 -37.86
C GLN G 223 -11.03 -8.40 -39.37
N TYR G 224 -10.96 -9.61 -39.87
CA TYR G 224 -10.93 -9.80 -41.32
C TYR G 224 -12.22 -9.40 -42.01
N THR G 225 -12.11 -8.61 -43.07
CA THR G 225 -13.28 -8.16 -43.80
C THR G 225 -13.40 -8.63 -45.25
N GLY G 226 -12.26 -8.84 -45.89
CA GLY G 226 -12.26 -9.22 -47.28
C GLY G 226 -12.44 -7.93 -48.05
N GLY G 227 -12.37 -8.00 -49.38
CA GLY G 227 -12.52 -6.81 -50.20
C GLY G 227 -11.77 -6.94 -51.52
N GLU G 228 -11.91 -5.89 -52.35
CA GLU G 228 -11.31 -5.79 -53.68
C GLU G 228 -10.54 -4.50 -53.93
N SER G 229 -9.41 -4.63 -54.59
CA SER G 229 -8.71 -3.42 -54.97
C SER G 229 -7.88 -3.67 -56.23
N CYS G 230 -7.76 -2.62 -57.04
CA CYS G 230 -7.01 -2.71 -58.30
C CYS G 230 -6.19 -1.46 -58.63
N ILE G 231 -4.89 -1.63 -58.82
CA ILE G 231 -4.08 -0.47 -59.18
C ILE G 231 -3.70 -0.59 -60.65
N PRO G 232 -3.37 0.54 -61.30
CA PRO G 232 -2.98 0.58 -62.71
C PRO G 232 -1.80 -0.28 -63.17
N PRO G 233 -1.77 -0.57 -64.48
CA PRO G 233 -0.70 -1.38 -65.04
C PRO G 233 0.61 -0.66 -64.83
N ALA G 234 1.60 -1.46 -64.48
CA ALA G 234 2.97 -1.00 -64.24
C ALA G 234 3.50 -0.40 -65.53
N PRO G 235 4.43 0.57 -65.44
CA PRO G 235 5.00 1.19 -66.65
C PRO G 235 5.78 0.18 -67.51
N VAL G 236 5.61 0.27 -68.84
CA VAL G 236 6.31 -0.62 -69.79
C VAL G 236 7.77 -0.16 -69.94
N PHE G 237 8.66 -0.82 -69.20
CA PHE G 237 10.10 -0.48 -69.19
C PHE G 237 10.78 -0.77 -70.53
N GLY G 238 11.89 -1.52 -70.48
CA GLY G 238 12.60 -1.83 -71.71
C GLY G 238 12.01 -3.05 -72.41
N ASN G 239 12.86 -4.04 -72.63
CA ASN G 239 12.46 -5.28 -73.29
C ASN G 239 11.54 -6.14 -72.40
N LEU G 240 11.53 -5.85 -71.09
CA LEU G 240 10.70 -6.61 -70.13
C LEU G 240 9.26 -6.78 -70.62
N PRO G 241 8.68 -8.00 -70.44
CA PRO G 241 7.31 -8.28 -70.88
C PRO G 241 6.27 -7.63 -69.95
N GLU G 242 5.33 -6.87 -70.52
CA GLU G 242 4.31 -6.25 -69.68
C GLU G 242 3.48 -7.36 -69.03
N LEU G 243 3.25 -7.22 -67.72
CA LEU G 243 2.48 -8.20 -66.96
C LEU G 243 1.37 -7.56 -66.16
N PHE G 244 0.37 -8.34 -65.85
CA PHE G 244 -0.71 -7.91 -65.00
C PHE G 244 -0.56 -8.84 -63.82
N HIS G 245 -1.04 -8.42 -62.64
CA HIS G 245 -0.95 -9.28 -61.46
C HIS G 245 -2.26 -9.39 -60.74
N ILE G 246 -2.43 -10.49 -60.05
CA ILE G 246 -3.62 -10.67 -59.29
C ILE G 246 -3.36 -11.63 -58.11
N GLN G 247 -3.96 -11.31 -56.96
CA GLN G 247 -3.85 -12.15 -55.78
C GLN G 247 -5.25 -12.36 -55.24
N ILE G 248 -5.57 -13.63 -54.99
CA ILE G 248 -6.87 -13.99 -54.44
C ILE G 248 -6.64 -14.82 -53.18
N GLY G 249 -7.31 -14.44 -52.10
CA GLY G 249 -7.15 -15.18 -50.88
C GLY G 249 -8.33 -15.05 -49.95
N PHE G 250 -8.34 -15.91 -48.93
CA PHE G 250 -9.38 -15.92 -47.92
C PHE G 250 -8.75 -15.84 -46.54
N GLU G 251 -9.55 -15.67 -45.50
CA GLU G 251 -8.97 -15.61 -44.18
C GLU G 251 -8.37 -16.99 -43.90
N GLY G 252 -7.16 -16.96 -43.35
CA GLY G 252 -6.46 -18.17 -43.01
C GLY G 252 -6.47 -18.46 -41.51
N LEU G 253 -5.40 -19.07 -41.03
CA LEU G 253 -5.37 -19.40 -39.64
C LEU G 253 -4.23 -18.76 -38.90
N PRO G 254 -4.38 -18.56 -37.58
CA PRO G 254 -3.39 -17.98 -36.66
C PRO G 254 -2.21 -18.97 -36.55
N ILE G 255 -0.97 -18.50 -36.48
CA ILE G 255 0.15 -19.42 -36.43
C ILE G 255 0.14 -20.50 -35.35
N ASP G 256 -0.62 -20.36 -34.29
CA ASP G 256 -0.59 -21.43 -33.31
C ASP G 256 -1.90 -22.19 -33.35
N HIS G 257 -2.66 -22.00 -34.42
CA HIS G 257 -3.94 -22.69 -34.55
C HIS G 257 -3.63 -24.16 -34.80
N PRO G 258 -4.50 -25.08 -34.32
CA PRO G 258 -4.31 -26.53 -34.48
C PRO G 258 -4.13 -27.07 -35.91
N ASP G 259 -4.91 -26.57 -36.85
CA ASP G 259 -4.82 -27.04 -38.22
C ASP G 259 -3.73 -26.32 -39.01
N ILE G 260 -2.90 -25.56 -38.33
CA ILE G 260 -1.87 -24.79 -39.02
C ILE G 260 -0.96 -25.64 -39.84
N TYR G 261 -0.53 -26.78 -39.27
CA TYR G 261 0.37 -27.68 -39.98
C TYR G 261 -0.25 -28.24 -41.25
N ALA G 262 -1.54 -28.54 -41.18
CA ALA G 262 -2.26 -29.04 -42.34
C ALA G 262 -2.26 -27.97 -43.42
N LEU G 263 -2.63 -26.73 -43.04
CA LEU G 263 -2.69 -25.60 -43.98
C LEU G 263 -1.35 -25.31 -44.65
N ALA G 264 -0.25 -25.56 -43.93
CA ALA G 264 1.09 -25.36 -44.47
C ALA G 264 1.38 -26.47 -45.51
N THR G 265 0.86 -27.66 -45.24
CA THR G 265 1.01 -28.80 -46.14
C THR G 265 0.24 -28.47 -47.41
N LEU G 266 -0.97 -27.93 -47.26
CA LEU G 266 -1.81 -27.54 -48.41
C LEU G 266 -1.10 -26.52 -49.28
N GLN G 267 -0.35 -25.65 -48.61
CA GLN G 267 0.39 -24.57 -49.24
C GLN G 267 1.54 -25.18 -50.05
N THR G 268 2.25 -26.11 -49.45
CA THR G 268 3.36 -26.79 -50.12
C THR G 268 2.84 -27.63 -51.31
N LEU G 269 1.68 -28.24 -51.10
CA LEU G 269 1.04 -29.08 -52.11
C LEU G 269 0.65 -28.24 -53.32
N LEU G 270 0.10 -27.05 -53.12
CA LEU G 270 -0.20 -26.21 -54.28
C LEU G 270 1.13 -25.71 -54.88
N GLY G 271 2.09 -25.38 -54.02
CA GLY G 271 3.39 -24.92 -54.47
C GLY G 271 3.33 -23.81 -55.50
N GLY G 272 3.97 -24.00 -56.64
CA GLY G 272 3.93 -22.97 -57.65
C GLY G 272 5.29 -22.37 -57.83
N GLY G 273 5.36 -21.19 -58.43
CA GLY G 273 6.67 -20.59 -58.63
C GLY G 273 6.72 -19.83 -59.94
N GLY G 274 7.95 -19.57 -60.39
CA GLY G 274 8.18 -18.85 -61.63
C GLY G 274 8.33 -19.87 -62.75
N SER G 275 8.08 -19.43 -63.99
CA SER G 275 8.16 -20.33 -65.15
C SER G 275 9.58 -20.86 -65.41
N GLY G 280 17.99 -27.79 -59.49
CA GLY G 280 18.03 -29.23 -59.31
C GLY G 280 16.76 -29.75 -58.66
N PRO G 281 16.56 -31.09 -58.61
CA PRO G 281 15.36 -31.70 -58.00
C PRO G 281 15.09 -31.19 -56.57
N GLY G 282 13.80 -31.14 -56.23
CA GLY G 282 13.39 -30.68 -54.91
C GLY G 282 12.79 -29.27 -54.97
N LYS G 283 12.89 -28.63 -56.14
CA LYS G 283 12.39 -27.26 -56.36
C LYS G 283 10.87 -27.08 -56.46
N GLY G 284 10.11 -28.15 -56.18
CA GLY G 284 8.66 -28.11 -56.24
C GLY G 284 8.02 -28.14 -57.63
N MET G 285 8.72 -28.72 -58.60
CA MET G 285 8.23 -28.82 -59.96
C MET G 285 7.06 -29.86 -60.02
N TYR G 286 6.86 -30.60 -58.93
CA TYR G 286 5.78 -31.60 -58.88
C TYR G 286 4.60 -31.17 -57.99
N SER G 287 4.41 -29.87 -57.88
CA SER G 287 3.31 -29.34 -57.10
C SER G 287 2.18 -28.98 -58.06
N ARG G 288 0.95 -29.15 -57.59
CA ARG G 288 -0.18 -28.84 -58.42
C ARG G 288 -0.07 -27.57 -59.22
N LEU G 289 0.26 -26.46 -58.59
CA LEU G 289 0.33 -25.24 -59.38
C LEU G 289 1.30 -25.32 -60.57
N TYR G 290 2.39 -26.09 -60.43
CA TYR G 290 3.35 -26.25 -61.53
C TYR G 290 2.65 -27.01 -62.62
N THR G 291 2.26 -28.23 -62.25
CA THR G 291 1.55 -29.18 -63.09
C THR G 291 0.31 -28.62 -63.80
N HIS G 292 -0.71 -28.24 -63.03
CA HIS G 292 -1.96 -27.73 -63.59
C HIS G 292 -1.96 -26.31 -64.11
N VAL G 293 -0.91 -25.52 -63.86
CA VAL G 293 -0.97 -24.15 -64.34
C VAL G 293 0.29 -23.72 -65.05
N LEU G 294 1.42 -23.78 -64.36
CA LEU G 294 2.66 -23.33 -64.97
C LEU G 294 3.04 -24.05 -66.27
N ASN G 295 2.73 -25.35 -66.31
CA ASN G 295 3.05 -26.21 -67.45
C ASN G 295 1.92 -26.33 -68.47
N GLN G 296 0.79 -25.69 -68.22
CA GLN G 296 -0.35 -25.78 -69.13
C GLN G 296 -0.63 -24.45 -69.82
N TYR G 297 -0.10 -23.38 -69.24
CA TYR G 297 -0.30 -22.05 -69.78
C TYR G 297 1.04 -21.32 -69.72
N TYR G 298 1.37 -20.61 -70.78
CA TYR G 298 2.62 -19.89 -70.78
C TYR G 298 2.32 -18.42 -70.91
N PHE G 299 1.04 -18.10 -70.77
CA PHE G 299 0.67 -16.71 -70.80
C PHE G 299 0.73 -16.35 -69.31
N VAL G 300 1.06 -17.37 -68.51
CA VAL G 300 1.21 -17.26 -67.05
C VAL G 300 2.69 -17.37 -66.75
N GLU G 301 3.31 -16.30 -66.28
CA GLU G 301 4.75 -16.30 -66.03
C GLU G 301 5.10 -16.64 -64.59
N ASN G 302 4.10 -16.60 -63.73
CA ASN G 302 4.29 -16.91 -62.32
C ASN G 302 2.99 -17.30 -61.68
N CYS G 303 3.04 -18.25 -60.78
CA CYS G 303 1.84 -18.64 -60.07
C CYS G 303 2.26 -19.41 -58.82
N VAL G 304 1.89 -18.87 -57.67
CA VAL G 304 2.30 -19.50 -56.43
C VAL G 304 1.27 -19.32 -55.34
N ALA G 305 1.29 -20.24 -54.40
CA ALA G 305 0.36 -20.26 -53.28
C ALA G 305 1.00 -19.59 -52.05
N PHE G 306 0.27 -18.69 -51.43
CA PHE G 306 0.79 -18.00 -50.26
C PHE G 306 -0.02 -18.26 -48.98
N ASN G 307 0.68 -18.15 -47.86
CA ASN G 307 0.05 -18.35 -46.58
C ASN G 307 0.57 -17.39 -45.48
N HIS G 308 -0.03 -16.20 -45.39
CA HIS G 308 0.36 -15.23 -44.39
C HIS G 308 -0.36 -15.63 -43.11
N SER G 309 0.41 -15.87 -42.06
CA SER G 309 -0.18 -16.28 -40.80
C SER G 309 0.33 -15.48 -39.61
N TYR G 310 -0.59 -14.87 -38.88
CA TYR G 310 -0.22 -14.04 -37.77
C TYR G 310 -0.78 -14.57 -36.49
N SER G 311 -0.61 -13.79 -35.43
CA SER G 311 -1.07 -14.18 -34.10
C SER G 311 -2.56 -14.45 -33.94
N ASP G 312 -3.41 -13.68 -34.60
CA ASP G 312 -4.83 -13.90 -34.43
C ASP G 312 -5.64 -14.04 -35.73
N SER G 313 -4.96 -14.14 -36.87
CA SER G 313 -5.65 -14.25 -38.15
C SER G 313 -4.63 -14.54 -39.24
N GLY G 314 -5.07 -14.58 -40.50
CA GLY G 314 -4.16 -14.83 -41.60
C GLY G 314 -4.83 -14.68 -42.94
N ILE G 315 -4.07 -14.82 -44.01
CA ILE G 315 -4.62 -14.75 -45.35
C ILE G 315 -4.02 -15.91 -46.12
N PHE G 316 -4.87 -16.68 -46.78
CA PHE G 316 -4.41 -17.85 -47.55
C PHE G 316 -4.88 -17.74 -48.99
N GLY G 317 -3.99 -18.01 -49.95
CA GLY G 317 -4.43 -17.89 -51.32
C GLY G 317 -3.43 -18.17 -52.41
N ILE G 318 -3.75 -17.69 -53.61
CA ILE G 318 -2.89 -17.90 -54.77
C ILE G 318 -2.61 -16.59 -55.49
N SER G 319 -1.36 -16.44 -55.91
CA SER G 319 -0.91 -15.26 -56.60
C SER G 319 -0.63 -15.68 -58.03
N LEU G 320 -0.98 -14.82 -58.99
CA LEU G 320 -0.81 -15.16 -60.40
C LEU G 320 -0.38 -13.98 -61.27
N SER G 321 0.74 -14.12 -61.95
CA SER G 321 1.21 -13.06 -62.85
C SER G 321 1.08 -13.56 -64.28
N CYS G 322 0.58 -12.70 -65.17
CA CYS G 322 0.40 -13.11 -66.54
C CYS G 322 0.40 -11.99 -67.60
N ILE G 323 0.36 -12.40 -68.86
CA ILE G 323 0.33 -11.52 -70.01
C ILE G 323 -0.99 -10.76 -69.94
N PRO G 324 -0.97 -9.49 -70.27
CA PRO G 324 -2.18 -8.65 -70.25
C PRO G 324 -3.33 -9.29 -70.99
N GLN G 325 -3.01 -10.02 -72.06
CA GLN G 325 -4.00 -10.70 -72.89
C GLN G 325 -4.80 -11.73 -72.10
N ALA G 326 -4.12 -12.43 -71.19
CA ALA G 326 -4.73 -13.50 -70.40
C ALA G 326 -5.56 -13.06 -69.20
N ALA G 327 -5.33 -11.82 -68.80
CA ALA G 327 -6.04 -11.24 -67.65
C ALA G 327 -7.44 -11.80 -67.48
N PRO G 328 -8.21 -11.87 -68.58
CA PRO G 328 -9.58 -12.38 -68.45
C PRO G 328 -9.71 -13.79 -67.92
N GLN G 329 -8.69 -14.61 -68.09
CA GLN G 329 -8.79 -15.98 -67.62
C GLN G 329 -8.25 -16.17 -66.20
N ALA G 330 -7.47 -15.19 -65.76
CA ALA G 330 -6.86 -15.23 -64.45
C ALA G 330 -7.78 -15.73 -63.33
N VAL G 331 -8.84 -14.99 -63.04
CA VAL G 331 -9.68 -15.41 -61.94
C VAL G 331 -10.06 -16.87 -62.03
N GLU G 332 -10.62 -17.26 -63.16
CA GLU G 332 -11.06 -18.64 -63.34
C GLU G 332 -9.97 -19.69 -63.10
N VAL G 333 -8.79 -19.44 -63.66
CA VAL G 333 -7.70 -20.40 -63.47
C VAL G 333 -7.46 -20.68 -61.98
N ILE G 334 -7.42 -19.61 -61.20
CA ILE G 334 -7.19 -19.71 -59.77
C ILE G 334 -8.37 -20.38 -59.12
N ALA G 335 -9.57 -19.87 -59.39
CA ALA G 335 -10.79 -20.44 -58.82
C ALA G 335 -10.80 -21.97 -58.98
N GLN G 336 -10.52 -22.43 -60.20
CA GLN G 336 -10.46 -23.85 -60.46
C GLN G 336 -9.49 -24.56 -59.52
N GLN G 337 -8.21 -24.18 -59.56
CA GLN G 337 -7.22 -24.79 -58.68
C GLN G 337 -7.74 -24.91 -57.25
N MET G 338 -8.31 -23.83 -56.71
CA MET G 338 -8.83 -23.85 -55.34
C MET G 338 -9.87 -24.92 -55.20
N TYR G 339 -10.84 -24.90 -56.11
CA TYR G 339 -11.93 -25.88 -56.16
C TYR G 339 -11.38 -27.34 -56.19
N ASN G 340 -10.36 -27.56 -57.01
CA ASN G 340 -9.76 -28.88 -57.15
C ASN G 340 -9.10 -29.47 -55.92
N THR G 341 -8.98 -28.69 -54.85
CA THR G 341 -8.33 -29.21 -53.65
C THR G 341 -9.31 -29.94 -52.76
N PHE G 342 -10.61 -29.78 -53.02
CA PHE G 342 -11.60 -30.44 -52.17
C PHE G 342 -12.95 -30.71 -52.84
N ALA G 343 -13.44 -29.77 -53.61
CA ALA G 343 -14.75 -29.90 -54.25
C ALA G 343 -14.87 -30.81 -55.49
N ASN G 344 -13.76 -31.07 -56.14
CA ASN G 344 -13.75 -31.91 -57.31
C ASN G 344 -13.49 -33.35 -56.91
N LYS G 345 -14.49 -34.21 -57.09
CA LYS G 345 -14.41 -35.62 -56.71
C LYS G 345 -13.42 -36.47 -57.53
N ASP G 346 -13.04 -35.99 -58.71
CA ASP G 346 -12.11 -36.72 -59.58
C ASP G 346 -10.67 -36.20 -59.50
N LEU G 347 -10.40 -35.34 -58.52
CA LEU G 347 -9.07 -34.76 -58.32
C LEU G 347 -8.80 -34.62 -56.84
N ARG G 348 -9.42 -35.51 -56.06
CA ARG G 348 -9.26 -35.52 -54.62
C ARG G 348 -7.75 -35.50 -54.35
N LEU G 349 -7.33 -35.04 -53.17
CA LEU G 349 -5.89 -34.98 -52.92
C LEU G 349 -5.39 -36.39 -52.74
N THR G 350 -4.36 -36.75 -53.51
CA THR G 350 -3.81 -38.12 -53.45
C THR G 350 -2.84 -38.41 -52.31
N GLU G 351 -2.64 -39.70 -52.05
CA GLU G 351 -1.73 -40.10 -51.00
C GLU G 351 -0.34 -39.61 -51.34
N ASP G 352 0.03 -39.70 -52.60
CA ASP G 352 1.35 -39.28 -53.02
C ASP G 352 1.58 -37.79 -52.86
N GLU G 353 0.62 -37.01 -53.33
CA GLU G 353 0.73 -35.56 -53.25
C GLU G 353 0.93 -35.13 -51.80
N VAL G 354 0.04 -35.60 -50.95
CA VAL G 354 0.07 -35.28 -49.54
C VAL G 354 1.37 -35.72 -48.88
N SER G 355 1.83 -36.91 -49.22
CA SER G 355 3.06 -37.40 -48.60
C SER G 355 4.29 -36.58 -48.99
N ARG G 356 4.41 -36.27 -50.28
CA ARG G 356 5.54 -35.50 -50.76
C ARG G 356 5.49 -34.14 -50.09
N ALA G 357 4.29 -33.56 -50.05
CA ALA G 357 4.08 -32.24 -49.45
C ALA G 357 4.63 -32.28 -48.03
N LYS G 358 4.10 -33.20 -47.23
CA LYS G 358 4.54 -33.34 -45.84
C LYS G 358 6.06 -33.40 -45.71
N ASN G 359 6.70 -34.19 -46.56
CA ASN G 359 8.14 -34.28 -46.48
C ASN G 359 8.84 -32.99 -46.86
N GLN G 360 8.29 -32.24 -47.81
CA GLN G 360 8.92 -30.99 -48.20
C GLN G 360 8.73 -29.93 -47.13
N LEU G 361 7.57 -29.93 -46.49
CA LEU G 361 7.31 -29.00 -45.42
C LEU G 361 8.36 -29.28 -44.36
N LYS G 362 8.37 -30.49 -43.83
CA LYS G 362 9.33 -30.89 -42.80
C LYS G 362 10.75 -30.48 -43.17
N SER G 363 11.10 -30.72 -44.42
CA SER G 363 12.41 -30.43 -44.92
C SER G 363 12.70 -28.95 -44.87
N SER G 364 11.87 -28.11 -45.49
CA SER G 364 12.13 -26.68 -45.47
C SER G 364 12.25 -26.12 -44.04
N LEU G 365 11.41 -26.56 -43.11
CA LEU G 365 11.50 -26.08 -41.74
C LEU G 365 12.83 -26.52 -41.17
N LEU G 366 12.98 -27.82 -40.94
CA LEU G 366 14.23 -28.33 -40.37
C LEU G 366 15.46 -27.77 -41.01
N MET G 367 15.49 -27.72 -42.33
CA MET G 367 16.69 -27.19 -42.97
C MET G 367 16.96 -25.71 -42.67
N ASN G 368 15.90 -24.93 -42.48
CA ASN G 368 16.09 -23.53 -42.19
C ASN G 368 16.57 -23.38 -40.73
N LEU G 369 16.00 -24.19 -39.82
CA LEU G 369 16.40 -24.16 -38.41
C LEU G 369 17.88 -24.54 -38.22
N GLU G 370 18.56 -24.91 -39.30
CA GLU G 370 19.96 -25.24 -39.23
C GLU G 370 20.77 -23.96 -38.94
N SER G 371 20.14 -22.80 -39.10
CA SER G 371 20.82 -21.53 -38.87
C SER G 371 20.62 -20.96 -37.48
N LYS G 372 21.72 -20.70 -36.77
CA LYS G 372 21.64 -20.15 -35.43
C LYS G 372 20.73 -18.92 -35.41
N LEU G 373 20.93 -18.03 -36.37
CA LEU G 373 20.11 -16.84 -36.42
C LEU G 373 18.66 -17.24 -36.59
N VAL G 374 18.40 -18.22 -37.44
CA VAL G 374 17.00 -18.58 -37.61
C VAL G 374 16.47 -19.21 -36.32
N GLU G 375 17.27 -20.07 -35.72
CA GLU G 375 16.83 -20.70 -34.49
C GLU G 375 16.48 -19.60 -33.53
N LEU G 376 17.35 -18.59 -33.48
CA LEU G 376 17.18 -17.46 -32.59
C LEU G 376 15.85 -16.75 -32.79
N GLU G 377 15.67 -16.20 -33.98
CA GLU G 377 14.44 -15.49 -34.24
C GLU G 377 13.21 -16.29 -33.92
N ASP G 378 13.16 -17.53 -34.38
CA ASP G 378 11.99 -18.38 -34.12
C ASP G 378 11.69 -18.52 -32.62
N MET G 379 12.73 -18.70 -31.82
CA MET G 379 12.55 -18.85 -30.39
C MET G 379 12.11 -17.55 -29.78
N GLY G 380 12.77 -16.48 -30.18
CA GLY G 380 12.41 -15.20 -29.66
C GLY G 380 10.94 -14.96 -29.88
N ARG G 381 10.51 -15.02 -31.14
CA ARG G 381 9.11 -14.76 -31.48
C ARG G 381 8.12 -15.70 -30.85
N GLN G 382 8.45 -16.97 -30.73
CA GLN G 382 7.49 -17.89 -30.11
C GLN G 382 7.27 -17.50 -28.66
N VAL G 383 8.36 -17.27 -27.92
CA VAL G 383 8.29 -16.89 -26.51
C VAL G 383 7.49 -15.62 -26.45
N LEU G 384 7.85 -14.67 -27.29
CA LEU G 384 7.13 -13.43 -27.30
C LEU G 384 5.64 -13.63 -27.49
N MET G 385 5.20 -14.66 -28.23
CA MET G 385 3.77 -14.85 -28.47
C MET G 385 2.98 -15.74 -27.52
N HIS G 386 3.39 -16.98 -27.31
CA HIS G 386 2.66 -17.83 -26.38
C HIS G 386 3.56 -18.29 -25.20
N GLY G 387 4.64 -17.55 -24.99
CA GLY G 387 5.56 -17.84 -23.89
C GLY G 387 6.16 -19.22 -23.71
N ARG G 388 6.40 -19.95 -24.80
CA ARG G 388 6.96 -21.29 -24.72
C ARG G 388 7.53 -21.52 -26.10
N LYS G 389 8.53 -22.38 -26.21
CA LYS G 389 9.08 -22.70 -27.52
C LYS G 389 8.71 -24.14 -27.79
N ILE G 390 7.88 -24.37 -28.81
CA ILE G 390 7.46 -25.74 -29.15
C ILE G 390 8.69 -26.52 -29.64
N PRO G 391 8.96 -27.67 -29.01
CA PRO G 391 10.11 -28.50 -29.38
C PRO G 391 9.95 -29.06 -30.76
N VAL G 392 11.08 -29.25 -31.44
CA VAL G 392 11.07 -29.76 -32.79
C VAL G 392 10.34 -31.11 -32.88
N ASN G 393 10.60 -32.02 -31.94
CA ASN G 393 9.93 -33.33 -31.91
C ASN G 393 8.44 -33.17 -32.17
N GLU G 394 7.81 -32.35 -31.34
CA GLU G 394 6.38 -32.10 -31.39
C GLU G 394 5.94 -31.60 -32.75
N MET G 395 6.73 -30.70 -33.32
CA MET G 395 6.40 -30.14 -34.61
C MET G 395 6.41 -31.21 -35.71
N ILE G 396 7.55 -31.87 -35.85
CA ILE G 396 7.70 -32.91 -36.85
C ILE G 396 6.56 -33.89 -36.74
N SER G 397 6.29 -34.34 -35.50
CA SER G 397 5.21 -35.28 -35.23
C SER G 397 3.87 -34.86 -35.84
N LYS G 398 3.36 -33.70 -35.42
CA LYS G 398 2.09 -33.21 -35.93
C LYS G 398 2.01 -33.21 -37.45
N ILE G 399 3.14 -32.97 -38.13
CA ILE G 399 3.13 -32.98 -39.58
C ILE G 399 2.99 -34.38 -40.15
N GLU G 400 3.74 -35.34 -39.58
CA GLU G 400 3.71 -36.74 -40.03
C GLU G 400 2.34 -37.39 -39.80
N ASP G 401 1.67 -37.04 -38.72
CA ASP G 401 0.36 -37.60 -38.45
C ASP G 401 -0.68 -37.11 -39.45
N LEU G 402 -0.30 -36.14 -40.26
CA LEU G 402 -1.24 -35.60 -41.22
C LEU G 402 -1.63 -36.62 -42.28
N LYS G 403 -2.94 -36.78 -42.52
CA LYS G 403 -3.48 -37.69 -43.54
C LYS G 403 -4.27 -36.88 -44.56
N PRO G 404 -4.30 -37.34 -45.83
CA PRO G 404 -5.02 -36.63 -46.91
C PRO G 404 -6.33 -35.96 -46.59
N ASP G 405 -7.20 -36.62 -45.83
CA ASP G 405 -8.50 -36.04 -45.49
C ASP G 405 -8.36 -34.76 -44.69
N ASP G 406 -7.30 -34.70 -43.90
CA ASP G 406 -7.02 -33.52 -43.09
C ASP G 406 -6.78 -32.33 -44.00
N ILE G 407 -5.81 -32.49 -44.90
CA ILE G 407 -5.48 -31.45 -45.86
C ILE G 407 -6.76 -31.06 -46.57
N SER G 408 -7.60 -32.03 -46.91
CA SER G 408 -8.86 -31.76 -47.60
C SER G 408 -9.83 -30.98 -46.73
N ARG G 409 -9.95 -31.35 -45.47
CA ARG G 409 -10.87 -30.65 -44.59
C ARG G 409 -10.43 -29.20 -44.46
N VAL G 410 -9.15 -28.99 -44.17
CA VAL G 410 -8.63 -27.62 -44.03
C VAL G 410 -8.88 -26.83 -45.30
N ALA G 411 -8.44 -27.36 -46.44
CA ALA G 411 -8.64 -26.69 -47.71
C ALA G 411 -10.10 -26.22 -47.87
N GLU G 412 -11.04 -27.13 -47.63
CA GLU G 412 -12.46 -26.77 -47.77
C GLU G 412 -12.90 -25.67 -46.80
N MET G 413 -12.46 -25.79 -45.55
CA MET G 413 -12.79 -24.79 -44.55
C MET G 413 -12.35 -23.38 -45.01
N ILE G 414 -11.09 -23.25 -45.40
CA ILE G 414 -10.55 -22.00 -45.83
C ILE G 414 -11.30 -21.40 -46.97
N PHE G 415 -11.28 -22.12 -48.09
CA PHE G 415 -11.90 -21.67 -49.33
C PHE G 415 -13.42 -21.47 -49.34
N THR G 416 -14.06 -21.76 -48.21
CA THR G 416 -15.50 -21.62 -48.12
C THR G 416 -15.83 -20.45 -47.23
N GLY G 417 -14.80 -19.82 -46.68
CA GLY G 417 -15.02 -18.70 -45.79
C GLY G 417 -15.59 -19.20 -44.48
N ASN G 418 -15.17 -20.39 -44.08
CA ASN G 418 -15.66 -21.02 -42.87
C ASN G 418 -14.60 -21.06 -41.79
N VAL G 419 -13.83 -20.00 -41.65
CA VAL G 419 -12.80 -19.94 -40.63
C VAL G 419 -13.37 -19.07 -39.53
N ASN G 420 -13.16 -19.46 -38.28
CA ASN G 420 -13.67 -18.67 -37.17
C ASN G 420 -12.58 -18.30 -36.21
N ASN G 421 -12.08 -17.08 -36.38
CA ASN G 421 -11.03 -16.55 -35.52
C ASN G 421 -11.57 -15.53 -34.54
N ALA G 422 -10.73 -15.16 -33.59
CA ALA G 422 -11.10 -14.20 -32.56
C ALA G 422 -11.85 -13.00 -33.11
N GLY G 423 -11.34 -12.43 -34.19
CA GLY G 423 -11.96 -11.26 -34.77
C GLY G 423 -13.31 -11.52 -35.41
N ASN G 424 -13.70 -12.79 -35.43
CA ASN G 424 -14.96 -13.14 -36.04
C ASN G 424 -15.01 -12.45 -37.43
N GLY G 425 -14.13 -12.89 -38.32
CA GLY G 425 -14.06 -12.31 -39.64
C GLY G 425 -15.13 -12.79 -40.58
N LYS G 426 -15.32 -12.04 -41.66
CA LYS G 426 -16.29 -12.31 -42.73
C LYS G 426 -15.78 -13.49 -43.55
N GLY G 427 -16.60 -13.89 -44.51
CA GLY G 427 -16.22 -15.00 -45.37
C GLY G 427 -16.03 -14.54 -46.79
N ARG G 428 -15.85 -13.23 -46.96
CA ARG G 428 -15.65 -12.62 -48.26
C ARG G 428 -14.23 -12.90 -48.70
N ALA G 429 -13.95 -12.83 -50.00
CA ALA G 429 -12.61 -13.10 -50.49
C ALA G 429 -11.88 -11.79 -50.65
N THR G 430 -10.56 -11.87 -50.67
CA THR G 430 -9.79 -10.66 -50.88
C THR G 430 -9.23 -10.83 -52.27
N VAL G 431 -9.53 -9.87 -53.14
CA VAL G 431 -9.02 -9.93 -54.49
C VAL G 431 -8.36 -8.60 -54.78
N VAL G 432 -7.06 -8.64 -54.97
CA VAL G 432 -6.39 -7.40 -55.21
C VAL G 432 -5.64 -7.60 -56.52
N MET G 433 -5.61 -6.58 -57.38
CA MET G 433 -4.93 -6.75 -58.67
C MET G 433 -4.30 -5.51 -59.31
N GLN G 434 -3.28 -5.74 -60.14
CA GLN G 434 -2.61 -4.69 -60.85
C GLN G 434 -2.83 -4.93 -62.34
N GLY G 435 -3.14 -3.85 -63.06
CA GLY G 435 -3.41 -3.94 -64.49
C GLY G 435 -4.71 -3.20 -64.69
N ASP G 436 -5.33 -3.32 -65.86
CA ASP G 436 -6.60 -2.65 -66.07
C ASP G 436 -7.74 -3.40 -65.37
N ARG G 437 -8.54 -2.71 -64.58
CA ARG G 437 -9.61 -3.39 -63.86
C ARG G 437 -10.52 -4.25 -64.71
N GLY G 438 -11.07 -3.65 -65.77
CA GLY G 438 -11.97 -4.37 -66.65
C GLY G 438 -11.40 -5.71 -67.07
N SER G 439 -10.12 -5.71 -67.44
CA SER G 439 -9.42 -6.91 -67.89
C SER G 439 -9.64 -8.19 -67.10
N PHE G 440 -10.01 -8.07 -65.83
CA PHE G 440 -10.17 -9.24 -64.99
C PHE G 440 -11.56 -9.82 -64.95
N GLY G 441 -12.51 -9.07 -65.51
CA GLY G 441 -13.88 -9.53 -65.58
C GLY G 441 -14.64 -9.42 -64.28
N ASP G 442 -15.77 -10.11 -64.20
CA ASP G 442 -16.60 -10.11 -63.01
C ASP G 442 -15.98 -11.11 -62.02
N VAL G 443 -15.04 -10.65 -61.20
CA VAL G 443 -14.39 -11.54 -60.26
C VAL G 443 -15.35 -12.22 -59.31
N GLU G 444 -16.28 -11.48 -58.71
CA GLU G 444 -17.15 -12.12 -57.76
C GLU G 444 -17.98 -13.25 -58.35
N ASN G 445 -18.49 -13.02 -59.56
CA ASN G 445 -19.30 -14.02 -60.21
C ASN G 445 -18.56 -15.33 -60.36
N VAL G 446 -17.38 -15.27 -60.97
CA VAL G 446 -16.57 -16.47 -61.18
C VAL G 446 -16.31 -17.17 -59.85
N LEU G 447 -16.06 -16.39 -58.81
CA LEU G 447 -15.79 -16.99 -57.53
C LEU G 447 -17.04 -17.67 -57.02
N LYS G 448 -18.19 -16.99 -57.12
CA LYS G 448 -19.44 -17.61 -56.65
C LYS G 448 -19.74 -18.86 -57.46
N ALA G 449 -19.48 -18.78 -58.75
CA ALA G 449 -19.70 -19.92 -59.63
C ALA G 449 -19.07 -21.16 -59.03
N TYR G 450 -17.81 -21.06 -58.60
CA TYR G 450 -17.13 -22.20 -58.04
C TYR G 450 -17.41 -22.53 -56.58
N GLY G 451 -18.43 -21.89 -56.01
CA GLY G 451 -18.79 -22.16 -54.64
C GLY G 451 -17.74 -21.75 -53.64
N LEU G 452 -16.90 -20.81 -54.05
CA LEU G 452 -15.84 -20.31 -53.20
C LEU G 452 -16.36 -19.15 -52.34
N GLY G 453 -15.82 -19.02 -51.13
CA GLY G 453 -16.25 -17.94 -50.28
C GLY G 453 -17.53 -18.30 -49.54
N ASN G 454 -18.15 -17.30 -48.95
CA ASN G 454 -19.35 -17.50 -48.18
C ASN G 454 -20.19 -16.25 -48.30
N SER G 455 -21.50 -16.44 -48.52
CA SER G 455 -22.42 -15.32 -48.69
C SER G 455 -23.30 -15.14 -47.45
N ILE H 4 31.77 -28.13 -27.77
CA ILE H 4 33.07 -28.75 -28.12
C ILE H 4 32.88 -29.78 -29.27
N PRO H 5 32.77 -29.31 -30.53
CA PRO H 5 32.58 -30.12 -31.77
C PRO H 5 33.72 -30.09 -32.84
N GLY H 6 34.14 -31.26 -33.35
CA GLY H 6 35.23 -31.27 -34.33
C GLY H 6 34.99 -32.03 -35.63
N THR H 7 35.96 -31.98 -36.54
CA THR H 7 35.81 -32.68 -37.82
C THR H 7 36.48 -34.06 -37.78
N ARG H 8 35.67 -35.13 -37.85
CA ARG H 8 36.17 -36.50 -37.83
C ARG H 8 36.62 -36.88 -39.24
N THR H 9 37.70 -37.66 -39.35
CA THR H 9 38.20 -38.08 -40.64
C THR H 9 38.48 -39.57 -40.72
N SER H 10 38.23 -40.14 -41.89
CA SER H 10 38.45 -41.56 -42.15
C SER H 10 38.79 -41.70 -43.61
N LYS H 11 39.61 -42.70 -43.93
CA LYS H 11 39.98 -42.97 -45.33
C LYS H 11 39.47 -44.35 -45.75
N LEU H 12 39.08 -44.48 -47.01
CA LEU H 12 38.59 -45.75 -47.52
C LEU H 12 39.76 -46.44 -48.19
N PRO H 13 39.71 -47.78 -48.33
CA PRO H 13 40.83 -48.47 -48.97
C PRO H 13 41.22 -47.92 -50.37
N ASN H 14 40.27 -47.32 -51.10
CA ASN H 14 40.61 -46.78 -52.41
C ASN H 14 41.11 -45.32 -52.39
N GLY H 15 41.28 -44.76 -51.20
CA GLY H 15 41.77 -43.39 -51.07
C GLY H 15 40.71 -42.37 -50.69
N LEU H 16 39.45 -42.70 -50.98
CA LEU H 16 38.33 -41.80 -50.67
C LEU H 16 38.35 -41.34 -49.23
N THR H 17 38.26 -40.02 -49.03
CA THR H 17 38.27 -39.46 -47.69
C THR H 17 36.87 -39.08 -47.20
N ILE H 18 36.54 -39.49 -45.97
CA ILE H 18 35.23 -39.19 -45.39
C ILE H 18 35.41 -38.18 -44.24
N ALA H 19 35.06 -36.91 -44.47
CA ALA H 19 35.20 -35.84 -43.47
C ALA H 19 33.84 -35.30 -43.00
N THR H 20 33.61 -35.46 -41.70
CA THR H 20 32.34 -35.12 -41.07
C THR H 20 32.39 -34.13 -39.92
N GLU H 21 31.29 -33.38 -39.74
CA GLU H 21 31.17 -32.47 -38.59
C GLU H 21 29.73 -32.54 -38.10
N TYR H 22 29.55 -33.12 -36.90
CA TYR H 22 28.22 -33.26 -36.32
C TYR H 22 27.72 -31.89 -35.83
N ILE H 23 26.42 -31.66 -35.92
CA ILE H 23 25.82 -30.42 -35.45
C ILE H 23 24.74 -30.82 -34.46
N PRO H 24 24.88 -30.48 -33.18
CA PRO H 24 23.86 -30.85 -32.19
C PRO H 24 22.52 -30.17 -32.48
N ASN H 25 21.42 -30.84 -32.15
CA ASN H 25 20.08 -30.29 -32.36
C ASN H 25 19.75 -30.01 -33.82
N THR H 26 19.79 -31.05 -34.63
CA THR H 26 19.50 -30.94 -36.05
C THR H 26 18.86 -32.24 -36.48
N SER H 27 18.15 -32.21 -37.61
CA SER H 27 17.47 -33.40 -38.08
C SER H 27 17.63 -33.50 -39.56
N SER H 28 18.54 -32.71 -40.09
CA SER H 28 18.77 -32.71 -41.52
C SER H 28 20.24 -32.54 -41.64
N ALA H 29 20.73 -32.66 -42.86
CA ALA H 29 22.16 -32.53 -43.09
C ALA H 29 22.43 -32.34 -44.57
N THR H 30 23.72 -32.22 -44.87
CA THR H 30 24.16 -32.02 -46.21
C THR H 30 25.35 -32.93 -46.41
N VAL H 31 25.33 -33.66 -47.52
CA VAL H 31 26.41 -34.55 -47.86
C VAL H 31 26.88 -34.22 -49.25
N GLY H 32 28.19 -34.13 -49.41
CA GLY H 32 28.73 -33.81 -50.72
C GLY H 32 29.99 -34.55 -51.12
N ILE H 33 30.07 -34.85 -52.41
CA ILE H 33 31.23 -35.53 -52.94
C ILE H 33 32.06 -34.49 -53.70
N PHE H 34 33.29 -34.28 -53.23
CA PHE H 34 34.17 -33.30 -53.86
C PHE H 34 35.29 -33.99 -54.61
N VAL H 35 35.47 -33.64 -55.88
CA VAL H 35 36.51 -34.24 -56.71
C VAL H 35 37.54 -33.24 -57.19
N ASP H 36 38.80 -33.64 -57.12
CA ASP H 36 39.91 -32.82 -57.57
C ASP H 36 40.02 -32.95 -59.10
N ALA H 37 39.05 -32.39 -59.80
CA ALA H 37 39.01 -32.48 -61.25
C ALA H 37 38.97 -31.08 -61.80
N GLY H 38 37.76 -30.64 -62.15
CA GLY H 38 37.57 -29.30 -62.70
C GLY H 38 38.07 -29.10 -64.11
N SER H 39 38.11 -27.85 -64.56
CA SER H 39 38.59 -27.59 -65.89
C SER H 39 40.12 -27.50 -65.95
N ARG H 40 40.79 -27.43 -64.79
CA ARG H 40 42.25 -27.38 -64.82
C ARG H 40 42.80 -28.78 -65.14
N ALA H 41 41.91 -29.78 -65.20
CA ALA H 41 42.31 -31.15 -65.51
C ALA H 41 41.91 -31.52 -66.94
N GLU H 42 41.67 -30.50 -67.75
CA GLU H 42 41.32 -30.68 -69.15
C GLU H 42 42.54 -30.19 -69.96
N ASN H 43 42.41 -30.22 -71.29
CA ASN H 43 43.49 -29.75 -72.16
C ASN H 43 42.86 -28.76 -73.14
N VAL H 44 43.58 -28.35 -74.18
CA VAL H 44 43.03 -27.37 -75.10
C VAL H 44 41.79 -27.80 -75.89
N LYS H 45 41.78 -29.00 -76.44
CA LYS H 45 40.61 -29.44 -77.21
C LYS H 45 39.54 -30.02 -76.28
N ASN H 46 39.98 -30.39 -75.09
CA ASN H 46 39.15 -30.99 -74.04
C ASN H 46 38.26 -29.94 -73.33
N ASN H 47 38.87 -28.79 -73.07
CA ASN H 47 38.26 -27.64 -72.40
C ASN H 47 36.74 -27.51 -72.53
N GLY H 48 36.04 -27.68 -71.41
CA GLY H 48 34.59 -27.58 -71.38
C GLY H 48 33.89 -28.87 -70.96
N THR H 49 34.64 -29.95 -70.96
CA THR H 49 34.14 -31.28 -70.61
C THR H 49 33.53 -31.43 -69.21
N ALA H 50 34.37 -31.27 -68.18
CA ALA H 50 33.96 -31.42 -66.78
C ALA H 50 32.61 -30.78 -66.51
N HIS H 51 32.39 -29.59 -67.08
CA HIS H 51 31.13 -28.87 -66.92
C HIS H 51 30.00 -29.61 -67.64
N PHE H 52 30.24 -29.92 -68.92
CA PHE H 52 29.27 -30.63 -69.74
C PHE H 52 28.84 -31.88 -68.95
N LEU H 53 29.84 -32.68 -68.58
CA LEU H 53 29.64 -33.91 -67.83
C LEU H 53 28.63 -33.66 -66.72
N GLN H 54 28.96 -32.63 -65.91
CA GLN H 54 28.13 -32.18 -64.76
C GLN H 54 26.59 -31.97 -65.15
N HIS H 55 26.32 -31.43 -66.35
CA HIS H 55 24.95 -31.25 -66.78
C HIS H 55 24.35 -32.60 -67.07
N LEU H 56 25.12 -33.46 -67.70
CA LEU H 56 24.65 -34.79 -68.07
C LEU H 56 24.39 -35.75 -66.93
N ALA H 57 25.17 -35.65 -65.85
CA ALA H 57 24.98 -36.54 -64.72
C ALA H 57 23.53 -36.52 -64.20
N PHE H 58 22.78 -35.49 -64.58
CA PHE H 58 21.39 -35.34 -64.17
C PHE H 58 20.39 -35.88 -65.19
N LYS H 59 20.91 -36.48 -66.25
CA LYS H 59 20.06 -37.01 -67.32
C LYS H 59 19.72 -38.49 -67.23
N GLY H 60 20.26 -39.21 -66.24
CA GLY H 60 19.94 -40.61 -66.12
C GLY H 60 21.13 -41.51 -65.84
N THR H 61 20.90 -42.58 -65.12
CA THR H 61 21.98 -43.50 -64.78
C THR H 61 21.61 -44.95 -65.08
N GLN H 62 22.60 -45.81 -64.98
CA GLN H 62 22.41 -47.24 -65.21
C GLN H 62 21.40 -47.87 -64.26
N ASN H 63 20.86 -47.10 -63.34
CA ASN H 63 19.90 -47.65 -62.39
C ASN H 63 18.67 -46.75 -62.30
N ARG H 64 18.87 -45.47 -62.54
CA ARG H 64 17.78 -44.51 -62.47
C ARG H 64 17.68 -43.60 -63.69
N PRO H 65 16.47 -43.51 -64.28
CA PRO H 65 16.23 -42.65 -65.47
C PRO H 65 16.18 -41.18 -64.97
N GLN H 66 16.46 -40.22 -65.85
CA GLN H 66 16.45 -38.83 -65.42
C GLN H 66 15.30 -38.46 -64.49
N GLN H 67 14.09 -38.53 -65.02
CA GLN H 67 12.91 -38.17 -64.23
C GLN H 67 12.70 -39.07 -62.99
N GLY H 68 13.46 -40.15 -62.90
CA GLY H 68 13.30 -41.00 -61.74
C GLY H 68 14.04 -40.42 -60.56
N ILE H 69 15.18 -39.79 -60.85
CA ILE H 69 16.01 -39.15 -59.83
C ILE H 69 15.19 -37.99 -59.26
N GLU H 70 14.71 -37.12 -60.14
CA GLU H 70 13.92 -35.97 -59.73
C GLU H 70 12.83 -36.36 -58.76
N LEU H 71 11.91 -37.18 -59.23
CA LEU H 71 10.81 -37.62 -58.41
C LEU H 71 11.26 -38.34 -57.12
N GLU H 72 12.38 -39.05 -57.14
CA GLU H 72 12.81 -39.74 -55.92
C GLU H 72 13.21 -38.72 -54.88
N ILE H 73 14.06 -37.77 -55.29
CA ILE H 73 14.53 -36.70 -54.42
C ILE H 73 13.37 -35.86 -53.89
N GLU H 74 12.50 -35.42 -54.80
CA GLU H 74 11.36 -34.61 -54.37
C GLU H 74 10.33 -35.27 -53.46
N ASN H 75 10.24 -36.60 -53.45
CA ASN H 75 9.28 -37.24 -52.59
C ASN H 75 9.72 -37.25 -51.14
N ILE H 76 11.04 -37.28 -50.90
CA ILE H 76 11.57 -37.26 -49.52
C ILE H 76 11.97 -35.85 -49.12
N GLY H 77 11.76 -34.92 -50.04
CA GLY H 77 12.08 -33.54 -49.79
C GLY H 77 13.56 -33.28 -49.61
N SER H 78 14.34 -33.66 -50.60
CA SER H 78 15.77 -33.43 -50.51
C SER H 78 16.08 -32.50 -51.66
N HIS H 79 17.36 -32.18 -51.84
CA HIS H 79 17.75 -31.29 -52.91
C HIS H 79 19.07 -31.75 -53.50
N LEU H 80 19.14 -31.67 -54.82
CA LEU H 80 20.33 -32.08 -55.52
C LEU H 80 20.96 -30.93 -56.27
N ASN H 81 22.25 -30.73 -56.10
CA ASN H 81 22.88 -29.66 -56.85
C ASN H 81 24.34 -29.91 -57.13
N ALA H 82 24.88 -29.12 -58.06
CA ALA H 82 26.27 -29.32 -58.45
C ALA H 82 26.85 -28.15 -59.20
N TYR H 83 28.16 -28.00 -59.10
CA TYR H 83 28.84 -26.93 -59.77
C TYR H 83 30.21 -27.41 -60.20
N THR H 84 30.86 -26.62 -61.05
CA THR H 84 32.19 -26.94 -61.53
C THR H 84 33.03 -25.68 -61.43
N SER H 85 34.18 -25.81 -60.78
CA SER H 85 35.10 -24.70 -60.63
C SER H 85 36.35 -25.11 -61.37
N ARG H 86 37.31 -24.21 -61.48
CA ARG H 86 38.55 -24.57 -62.15
C ARG H 86 39.23 -25.73 -61.44
N GLU H 87 39.15 -25.78 -60.11
CA GLU H 87 39.81 -26.84 -59.33
C GLU H 87 39.01 -28.10 -59.02
N ASN H 88 37.68 -28.03 -58.96
CA ASN H 88 36.90 -29.25 -58.65
C ASN H 88 35.51 -29.34 -59.28
N THR H 89 34.94 -30.53 -59.13
CA THR H 89 33.59 -30.80 -59.60
C THR H 89 32.93 -31.23 -58.28
N VAL H 90 31.75 -30.68 -58.02
CA VAL H 90 31.07 -30.99 -56.77
C VAL H 90 29.59 -31.33 -56.96
N TYR H 91 29.17 -32.42 -56.34
CA TYR H 91 27.79 -32.85 -56.38
C TYR H 91 27.43 -33.02 -54.90
N TYR H 92 26.29 -32.49 -54.47
CA TYR H 92 25.88 -32.58 -53.07
C TYR H 92 24.37 -32.58 -52.87
N ALA H 93 23.97 -33.00 -51.69
CA ALA H 93 22.56 -33.05 -51.42
C ALA H 93 22.20 -32.63 -49.99
N LYS H 94 20.99 -32.13 -49.86
CA LYS H 94 20.48 -31.72 -48.58
C LYS H 94 19.29 -32.63 -48.39
N SER H 95 19.12 -33.16 -47.19
CA SER H 95 17.98 -34.02 -46.90
C SER H 95 17.81 -34.30 -45.41
N LEU H 96 16.65 -34.81 -45.03
CA LEU H 96 16.43 -35.12 -43.62
C LEU H 96 17.40 -36.23 -43.27
N GLN H 97 17.74 -36.36 -42.00
CA GLN H 97 18.69 -37.38 -41.60
C GLN H 97 18.33 -38.80 -42.02
N GLU H 98 17.05 -39.16 -41.91
CA GLU H 98 16.63 -40.51 -42.30
C GLU H 98 17.12 -40.80 -43.71
N ASP H 99 17.11 -39.81 -44.58
CA ASP H 99 17.55 -40.02 -45.96
C ASP H 99 19.06 -39.83 -46.25
N ILE H 100 19.91 -39.75 -45.23
CA ILE H 100 21.33 -39.56 -45.50
C ILE H 100 21.93 -40.59 -46.44
N PRO H 101 21.70 -41.91 -46.19
CA PRO H 101 22.28 -42.92 -47.08
C PRO H 101 21.67 -42.83 -48.48
N LYS H 102 20.34 -42.82 -48.54
CA LYS H 102 19.65 -42.71 -49.81
C LYS H 102 20.24 -41.61 -50.68
N ALA H 103 20.82 -40.61 -50.03
CA ALA H 103 21.43 -39.48 -50.71
C ALA H 103 22.83 -39.83 -51.19
N VAL H 104 23.59 -40.50 -50.32
CA VAL H 104 24.97 -40.93 -50.62
C VAL H 104 24.87 -41.89 -51.79
N ASP H 105 23.81 -42.68 -51.77
CA ASP H 105 23.52 -43.65 -52.80
C ASP H 105 23.40 -42.91 -54.14
N ILE H 106 22.41 -42.03 -54.25
CA ILE H 106 22.16 -41.28 -55.47
C ILE H 106 23.35 -40.43 -55.90
N LEU H 107 24.12 -39.94 -54.94
CA LEU H 107 25.27 -39.11 -55.30
C LEU H 107 26.26 -39.94 -56.09
N SER H 108 26.65 -41.08 -55.54
CA SER H 108 27.61 -41.97 -56.22
C SER H 108 27.06 -42.40 -57.59
N ASP H 109 25.79 -42.80 -57.59
CA ASP H 109 25.13 -43.25 -58.79
C ASP H 109 25.27 -42.26 -59.94
N ILE H 110 24.91 -41.02 -59.68
CA ILE H 110 24.97 -39.99 -60.71
C ILE H 110 26.39 -39.62 -61.12
N LEU H 111 27.31 -39.66 -60.16
CA LEU H 111 28.70 -39.30 -60.43
C LEU H 111 29.44 -40.32 -61.30
N THR H 112 29.21 -41.60 -61.05
CA THR H 112 29.89 -42.66 -61.80
C THR H 112 29.02 -43.35 -62.86
N LYS H 113 28.03 -44.13 -62.43
CA LYS H 113 27.13 -44.87 -63.33
C LYS H 113 26.13 -44.06 -64.19
N SER H 114 26.60 -42.97 -64.77
CA SER H 114 25.74 -42.12 -65.58
C SER H 114 25.65 -42.61 -67.04
N VAL H 115 24.44 -42.68 -67.58
CA VAL H 115 24.18 -43.13 -68.97
C VAL H 115 24.93 -42.40 -70.10
N LEU H 116 24.90 -41.07 -70.06
CA LEU H 116 25.55 -40.24 -71.09
C LEU H 116 24.99 -40.61 -72.46
N ASP H 117 23.67 -40.63 -72.58
CA ASP H 117 23.02 -40.94 -73.84
C ASP H 117 23.45 -39.93 -74.90
N ASN H 118 23.74 -40.41 -76.11
CA ASN H 118 24.17 -39.54 -77.20
C ASN H 118 23.10 -38.56 -77.62
N SER H 119 21.84 -38.96 -77.45
CA SER H 119 20.71 -38.10 -77.77
C SER H 119 20.77 -36.88 -76.83
N ALA H 120 20.96 -37.17 -75.54
CA ALA H 120 21.07 -36.15 -74.52
C ALA H 120 22.29 -35.27 -74.85
N ILE H 121 23.45 -35.91 -74.94
CA ILE H 121 24.71 -35.21 -75.24
C ILE H 121 24.60 -34.25 -76.44
N GLU H 122 23.47 -34.30 -77.14
CA GLU H 122 23.28 -33.43 -78.28
C GLU H 122 22.33 -32.29 -77.97
N ARG H 123 21.22 -32.61 -77.30
CA ARG H 123 20.27 -31.57 -76.95
C ARG H 123 20.94 -30.60 -75.97
N GLU H 124 21.87 -31.13 -75.19
CA GLU H 124 22.59 -30.33 -74.20
C GLU H 124 23.46 -29.22 -74.79
N ARG H 125 24.19 -29.54 -75.87
CA ARG H 125 25.08 -28.58 -76.53
C ARG H 125 24.42 -27.20 -76.70
N ASP H 126 23.08 -27.18 -76.79
CA ASP H 126 22.39 -25.91 -76.96
C ASP H 126 22.21 -25.21 -75.61
N VAL H 127 21.86 -26.00 -74.60
CA VAL H 127 21.67 -25.45 -73.27
C VAL H 127 22.99 -24.80 -72.83
N ILE H 128 24.11 -25.49 -73.06
CA ILE H 128 25.43 -24.97 -72.70
C ILE H 128 25.79 -23.68 -73.46
N ILE H 129 25.24 -23.50 -74.66
CA ILE H 129 25.53 -22.28 -75.42
C ILE H 129 24.73 -21.12 -74.82
N ARG H 130 23.45 -21.37 -74.54
CA ARG H 130 22.57 -20.37 -73.95
C ARG H 130 23.25 -19.90 -72.67
N GLU H 131 23.71 -20.88 -71.88
CA GLU H 131 24.39 -20.62 -70.61
C GLU H 131 25.57 -19.69 -70.88
N SER H 132 26.43 -20.10 -71.82
CA SER H 132 27.60 -19.32 -72.20
C SER H 132 27.21 -17.87 -72.54
N GLU H 133 26.17 -17.70 -73.36
CA GLU H 133 25.72 -16.38 -73.76
C GLU H 133 25.27 -15.46 -72.62
N GLU H 134 24.85 -16.07 -71.51
CA GLU H 134 24.42 -15.31 -70.33
C GLU H 134 25.65 -14.77 -69.61
N VAL H 135 26.64 -15.64 -69.43
CA VAL H 135 27.87 -15.25 -68.77
C VAL H 135 28.51 -14.05 -69.48
N ASP H 136 28.38 -13.98 -70.81
CA ASP H 136 28.97 -12.87 -71.57
C ASP H 136 28.28 -11.55 -71.28
N LYS H 137 27.16 -11.60 -70.56
CA LYS H 137 26.43 -10.40 -70.21
C LYS H 137 26.85 -9.92 -68.80
N MET H 138 27.61 -10.75 -68.10
CA MET H 138 28.13 -10.46 -66.76
C MET H 138 29.59 -10.08 -66.92
N TYR H 139 29.81 -8.81 -67.24
CA TYR H 139 31.15 -8.26 -67.49
C TYR H 139 32.23 -8.62 -66.50
N ASP H 140 31.90 -8.63 -65.21
CA ASP H 140 32.88 -9.00 -64.22
C ASP H 140 33.34 -10.43 -64.53
N GLU H 141 32.40 -11.33 -64.78
CA GLU H 141 32.73 -12.73 -65.12
C GLU H 141 33.62 -12.77 -66.37
N VAL H 142 33.24 -12.00 -67.37
CA VAL H 142 34.02 -11.91 -68.60
C VAL H 142 35.44 -11.43 -68.33
N VAL H 143 35.57 -10.22 -67.78
CA VAL H 143 36.86 -9.64 -67.51
C VAL H 143 37.75 -10.62 -66.76
N PHE H 144 37.18 -11.34 -65.79
CA PHE H 144 37.99 -12.28 -65.02
C PHE H 144 38.42 -13.51 -65.82
N ASP H 145 37.58 -13.95 -66.77
CA ASP H 145 37.96 -15.11 -67.59
C ASP H 145 39.23 -14.76 -68.38
N HIS H 146 39.21 -13.58 -68.99
CA HIS H 146 40.31 -13.06 -69.78
C HIS H 146 41.55 -12.94 -68.92
N LEU H 147 41.38 -12.33 -67.75
CA LEU H 147 42.51 -12.18 -66.86
C LEU H 147 43.19 -13.51 -66.64
N HIS H 148 42.41 -14.57 -66.43
CA HIS H 148 42.96 -15.92 -66.20
C HIS H 148 43.71 -16.44 -67.41
N GLU H 149 43.23 -16.06 -68.59
CA GLU H 149 43.83 -16.50 -69.84
C GLU H 149 45.22 -15.92 -70.08
N ILE H 150 45.38 -14.62 -69.85
CA ILE H 150 46.68 -14.03 -70.09
C ILE H 150 47.63 -14.14 -68.90
N THR H 151 47.07 -14.36 -67.71
CA THR H 151 47.91 -14.48 -66.51
C THR H 151 48.50 -15.86 -66.39
N TYR H 152 47.73 -16.85 -66.83
CA TYR H 152 48.16 -18.24 -66.83
C TYR H 152 48.23 -18.64 -68.30
N LYS H 153 49.02 -17.88 -69.03
CA LYS H 153 49.21 -18.07 -70.46
C LYS H 153 49.47 -19.50 -70.83
N ASP H 154 48.56 -20.03 -71.66
CA ASP H 154 48.63 -21.41 -72.14
C ASP H 154 48.89 -22.45 -71.05
N GLN H 155 48.13 -22.37 -69.97
CA GLN H 155 48.24 -23.33 -68.88
C GLN H 155 46.81 -23.71 -68.54
N PRO H 156 46.61 -24.80 -67.79
CA PRO H 156 45.30 -25.31 -67.39
C PRO H 156 44.39 -24.27 -66.70
N LEU H 157 44.93 -23.61 -65.69
CA LEU H 157 44.23 -22.58 -64.94
C LEU H 157 43.73 -21.48 -65.89
N GLY H 158 44.50 -21.21 -66.95
CA GLY H 158 44.12 -20.16 -67.88
C GLY H 158 42.82 -20.32 -68.65
N ARG H 159 42.42 -21.57 -68.88
CA ARG H 159 41.20 -21.84 -69.63
C ARG H 159 39.95 -21.67 -68.76
N THR H 160 38.85 -21.24 -69.39
CA THR H 160 37.56 -21.05 -68.71
C THR H 160 36.87 -22.40 -68.39
N ILE H 161 35.87 -22.35 -67.53
CA ILE H 161 35.15 -23.57 -67.11
C ILE H 161 34.18 -24.06 -68.15
N LEU H 162 33.40 -23.14 -68.70
CA LEU H 162 32.40 -23.49 -69.70
C LEU H 162 33.03 -24.02 -70.99
N GLY H 163 34.23 -23.51 -71.29
CA GLY H 163 34.95 -23.90 -72.49
C GLY H 163 34.54 -23.04 -73.68
N PRO H 164 35.27 -23.10 -74.82
CA PRO H 164 34.97 -22.33 -76.04
C PRO H 164 33.72 -22.86 -76.76
N ILE H 165 32.95 -21.99 -77.42
CA ILE H 165 31.75 -22.47 -78.14
C ILE H 165 32.17 -23.68 -78.98
N LYS H 166 33.34 -23.56 -79.60
CA LYS H 166 33.99 -24.58 -80.43
C LYS H 166 33.85 -25.98 -79.82
N ASN H 167 34.49 -26.16 -78.66
CA ASN H 167 34.48 -27.43 -77.92
C ASN H 167 33.09 -27.85 -77.45
N ILE H 168 32.22 -26.88 -77.20
CA ILE H 168 30.87 -27.18 -76.76
C ILE H 168 30.09 -27.85 -77.88
N LYS H 169 30.47 -27.53 -79.12
CA LYS H 169 29.85 -28.11 -80.28
C LYS H 169 30.56 -29.38 -80.71
N SER H 170 31.78 -29.60 -80.20
CA SER H 170 32.60 -30.78 -80.57
C SER H 170 32.95 -31.80 -79.47
N ILE H 171 32.32 -31.71 -78.30
CA ILE H 171 32.61 -32.68 -77.24
C ILE H 171 31.92 -34.01 -77.60
N THR H 172 32.70 -35.09 -77.58
CA THR H 172 32.16 -36.40 -77.91
C THR H 172 31.95 -37.23 -76.65
N ARG H 173 30.98 -38.13 -76.71
CA ARG H 173 30.68 -39.00 -75.58
C ARG H 173 31.94 -39.74 -75.10
N THR H 174 32.96 -39.81 -75.96
CA THR H 174 34.18 -40.49 -75.55
C THR H 174 34.97 -39.54 -74.64
N ASP H 175 35.03 -38.26 -75.02
CA ASP H 175 35.72 -37.26 -74.22
C ASP H 175 35.25 -37.42 -72.77
N LEU H 176 33.93 -37.40 -72.61
CA LEU H 176 33.28 -37.54 -71.32
C LEU H 176 33.79 -38.75 -70.57
N LYS H 177 33.53 -39.94 -71.13
CA LYS H 177 33.93 -41.19 -70.50
C LYS H 177 35.40 -41.23 -70.13
N ASP H 178 36.21 -40.52 -70.89
CA ASP H 178 37.66 -40.49 -70.64
C ASP H 178 38.02 -39.60 -69.45
N TYR H 179 37.40 -38.42 -69.43
CA TYR H 179 37.62 -37.49 -68.34
C TYR H 179 37.24 -38.26 -67.06
N ILE H 180 36.12 -39.00 -67.09
CA ILE H 180 35.66 -39.78 -65.93
C ILE H 180 36.71 -40.81 -65.50
N THR H 181 37.15 -41.60 -66.48
CA THR H 181 38.13 -42.67 -66.24
C THR H 181 39.45 -42.08 -65.72
N LYS H 182 39.95 -41.06 -66.41
CA LYS H 182 41.19 -40.41 -66.04
C LYS H 182 41.22 -39.78 -64.64
N ASN H 183 40.20 -38.96 -64.35
CA ASN H 183 40.09 -38.21 -63.11
C ASN H 183 39.39 -38.79 -61.86
N TYR H 184 38.24 -39.43 -62.02
CA TYR H 184 37.50 -39.96 -60.87
C TYR H 184 38.13 -41.12 -60.10
N LYS H 185 39.14 -40.77 -59.29
CA LYS H 185 39.87 -41.72 -58.46
C LYS H 185 39.64 -41.45 -56.98
N GLY H 186 39.46 -42.52 -56.20
CA GLY H 186 39.25 -42.38 -54.76
C GLY H 186 40.17 -41.43 -54.01
N ASP H 187 41.47 -41.53 -54.26
CA ASP H 187 42.46 -40.66 -53.61
C ASP H 187 42.38 -39.22 -54.12
N ARG H 188 41.39 -38.94 -54.97
CA ARG H 188 41.21 -37.61 -55.50
C ARG H 188 39.84 -37.03 -55.17
N MET H 189 39.14 -37.69 -54.24
CA MET H 189 37.85 -37.20 -53.83
C MET H 189 37.62 -37.28 -52.33
N VAL H 190 36.75 -36.35 -51.86
CA VAL H 190 36.35 -36.21 -50.46
C VAL H 190 34.85 -36.23 -50.40
N LEU H 191 34.31 -37.03 -49.49
CA LEU H 191 32.88 -37.10 -49.26
C LEU H 191 32.72 -36.35 -47.95
N ALA H 192 32.09 -35.17 -47.99
CA ALA H 192 31.90 -34.37 -46.78
C ALA H 192 30.45 -34.26 -46.28
N GLY H 193 30.31 -34.29 -44.96
CA GLY H 193 29.00 -34.20 -44.36
C GLY H 193 29.00 -33.42 -43.04
N ALA H 194 27.88 -32.77 -42.76
CA ALA H 194 27.71 -31.99 -41.55
C ALA H 194 26.23 -31.92 -41.25
N GLY H 195 25.90 -31.89 -39.97
CA GLY H 195 24.51 -31.84 -39.61
C GLY H 195 24.22 -33.06 -38.79
N ALA H 196 23.02 -33.61 -38.91
CA ALA H 196 22.66 -34.80 -38.16
C ALA H 196 23.33 -35.93 -38.88
N VAL H 197 24.59 -36.15 -38.57
CA VAL H 197 25.31 -37.20 -39.25
C VAL H 197 26.21 -38.02 -38.34
N ASP H 198 26.06 -39.34 -38.40
CA ASP H 198 26.87 -40.26 -37.61
C ASP H 198 28.11 -40.52 -38.46
N HIS H 199 29.29 -40.12 -37.99
CA HIS H 199 30.50 -40.31 -38.78
C HIS H 199 30.75 -41.74 -39.22
N GLU H 200 30.67 -42.68 -38.28
CA GLU H 200 30.90 -44.11 -38.56
C GLU H 200 29.98 -44.68 -39.63
N LYS H 201 28.67 -44.49 -39.47
CA LYS H 201 27.70 -44.97 -40.45
C LYS H 201 27.97 -44.38 -41.84
N LEU H 202 28.33 -43.10 -41.89
CA LEU H 202 28.60 -42.49 -43.19
C LEU H 202 29.87 -43.06 -43.79
N VAL H 203 30.80 -43.52 -42.97
CA VAL H 203 32.01 -44.11 -43.53
C VAL H 203 31.63 -45.44 -44.17
N GLN H 204 30.65 -46.12 -43.59
CA GLN H 204 30.17 -47.39 -44.11
C GLN H 204 29.55 -47.17 -45.47
N TYR H 205 28.45 -46.42 -45.50
CA TYR H 205 27.77 -46.14 -46.76
C TYR H 205 28.75 -45.67 -47.82
N ALA H 206 29.81 -45.01 -47.37
CA ALA H 206 30.83 -44.52 -48.31
C ALA H 206 31.44 -45.72 -49.05
N GLN H 207 31.88 -46.72 -48.29
CA GLN H 207 32.47 -47.94 -48.86
C GLN H 207 31.44 -48.61 -49.79
N LYS H 208 30.25 -48.83 -49.27
CA LYS H 208 29.18 -49.47 -50.01
C LYS H 208 28.82 -48.83 -51.34
N TYR H 209 28.89 -47.50 -51.44
CA TYR H 209 28.51 -46.84 -52.68
C TYR H 209 29.63 -46.16 -53.44
N PHE H 210 30.81 -46.11 -52.83
CA PHE H 210 31.98 -45.48 -53.46
C PHE H 210 33.20 -46.41 -53.46
N GLY H 211 33.07 -47.59 -52.83
CA GLY H 211 34.19 -48.54 -52.80
C GLY H 211 34.62 -48.95 -54.20
N HIS H 212 33.64 -49.17 -55.06
CA HIS H 212 33.85 -49.56 -56.45
C HIS H 212 34.59 -48.47 -57.25
N VAL H 213 35.18 -47.49 -56.57
CA VAL H 213 35.85 -46.47 -57.33
C VAL H 213 37.33 -46.71 -57.52
N PRO H 214 37.74 -46.59 -58.78
CA PRO H 214 39.12 -46.76 -59.27
C PRO H 214 40.11 -45.96 -58.44
N LYS H 215 41.20 -46.60 -58.01
CA LYS H 215 42.20 -45.84 -57.27
C LYS H 215 43.17 -45.27 -58.33
N SER H 216 43.99 -44.31 -57.97
CA SER H 216 44.96 -43.81 -58.93
C SER H 216 46.10 -44.83 -58.83
N GLU H 217 46.88 -44.98 -59.90
CA GLU H 217 47.98 -45.93 -59.85
C GLU H 217 49.16 -45.27 -59.16
N SER H 218 49.19 -43.94 -59.27
CA SER H 218 50.23 -43.15 -58.64
C SER H 218 49.57 -42.17 -57.64
N PRO H 219 48.90 -42.71 -56.60
CA PRO H 219 48.22 -41.90 -55.57
C PRO H 219 49.12 -40.87 -54.89
N VAL H 220 48.56 -39.70 -54.61
CA VAL H 220 49.26 -38.62 -53.94
C VAL H 220 48.29 -38.03 -52.94
N PRO H 221 48.77 -37.73 -51.70
CA PRO H 221 47.94 -37.14 -50.65
C PRO H 221 47.18 -35.92 -51.21
N LEU H 222 45.93 -35.74 -50.82
CA LEU H 222 45.17 -34.62 -51.34
C LEU H 222 45.86 -33.25 -51.39
N GLY H 223 46.83 -33.04 -50.50
CA GLY H 223 47.53 -31.76 -50.47
C GLY H 223 48.74 -31.57 -51.37
N SER H 224 49.59 -32.60 -51.43
CA SER H 224 50.81 -32.59 -52.23
C SER H 224 50.67 -32.02 -53.63
N PRO H 225 51.70 -31.29 -54.10
CA PRO H 225 51.80 -30.63 -55.41
C PRO H 225 51.37 -31.42 -56.66
N ARG H 226 50.60 -30.75 -57.51
CA ARG H 226 50.08 -31.33 -58.75
C ARG H 226 51.25 -31.77 -59.64
N GLY H 227 52.22 -30.89 -59.77
CA GLY H 227 53.39 -31.18 -60.59
C GLY H 227 54.17 -29.87 -60.75
N PRO H 228 54.17 -29.29 -61.97
CA PRO H 228 54.89 -28.03 -62.21
C PRO H 228 54.06 -26.82 -61.72
N LEU H 229 54.65 -26.04 -60.82
CA LEU H 229 53.95 -24.86 -60.31
C LEU H 229 53.56 -23.86 -61.38
N PRO H 230 52.27 -23.45 -61.40
CA PRO H 230 51.79 -22.47 -62.39
C PRO H 230 52.69 -21.24 -62.39
N VAL H 231 52.57 -20.44 -63.44
CA VAL H 231 53.38 -19.25 -63.51
C VAL H 231 52.59 -18.01 -63.95
N PHE H 232 52.85 -16.94 -63.22
CA PHE H 232 52.19 -15.67 -63.44
C PHE H 232 52.87 -14.93 -64.59
N CYS H 233 52.09 -14.60 -65.62
CA CYS H 233 52.62 -13.92 -66.79
C CYS H 233 52.13 -12.51 -66.87
N ARG H 234 53.02 -11.53 -66.79
CA ARG H 234 52.55 -10.15 -66.90
C ARG H 234 52.00 -9.99 -68.31
N GLY H 235 50.90 -9.26 -68.43
CA GLY H 235 50.29 -9.04 -69.72
C GLY H 235 49.14 -8.07 -69.58
N GLU H 236 48.52 -7.73 -70.71
CA GLU H 236 47.38 -6.84 -70.73
C GLU H 236 46.56 -7.20 -71.95
N ARG H 237 45.25 -6.98 -71.86
CA ARG H 237 44.36 -7.26 -72.97
C ARG H 237 43.27 -6.22 -72.94
N PHE H 238 43.36 -5.26 -73.84
CA PHE H 238 42.37 -4.21 -73.91
C PHE H 238 41.28 -4.68 -74.87
N ILE H 239 40.02 -4.49 -74.48
CA ILE H 239 38.90 -4.91 -75.31
C ILE H 239 38.00 -3.71 -75.52
N LYS H 240 38.27 -3.02 -76.63
CA LYS H 240 37.50 -1.84 -76.99
C LYS H 240 36.05 -2.30 -77.20
N GLU H 241 35.12 -1.45 -76.79
CA GLU H 241 33.70 -1.78 -76.90
C GLU H 241 32.85 -0.50 -76.67
N ASN H 242 32.99 0.48 -77.56
CA ASN H 242 32.33 1.78 -77.47
C ASN H 242 30.84 1.84 -77.14
N THR H 243 30.18 0.69 -77.21
CA THR H 243 28.76 0.62 -76.91
C THR H 243 28.46 0.57 -75.40
N LEU H 244 29.34 -0.10 -74.63
CA LEU H 244 29.19 -0.25 -73.18
C LEU H 244 29.13 1.09 -72.44
N PRO H 245 28.12 1.25 -71.56
CA PRO H 245 27.93 2.48 -70.78
C PRO H 245 29.00 2.60 -69.71
N THR H 246 29.45 1.43 -69.26
CA THR H 246 30.44 1.31 -68.21
C THR H 246 31.69 0.58 -68.68
N THR H 247 32.81 0.93 -68.08
CA THR H 247 34.08 0.28 -68.42
C THR H 247 34.50 -0.56 -67.22
N HIS H 248 34.98 -1.77 -67.49
CA HIS H 248 35.40 -2.69 -66.45
C HIS H 248 36.87 -3.04 -66.52
N ILE H 249 37.60 -2.73 -65.45
CA ILE H 249 39.03 -3.01 -65.39
C ILE H 249 39.36 -3.93 -64.22
N ALA H 250 40.37 -4.79 -64.41
CA ALA H 250 40.84 -5.71 -63.38
C ALA H 250 42.36 -5.64 -63.38
N ILE H 251 42.95 -5.41 -62.23
CA ILE H 251 44.39 -5.33 -62.13
C ILE H 251 44.87 -6.30 -61.07
N ALA H 252 45.69 -7.26 -61.46
CA ALA H 252 46.17 -8.26 -60.52
C ALA H 252 47.67 -8.49 -60.45
N LEU H 253 48.08 -9.15 -59.37
CA LEU H 253 49.46 -9.50 -59.14
C LEU H 253 49.45 -10.92 -58.62
N GLU H 254 50.57 -11.61 -58.72
CA GLU H 254 50.62 -12.97 -58.24
C GLU H 254 50.22 -12.99 -56.76
N GLY H 255 49.15 -13.71 -56.48
CA GLY H 255 48.61 -13.80 -55.14
C GLY H 255 49.17 -14.86 -54.19
N VAL H 256 48.28 -15.53 -53.46
CA VAL H 256 48.66 -16.53 -52.47
C VAL H 256 47.82 -17.79 -52.64
N SER H 257 48.33 -18.94 -52.20
CA SER H 257 47.59 -20.20 -52.36
C SER H 257 46.98 -20.71 -51.07
N TRP H 258 45.93 -21.49 -51.23
CA TRP H 258 45.19 -22.06 -50.10
C TRP H 258 46.06 -22.39 -48.88
N SER H 259 47.10 -23.18 -49.11
CA SER H 259 48.01 -23.61 -48.04
C SER H 259 49.14 -22.63 -47.68
N ALA H 260 49.26 -21.53 -48.42
CA ALA H 260 50.30 -20.56 -48.13
C ALA H 260 50.23 -20.08 -46.68
N PRO H 261 51.38 -19.86 -46.06
CA PRO H 261 51.50 -19.40 -44.66
C PRO H 261 50.91 -18.00 -44.45
N ASP H 262 50.94 -17.21 -45.53
CA ASP H 262 50.47 -15.84 -45.51
C ASP H 262 49.06 -15.67 -46.08
N TYR H 263 48.38 -16.79 -46.29
CA TYR H 263 47.02 -16.79 -46.83
C TYR H 263 46.11 -15.73 -46.18
N PHE H 264 45.92 -15.83 -44.88
CA PHE H 264 45.07 -14.89 -44.20
C PHE H 264 45.67 -13.50 -44.17
N VAL H 265 46.99 -13.38 -44.16
CA VAL H 265 47.57 -12.06 -44.14
C VAL H 265 47.25 -11.37 -45.46
N ALA H 266 47.14 -12.14 -46.53
CA ALA H 266 46.79 -11.54 -47.80
C ALA H 266 45.33 -11.08 -47.71
N LEU H 267 44.47 -11.95 -47.17
CA LEU H 267 43.06 -11.62 -47.05
C LEU H 267 42.88 -10.43 -46.14
N ALA H 268 43.81 -10.27 -45.22
CA ALA H 268 43.75 -9.16 -44.30
C ALA H 268 44.05 -7.87 -45.06
N THR H 269 45.12 -7.87 -45.86
CA THR H 269 45.46 -6.69 -46.62
C THR H 269 44.35 -6.38 -47.61
N GLN H 270 43.67 -7.41 -48.11
CA GLN H 270 42.57 -7.16 -49.04
C GLN H 270 41.51 -6.37 -48.28
N ALA H 271 41.15 -6.84 -47.08
CA ALA H 271 40.15 -6.18 -46.27
C ALA H 271 40.51 -4.73 -45.91
N ILE H 272 41.80 -4.45 -45.76
CA ILE H 272 42.22 -3.10 -45.45
C ILE H 272 41.99 -2.13 -46.58
N VAL H 273 42.16 -2.56 -47.82
CA VAL H 273 41.88 -1.65 -48.94
C VAL H 273 40.36 -1.51 -49.11
N GLY H 274 39.69 -2.66 -49.00
CA GLY H 274 38.24 -2.71 -49.06
C GLY H 274 37.57 -2.49 -50.40
N ASN H 275 36.27 -2.18 -50.33
CA ASN H 275 35.47 -1.91 -51.51
C ASN H 275 34.90 -0.52 -51.39
N TRP H 276 34.17 -0.10 -52.42
CA TRP H 276 33.53 1.22 -52.45
C TRP H 276 32.55 1.25 -53.58
N ASP H 277 31.43 1.90 -53.34
CA ASP H 277 30.42 2.05 -54.36
C ASP H 277 30.06 3.51 -54.31
N ARG H 278 29.94 4.11 -55.49
CA ARG H 278 29.60 5.52 -55.62
C ARG H 278 28.28 5.89 -54.96
N ALA H 279 27.37 4.92 -54.88
CA ALA H 279 26.08 5.16 -54.30
C ALA H 279 26.01 4.87 -52.81
N ILE H 280 26.41 3.64 -52.46
CA ILE H 280 26.35 3.15 -51.09
C ILE H 280 27.46 3.58 -50.14
N GLY H 281 28.66 3.82 -50.64
CA GLY H 281 29.74 4.20 -49.76
C GLY H 281 30.69 3.03 -49.58
N THR H 282 31.19 2.83 -48.36
CA THR H 282 32.11 1.73 -48.12
C THR H 282 31.50 0.67 -47.22
N GLY H 283 30.35 0.98 -46.61
CA GLY H 283 29.73 0.02 -45.72
C GLY H 283 30.51 -0.07 -44.42
N THR H 284 31.35 0.94 -44.23
CA THR H 284 32.19 1.09 -43.05
C THR H 284 31.84 2.44 -42.51
N ASN H 285 31.92 2.62 -41.21
CA ASN H 285 31.61 3.92 -40.66
C ASN H 285 32.70 4.95 -41.05
N SER H 286 33.93 4.48 -41.26
CA SER H 286 35.01 5.37 -41.63
C SER H 286 35.68 4.89 -42.89
N PRO H 287 35.59 5.68 -43.96
CA PRO H 287 36.17 5.39 -45.28
C PRO H 287 37.67 5.70 -45.35
N SER H 288 38.37 4.89 -46.14
CA SER H 288 39.80 5.06 -46.33
C SER H 288 40.09 6.27 -47.20
N PRO H 289 41.36 6.69 -47.28
CA PRO H 289 41.71 7.85 -48.12
C PRO H 289 41.30 7.59 -49.57
N LEU H 290 41.49 6.35 -50.01
CA LEU H 290 41.14 5.91 -51.36
C LEU H 290 39.64 6.06 -51.57
N ALA H 291 38.85 5.57 -50.62
CA ALA H 291 37.40 5.67 -50.71
C ALA H 291 36.96 7.13 -50.76
N VAL H 292 37.61 7.98 -49.97
CA VAL H 292 37.27 9.40 -49.96
C VAL H 292 37.62 10.07 -51.28
N ALA H 293 38.82 9.80 -51.78
CA ALA H 293 39.23 10.37 -53.05
C ALA H 293 38.28 9.92 -54.17
N ALA H 294 38.00 8.63 -54.22
CA ALA H 294 37.13 8.06 -55.24
C ALA H 294 35.85 8.81 -55.39
N SER H 295 35.34 9.32 -54.28
CA SER H 295 34.08 10.03 -54.30
C SER H 295 34.15 11.55 -54.45
N GLN H 296 35.30 12.15 -54.14
CA GLN H 296 35.40 13.62 -54.25
C GLN H 296 35.29 14.16 -55.68
N ASN H 297 35.07 15.47 -55.75
CA ASN H 297 34.87 16.21 -57.00
C ASN H 297 34.35 15.40 -58.19
N GLY H 298 33.06 15.04 -58.12
CA GLY H 298 32.42 14.32 -59.19
C GLY H 298 32.42 12.81 -59.24
N SER H 299 33.36 12.19 -58.53
CA SER H 299 33.52 10.73 -58.48
C SER H 299 34.58 10.33 -59.51
N LEU H 300 35.43 9.36 -59.15
CA LEU H 300 36.47 8.92 -60.05
C LEU H 300 36.12 7.59 -60.65
N ALA H 301 34.96 7.08 -60.27
CA ALA H 301 34.50 5.80 -60.80
C ALA H 301 33.18 5.44 -60.18
N ASN H 302 32.58 4.36 -60.67
CA ASN H 302 31.31 3.90 -60.15
C ASN H 302 31.50 3.02 -58.92
N SER H 303 32.51 2.16 -59.00
CA SER H 303 32.79 1.26 -57.89
C SER H 303 34.13 0.56 -58.06
N TYR H 304 34.74 0.19 -56.94
CA TYR H 304 35.98 -0.56 -56.98
C TYR H 304 35.85 -1.66 -55.94
N MET H 305 36.49 -2.79 -56.20
CA MET H 305 36.40 -3.91 -55.29
C MET H 305 37.67 -4.75 -55.24
N SER H 306 38.20 -4.91 -54.04
CA SER H 306 39.41 -5.71 -53.85
C SER H 306 39.04 -7.17 -53.98
N PHE H 307 39.92 -7.98 -54.57
CA PHE H 307 39.65 -9.40 -54.73
C PHE H 307 40.89 -10.24 -54.47
N SER H 308 40.69 -11.48 -54.07
CA SER H 308 41.82 -12.36 -53.82
C SER H 308 41.46 -13.81 -54.03
N THR H 309 41.73 -14.29 -55.23
CA THR H 309 41.46 -15.68 -55.59
C THR H 309 42.60 -16.62 -55.24
N SER H 310 42.25 -17.83 -54.80
CA SER H 310 43.25 -18.82 -54.45
C SER H 310 43.03 -20.19 -55.06
N TYR H 311 44.16 -20.86 -55.30
CA TYR H 311 44.25 -22.20 -55.86
C TYR H 311 45.27 -22.91 -55.02
N ALA H 312 45.36 -24.23 -55.17
CA ALA H 312 46.29 -25.02 -54.38
C ALA H 312 47.75 -24.66 -54.64
N ASP H 313 48.06 -24.30 -55.89
CA ASP H 313 49.42 -23.94 -56.28
C ASP H 313 49.62 -22.49 -56.72
N SER H 314 48.59 -21.67 -56.62
CA SER H 314 48.74 -20.28 -57.05
C SER H 314 47.66 -19.32 -56.51
N GLY H 315 47.69 -18.08 -56.99
CA GLY H 315 46.73 -17.09 -56.56
C GLY H 315 46.80 -15.75 -57.27
N LEU H 316 45.67 -15.04 -57.27
CA LEU H 316 45.56 -13.71 -57.87
C LEU H 316 45.06 -12.75 -56.80
N TRP H 317 45.62 -11.55 -56.79
CA TRP H 317 45.24 -10.55 -55.78
C TRP H 317 45.20 -9.21 -56.49
N GLY H 318 44.14 -8.45 -56.32
CA GLY H 318 44.10 -7.17 -57.00
C GLY H 318 42.85 -6.37 -56.79
N MET H 319 42.60 -5.47 -57.73
CA MET H 319 41.46 -4.59 -57.68
C MET H 319 40.58 -4.75 -58.92
N TYR H 320 39.27 -4.57 -58.74
CA TYR H 320 38.34 -4.64 -59.87
C TYR H 320 37.64 -3.28 -59.88
N ILE H 321 37.81 -2.52 -60.97
CA ILE H 321 37.19 -1.19 -61.06
C ILE H 321 36.09 -1.13 -62.10
N VAL H 322 35.14 -0.24 -61.87
CA VAL H 322 34.02 -0.02 -62.78
C VAL H 322 33.82 1.48 -62.93
N THR H 323 34.02 1.96 -64.15
CA THR H 323 33.87 3.39 -64.42
C THR H 323 32.76 3.67 -65.43
N ASP H 324 32.35 4.92 -65.46
CA ASP H 324 31.34 5.40 -66.40
C ASP H 324 32.18 5.64 -67.67
N SER H 325 31.84 4.93 -68.75
CA SER H 325 32.59 5.05 -69.99
C SER H 325 32.59 6.45 -70.61
N ASN H 326 31.67 7.30 -70.17
CA ASN H 326 31.60 8.66 -70.71
C ASN H 326 31.96 9.73 -69.72
N GLU H 327 32.15 9.37 -68.46
CA GLU H 327 32.47 10.38 -67.48
C GLU H 327 33.84 10.31 -66.80
N HIS H 328 34.36 9.10 -66.62
CA HIS H 328 35.62 8.90 -65.90
C HIS H 328 36.92 8.68 -66.64
N ASN H 329 37.98 9.31 -66.13
CA ASN H 329 39.31 9.11 -66.69
C ASN H 329 39.86 7.95 -65.84
N VAL H 330 39.90 6.74 -66.42
CA VAL H 330 40.34 5.53 -65.70
C VAL H 330 41.68 5.65 -64.98
N ARG H 331 42.56 6.41 -65.60
CA ARG H 331 43.91 6.65 -65.09
C ARG H 331 43.86 7.39 -63.71
N LEU H 332 42.88 8.26 -63.53
CA LEU H 332 42.73 8.96 -62.26
C LEU H 332 42.42 8.01 -61.10
N ILE H 333 41.45 7.13 -61.29
CA ILE H 333 41.08 6.18 -60.25
C ILE H 333 42.21 5.18 -60.00
N VAL H 334 42.89 4.72 -61.06
CA VAL H 334 43.99 3.78 -60.91
C VAL H 334 45.10 4.38 -60.06
N ASN H 335 45.36 5.68 -60.23
CA ASN H 335 46.40 6.33 -59.44
C ASN H 335 46.10 6.24 -57.96
N GLU H 336 44.87 6.58 -57.59
CA GLU H 336 44.48 6.54 -56.17
C GLU H 336 44.60 5.12 -55.59
N ILE H 337 44.24 4.11 -56.37
CA ILE H 337 44.35 2.73 -55.92
C ILE H 337 45.84 2.39 -55.73
N LEU H 338 46.68 2.78 -56.68
CA LEU H 338 48.09 2.50 -56.52
C LEU H 338 48.59 3.28 -55.31
N LYS H 339 48.12 4.51 -55.17
CA LYS H 339 48.53 5.35 -54.07
C LYS H 339 48.21 4.71 -52.73
N GLU H 340 47.10 3.98 -52.70
CA GLU H 340 46.66 3.31 -51.47
C GLU H 340 47.53 2.10 -51.16
N TRP H 341 47.91 1.36 -52.20
CA TRP H 341 48.77 0.21 -51.98
C TRP H 341 50.12 0.73 -51.48
N LYS H 342 50.59 1.82 -52.05
CA LYS H 342 51.86 2.37 -51.62
C LYS H 342 51.75 2.79 -50.18
N ARG H 343 50.58 3.31 -49.78
CA ARG H 343 50.39 3.71 -48.39
C ARG H 343 50.58 2.53 -47.44
N ILE H 344 50.02 1.38 -47.81
CA ILE H 344 50.15 0.17 -46.98
C ILE H 344 51.63 -0.20 -46.92
N LYS H 345 52.29 -0.20 -48.09
CA LYS H 345 53.72 -0.53 -48.20
C LYS H 345 54.59 0.38 -47.35
N SER H 346 54.22 1.65 -47.28
CA SER H 346 55.00 2.60 -46.49
C SER H 346 54.69 2.52 -44.99
N GLY H 347 53.74 1.67 -44.61
CA GLY H 347 53.39 1.54 -43.20
C GLY H 347 52.38 2.52 -42.63
N LYS H 348 52.06 3.58 -43.37
CA LYS H 348 51.10 4.57 -42.90
C LYS H 348 49.67 4.07 -42.73
N ILE H 349 49.49 3.00 -41.95
CA ILE H 349 48.16 2.47 -41.68
C ILE H 349 48.05 2.42 -40.16
N SER H 350 46.85 2.64 -39.63
CA SER H 350 46.64 2.66 -38.18
C SER H 350 46.28 1.32 -37.54
N ASP H 351 46.52 1.21 -36.23
CA ASP H 351 46.18 0.00 -35.50
C ASP H 351 44.70 -0.24 -35.66
N ALA H 352 43.95 0.86 -35.53
CA ALA H 352 42.52 0.80 -35.64
C ALA H 352 41.99 0.18 -36.95
N GLU H 353 42.56 0.54 -38.10
CA GLU H 353 42.05 -0.04 -39.34
C GLU H 353 42.52 -1.45 -39.56
N VAL H 354 43.61 -1.82 -38.92
CA VAL H 354 44.09 -3.18 -39.04
C VAL H 354 43.06 -4.03 -38.28
N ASN H 355 42.73 -3.60 -37.06
CA ASN H 355 41.78 -4.31 -36.24
C ASN H 355 40.45 -4.46 -36.93
N ARG H 356 40.03 -3.41 -37.61
CA ARG H 356 38.75 -3.44 -38.29
C ARG H 356 38.80 -4.55 -39.35
N ALA H 357 39.89 -4.57 -40.10
CA ALA H 357 40.05 -5.59 -41.12
C ALA H 357 40.07 -6.99 -40.50
N LYS H 358 40.86 -7.18 -39.45
CA LYS H 358 40.89 -8.50 -38.82
C LYS H 358 39.48 -8.93 -38.41
N ALA H 359 38.72 -7.97 -37.87
CA ALA H 359 37.33 -8.21 -37.43
C ALA H 359 36.40 -8.54 -38.61
N GLN H 360 36.52 -7.75 -39.67
CA GLN H 360 35.75 -7.94 -40.88
C GLN H 360 36.04 -9.37 -41.37
N LEU H 361 37.33 -9.65 -41.50
CA LEU H 361 37.80 -10.95 -41.96
C LEU H 361 37.30 -12.08 -41.10
N LYS H 362 37.44 -11.94 -39.79
CA LYS H 362 36.98 -12.99 -38.92
C LYS H 362 35.49 -13.30 -39.07
N ALA H 363 34.67 -12.27 -39.18
CA ALA H 363 33.25 -12.50 -39.33
C ALA H 363 32.96 -13.18 -40.64
N ALA H 364 33.62 -12.70 -41.68
CA ALA H 364 33.45 -13.23 -43.03
C ALA H 364 33.76 -14.68 -43.13
N LEU H 365 34.81 -15.13 -42.44
CA LEU H 365 35.22 -16.54 -42.49
C LEU H 365 34.51 -17.47 -41.51
N LEU H 366 34.06 -16.95 -40.40
CA LEU H 366 33.48 -17.82 -39.41
C LEU H 366 32.02 -17.70 -39.10
N LEU H 367 31.51 -16.47 -38.98
CA LEU H 367 30.11 -16.29 -38.67
C LEU H 367 29.28 -16.77 -39.81
N SER H 368 29.89 -16.86 -40.98
CA SER H 368 29.19 -17.30 -42.17
C SER H 368 29.06 -18.83 -42.28
N LEU H 369 29.78 -19.58 -41.44
CA LEU H 369 29.69 -21.05 -41.46
C LEU H 369 28.47 -21.41 -40.61
N ASP H 370 27.27 -21.11 -41.13
CA ASP H 370 26.06 -21.36 -40.38
C ASP H 370 25.35 -22.66 -40.70
N GLY H 371 24.86 -22.81 -41.93
CA GLY H 371 24.16 -24.05 -42.28
C GLY H 371 25.05 -25.28 -42.44
N SER H 372 24.44 -26.46 -42.43
CA SER H 372 25.23 -27.68 -42.62
C SER H 372 25.84 -27.59 -44.04
N THR H 373 25.09 -27.02 -44.98
CA THR H 373 25.56 -26.85 -46.34
C THR H 373 26.78 -25.95 -46.40
N ALA H 374 26.72 -24.82 -45.72
CA ALA H 374 27.84 -23.89 -45.71
C ALA H 374 29.04 -24.55 -45.09
N ILE H 375 28.78 -25.39 -44.08
CA ILE H 375 29.85 -26.10 -43.40
C ILE H 375 30.45 -27.20 -44.24
N VAL H 376 29.60 -27.93 -44.95
CA VAL H 376 30.09 -28.99 -45.82
C VAL H 376 30.98 -28.30 -46.87
N GLU H 377 30.49 -27.20 -47.42
CA GLU H 377 31.24 -26.47 -48.42
C GLU H 377 32.67 -26.18 -47.91
N ASP H 378 32.81 -25.92 -46.62
CA ASP H 378 34.11 -25.60 -46.07
C ASP H 378 34.96 -26.87 -45.92
N ILE H 379 34.41 -27.90 -45.27
CA ILE H 379 35.13 -29.17 -45.11
C ILE H 379 35.60 -29.69 -46.47
N GLY H 380 34.64 -29.91 -47.35
CA GLY H 380 34.92 -30.36 -48.69
C GLY H 380 36.01 -29.56 -49.37
N ARG H 381 35.84 -28.25 -49.53
CA ARG H 381 36.85 -27.51 -50.24
C ARG H 381 38.19 -27.52 -49.56
N GLN H 382 38.21 -27.34 -48.25
CA GLN H 382 39.49 -27.33 -47.58
C GLN H 382 40.26 -28.64 -47.74
N VAL H 383 39.60 -29.77 -47.55
CA VAL H 383 40.28 -31.04 -47.67
C VAL H 383 40.67 -31.35 -49.11
N VAL H 384 39.70 -31.32 -50.02
CA VAL H 384 39.99 -31.63 -51.42
C VAL H 384 40.99 -30.71 -52.11
N THR H 385 41.43 -29.64 -51.47
CA THR H 385 42.38 -28.76 -52.15
C THR H 385 43.58 -28.53 -51.25
N THR H 386 43.52 -29.11 -50.06
CA THR H 386 44.57 -28.89 -49.10
C THR H 386 44.94 -30.10 -48.27
N GLY H 387 44.02 -31.04 -48.17
CA GLY H 387 44.29 -32.25 -47.40
C GLY H 387 43.98 -32.19 -45.92
N LYS H 388 43.25 -31.17 -45.49
CA LYS H 388 42.91 -31.03 -44.09
C LYS H 388 41.87 -29.92 -43.94
N ARG H 389 41.36 -29.75 -42.72
CA ARG H 389 40.39 -28.70 -42.44
C ARG H 389 40.83 -27.92 -41.22
N LEU H 390 41.06 -26.63 -41.39
CA LEU H 390 41.42 -25.86 -40.22
C LEU H 390 40.07 -25.59 -39.57
N SER H 391 39.94 -25.98 -38.32
CA SER H 391 38.69 -25.75 -37.60
C SER H 391 38.42 -24.24 -37.42
N PRO H 392 37.16 -23.88 -37.16
CA PRO H 392 36.76 -22.50 -36.97
C PRO H 392 37.71 -21.89 -35.96
N GLU H 393 37.92 -22.66 -34.89
CA GLU H 393 38.81 -22.28 -33.79
C GLU H 393 40.21 -21.96 -34.31
N GLU H 394 40.75 -22.82 -35.18
CA GLU H 394 42.07 -22.62 -35.74
C GLU H 394 42.12 -21.40 -36.66
N VAL H 395 41.07 -21.22 -37.45
CA VAL H 395 41.02 -20.10 -38.37
C VAL H 395 40.97 -18.83 -37.58
N PHE H 396 40.27 -18.87 -36.46
CA PHE H 396 40.19 -17.67 -35.63
C PHE H 396 41.59 -17.28 -35.15
N GLU H 397 42.35 -18.26 -34.73
CA GLU H 397 43.68 -17.97 -34.26
C GLU H 397 44.54 -17.43 -35.40
N GLN H 398 44.44 -18.02 -36.58
CA GLN H 398 45.24 -17.53 -37.69
C GLN H 398 45.01 -16.05 -37.97
N VAL H 399 43.76 -15.63 -37.92
CA VAL H 399 43.51 -14.25 -38.21
C VAL H 399 43.89 -13.40 -37.05
N ASP H 400 43.37 -13.73 -35.88
CA ASP H 400 43.65 -12.95 -34.68
C ASP H 400 45.13 -12.60 -34.42
N LYS H 401 46.05 -13.46 -34.85
CA LYS H 401 47.47 -13.18 -34.60
C LYS H 401 48.13 -12.24 -35.62
N ILE H 402 47.47 -11.96 -36.72
CA ILE H 402 48.02 -11.05 -37.71
C ILE H 402 48.34 -9.68 -37.09
N THR H 403 49.43 -9.07 -37.52
CA THR H 403 49.84 -7.78 -36.99
C THR H 403 50.00 -6.73 -38.08
N LYS H 404 50.10 -5.47 -37.65
CA LYS H 404 50.25 -4.36 -38.58
C LYS H 404 51.47 -4.66 -39.41
N ASP H 405 52.54 -5.05 -38.73
CA ASP H 405 53.79 -5.38 -39.41
C ASP H 405 53.63 -6.54 -40.38
N ASP H 406 52.93 -7.59 -39.98
CA ASP H 406 52.72 -8.74 -40.87
C ASP H 406 52.21 -8.27 -42.23
N ILE H 407 51.21 -7.39 -42.19
CA ILE H 407 50.61 -6.86 -43.40
C ILE H 407 51.58 -6.05 -44.21
N ILE H 408 52.29 -5.15 -43.54
CA ILE H 408 53.23 -4.31 -44.23
C ILE H 408 54.30 -5.14 -44.97
N MET H 409 54.77 -6.22 -44.38
CA MET H 409 55.79 -7.05 -45.05
C MET H 409 55.17 -7.67 -46.26
N TRP H 410 54.01 -8.26 -46.06
CA TRP H 410 53.32 -8.91 -47.13
C TRP H 410 53.13 -7.96 -48.29
N ALA H 411 52.73 -6.73 -48.00
CA ALA H 411 52.51 -5.71 -49.02
C ALA H 411 53.79 -5.42 -49.82
N ASN H 412 54.90 -5.31 -49.10
CA ASN H 412 56.18 -5.03 -49.74
C ASN H 412 56.69 -6.19 -50.56
N TYR H 413 56.38 -7.41 -50.14
CA TYR H 413 56.85 -8.54 -50.89
C TYR H 413 56.10 -8.69 -52.20
N ARG H 414 54.78 -8.62 -52.14
CA ARG H 414 53.92 -8.81 -53.32
C ARG H 414 53.57 -7.60 -54.20
N LEU H 415 53.70 -6.38 -53.65
CA LEU H 415 53.35 -5.18 -54.40
C LEU H 415 54.53 -4.26 -54.71
N GLN H 416 55.72 -4.85 -54.75
CA GLN H 416 56.95 -4.12 -55.05
C GLN H 416 57.84 -4.97 -55.97
N ASN H 417 58.17 -4.41 -57.13
CA ASN H 417 59.00 -5.05 -58.14
C ASN H 417 58.50 -6.43 -58.49
N LYS H 418 57.22 -6.48 -58.84
CA LYS H 418 56.59 -7.73 -59.20
C LYS H 418 55.69 -7.42 -60.39
N PRO H 419 55.48 -8.42 -61.25
CA PRO H 419 54.66 -8.34 -62.47
C PRO H 419 53.18 -8.14 -62.21
N VAL H 420 52.51 -7.48 -63.14
CA VAL H 420 51.08 -7.25 -63.00
C VAL H 420 50.40 -7.45 -64.35
N SER H 421 49.32 -8.22 -64.35
CA SER H 421 48.57 -8.45 -65.58
C SER H 421 47.31 -7.59 -65.45
N MET H 422 46.68 -7.28 -66.57
CA MET H 422 45.52 -6.43 -66.54
C MET H 422 44.56 -6.69 -67.71
N VAL H 423 43.29 -6.30 -67.53
CA VAL H 423 42.26 -6.47 -68.54
C VAL H 423 41.30 -5.29 -68.45
N ALA H 424 40.88 -4.77 -69.61
CA ALA H 424 39.95 -3.64 -69.65
C ALA H 424 38.90 -3.93 -70.72
N LEU H 425 37.65 -3.60 -70.42
CA LEU H 425 36.55 -3.85 -71.35
C LEU H 425 35.66 -2.63 -71.36
N GLY H 426 35.39 -2.12 -72.56
CA GLY H 426 34.56 -0.93 -72.71
C GLY H 426 35.33 0.21 -73.37
N ASN H 427 35.18 1.43 -72.85
CA ASN H 427 35.88 2.59 -73.38
C ASN H 427 37.34 2.55 -72.94
N THR H 428 38.06 1.64 -73.58
CA THR H 428 39.46 1.40 -73.31
C THR H 428 40.39 2.63 -73.43
N SER H 429 39.95 3.65 -74.17
CA SER H 429 40.76 4.85 -74.43
C SER H 429 41.43 5.61 -73.28
N THR H 430 40.90 5.45 -72.07
CA THR H 430 41.45 6.16 -70.90
C THR H 430 42.20 5.27 -69.89
N VAL H 431 42.35 3.98 -70.20
CA VAL H 431 43.02 3.02 -69.32
C VAL H 431 44.54 2.95 -69.51
N PRO H 432 45.31 3.17 -68.43
CA PRO H 432 46.77 3.09 -68.58
C PRO H 432 47.16 1.63 -68.77
N ASN H 433 48.36 1.39 -69.29
CA ASN H 433 48.81 0.02 -69.55
C ASN H 433 49.62 -0.55 -68.39
N VAL H 434 50.02 -1.80 -68.54
CA VAL H 434 50.78 -2.49 -67.50
C VAL H 434 52.10 -1.85 -67.06
N SER H 435 52.95 -1.42 -68.00
CA SER H 435 54.22 -0.80 -67.62
C SER H 435 54.00 0.54 -66.87
N TYR H 436 52.87 1.19 -67.12
CA TYR H 436 52.56 2.45 -66.44
C TYR H 436 52.26 2.13 -64.98
N ILE H 437 51.37 1.17 -64.80
CA ILE H 437 50.97 0.72 -63.47
C ILE H 437 52.20 0.31 -62.65
N GLU H 438 53.03 -0.57 -63.23
CA GLU H 438 54.22 -1.06 -62.54
C GLU H 438 55.19 0.07 -62.20
N GLU H 439 55.29 1.04 -63.08
CA GLU H 439 56.18 2.16 -62.81
C GLU H 439 55.70 2.90 -61.58
N LYS H 440 54.43 3.30 -61.60
CA LYS H 440 53.82 4.02 -60.50
C LYS H 440 53.77 3.22 -59.22
N LEU H 441 53.45 1.93 -59.33
CA LEU H 441 53.38 1.09 -58.14
C LEU H 441 54.77 0.94 -57.48
N ASN H 442 55.77 0.56 -58.29
CA ASN H 442 57.14 0.36 -57.81
C ASN H 442 57.88 1.66 -57.53
N GLN H 443 57.39 2.74 -58.14
CA GLN H 443 57.96 4.08 -57.99
C GLN H 443 58.18 4.45 -56.52
N LEU I 1 17.09 30.98 12.06
CA LEU I 1 17.39 32.18 12.88
C LEU I 1 16.13 32.65 13.61
N SER I 2 16.22 32.75 14.93
CA SER I 2 15.10 33.15 15.77
C SER I 2 14.73 34.63 15.69
N ARG I 3 13.42 34.87 15.56
CA ARG I 3 12.89 36.23 15.47
C ARG I 3 13.03 36.95 16.82
N VAL I 4 12.69 38.25 16.80
CA VAL I 4 12.73 39.15 17.95
C VAL I 4 11.31 39.35 18.42
N ALA I 5 10.99 38.98 19.65
CA ALA I 5 9.61 39.15 20.10
C ALA I 5 9.24 40.61 20.00
N LYS I 6 8.17 40.86 19.26
CA LYS I 6 7.66 42.22 19.04
C LYS I 6 6.18 42.21 19.36
N ARG I 7 5.62 43.37 19.66
CA ARG I 7 4.19 43.45 19.85
C ARG I 7 3.82 44.65 19.00
N ALA I 8 2.71 44.52 18.27
CA ALA I 8 2.19 45.62 17.44
C ALA I 8 0.91 46.29 18.08
N LEU J 1 16.16 -3.16 49.01
CA LEU J 1 14.78 -2.78 49.45
C LEU J 1 14.23 -3.49 50.73
N SER J 2 13.76 -2.71 51.71
CA SER J 2 13.26 -3.31 52.96
C SER J 2 11.85 -3.91 52.88
N ARG J 3 11.67 -5.11 53.46
CA ARG J 3 10.37 -5.82 53.46
C ARG J 3 9.40 -5.25 54.51
N VAL J 4 8.11 -5.55 54.37
CA VAL J 4 7.12 -5.06 55.33
C VAL J 4 6.81 -6.11 56.37
N ALA J 5 7.20 -5.80 57.59
CA ALA J 5 7.00 -6.68 58.73
C ALA J 5 5.56 -7.23 58.82
N LYS J 6 5.45 -8.56 58.75
CA LYS J 6 4.17 -9.27 58.79
C LYS J 6 4.24 -10.34 59.86
N ARG J 7 3.08 -10.81 60.32
CA ARG J 7 2.98 -11.88 61.32
C ARG J 7 1.93 -12.87 60.73
N ALA J 8 2.23 -14.16 60.75
CA ALA J 8 1.29 -15.13 60.21
C ALA J 8 1.01 -16.28 61.18
N LEU K 1 -51.83 4.68 -5.12
CA LEU K 1 -52.89 4.05 -4.25
C LEU K 1 -52.50 4.00 -2.74
N SER K 2 -53.47 4.33 -1.87
CA SER K 2 -53.27 4.35 -0.42
C SER K 2 -53.12 2.95 0.16
N ARG K 3 -52.01 2.73 0.86
CA ARG K 3 -51.73 1.43 1.48
C ARG K 3 -52.61 1.24 2.70
N VAL K 4 -52.55 0.05 3.28
CA VAL K 4 -53.34 -0.25 4.45
C VAL K 4 -52.44 -0.16 5.68
N ALA K 5 -53.03 0.42 6.73
CA ALA K 5 -52.41 0.63 8.02
C ALA K 5 -52.13 -0.69 8.71
N LYS K 6 -50.84 -0.97 8.83
CA LYS K 6 -50.35 -2.18 9.48
C LYS K 6 -49.40 -1.80 10.62
N ARG K 7 -49.20 -2.75 11.53
CA ARG K 7 -48.33 -2.60 12.69
C ARG K 7 -47.60 -3.91 12.80
N ALA K 8 -46.28 -3.86 12.80
CA ALA K 8 -45.50 -5.08 12.91
C ALA K 8 -44.88 -5.17 14.30
N LEU L 1 36.37 -11.72 -47.87
CA LEU L 1 36.89 -12.82 -48.74
C LEU L 1 36.14 -12.99 -50.08
N SER L 2 36.93 -13.11 -51.15
CA SER L 2 36.40 -13.29 -52.52
C SER L 2 36.07 -14.78 -52.74
N ARG L 3 35.04 -15.01 -53.55
CA ARG L 3 34.56 -16.36 -53.87
C ARG L 3 35.35 -17.08 -54.98
N VAL L 4 35.08 -18.37 -55.09
CA VAL L 4 35.72 -19.22 -56.07
C VAL L 4 34.77 -19.29 -57.26
N ALA L 5 35.10 -18.58 -58.35
CA ALA L 5 34.22 -18.56 -59.53
C ALA L 5 33.77 -19.98 -59.86
N LYS L 6 32.45 -20.16 -59.98
CA LYS L 6 31.85 -21.47 -60.28
C LYS L 6 30.82 -21.43 -61.41
N ARG L 7 30.44 -22.63 -61.88
CA ARG L 7 29.44 -22.75 -62.94
C ARG L 7 28.52 -23.93 -62.70
N ALA L 8 27.25 -23.61 -62.51
CA ALA L 8 26.20 -24.61 -62.27
C ALA L 8 25.37 -24.83 -63.53
#